data_3IRL
#
_entry.id   3IRL
#
_cell.length_a   1
_cell.length_b   1
_cell.length_c   1
_cell.angle_alpha   90.0
_cell.angle_beta   90.0
_cell.angle_gamma   90.0
#
_symmetry.space_group_name_H-M   'P 1'
#
loop_
_chem_comp.id
_chem_comp.type
_chem_comp.name
_chem_comp.formula
IDS L-saccharide, alpha linking '2-O-sulfo-alpha-L-idopyranuronic acid' 'C6 H10 O10 S'
SGN D-saccharide, alpha linking 2-deoxy-6-O-sulfo-2-(sulfoamino)-alpha-D-glucopyranose 'C6 H13 N O11 S2'
#
# COMPACT_ATOMS: atom_id res chain seq x y z
C1 SGN A . -34.85 20.99 -42.18
C2 SGN A . -33.60 21.50 -41.43
C3 SGN A . -32.67 22.24 -42.40
C4 SGN A . -32.36 21.33 -43.60
C5 SGN A . -33.69 20.88 -44.24
C6 SGN A . -33.54 19.92 -45.42
N2 SGN A . -34.01 22.35 -40.32
O1 SGN A . -35.63 22.09 -42.61
O3 SGN A . -31.46 22.54 -41.74
O4 SGN A . -31.63 22.12 -44.53
O5 SGN A . -34.47 20.21 -43.27
O6 SGN A . -32.49 19.02 -45.15
S1 SGN A . -33.41 22.05 -38.83
O1S SGN A . -33.35 20.62 -38.66
O2S SGN A . -32.13 22.68 -38.78
O3S SGN A . -34.36 22.64 -37.93
S2 SGN A . -31.79 18.05 -46.16
O4S SGN A . -31.64 18.75 -47.40
O5S SGN A . -30.52 17.76 -45.54
O6S SGN A . -32.63 16.90 -46.25
C1 IDS A . -30.26 21.86 -44.64
C2 IDS A . -29.52 23.21 -44.69
C3 IDS A . -28.08 23.06 -44.18
C4 IDS A . -28.06 22.47 -42.76
C5 IDS A . -29.38 21.73 -42.46
C6 IDS A . -29.31 20.79 -41.26
O2 IDS A . -29.47 23.65 -46.03
O3 IDS A . -27.44 24.32 -44.17
O4 IDS A . -26.99 21.55 -42.68
O5 IDS A . -29.78 21.03 -43.62
O6A IDS A . -28.36 20.83 -40.51
O6B IDS A . -30.18 20.00 -41.02
S IDS A . -30.26 24.84 -46.68
O1S IDS A . -30.92 24.24 -47.80
O2S IDS A . -31.17 25.34 -45.71
O3S IDS A . -29.26 25.79 -47.07
C1 SGN A . -25.69 22.08 -42.69
C2 SGN A . -25.08 21.92 -44.09
C3 SGN A . -24.85 20.43 -44.41
C4 SGN A . -24.02 19.79 -43.28
C5 SGN A . -24.73 20.05 -41.95
C6 SGN A . -23.99 19.51 -40.71
N2 SGN A . -25.94 22.55 -45.09
O3 SGN A . -24.14 20.32 -45.61
O4 SGN A . -23.98 18.39 -43.55
O5 SGN A . -24.89 21.45 -41.74
O6 SGN A . -22.62 19.41 -41.02
S1 SGN A . -25.91 24.18 -45.25
O1S SGN A . -25.66 24.75 -43.96
O2S SGN A . -24.87 24.45 -46.21
O3S SGN A . -27.21 24.52 -45.74
S2 SGN A . -21.41 19.65 -40.06
O4S SGN A . -21.66 18.92 -38.86
O5S SGN A . -20.28 19.14 -40.78
O6S SGN A . -21.33 21.07 -39.86
C1 IDS A . -23.23 17.61 -42.67
C2 IDS A . -23.70 16.14 -42.83
C3 IDS A . -22.58 15.18 -42.43
C4 IDS A . -21.31 15.43 -43.26
C5 IDS A . -21.33 16.86 -43.83
C6 IDS A . -19.96 17.34 -44.32
O2 IDS A . -24.81 15.94 -41.97
O3 IDS A . -23.02 13.85 -42.64
O4 IDS A . -20.19 15.30 -42.40
O5 IDS A . -21.85 17.74 -42.86
O6A IDS A . -19.49 16.91 -45.35
O6B IDS A . -19.33 18.17 -43.70
S IDS A . -26.22 15.41 -42.34
O1S IDS A . -26.64 14.69 -41.17
O2S IDS A . -27.06 16.54 -42.61
O3S IDS A . -26.04 14.56 -43.48
C1 SGN A . -20.23 14.24 -41.48
C2 SGN A . -20.50 14.77 -40.07
C3 SGN A . -19.31 15.62 -39.58
C4 SGN A . -18.01 14.81 -39.70
C5 SGN A . -17.88 14.31 -41.15
C6 SGN A . -16.66 13.42 -41.42
N2 SGN A . -21.74 15.54 -40.06
O3 SGN A . -19.50 15.96 -38.23
O4 SGN A . -16.94 15.68 -39.39
O5 SGN A . -19.03 13.53 -41.50
O6 SGN A . -16.46 12.59 -40.30
S1 SGN A . -23.10 14.85 -40.63
O1S SGN A . -23.07 14.92 -42.06
O2S SGN A . -23.10 13.50 -40.14
O3S SGN A . -24.17 15.63 -40.08
S2 SGN A . -15.67 11.23 -40.26
O4S SGN A . -14.35 11.49 -40.77
O5S SGN A . -15.66 10.88 -38.87
O6S SGN A . -16.41 10.31 -41.06
C1 IDS A . -16.34 15.54 -38.14
C2 IDS A . -15.72 16.89 -37.75
C3 IDS A . -15.61 17.01 -36.23
C4 IDS A . -16.99 16.85 -35.57
C5 IDS A . -17.95 16.09 -36.51
C6 IDS A . -19.18 15.53 -35.82
O2 IDS A . -14.41 16.94 -38.29
O3 IDS A . -15.09 18.28 -35.90
O4 IDS A . -16.82 16.09 -34.39
O5 IDS A . -17.23 15.06 -37.16
O6A IDS A . -19.51 15.94 -34.73
O6B IDS A . -19.87 14.67 -36.33
S IDS A . -13.95 17.61 -39.64
O1S IDS A . -12.94 16.71 -40.14
O2S IDS A . -15.09 17.68 -40.50
O3S IDS A . -13.43 18.89 -39.28
C1 SGN A . -17.30 16.64 -33.20
C2 SGN A . -16.14 17.20 -32.36
C3 SGN A . -15.25 16.06 -31.87
C4 SGN A . -16.11 15.02 -31.13
C5 SGN A . -17.25 14.57 -32.06
C6 SGN A . -18.24 13.57 -31.44
N2 SGN A . -15.39 18.17 -33.15
O3 SGN A . -14.30 16.56 -30.96
O4 SGN A . -15.26 13.91 -30.83
O5 SGN A . -18.02 15.70 -32.46
O6 SGN A . -18.46 13.93 -30.09
S1 SGN A . -15.31 19.72 -32.65
O1S SGN A . -16.63 20.27 -32.71
O2S SGN A . -14.77 19.69 -31.33
O3S SGN A . -14.44 20.37 -33.59
S2 SGN A . -18.97 13.00 -28.94
O4S SGN A . -18.08 11.88 -28.87
O5S SGN A . -18.89 13.83 -27.78
O6S SGN A . -20.32 12.65 -29.29
C1 IDS A . -15.80 12.90 -30.04
C2 IDS A . -15.43 11.55 -30.68
C3 IDS A . -15.40 10.44 -29.63
C4 IDS A . -14.43 10.79 -28.49
C5 IDS A . -14.19 12.31 -28.44
C6 IDS A . -13.58 12.80 -27.13
O2 IDS A . -16.40 11.22 -31.66
O3 IDS A . -15.00 9.23 -30.22
O4 IDS A . -15.03 10.39 -27.26
O5 IDS A . -15.40 12.98 -28.70
O6A IDS A . -12.67 12.19 -26.60
O6B IDS A . -13.98 13.80 -26.58
S IDS A . -16.36 11.49 -33.19
O1S IDS A . -17.63 11.03 -33.66
O2S IDS A . -16.20 12.90 -33.38
O3S IDS A . -15.27 10.72 -33.70
C1 SGN A . -14.88 9.06 -26.89
C2 SGN A . -16.15 8.54 -26.18
C3 SGN A . -16.33 9.26 -24.84
C4 SGN A . -15.04 9.11 -24.00
C5 SGN A . -13.85 9.61 -24.84
C6 SGN A . -12.48 9.47 -24.15
N2 SGN A . -17.32 8.74 -27.06
O3 SGN A . -17.39 8.67 -24.13
O4 SGN A . -15.21 9.91 -22.85
O5 SGN A . -13.77 8.89 -26.06
O6 SGN A . -12.58 8.48 -23.15
S1 SGN A . -18.35 7.50 -27.30
O1S SGN A . -17.57 6.31 -27.45
O2S SGN A . -19.21 7.48 -26.15
O3S SGN A . -19.05 7.85 -28.50
S2 SGN A . -11.48 7.45 -22.74
O4S SGN A . -10.23 8.15 -22.70
O5S SGN A . -11.90 7.01 -21.43
O6S SGN A . -11.52 6.40 -23.70
C1 IDS A . -14.50 9.53 -21.71
C2 IDS A . -15.30 9.99 -20.48
C3 IDS A . -14.97 9.12 -19.26
C4 IDS A . -15.26 7.63 -19.56
C5 IDS A . -15.26 7.39 -21.08
C6 IDS A . -15.12 5.92 -21.47
O2 IDS A . -14.93 11.32 -20.18
O3 IDS A . -15.76 9.51 -18.16
O4 IDS A . -14.22 6.86 -18.98
O5 IDS A . -14.23 8.15 -21.67
O6A IDS A . -15.24 5.05 -20.64
O6B IDS A . -14.91 5.58 -22.61
S IDS A . -15.03 12.58 -21.09
O1S IDS A . -13.99 13.45 -20.61
O2S IDS A . -14.79 12.16 -22.45
O3S IDS A . -16.34 13.11 -20.89
C1 SGN A . -14.42 6.42 -17.67
C2 SGN A . -13.69 7.34 -16.68
C3 SGN A . -12.18 7.22 -16.85
C4 SGN A . -11.77 5.73 -16.74
C5 SGN A . -12.59 4.93 -17.76
C6 SGN A . -12.33 3.41 -17.74
N2 SGN A . -14.15 8.72 -16.87
O3 SGN A . -11.53 7.93 -15.82
O4 SGN A . -10.38 5.67 -17.07
O5 SGN A . -13.98 5.10 -17.52
O6 SGN A . -12.88 2.88 -16.55
S1 SGN A . -15.63 9.15 -16.32
O1S SGN A . -16.59 8.78 -17.33
O2S SGN A . -15.81 8.45 -15.08
O3S SGN A . -15.55 10.56 -16.15
S2 SGN A . -12.29 1.75 -15.65
O4S SGN A . -11.18 2.30 -14.95
O5S SGN A . -13.38 1.39 -14.79
O6S SGN A . -11.92 0.68 -16.55
C1 IDS A . -9.58 4.88 -16.24
C2 IDS A . -8.12 5.05 -16.70
C3 IDS A . -7.15 4.78 -15.56
C4 IDS A . -7.44 5.73 -14.38
C5 IDS A . -8.88 6.25 -14.44
C6 IDS A . -9.39 6.85 -13.14
O2 IDS A . -7.88 4.09 -17.72
O3 IDS A . -5.83 4.98 -15.99
O4 IDS A . -7.29 4.98 -13.17
O5 IDS A . -9.73 5.21 -14.87
O6A IDS A . -9.00 7.92 -12.76
O6B IDS A . -10.21 6.28 -12.45
S IDS A . -7.20 4.31 -19.11
O1S IDS A . -7.09 2.98 -19.66
O2S IDS A . -8.06 5.15 -19.89
O3S IDS A . -5.93 4.90 -18.83
C1 SGN A . -6.21 4.09 -13.10
C2 SGN A . -6.70 2.63 -13.21
C3 SGN A . -7.53 2.27 -11.97
C4 SGN A . -6.70 2.56 -10.70
C5 SGN A . -6.25 4.03 -10.74
C6 SGN A . -5.36 4.46 -9.56
N2 SGN A . -7.48 2.47 -14.44
O3 SGN A . -7.83 0.89 -11.99
O4 SGN A . -7.57 2.35 -9.59
O5 SGN A . -5.49 4.27 -11.92
O6 SGN A . -4.03 4.08 -9.84
S1 SGN A . -6.78 1.76 -15.73
O1S SGN A . -5.82 2.67 -16.28
O2S SGN A . -6.19 0.55 -15.24
O3S SGN A . -7.86 1.51 -16.64
S2 SGN A . -2.86 3.93 -8.81
O4S SGN A . -3.02 2.66 -8.17
O5S SGN A . -1.68 3.99 -9.63
O6S SGN A . -2.96 5.03 -7.92
C1 IDS A . -7.31 1.23 -8.79
C2 IDS A . -8.66 0.72 -8.26
C3 IDS A . -8.56 -0.78 -7.93
C4 IDS A . -8.13 -1.58 -9.17
C5 IDS A . -7.40 -0.66 -10.17
C6 IDS A . -6.58 -1.42 -11.21
O2 IDS A . -8.96 1.42 -7.07
O3 IDS A . -9.82 -1.25 -7.50
O4 IDS A . -7.22 -2.58 -8.73
O5 IDS A . -6.59 0.24 -9.46
O6A IDS A . -6.84 -2.57 -11.48
O6B IDS A . -5.67 -0.89 -11.81
S IDS A . -9.49 2.88 -6.92
O1S IDS A . -8.82 3.37 -5.74
O2S IDS A . -9.12 3.60 -8.10
O3S IDS A . -10.91 2.77 -6.75
C1 SGN A . -7.72 -3.56 -7.87
C2 SGN A . -7.11 -3.40 -6.46
C3 SGN A . -5.61 -3.71 -6.50
C4 SGN A . -5.39 -5.10 -7.13
C5 SGN A . -6.08 -5.14 -8.51
C6 SGN A . -5.99 -6.49 -9.23
N2 SGN A . -7.37 -2.05 -5.97
O3 SGN A . -5.10 -3.73 -5.19
O4 SGN A . -3.99 -5.27 -7.28
O5 SGN A . -7.45 -4.84 -8.37
O6 SGN A . -7.18 -7.22 -8.98
S1 SGN A . -8.40 -1.85 -4.72
O1S SGN A . -9.59 -2.60 -5.00
O2S SGN A . -7.70 -2.29 -3.55
O3S SGN A . -8.66 -0.43 -4.70
S2 SGN A . -7.45 -8.72 -9.31
O4S SGN A . -6.98 -9.49 -8.21
O5S SGN A . -8.89 -8.78 -9.45
O6S SGN A . -6.77 -8.99 -10.54
C1 IDS A . -3.35 -6.15 -6.39
C2 IDS A . -2.04 -5.49 -5.94
C3 IDS A . -1.61 -6.03 -4.57
C4 IDS A . -2.70 -5.79 -3.53
C5 IDS A . -4.07 -5.61 -4.22
C6 IDS A . -5.27 -5.77 -3.29
O2 IDS A . -1.03 -5.82 -6.88
O3 IDS A . -0.43 -5.38 -4.16
O4 IDS A . -2.78 -6.94 -2.70
O5 IDS A . -4.16 -6.50 -5.31
O6A IDS A . -5.11 -6.10 -2.13
O6B IDS A . -6.40 -5.56 -3.66
S IDS A . -0.42 -4.92 -7.99
O1S IDS A . -0.26 -5.80 -9.12
O2S IDS A . -1.34 -3.85 -8.26
O3S IDS A . 0.84 -4.47 -7.48
C1 SGN A . -1.80 -7.07 -1.70
C2 SGN A . -0.82 -8.19 -2.07
C3 SGN A . -1.53 -9.56 -2.02
C4 SGN A . -2.20 -9.73 -0.65
C5 SGN A . -3.13 -8.52 -0.41
C6 SGN A . -3.83 -8.53 0.96
N2 SGN A . -0.24 -7.94 -3.39
O3 SGN A . -0.58 -10.58 -2.18
O4 SGN A . -2.97 -10.92 -0.72
O5 SGN A . -2.38 -7.31 -0.46
O6 SGN A . -2.87 -8.73 1.97
S1 SGN A . 1.37 -8.13 -3.60
O1S SGN A . 2.02 -7.92 -2.33
O2S SGN A . 1.55 -9.46 -4.10
O3S SGN A . 1.74 -7.13 -4.55
S2 SGN A . -3.10 -9.38 3.37
O4S SGN A . -4.16 -10.31 3.25
O5S SGN A . -1.84 -10.03 3.65
O6S SGN A . -3.37 -8.31 4.28
C1 IDS A . -2.50 -12.02 0.00
C2 IDS A . -3.72 -12.88 0.40
C3 IDS A . -3.29 -14.33 0.61
C4 IDS A . -2.63 -14.90 -0.65
C5 IDS A . -2.08 -13.75 -1.53
C6 IDS A . -1.06 -14.21 -2.57
O2 IDS A . -4.24 -12.38 1.61
O3 IDS A . -4.43 -15.11 0.91
O4 IDS A . -1.53 -15.71 -0.24
O5 IDS A . -1.53 -12.75 -0.69
O6A IDS A . -0.73 -15.37 -2.65
O6B IDS A . -0.55 -13.42 -3.33
S IDS A . -5.35 -11.30 1.81
O1S IDS A . -5.49 -11.20 3.24
O2S IDS A . -4.90 -10.08 1.22
O3S IDS A . -6.53 -11.83 1.18
C1 SGN A . -1.75 -16.58 0.83
C2 SGN A . -1.20 -15.98 2.14
C3 SGN A . 0.33 -15.91 2.07
C4 SGN A . 0.90 -17.30 1.73
C5 SGN A . 0.24 -17.79 0.44
C6 SGN A . 0.66 -19.19 0.00
N2 SGN A . -1.79 -14.66 2.37
O3 SGN A . 0.83 -15.52 3.34
O4 SGN A . 2.30 -17.14 1.54
O5 SGN A . -1.18 -17.83 0.59
O6 SGN A . 0.40 -20.10 1.05
S1 SGN A . -2.82 -14.47 3.62
O1S SGN A . -4.16 -14.69 3.14
O2S SGN A . -2.42 -15.40 4.63
O3S SGN A . -2.63 -13.11 4.04
S2 SGN A . 0.63 -21.65 1.04
O4S SGN A . 1.91 -21.89 1.62
O5S SGN A . -0.44 -22.16 1.85
O6S SGN A . 0.53 -22.07 -0.32
C1 IDS A . 3.13 -17.43 2.62
C2 IDS A . 4.55 -17.63 2.08
C3 IDS A . 5.59 -17.34 3.17
C4 IDS A . 5.42 -15.91 3.71
C5 IDS A . 3.98 -15.40 3.44
C6 IDS A . 3.59 -14.19 4.27
O2 IDS A . 4.68 -18.99 1.69
O3 IDS A . 6.88 -17.47 2.64
O4 IDS A . 5.61 -15.96 5.12
O5 IDS A . 3.06 -16.46 3.63
O6A IDS A . 4.43 -13.50 4.79
O6B IDS A . 2.43 -13.88 4.42
S IDS A . 4.48 -19.61 0.27
O1S IDS A . 4.78 -21.00 0.45
O2S IDS A . 3.12 -19.39 -0.12
O3S IDS A . 5.43 -18.94 -0.59
C1 SGN A . 6.91 -15.73 5.59
C2 SGN A . 7.42 -16.96 6.36
C3 SGN A . 6.62 -17.14 7.65
C4 SGN A . 6.66 -15.83 8.46
C5 SGN A . 6.16 -14.69 7.56
C6 SGN A . 6.21 -13.29 8.22
N2 SGN A . 7.33 -18.15 5.50
O3 SGN A . 7.20 -18.16 8.42
O4 SGN A . 5.78 -16.00 9.56
O5 SGN A . 6.97 -14.60 6.39
O6 SGN A . 7.43 -12.67 7.90
S1 SGN A . 8.66 -18.64 4.68
O1S SGN A . 9.58 -17.55 4.64
O2S SGN A . 9.16 -19.78 5.39
O3S SGN A . 8.17 -18.97 3.37
S2 SGN A . 7.75 -11.14 7.87
O4S SGN A . 6.84 -10.51 8.76
O5S SGN A . 9.11 -11.07 8.31
O6S SGN A . 7.57 -10.73 6.50
C1 IDS A . 5.67 -14.93 10.45
C2 IDS A . 4.50 -15.23 11.41
C3 IDS A . 4.69 -14.49 12.74
C4 IDS A . 6.02 -14.88 13.38
C5 IDS A . 7.00 -15.42 12.32
C6 IDS A . 8.46 -15.44 12.77
O2 IDS A . 3.30 -14.77 10.80
O3 IDS A . 3.64 -14.83 13.62
O4 IDS A . 6.59 -13.70 13.94
O5 IDS A . 6.86 -14.67 11.13
O6A IDS A . 8.77 -15.92 13.84
O6B IDS A . 9.35 -14.99 12.08
S IDS A . 2.17 -15.61 10.14
O1S IDS A . 0.99 -14.82 10.33
O2S IDS A . 2.51 -15.80 8.77
O3S IDS A . 2.11 -16.84 10.89
C1 SGN A . 6.10 -13.29 15.20
C2 SGN A . 4.83 -12.46 15.03
C3 SGN A . 5.17 -11.12 14.34
C4 SGN A . 6.28 -10.41 15.12
C5 SGN A . 7.48 -11.37 15.25
C6 SGN A . 8.66 -10.83 16.07
N2 SGN A . 3.84 -13.21 14.26
O3 SGN A . 4.02 -10.29 14.35
O4 SGN A . 6.65 -9.27 14.37
O5 SGN A . 7.07 -12.57 15.89
O6 SGN A . 8.16 -10.17 17.22
S1 SGN A . 2.58 -13.89 15.06
O1S SGN A . 3.00 -14.18 16.39
O2S SGN A . 1.51 -12.95 14.99
O3S SGN A . 2.31 -15.09 14.33
S2 SGN A . 8.95 -9.26 18.20
O4S SGN A . 10.18 -8.89 17.56
O5S SGN A . 8.08 -8.14 18.40
O6S SGN A . 9.13 -10.03 19.40
C1 IDS A . 7.54 -8.37 14.97
C2 IDS A . 7.18 -6.96 14.47
C3 IDS A . 7.61 -5.90 15.50
C4 IDS A . 6.98 -6.17 16.87
C5 IDS A . 6.55 -7.65 16.99
C6 IDS A . 6.30 -8.11 18.41
O2 IDS A . 7.87 -6.71 13.26
O3 IDS A . 7.23 -4.62 15.06
O4 IDS A . 7.96 -5.91 17.87
O5 IDS A . 7.54 -8.46 16.37
O6A IDS A . 5.36 -7.68 19.04
O6B IDS A . 7.00 -8.94 18.95
S IDS A . 7.39 -5.91 12.02
O1S IDS A . 8.57 -5.73 11.23
O2S IDS A . 6.39 -6.69 11.35
O3S IDS A . 6.88 -4.67 12.54
C1 SGN A . 8.63 -4.69 17.79
C2 SGN A . 9.84 -4.79 16.85
C3 SGN A . 10.89 -5.73 17.45
C4 SGN A . 11.25 -5.25 18.86
C5 SGN A . 9.96 -5.16 19.70
C6 SGN A . 10.15 -4.63 21.13
N2 SGN A . 9.39 -5.26 15.53
O3 SGN A . 12.06 -5.67 16.65
O4 SGN A . 12.11 -6.23 19.43
O5 SGN A . 9.04 -4.27 19.06
O6 SGN A . 10.92 -3.45 21.08
S1 SGN A . 8.82 -4.17 14.46
O1S SGN A . 8.10 -3.16 15.18
O2S SGN A . 9.96 -3.66 13.76
O3S SGN A . 7.95 -4.93 13.60
S2 SGN A . 11.85 -2.89 22.20
O4S SGN A . 12.62 -3.98 22.71
O5S SGN A . 12.66 -1.92 21.51
O6S SGN A . 10.99 -2.28 23.17
C1 IDS A . 13.14 -5.77 20.26
C2 IDS A . 13.74 -6.99 20.99
C3 IDS A . 15.18 -6.71 21.41
C4 IDS A . 16.03 -6.34 20.17
C5 IDS A . 15.14 -5.84 19.04
C6 IDS A . 15.89 -5.08 17.95
O2 IDS A . 12.97 -7.22 22.16
O3 IDS A . 15.73 -7.86 22.01
O4 IDS A . 16.92 -5.30 20.56
O5 IDS A . 14.11 -5.04 19.57
O6A IDS A . 17.10 -4.97 17.99
O6B IDS A . 15.32 -4.57 17.01
S IDS A . 12.43 -8.59 22.70
O1S IDS A . 11.63 -8.22 23.83
O2S IDS A . 11.65 -9.20 21.66
O3S IDS A . 13.59 -9.35 23.06
C1 SGN A . 18.22 -5.66 20.90
C2 SGN A . 18.41 -5.64 22.42
C3 SGN A . 18.31 -4.19 22.93
C4 SGN A . 19.30 -3.31 22.18
C5 SGN A . 19.03 -3.45 20.66
C6 SGN A . 19.99 -2.66 19.76
N2 SGN A . 17.41 -6.50 23.06
O3 SGN A . 18.65 -4.17 24.31
O4 SGN A . 19.06 -1.96 22.58
O5 SGN A . 19.15 -4.82 20.28
O6 SGN A . 21.27 -3.23 19.85
S1 SGN A . 17.59 -8.12 22.93
O1S SGN A . 17.60 -8.46 21.54
O2S SGN A . 18.81 -8.45 23.60
O3S SGN A . 16.43 -8.66 23.59
S2 SGN A . 22.59 -2.70 19.20
O4S SGN A . 22.35 -1.35 18.79
O5S SGN A . 23.56 -2.79 20.26
O6S SGN A . 22.88 -3.58 18.11
C1 IDS A . 20.12 -1.28 23.16
C2 IDS A . 20.06 0.18 22.69
C3 IDS A . 20.74 1.11 23.70
C4 IDS A . 20.08 0.96 25.09
C5 IDS A . 19.36 -0.39 25.21
C6 IDS A . 19.04 -0.80 26.64
O2 IDS A . 20.75 0.29 21.46
O3 IDS A . 20.61 2.45 23.27
O4 IDS A . 21.12 1.00 26.06
O5 IDS A . 20.14 -1.39 24.56
O6A IDS A . 19.09 0.01 27.54
O6B IDS A . 18.72 -1.93 26.91
S IDS A . 20.31 -0.23 20.05
O1S IDS A . 21.53 -0.58 19.40
O2S IDS A . 19.45 -1.35 20.25
O3S IDS A . 19.66 0.89 19.43
C1 SGN A . 21.16 2.12 26.91
C2 SGN A . 22.47 2.89 26.73
C3 SGN A . 23.64 2.04 27.23
C4 SGN A . 23.38 1.58 28.68
C5 SGN A . 22.02 0.87 28.72
C6 SGN A . 21.57 0.40 30.12
N2 SGN A . 22.64 3.26 25.33
O3 SGN A . 24.82 2.82 27.23
O4 SGN A . 24.42 0.68 29.04
O5 SGN A . 21.00 1.72 28.24
O6 SGN A . 21.82 1.45 31.03
S1 SGN A . 21.79 4.53 24.75
O1S SGN A . 20.45 4.43 25.23
O2S SGN A . 22.48 5.71 25.18
O3S SGN A . 21.84 4.37 23.32
S2 SGN A . 21.15 1.64 32.44
O4S SGN A . 20.77 0.34 32.92
O5S SGN A . 22.20 2.22 33.23
O6S SGN A . 20.04 2.52 32.25
C1 IDS A . 24.58 0.41 30.39
C2 IDS A . 26.09 0.42 30.69
C3 IDS A . 26.34 0.75 32.17
C4 IDS A . 25.71 2.10 32.53
C5 IDS A . 24.59 2.47 31.54
C6 IDS A . 23.64 3.56 32.03
O2 IDS A . 26.60 -0.87 30.44
O3 IDS A . 27.72 0.82 32.41
O4 IDS A . 25.14 1.99 33.83
O5 IDS A . 23.86 1.29 31.22
O6A IDS A . 24.05 4.44 32.73
O6B IDS A . 22.47 3.57 31.72
S IDS A . 26.85 -1.56 29.05
O1S IDS A . 27.75 -2.64 29.36
O2S IDS A . 25.59 -2.01 28.57
O3S IDS A . 27.46 -0.55 28.24
C1 SGN A . 25.88 1.28 34.78
C2 SGN A . 25.45 -0.19 34.83
C3 SGN A . 24.00 -0.30 35.35
C4 SGN A . 23.90 0.42 36.71
C5 SGN A . 24.40 1.87 36.54
C6 SGN A . 24.41 2.69 37.82
N2 SGN A . 25.57 -0.78 33.49
O3 SGN A . 23.69 -1.66 35.55
O4 SGN A . 22.53 0.41 37.07
O5 SGN A . 25.73 1.86 36.04
O6 SGN A . 25.61 2.43 38.53
S1 SGN A . 27.03 -1.32 33.00
O1S SGN A . 28.03 -0.41 33.49
O2S SGN A . 27.17 -2.64 33.52
O3S SGN A . 26.96 -1.30 31.56
S2 SGN A . 26.00 2.92 39.95
O4S SGN A . 24.98 2.47 40.86
O5S SGN A . 27.27 2.31 40.21
O6S SGN A . 26.08 4.36 39.87
C1 IDS A . 22.14 -0.51 38.05
C2 IDS A . 20.99 0.13 38.86
C3 IDS A . 20.10 -0.96 39.48
C4 IDS A . 19.54 -1.88 38.39
C5 IDS A . 20.40 -1.81 37.12
C6 IDS A . 20.17 -2.97 36.15
O2 IDS A . 21.57 0.89 39.91
O3 IDS A . 19.04 -0.35 40.18
O4 IDS A . 19.57 -3.21 38.89
O5 IDS A . 21.77 -1.75 37.50
O6A IDS A . 19.06 -3.34 35.88
O6B IDS A . 21.10 -3.54 35.63
S IDS A . 22.40 2.21 39.80
O1S IDS A . 23.62 1.91 40.48
O2S IDS A . 22.59 2.50 38.42
O3S IDS A . 21.62 3.21 40.48
C1 SGN A . 18.34 -3.78 39.26
C2 SGN A . 18.57 -5.09 40.02
C3 SGN A . 19.17 -6.14 39.08
C4 SGN A . 18.29 -6.29 37.83
C5 SGN A . 18.11 -4.91 37.19
C6 SGN A . 17.20 -4.88 35.95
N2 SGN A . 19.43 -4.85 41.18
O3 SGN A . 19.22 -7.39 39.75
O4 SGN A . 18.97 -7.17 36.94
O5 SGN A . 17.55 -4.00 38.13
O6 SGN A . 15.87 -5.11 36.37
S1 SGN A . 19.11 -5.64 42.57
O1S SGN A . 17.86 -6.31 42.44
O2S SGN A . 20.22 -6.53 42.77
O3S SGN A . 19.06 -4.61 43.58
S2 SGN A . 14.71 -5.74 35.53
O4S SGN A . 14.87 -7.16 35.56
O5S SGN A . 13.52 -5.30 36.21
O6S SGN A . 14.82 -5.17 34.22
C1 IDS A . 18.69 -8.52 37.05
C2 IDS A . 19.92 -9.30 36.55
C3 IDS A . 19.99 -10.69 37.18
C4 IDS A . 20.00 -10.59 38.72
C5 IDS A . 19.42 -9.23 39.17
C6 IDS A . 19.01 -9.20 40.64
O2 IDS A . 19.82 -9.45 35.15
O3 IDS A . 21.16 -11.35 36.76
O4 IDS A . 19.18 -11.63 39.23
O5 IDS A . 18.33 -8.90 38.35
O6A IDS A . 19.83 -8.96 41.50
O6B IDS A . 17.87 -9.39 40.99
S IDS A . 20.40 -8.54 34.03
O1S IDS A . 19.74 -8.98 32.83
O2S IDS A . 20.09 -7.18 34.36
O3S IDS A . 21.82 -8.80 34.01
C1 SGN A . 19.39 -12.91 38.72
C2 SGN A . 18.06 -13.54 38.30
C3 SGN A . 17.18 -13.80 39.54
C4 SGN A . 17.97 -14.64 40.55
C5 SGN A . 19.30 -13.92 40.86
C6 SGN A . 20.23 -14.66 41.82
N2 SGN A . 17.38 -12.67 37.34
O3 SGN A . 16.04 -14.53 39.15
O4 SGN A . 17.18 -14.72 41.73
O5 SGN A . 20.03 -13.72 39.66
O6 SGN A . 20.87 -15.71 41.12
S1 SGN A . 17.27 -13.14 35.78
O1S SGN A . 18.59 -13.42 35.31
O2S SGN A . 16.41 -14.28 35.76
O3S SGN A . 16.69 -12.01 35.10
S2 SGN A . 21.94 -16.70 41.67
O4S SGN A . 21.26 -17.85 42.16
O5S SGN A . 22.76 -16.99 40.52
O6S SGN A . 22.66 -15.98 42.68
C1 IDS A . 16.59 -15.95 42.02
C2 IDS A . 16.56 -16.12 43.54
C3 IDS A . 15.44 -17.06 43.97
C4 IDS A . 14.08 -16.54 43.46
C5 IDS A . 14.29 -15.59 42.27
C6 IDS A . 13.02 -15.34 41.44
O2 IDS A . 17.80 -16.68 43.96
O3 IDS A . 15.40 -17.15 45.37
O5 IDS A . 15.32 -16.08 41.45
O6A IDS A . 12.13 -14.65 41.88
O6B IDS A . 12.87 -15.82 40.34
S IDS A . 18.98 -16.00 44.69
O1S IDS A . 20.13 -16.30 43.88
O2S IDS A . 18.71 -14.59 44.75
O3S IDS A . 19.04 -16.62 45.99
C1 SGN A . -19.14 33.54 -45.33
C2 SGN A . -20.38 32.66 -45.09
C3 SGN A . -21.01 33.00 -43.74
C4 SGN A . -19.95 32.88 -42.64
C5 SGN A . -18.75 33.77 -43.00
C6 SGN A . -17.56 33.71 -42.03
N2 SGN A . -21.33 32.86 -46.19
O1 SGN A . -19.50 34.88 -45.47
O3 SGN A . -22.04 32.07 -43.46
O4 SGN A . -20.54 33.35 -41.43
O5 SGN A . -18.24 33.38 -44.27
O6 SGN A . -17.26 32.36 -41.77
S1 SGN A . -21.54 31.66 -47.27
O1S SGN A . -20.32 31.48 -48.00
O2S SGN A . -21.93 30.50 -46.52
O3S SGN A . -22.60 32.12 -48.13
S2 SGN A . -16.19 31.80 -40.78
O4S SGN A . -16.74 31.90 -39.46
O5S SGN A . -16.01 30.44 -41.19
O6S SGN A . -15.02 32.60 -40.97
C1 IDS A . -20.42 32.53 -40.30
C2 IDS A . -20.71 33.39 -39.06
C3 IDS A . -21.21 32.51 -37.91
C4 IDS A . -22.46 31.73 -38.33
C5 IDS A . -22.53 31.60 -39.86
C6 IDS A . -23.48 30.51 -40.35
O2 IDS A . -19.51 34.02 -38.67
O3 IDS A . -21.53 33.33 -36.80
O4 IDS A . -22.35 30.42 -37.78
O5 IDS A . -21.22 31.39 -40.37
O6A IDS A . -24.66 30.74 -40.48
O6B IDS A . -23.09 29.40 -40.65
S IDS A . -19.33 35.42 -38.01
O1S IDS A . -18.42 36.10 -38.89
O2S IDS A . -20.61 36.05 -37.95
O3S IDS A . -18.76 35.18 -36.71
C1 SGN A . -22.48 30.31 -36.39
C2 SGN A . -21.46 29.30 -35.84
C3 SGN A . -21.80 27.88 -36.34
C4 SGN A . -23.25 27.54 -35.99
C5 SGN A . -24.16 28.64 -36.56
C6 SGN A . -25.65 28.48 -36.24
N2 SGN A . -20.11 29.70 -36.24
O3 SGN A . -20.95 26.95 -35.68
O4 SGN A . -23.54 26.30 -36.60
O5 SGN A . -23.78 29.91 -36.04
O6 SGN A . -25.79 28.24 -34.85
S1 SGN A . -19.32 30.80 -35.32
O1S SGN A . -20.23 31.34 -34.36
O2S SGN A . -18.22 30.09 -34.72
O3S SGN A . -18.87 31.79 -36.25
S2 SGN A . -27.00 27.57 -34.13
O4S SGN A . -27.36 26.41 -34.88
O5S SGN A . -26.50 27.24 -32.83
O6S SGN A . -28.04 28.56 -34.08
C1 IDS A . -23.71 25.19 -35.76
C2 IDS A . -24.45 24.10 -36.54
C3 IDS A . -24.13 22.72 -35.97
C4 IDS A . -22.61 22.47 -35.99
C5 IDS A . -21.84 23.81 -36.03
C6 IDS A . -20.37 23.68 -35.65
O2 IDS A . -25.83 24.32 -36.41
O3 IDS A . -24.76 21.72 -36.74
O4 IDS A . -22.26 21.80 -34.78
O5 IDS A . -22.50 24.74 -35.22
O6A IDS A . -19.80 22.62 -35.73
O6B IDS A . -19.74 24.64 -35.28
S IDS A . -26.87 24.66 -37.53
O1S IDS A . -28.08 24.94 -36.82
O2S IDS A . -26.38 25.80 -38.25
O3S IDS A . -26.97 23.48 -38.34
C1 SGN A . -22.88 20.57 -34.53
C2 SGN A . -22.81 20.22 -33.04
C3 SGN A . -21.35 19.95 -32.64
C4 SGN A . -20.75 18.88 -33.56
C5 SGN A . -20.93 19.33 -35.02
C6 SGN A . -20.42 18.34 -36.08
N2 SGN A . -23.39 21.30 -32.25
O3 SGN A . -21.32 19.46 -31.31
O4 SGN A . -19.37 18.79 -33.25
O5 SGN A . -22.30 19.55 -35.30
O6 SGN A . -20.75 17.03 -35.65
S1 SGN A . -24.97 21.21 -31.83
O1S SGN A . -25.74 21.86 -32.84
O2S SGN A . -25.27 19.81 -31.70
O3S SGN A . -25.05 21.90 -30.57
S2 SGN A . -19.85 15.76 -35.73
O4S SGN A . -18.52 16.15 -35.37
O5S SGN A . -20.43 14.85 -34.78
O6S SGN A . -19.96 15.28 -37.09
C1 IDS A . -18.86 17.50 -33.02
C2 IDS A . -17.33 17.58 -33.16
C3 IDS A . -16.66 16.47 -32.36
C4 IDS A . -17.07 16.54 -30.87
C5 IDS A . -18.40 17.32 -30.73
C6 IDS A . -19.09 17.11 -29.38
O2 IDS A . -17.00 17.41 -34.52
O3 IDS A . -15.25 16.59 -32.45
O4 IDS A . -17.27 15.22 -30.41
O5 IDS A . -19.25 16.97 -31.79
O6A IDS A . -18.45 17.13 -28.35
O6B IDS A . -20.28 16.91 -29.31
S IDS A . -17.26 18.37 -35.72
O1S IDS A . -16.58 17.77 -36.82
O2S IDS A . -18.68 18.44 -35.92
O3S IDS A . -16.68 19.63 -35.33
C1 SGN A . -16.23 14.31 -30.61
C2 SGN A . -16.78 12.93 -30.97
C3 SGN A . -17.52 12.33 -29.78
C4 SGN A . -16.62 12.32 -28.54
C5 SGN A . -16.10 13.76 -28.31
C6 SGN A . -15.12 13.91 -27.13
N2 SGN A . -17.64 13.03 -32.15
O3 SGN A . -17.88 10.99 -30.07
O4 SGN A . -17.40 11.91 -27.43
O5 SGN A . -15.42 14.23 -29.46
O6 SGN A . -13.90 13.29 -27.47
S1 SGN A . -17.04 12.61 -33.61
O1S SGN A . -16.15 13.66 -34.04
O2S SGN A . -16.38 11.35 -33.42
O3S SGN A . -18.19 12.51 -34.45
S2 SGN A . -12.46 13.79 -27.16
O4S SGN A . -12.50 14.43 -25.87
O5S SGN A . -11.67 12.60 -27.16
O6S SGN A . -12.10 14.69 -28.23
C1 IDS A . -16.76 11.77 -26.21
C2 IDS A . -17.72 11.07 -25.24
C3 IDS A . -16.95 10.33 -24.14
C4 IDS A . -15.97 9.31 -24.77
C5 IDS A . -15.65 9.70 -26.22
C6 IDS A . -14.41 9.01 -26.78
O2 IDS A . -18.53 12.05 -24.62
O3 IDS A . -17.85 9.65 -23.30
O4 IDS A . -14.76 9.36 -24.01
O5 IDS A . -15.53 11.10 -26.31
O6A IDS A . -14.30 7.81 -26.75
O6B IDS A . -13.51 9.64 -27.28
S IDS A . -19.95 12.55 -25.06
O1S IDS A . -19.88 13.97 -24.92
O2S IDS A . -20.16 12.13 -26.41
O3S IDS A . -20.86 11.95 -24.13
C1 SGN A . -14.86 9.12 -22.64
C2 SGN A . -13.72 9.81 -21.88
C3 SGN A . -12.38 9.17 -22.25
C4 SGN A . -12.45 7.66 -22.00
C5 SGN A . -13.65 7.09 -22.78
C6 SGN A . -13.89 5.58 -22.58
N2 SGN A . -13.74 11.24 -22.19
O3 SGN A . -11.37 9.70 -21.42
O4 SGN A . -11.25 7.10 -22.50
O5 SGN A . -14.85 7.74 -22.36
O6 SGN A . -13.53 5.24 -21.27
S1 SGN A . -14.92 12.18 -21.56
O1S SGN A . -16.09 11.38 -21.41
O2S SGN A . -14.40 12.68 -20.31
O3S SGN A . -15.11 13.23 -22.53
S2 SGN A . -12.80 3.93 -20.80
O4S SGN A . -11.57 3.85 -21.54
O5S SGN A . -12.59 4.14 -19.39
O6S SGN A . -13.70 2.85 -21.07
C1 IDS A . -10.95 5.78 -22.12
C2 IDS A . -10.37 5.07 -23.36
C3 IDS A . -9.48 3.90 -22.92
C4 IDS A . -8.35 4.39 -22.01
C5 IDS A . -8.73 5.74 -21.36
C6 IDS A . -7.89 6.10 -20.14
O2 IDS A . -11.45 4.54 -24.11
O3 IDS A . -8.91 3.28 -24.06
O4 IDS A . -8.18 3.44 -20.96
O5 IDS A . -10.10 5.71 -21.01
O6A IDS A . -6.69 5.92 -20.14
O6B IDS A . -8.38 6.61 -19.15
S IDS A . -11.68 4.65 -25.65
O1S IDS A . -13.11 4.72 -25.78
O2S IDS A . -11.03 5.83 -26.12
O3S IDS A . -11.13 3.44 -26.22
C1 SGN A . -7.10 2.55 -21.10
C2 SGN A . -7.58 1.10 -20.96
C3 SGN A . -8.06 0.83 -19.53
C4 SGN A . -6.96 1.22 -18.54
C5 SGN A . -6.53 2.68 -18.81
C6 SGN A . -5.39 3.19 -17.94
N2 SGN A . -8.64 0.84 -21.94
O3 SGN A . -8.34 -0.53 -19.37
O4 SGN A . -7.51 1.11 -17.24
O5 SGN A . -6.11 2.82 -20.16
O6 SGN A . -4.54 2.11 -17.62
S1 SGN A . -8.31 -0.11 -23.23
O1S SGN A . -7.27 0.51 -23.99
O2S SGN A . -7.94 -1.39 -22.71
O3S SGN A . -9.55 -0.16 -23.96
S2 SGN A . -3.74 1.89 -16.30
O4S SGN A . -4.53 1.05 -15.45
O5S SGN A . -2.52 1.26 -16.72
O6S SGN A . -3.52 3.20 -15.74
C1 IDS A . -6.82 0.30 -16.33
C2 IDS A . -6.96 0.94 -14.94
C3 IDS A . -6.81 -0.13 -13.84
C4 IDS A . -7.86 -1.24 -14.03
C5 IDS A . -8.35 -1.28 -15.48
C6 IDS A . -9.06 -2.57 -15.87
O2 IDS A . -5.92 1.89 -14.77
O3 IDS A . -7.00 0.46 -12.57
O4 IDS A . -7.23 -2.48 -13.73
O5 IDS A . -7.26 -1.03 -16.34
O6A IDS A . -10.21 -2.74 -15.58
O6B IDS A . -8.49 -3.45 -16.47
S IDS A . -5.78 3.30 -15.43
O1S IDS A . -4.39 3.60 -15.32
O2S IDS A . -6.22 3.19 -16.78
O3S IDS A . -6.61 4.16 -14.64
C1 SGN A . -7.11 -2.83 -12.39
C2 SGN A . -5.91 -3.77 -12.18
C3 SGN A . -6.18 -5.12 -12.87
C4 SGN A . -7.50 -5.69 -12.37
C5 SGN A . -8.61 -4.64 -12.59
C6 SGN A . -10.00 -5.05 -12.09
N2 SGN A . -4.69 -3.13 -12.70
O3 SGN A . -5.14 -6.02 -12.52
O4 SGN A . -7.78 -6.85 -13.14
O5 SGN A . -8.27 -3.44 -11.92
O6 SGN A . -9.86 -5.65 -10.82
S1 SGN A . -4.27 -1.66 -12.13
O1S SGN A . -5.46 -0.97 -11.77
O2S SGN A . -3.38 -1.89 -11.03
O3S SGN A . -3.61 -1.03 -13.24
S2 SGN A . -10.65 -6.88 -10.26
O4S SGN A . -11.30 -7.50 -11.37
O5S SGN A . -9.62 -7.71 -9.70
O6S SGN A . -11.55 -6.38 -9.27
C1 IDS A . -8.61 -7.81 -12.57
C2 IDS A . -9.17 -8.69 -13.71
C3 IDS A . -9.55 -10.08 -13.18
C4 IDS A . -8.33 -10.76 -12.53
C5 IDS A . -7.29 -9.70 -12.09
C6 IDS A . -6.26 -10.22 -11.10
O2 IDS A . -10.34 -8.07 -14.21
O3 IDS A . -10.00 -10.88 -14.25
O4 IDS A . -8.79 -11.43 -11.36
O5 IDS A . -7.96 -8.58 -11.59
O6A IDS A . -5.97 -11.39 -11.07
O6B IDS A . -5.71 -9.48 -10.32
S IDS A . -10.45 -6.77 -15.06
O1S IDS A . -11.85 -6.45 -15.03
O2S IDS A . -9.65 -5.76 -14.43
O3S IDS A . -9.99 -7.11 -16.37
C1 SGN A . -8.46 -12.79 -11.24
C2 SGN A . -9.73 -13.66 -11.21
C3 SGN A . -10.52 -13.38 -9.93
C4 SGN A . -9.59 -13.58 -8.72
C5 SGN A . -8.35 -12.69 -8.89
C6 SGN A . -7.30 -12.82 -7.77
N2 SGN A . -10.53 -13.39 -12.40
O3 SGN A . -11.58 -14.30 -9.83
O4 SGN A . -10.32 -13.17 -7.56
O5 SGN A . -7.69 -13.01 -10.10
O6 SGN A . -6.72 -14.10 -7.84
S1 SGN A . -9.93 -13.77 -13.87
O1S SGN A . -8.55 -14.12 -13.70
O2S SGN A . -10.74 -14.84 -14.38
O3S SGN A . -10.07 -12.56 -14.64
S2 SGN A . -5.40 -14.58 -7.16
O4S SGN A . -5.07 -13.63 -6.14
O5S SGN A . -5.74 -15.87 -6.61
O6S SGN A . -4.42 -14.67 -8.21
C1 IDS A . -9.84 -13.58 -6.32
C2 IDS A . -11.03 -13.68 -5.36
C3 IDS A . -10.73 -14.68 -4.24
C4 IDS A . -10.38 -16.06 -4.81
C5 IDS A . -9.90 -15.93 -6.27
C6 IDS A . -9.16 -17.15 -6.79
O2 IDS A . -11.26 -12.41 -4.78
O3 IDS A . -11.86 -14.80 -3.40
O4 IDS A . -9.31 -16.59 -4.04
O5 IDS A . -9.10 -14.76 -6.39
O6A IDS A . -9.72 -18.21 -6.90
O6B IDS A . -7.98 -17.09 -7.12
S IDS A . -12.27 -11.31 -5.22
O1S IDS A . -11.53 -10.09 -5.12
O2S IDS A . -12.66 -11.60 -6.57
O3S IDS A . -13.36 -11.38 -4.29
C1 SGN A . -9.49 -16.62 -2.65
C2 SGN A . -8.14 -16.76 -1.94
C3 SGN A . -7.54 -18.15 -2.23
C4 SGN A . -8.55 -19.24 -1.86
C5 SGN A . -9.87 -18.95 -2.61
C6 SGN A . -11.02 -19.93 -2.30
N2 SGN A . -7.24 -15.70 -2.36
O3 SGN A . -6.39 -18.33 -1.44
O4 SGN A . -8.02 -20.48 -2.30
O5 SGN A . -10.35 -17.66 -2.27
O6 SGN A . -11.26 -19.92 -0.91
S1 SGN A . -6.38 -14.88 -1.23
O1S SGN A . -7.30 -14.29 -0.31
O2S SGN A . -5.52 -15.86 -0.63
O3S SGN A . -5.64 -13.90 -1.97
S2 SGN A . -12.49 -20.51 -0.16
O4S SGN A . -12.67 -21.85 -0.61
O5S SGN A . -12.13 -20.43 1.23
O6S SGN A . -13.59 -19.65 -0.47
C1 IDS A . -7.34 -21.24 -1.35
C2 IDS A . -6.43 -22.23 -2.10
C3 IDS A . -5.24 -22.65 -1.22
C4 IDS A . -4.44 -21.41 -0.78
C5 IDS A . -5.31 -20.14 -0.87
C6 IDS A . -4.75 -18.95 -0.09
O2 IDS A . -7.19 -23.39 -2.39
O3 IDS A . -4.40 -23.51 -1.95
O4 IDS A . -4.05 -21.60 0.56
O5 IDS A . -6.62 -20.45 -0.43
O6A IDS A . -3.58 -18.89 0.19
O6B IDS A . -5.47 -18.04 0.27
S IDS A . -7.59 -23.96 -3.79
O1S IDS A . -8.82 -24.65 -3.54
O2S IDS A . -7.77 -22.84 -4.68
O3S IDS A . -6.53 -24.83 -4.18
C1 SGN A . -2.68 -21.63 0.84
C2 SGN A . -2.39 -22.42 2.12
C3 SGN A . -2.97 -21.69 3.33
C4 SGN A . -2.43 -20.25 3.36
C5 SGN A . -2.74 -19.57 2.01
C6 SGN A . -2.21 -18.15 1.87
N2 SGN A . -2.95 -23.76 1.99
O3 SGN A . -2.56 -22.34 4.51
O4 SGN A . -3.11 -19.57 4.41
O5 SGN A . -2.17 -20.33 0.95
O6 SGN A . -0.84 -18.20 1.51
S1 SGN A . -1.94 -25.05 1.93
O1S SGN A . -1.69 -25.36 0.56
O2S SGN A . -0.76 -24.65 2.65
O3S SGN A . -2.65 -26.11 2.60
S2 SGN A . 0.28 -17.19 1.92
O4S SGN A . 0.95 -17.73 3.06
O5S SGN A . 1.13 -17.15 0.76
O6S SGN A . -0.38 -15.94 2.17
C1 IDS A . -2.64 -18.30 4.75
C2 IDS A . -3.74 -17.60 5.57
C3 IDS A . -3.13 -16.52 6.49
C4 IDS A . -2.06 -17.14 7.40
C5 IDS A . -1.53 -18.46 6.81
C6 IDS A . -0.21 -18.93 7.42
O2 IDS A . -4.64 -16.97 4.69
O3 IDS A . -4.14 -15.95 7.27
O4 IDS A . -0.98 -16.22 7.49
O5 IDS A . -1.41 -18.32 5.41
O6A IDS A . 0.10 -18.60 8.54
O6B IDS A . 0.55 -19.65 6.81
S IDS A . -6.20 -17.01 4.70
O1S IDS A . -6.56 -17.07 3.30
O2S IDS A . -6.60 -18.20 5.41
O3S IDS A . -6.62 -15.80 5.33
C1 SGN A . -0.58 -15.85 8.78
C2 SGN A . 0.23 -14.53 8.72
C3 SGN A . 1.56 -14.76 7.99
C4 SGN A . 2.31 -15.93 8.66
C5 SGN A . 1.39 -17.16 8.69
C6 SGN A . 1.99 -18.40 9.38
N2 SGN A . -0.56 -13.50 8.06
O3 SGN A . 2.36 -13.61 8.10
O4 SGN A . 3.45 -16.19 7.85
O5 SGN A . 0.19 -16.85 9.38
O6 SGN A . 2.66 -17.98 10.55
S1 SGN A . -1.40 -12.43 8.98
O1S SGN A . -2.50 -13.13 9.58
O2S SGN A . -0.47 -11.92 9.94
O3S SGN A . -1.85 -11.43 8.06
S2 SGN A . 3.85 -18.69 11.25
O4S SGN A . 4.67 -19.26 10.23
O5S SGN A . 4.52 -17.63 11.96
O6S SGN A . 3.29 -19.66 12.13
C1 IDS A . 4.64 -15.54 8.20
C2 IDS A . 5.38 -15.19 6.90
C3 IDS A . 6.31 -14.00 7.12
C4 IDS A . 5.51 -12.78 7.63
C5 IDS A . 4.19 -13.24 8.29
C6 IDS A . 3.54 -12.19 9.17
O2 IDS A . 6.18 -16.31 6.53
O3 IDS A . 6.93 -13.65 5.91
O4 IDS A . 6.30 -12.13 8.62
O5 IDS A . 4.43 -14.42 9.01
O6A IDS A . 3.98 -11.06 9.22
O6B IDS A . 2.56 -12.44 9.84
S IDS A . 6.40 -16.90 5.09
O1S IDS A . 7.12 -18.11 5.33
O2S IDS A . 5.12 -17.12 4.51
O3S IDS A . 7.18 -15.91 4.39
C1 SGN A . 7.65 -11.92 8.32
C2 SGN A . 8.53 -12.93 9.07
C3 SGN A . 8.46 -12.67 10.58
C4 SGN A . 8.83 -11.20 10.86
C5 SGN A . 7.91 -10.30 10.02
C6 SGN A . 8.19 -8.80 10.15
N2 SGN A . 8.09 -14.29 8.75
O3 SGN A . 9.40 -13.49 11.24
O4 SGN A . 8.60 -10.97 12.24
O5 SGN A . 8.03 -10.61 8.64
O6 SGN A . 9.54 -8.56 9.82
S1 SGN A . 8.63 -14.99 7.37
O1S SGN A . 9.35 -14.00 6.62
O2S SGN A . 9.44 -16.10 7.78
O3S SGN A . 7.44 -15.41 6.69
S2 SGN A . 10.22 -7.18 9.58
O4S SGN A . 9.60 -6.23 10.46
O5S SGN A . 11.61 -7.41 9.93
O6S SGN A . 10.05 -6.88 8.19
C1 IDS A . 9.22 -9.85 12.81
C2 IDS A . 8.92 -9.86 14.32
C3 IDS A . 10.01 -9.10 15.09
C4 IDS A . 11.39 -9.71 14.81
C5 IDS A . 11.38 -10.49 13.48
C6 IDS A . 12.77 -10.79 12.93
O2 IDS A . 7.68 -9.20 14.52
O3 IDS A . 9.74 -9.17 16.47
O4 IDS A . 12.31 -8.64 14.69
O5 IDS A . 10.60 -9.80 12.54
O6A IDS A . 13.61 -11.31 13.62
O6B IDS A . 13.06 -10.53 11.79
S IDS A . 6.58 -9.53 15.58
O1S IDS A . 5.62 -8.47 15.43
O2S IDS A . 6.04 -10.81 15.26
O3S IDS A . 7.24 -9.50 16.85
C1 SGN A . 12.60 -7.92 15.85
C2 SGN A . 12.34 -6.42 15.63
C3 SGN A . 13.34 -5.86 14.61
C4 SGN A . 14.77 -6.18 15.07
C5 SGN A . 14.89 -7.69 15.30
C6 SGN A . 16.25 -8.16 15.82
N2 SGN A . 10.96 -6.23 15.19
O3 SGN A . 13.20 -4.45 14.55
O4 SGN A . 15.65 -5.77 14.03
O5 SGN A . 13.93 -8.11 16.25
O6 SGN A . 16.32 -7.92 17.20
S1 SGN A . 9.77 -6.15 16.31
O1S SGN A . 10.09 -7.07 17.35
O2S SGN A . 9.72 -4.79 16.74
O3S SGN A . 8.58 -6.55 15.60
S2 SGN A . 16.95 -8.84 18.30
O4S SGN A . 18.18 -9.34 17.78
O5S SGN A . 17.15 -7.96 19.42
O6S SGN A . 15.98 -9.86 18.57
C1 IDS A . 17.02 -5.77 14.30
C2 IDS A . 17.63 -4.50 13.70
C3 IDS A . 18.91 -4.11 14.45
C4 IDS A . 18.62 -3.91 15.95
C5 IDS A . 17.34 -4.66 16.35
C6 IDS A . 17.19 -4.87 17.85
O2 IDS A . 17.96 -4.76 12.35
O3 IDS A . 19.42 -2.91 13.91
O4 IDS A . 19.71 -4.46 16.67
O5 IDS A . 17.30 -5.91 15.68
O6A IDS A . 18.00 -4.41 18.62
O6B IDS A . 16.26 -5.48 18.32
S IDS A . 17.18 -4.36 11.06
O1S IDS A . 17.66 -5.27 10.06
O2S IDS A . 15.78 -4.53 11.33
O3S IDS A . 17.55 -3.00 10.79
C1 SGN A . 20.51 -3.57 17.38
C2 SGN A . 21.74 -4.29 17.97
C3 SGN A . 21.28 -5.28 19.05
C4 SGN A . 20.44 -4.55 20.10
C5 SGN A . 19.28 -3.84 19.38
C6 SGN A . 18.35 -3.01 20.29
N2 SGN A . 22.47 -4.96 16.90
O3 SGN A . 22.43 -5.80 19.70
O4 SGN A . 19.92 -5.53 20.98
O5 SGN A . 19.79 -2.95 18.40
O6 SGN A . 19.16 -2.27 21.19
S1 SGN A . 24.10 -4.91 16.91
O1S SGN A . 24.52 -3.58 16.61
O2S SGN A . 24.50 -5.35 18.22
O3S SGN A . 24.51 -5.84 15.89
S2 SGN A . 18.73 -1.04 22.05
O4S SGN A . 17.44 -1.34 22.59
O5S SGN A . 19.74 -0.96 23.07
O6S SGN A . 18.74 0.09 21.19
C1 IDS A . 20.57 -5.68 22.21
C2 IDS A . 19.62 -6.43 23.16
C3 IDS A . 20.40 -7.17 24.25
C4 IDS A . 21.41 -8.15 23.62
C5 IDS A . 21.72 -7.73 22.17
C6 IDS A . 22.99 -8.37 21.60
O2 IDS A . 18.78 -5.48 23.79
O3 IDS A . 19.52 -7.89 25.07
O4 IDS A . 22.61 -8.08 24.37
O5 IDS A . 21.81 -6.33 22.10
O6A IDS A . 23.65 -9.12 22.27
O6B IDS A . 23.35 -8.17 20.47
S IDS A . 17.62 -4.65 23.16
O1S IDS A . 17.52 -3.48 24.00
O2S IDS A . 17.99 -4.33 21.82
O3S IDS A . 16.45 -5.48 23.25
C1 SGN A . 22.62 -8.75 25.61
C2 SGN A . 22.22 -7.77 26.73
C3 SGN A . 23.32 -6.71 26.91
C4 SGN A . 24.67 -7.39 27.11
C5 SGN A . 24.93 -8.36 25.95
C6 SGN A . 26.22 -9.17 26.04
N2 SGN A . 20.94 -7.17 26.44
O3 SGN A . 23.03 -5.93 28.05
O4 SGN A . 25.67 -6.37 27.12
O5 SGN A . 23.87 -9.31 25.86
O6 SGN A . 26.02 -10.25 26.94
S1 SGN A . 19.84 -7.02 27.64
O1S SGN A . 19.59 -8.32 28.19
O2S SGN A . 20.40 -6.10 28.58
O3S SGN A . 18.66 -6.48 27.00
S2 SGN A . 26.98 -10.72 28.07
O4S SGN A . 27.83 -9.62 28.41
O5S SGN A . 26.09 -11.07 29.14
O6S SGN A . 27.70 -11.85 27.55
C1 IDS A . 26.03 -5.85 28.36
C2 IDS A . 26.82 -4.55 28.11
C3 IDS A . 26.72 -3.62 29.32
C4 IDS A . 25.26 -3.31 29.65
C5 IDS A . 24.33 -4.40 29.06
C6 IDS A . 22.93 -4.40 29.66
O2 IDS A . 28.18 -4.88 27.91
O3 IDS A . 27.40 -2.41 29.04
O4 IDS A . 25.11 -3.32 31.06
O5 IDS A . 24.94 -5.66 29.22
O6A IDS A . 22.53 -3.47 30.31
O6B IDS A . 22.18 -5.34 29.51
S IDS A . 28.89 -5.30 26.58
O1S IDS A . 30.14 -5.87 27.01
O2S IDS A . 28.06 -6.26 25.92
O3S IDS A . 29.06 -4.09 25.84
C1 SGN A . 25.28 -2.09 31.72
C2 SGN A . 25.90 -2.30 33.11
C3 SGN A . 24.92 -3.06 34.01
C4 SGN A . 23.58 -2.30 34.05
C5 SGN A . 23.08 -2.12 32.60
C6 SGN A . 21.77 -1.33 32.46
N2 SGN A . 27.16 -3.04 32.97
O3 SGN A . 25.43 -3.10 35.33
O4 SGN A . 22.66 -3.12 34.77
O5 SGN A . 24.06 -1.43 31.84
O6 SGN A . 22.08 0.03 32.29
S1 SGN A . 28.52 -2.40 33.63
O1S SGN A . 28.46 -0.98 33.49
O2S SGN A . 28.55 -2.85 34.99
O3S SGN A . 29.59 -2.96 32.85
S2 SGN A . 21.11 1.23 32.39
O4S SGN A . 20.35 1.09 33.60
O5S SGN A . 21.97 2.38 32.43
O6S SGN A . 20.30 1.20 31.21
C1 IDS A . 21.88 -2.49 35.75
C2 IDS A . 21.37 -3.57 36.71
C3 IDS A . 21.07 -2.97 38.08
C4 IDS A . 22.32 -2.28 38.65
C5 IDS A . 23.30 -1.92 37.52
C6 IDS A . 24.36 -0.90 37.93
O2 IDS A . 20.17 -4.09 36.18
O3 IDS A . 20.66 -3.98 38.97
O4 IDS A . 21.91 -1.08 39.29
O5 IDS A . 22.57 -1.46 36.41
O6A IDS A . 24.84 -0.91 39.04
O6B IDS A . 24.76 -0.06 37.16
S IDS A . 19.87 -5.56 35.73
O1S IDS A . 19.40 -5.43 34.39
O2S IDS A . 21.09 -6.31 35.83
O3S IDS A . 18.85 -6.04 36.63
C1 SGN A . 20.73 -1.13 40.04
C2 SGN A . 19.52 -0.79 39.18
C3 SGN A . 19.58 0.69 38.75
C4 SGN A . 19.73 1.58 39.99
C5 SGN A . 20.95 1.10 40.79
C6 SGN A . 21.20 1.86 42.10
N2 SGN A . 19.48 -1.68 38.02
O3 SGN A . 18.38 1.03 38.09
O4 SGN A . 19.94 2.91 39.52
O5 SGN A . 20.80 -0.26 41.14
O6 SGN A . 20.08 1.69 42.94
S1 SGN A . 18.80 -3.16 38.19
O1S SGN A . 19.66 -3.96 39.01
O2S SGN A . 17.51 -2.94 38.77
O3S SGN A . 18.71 -3.68 36.85
S2 SGN A . 19.74 2.49 44.24
O4S SGN A . 20.33 3.79 44.10
O5S SGN A . 18.31 2.54 44.25
O6S SGN A . 20.28 1.73 45.33
C1 IDS A . 18.96 3.85 39.85
C2 IDS A . 18.87 4.86 38.69
C3 IDS A . 17.50 5.51 38.66
C4 IDS A . 16.39 4.45 38.53
C5 IDS A . 16.91 3.08 39.02
C6 IDS A . 15.80 2.07 39.32
O2 IDS A . 19.85 5.87 38.91
O3 IDS A . 17.41 6.39 37.56
O4 IDS A . 15.31 4.85 39.37
O5 IDS A . 17.72 3.28 40.16
O6A IDS A . 14.64 2.36 39.14
O6B IDS A . 16.05 0.96 39.73
S IDS A . 21.39 5.74 38.87
O1S IDS A . 21.84 6.52 39.99
O2S IDS A . 21.73 4.35 39.01
O3S IDS A . 21.80 6.30 37.60
C1 SGN A . 14.78 6.12 39.15
C2 SGN A . 13.78 6.48 40.26
C3 SGN A . 12.55 5.57 40.18
C4 SGN A . 11.95 5.64 38.77
C5 SGN A . 13.05 5.29 37.76
C6 SGN A . 12.63 5.38 36.28
N2 SGN A . 14.44 6.37 41.57
O3 SGN A . 11.57 6.01 41.10
O4 SGN A . 10.92 4.66 38.71
O5 SGN A . 14.15 6.18 37.91
O6 SGN A . 11.58 6.32 36.16
S1 SGN A . 14.79 7.73 42.39
O1S SGN A . 16.08 8.19 41.97
O2S SGN A . 13.74 8.65 42.10
O3S SGN A . 14.79 7.33 43.77
S2 SGN A . 10.56 6.47 34.99
O4S SGN A . 10.68 5.29 34.17
O5S SGN A . 9.29 6.56 35.64
O6S SGN A . 10.91 7.68 34.30
C1 IDS A . 9.63 5.08 39.05
C2 IDS A . 8.79 3.82 39.34
C3 IDS A . 7.64 4.15 40.30
C4 IDS A . 8.18 4.74 41.61
C5 IDS A . 9.59 5.34 41.39
C6 IDS A . 10.04 6.29 42.49
O2 IDS A . 8.23 3.38 38.12
O3 IDS A . 6.92 2.98 40.58
O5 IDS A . 9.62 5.97 40.14
O6A IDS A . 10.31 5.87 43.60
O6B IDS A . 10.13 7.48 42.31
S IDS A . 8.93 2.56 36.99
O1S IDS A . 8.03 2.68 35.87
O2S IDS A . 10.20 3.16 36.72
O3S IDS A . 9.03 1.22 37.48
C1 SGN A . -33.75 11.84 -48.79
C2 SGN A . -32.92 10.56 -48.69
C3 SGN A . -32.41 10.36 -47.25
C4 SGN A . -31.66 11.62 -46.80
C5 SGN A . -32.58 12.84 -46.99
C6 SGN A . -31.94 14.20 -46.63
N2 SGN A . -33.73 9.42 -49.12
O1 SGN A . -34.93 11.71 -48.04
O3 SGN A . -31.51 9.28 -47.22
O4 SGN A . -31.33 11.45 -45.43
O5 SGN A . -33.00 12.93 -48.34
O6 SGN A . -30.54 14.02 -46.55
S1 SGN A . -33.90 9.14 -50.72
O1S SGN A . -34.40 10.32 -51.33
O2S SGN A . -32.60 8.76 -51.20
O3S SGN A . -34.84 8.06 -50.81
S2 SGN A . -29.45 15.07 -46.94
O4S SGN A . -30.07 16.36 -46.97
O5S SGN A . -28.49 14.97 -45.87
O6S SGN A . -28.92 14.66 -48.21
C1 IDS A . -30.58 12.46 -44.82
C2 IDS A . -31.06 12.58 -43.36
C3 IDS A . -29.93 13.16 -42.49
C4 IDS A . -28.67 12.29 -42.58
C5 IDS A . -28.69 11.46 -43.88
C6 IDS A . -27.32 10.88 -44.26
O2 IDS A . -32.16 13.47 -43.31
O3 IDS A . -30.36 13.20 -41.14
O4 IDS A . -27.55 13.15 -42.62
O5 IDS A . -29.20 12.25 -44.93
O6A IDS A . -26.49 10.65 -43.41
O6B IDS A . -27.04 10.64 -45.42
S IDS A . -33.66 13.12 -43.11
O1S IDS A . -34.36 14.10 -43.89
O2S IDS A . -33.88 11.79 -43.58
O3S IDS A . -33.90 13.27 -41.70
C1 SGN A . -26.71 13.16 -41.50
C2 SGN A . -26.85 14.47 -40.71
C3 SGN A . -26.32 15.64 -41.54
C4 SGN A . -24.88 15.34 -41.99
C5 SGN A . -24.87 13.99 -42.73
C6 SGN A . -23.47 13.52 -43.18
N2 SGN A . -28.26 14.66 -40.35
O3 SGN A . -26.31 16.81 -40.74
O4 SGN A . -24.50 16.39 -42.87
O5 SGN A . -25.37 12.97 -41.88
O6 SGN A . -22.89 12.76 -42.15
S1 SGN A . -28.99 13.56 -39.38
O1S SGN A . -28.23 12.34 -39.45
O2S SGN A . -29.02 14.14 -38.07
O3S SGN A . -30.29 13.40 -39.94
S2 SGN A . -21.52 12.01 -42.18
O4S SGN A . -20.52 12.98 -42.52
O5S SGN A . -21.36 11.52 -40.85
O6S SGN A . -21.65 10.97 -43.16
C1 IDS A . -23.16 16.43 -43.25
C2 IDS A . -22.75 17.91 -43.36
C3 IDS A . -21.24 18.08 -43.15
C4 IDS A . -20.82 17.51 -41.78
C5 IDS A . -21.86 16.49 -41.29
C6 IDS A . -21.36 15.59 -40.16
O2 IDS A . -23.06 18.36 -44.67
O3 IDS A . -20.90 19.45 -43.20
O4 IDS A . -19.58 16.84 -41.95
O5 IDS A . -22.31 15.72 -42.38
O6A IDS A . -20.45 15.95 -39.45
O6B IDS A . -21.85 14.50 -39.96
S IDS A . -24.44 18.87 -45.21
O1S IDS A . -24.09 19.80 -46.24
O2S IDS A . -25.16 17.74 -45.71
O3S IDS A . -25.09 19.51 -44.10
C1 SGN A . -18.46 17.42 -41.35
C2 SGN A . -17.25 17.38 -42.30
C3 SGN A . -16.81 15.93 -42.54
C4 SGN A . -16.56 15.24 -41.18
C5 SGN A . -17.83 15.39 -40.32
C6 SGN A . -17.70 14.80 -38.91
N2 SGN A . -17.60 18.04 -43.56
O3 SGN A . -15.61 15.92 -43.26
O4 SGN A . -16.30 13.88 -41.46
O5 SGN A . -18.14 16.76 -40.15
O6 SGN A . -17.34 15.83 -38.01
S1 SGN A . -16.88 19.46 -43.93
O1S SGN A . -17.50 20.50 -43.17
O2S SGN A . -15.49 19.28 -43.63
O3S SGN A . -17.12 19.62 -45.34
S2 SGN A . -16.53 15.70 -36.68
O4S SGN A . -15.17 15.99 -36.98
O5S SGN A . -17.13 16.68 -35.81
O6S SGN A . -16.75 14.35 -36.22
C1 IDS A . -15.35 13.24 -40.65
C2 IDS A . -14.89 11.96 -41.39
C3 IDS A . -13.48 11.56 -40.95
C4 IDS A . -12.49 12.72 -41.20
C5 IDS A . -13.23 14.06 -41.29
C6 IDS A . -12.34 15.28 -41.12
O2 IDS A . -15.78 10.91 -41.06
O3 IDS A . -13.06 10.44 -41.68
O4 IDS A . -11.60 12.77 -40.10
O5 IDS A . -14.27 14.07 -40.32
O6A IDS A . -11.62 15.64 -42.02
O6B IDS A . -12.32 15.92 -40.09
S IDS A . -17.31 10.82 -41.34
O1S IDS A . -17.67 9.50 -40.87
O2S IDS A . -17.96 11.86 -40.59
O3S IDS A . -17.45 10.96 -42.76
C1 SGN A . -10.74 11.68 -39.92
C2 SGN A . -11.23 10.78 -38.77
C3 SGN A . -11.11 11.53 -37.43
C4 SGN A . -9.67 12.04 -37.26
C5 SGN A . -9.29 12.88 -38.49
C6 SGN A . -7.85 13.42 -38.50
N2 SGN A . -12.61 10.37 -39.02
O3 SGN A . -11.39 10.65 -36.38
O4 SGN A . -9.65 12.85 -36.10
O5 SGN A . -9.43 12.11 -39.67
O6 SGN A . -6.97 12.35 -38.23
S1 SGN A . -12.92 8.78 -39.27
O1S SGN A . -11.77 8.19 -39.87
O2S SGN A . -13.25 8.24 -37.99
O3S SGN A . -14.04 8.77 -40.17
S2 SGN A . -5.41 12.37 -38.26
O4S SGN A . -4.98 13.62 -37.70
O5S SGN A . -5.02 11.25 -37.45
O6S SGN A . -5.04 12.22 -39.63
C1 IDS A . -8.94 12.36 -34.99
C2 IDS A . -8.82 13.50 -33.97
C3 IDS A . -8.65 12.94 -32.56
C4 IDS A . -9.82 12.01 -32.20
C5 IDS A . -10.50 11.49 -33.47
C6 IDS A . -11.39 10.26 -33.25
O2 IDS A . -7.67 14.27 -34.28
O3 IDS A . -8.59 13.99 -31.62
O4 IDS A . -9.30 10.89 -31.48
O5 IDS A . -9.52 11.21 -34.45
O6A IDS A . -11.88 10.05 -32.16
O6B IDS A . -11.65 9.49 -34.14
S IDS A . -7.51 15.81 -34.24
O1S IDS A . -6.08 16.01 -34.28
O2S IDS A . -8.17 16.37 -35.38
O3S IDS A . -8.08 16.23 -32.99
C1 SGN A . -9.29 10.98 -30.09
C2 SGN A . -8.25 10.02 -29.49
C3 SGN A . -8.69 8.56 -29.75
C4 SGN A . -10.11 8.34 -29.23
C5 SGN A . -11.03 9.40 -29.86
C6 SGN A . -12.50 9.35 -29.39
N2 SGN A . -6.94 10.29 -30.06
O3 SGN A . -7.82 7.69 -29.06
O4 SGN A . -10.51 7.04 -29.63
O5 SGN A . -10.56 10.70 -29.57
O6 SGN A . -12.62 10.13 -28.22
S1 SGN A . -5.63 10.30 -29.08
O1S SGN A . -6.10 10.24 -27.72
O2S SGN A . -4.84 9.16 -29.46
O3S SGN A . -4.98 11.54 -29.36
S2 SGN A . -13.40 9.77 -26.92
O4S SGN A . -13.50 8.34 -26.87
O5S SGN A . -12.58 10.30 -25.86
O6S SGN A . -14.67 10.42 -27.01
C1 IDS A . -10.95 6.18 -28.62
C2 IDS A . -10.59 4.74 -29.04
C3 IDS A . -10.43 3.84 -27.82
C4 IDS A . -9.37 4.40 -26.87
C5 IDS A . -9.17 5.91 -27.10
C6 IDS A . -8.46 6.62 -25.96
O2 IDS A . -11.64 4.24 -29.85
O3 IDS A . -10.06 2.54 -28.22
O4 IDS A . -9.84 4.21 -25.54
O5 IDS A . -10.42 6.50 -27.36
O6A IDS A . -7.32 6.34 -25.66
O6B IDS A . -9.00 7.50 -25.33
S IDS A . -11.61 3.87 -31.37
O1S IDS A . -12.60 2.85 -31.50
O2S IDS A . -11.96 5.05 -32.10
O3S IDS A . -10.29 3.41 -31.63
C1 SGN A . -10.09 2.90 -25.12
C2 SGN A . -11.60 2.68 -24.88
C3 SGN A . -12.06 3.51 -23.68
C4 SGN A . -11.18 3.18 -22.46
C5 SGN A . -9.71 3.39 -22.85
C6 SGN A . -8.70 3.05 -21.74
N2 SGN A . -12.34 3.04 -26.10
O3 SGN A . -13.39 3.17 -23.38
O4 SGN A . -11.55 4.08 -21.43
O5 SGN A . -9.38 2.59 -23.96
O6 SGN A . -8.39 1.68 -21.83
S1 SGN A . -12.86 1.84 -27.09
O1S SGN A . -11.73 1.03 -27.43
O2S SGN A . -13.87 1.13 -26.35
O3S SGN A . -13.39 2.52 -28.23
S2 SGN A . -7.80 0.77 -20.71
O4S SGN A . -8.05 1.43 -19.45
O5S SGN A . -8.54 -0.46 -20.83
O6S SGN A . -6.41 0.60 -21.00
C1 IDS A . -10.91 3.94 -20.20
C2 IDS A . -10.53 5.34 -19.70
C3 IDS A . -10.40 5.36 -18.18
C4 IDS A . -11.72 4.87 -17.51
C5 IDS A . -12.54 4.03 -18.52
C6 IDS A . -13.62 3.19 -17.86
O2 IDS A . -9.28 5.70 -20.25
O3 IDS A . -10.13 6.66 -17.73
O4 IDS A . -11.36 4.05 -16.41
O5 IDS A . -11.65 3.22 -19.27
O6A IDS A . -14.57 3.70 -17.32
O6B IDS A . -13.57 1.98 -17.86
S IDS A . -8.99 6.60 -21.49
O1S IDS A . -7.56 6.61 -21.59
O2S IDS A . -9.61 5.98 -22.64
O3S IDS A . -9.53 7.88 -21.18
C1 SGN A . -10.51 4.61 -15.45
C2 SGN A . -9.27 3.74 -15.28
C3 SGN A . -9.65 2.39 -14.66
C4 SGN A . -10.42 2.62 -13.36
C5 SGN A . -11.63 3.53 -13.67
C6 SGN A . -12.48 3.89 -12.44
N2 SGN A . -8.60 3.57 -16.58
O3 SGN A . -8.47 1.66 -14.35
O4 SGN A . -10.87 1.35 -12.92
O5 SGN A . -11.17 4.75 -14.23
O6 SGN A . -11.73 3.65 -11.28
S1 SGN A . -7.07 4.10 -16.75
O1S SGN A . -6.76 4.98 -15.65
O2S SGN A . -6.24 2.93 -16.78
O3S SGN A . -7.07 4.81 -18.00
S2 SGN A . -12.16 3.92 -9.79
O4S SGN A . -12.61 2.68 -9.24
O5S SGN A . -10.96 4.40 -9.17
O6S SGN A . -13.18 4.91 -9.85
C1 IDS A . -10.39 0.89 -11.69
C2 IDS A . -10.83 -0.58 -11.53
C3 IDS A . -9.87 -1.31 -10.59
C4 IDS A . -8.42 -1.24 -11.12
C5 IDS A . -8.27 -0.04 -12.07
C6 IDS A . -6.82 0.37 -12.30
O2 IDS A . -12.12 -0.61 -10.96
O3 IDS A . -10.24 -2.68 -10.50
O4 IDS A . -7.57 -1.04 -10.00
O5 IDS A . -9.01 1.05 -11.55
O6A IDS A . -5.91 -0.33 -11.94
O6B IDS A . -6.54 1.40 -12.88
S IDS A . -13.48 -0.27 -11.63
O1S IDS A . -14.43 -1.14 -10.98
O2S IDS A . -13.75 1.12 -11.39
O3S IDS A . -13.31 -0.58 -13.02
C1 SGN A . -7.15 -2.18 -9.31
C2 SGN A . -6.95 -1.87 -7.81
C3 SGN A . -5.77 -0.92 -7.64
C4 SGN A . -4.53 -1.51 -8.32
C5 SGN A . -4.87 -1.81 -9.79
C6 SGN A . -3.74 -2.45 -10.60
N2 SGN A . -8.19 -1.31 -7.26
O3 SGN A . -5.49 -0.77 -6.25
O4 SGN A . -3.51 -0.52 -8.25
O5 SGN A . -5.97 -2.70 -9.85
O6 SGN A . -3.10 -3.43 -9.79
S1 SGN A . -8.80 -1.96 -5.89
O1S SGN A . -9.26 -3.27 -6.19
O2S SGN A . -7.74 -1.92 -4.93
O3S SGN A . -9.90 -1.08 -5.54
S2 SGN A . -1.59 -3.77 -9.74
O4S SGN A . -0.91 -2.67 -9.13
O5S SGN A . -1.52 -4.96 -8.93
O6S SGN A . -1.18 -4.01 -11.10
C1 IDS A . -2.59 -0.62 -7.20
C2 IDS A . -1.89 0.75 -7.06
C3 IDS A . -1.38 0.94 -5.63
C4 IDS A . -2.53 0.82 -4.62
C5 IDS A . -3.70 0.02 -5.23
C6 IDS A . -4.70 -0.50 -4.20
O2 IDS A . -0.78 0.77 -7.94
O3 IDS A . -0.78 2.21 -5.51
O4 IDS A . -2.05 0.11 -3.49
O5 IDS A . -3.19 -1.04 -6.01
O6A IDS A . -4.91 0.12 -3.18
O6B IDS A . -5.32 -1.52 -4.38
S IDS A . -0.68 1.40 -9.36
O1S IDS A . 0.72 1.59 -9.57
O2S IDS A . -1.26 0.46 -10.29
O3S IDS A . -1.42 2.63 -9.29
C1 SGN A . -1.68 0.85 -2.37
C2 SGN A . -0.50 0.19 -1.63
C3 SGN A . -0.96 -1.14 -1.02
C4 SGN A . -2.19 -0.90 -0.14
C5 SGN A . -3.28 -0.20 -0.98
C6 SGN A . -4.56 0.16 -0.22
N2 SGN A . 0.61 -0.01 -2.57
O3 SGN A . 0.07 -1.66 -0.20
O4 SGN A . -2.66 -2.18 0.28
O5 SGN A . -2.77 1.01 -1.51
O6 SGN A . -4.28 0.15 1.17
S1 SGN A . 2.09 0.53 -2.14
O1S SGN A . 1.92 1.74 -1.38
O2S SGN A . 2.70 -0.52 -1.39
O3S SGN A . 2.76 0.77 -3.39
S2 SGN A . -5.20 0.66 2.32
O4S SGN A . -6.29 -0.26 2.43
O5S SGN A . -4.35 0.63 3.48
O6S SGN A . -5.60 1.99 1.96
C1 IDS A . -3.02 -2.32 1.62
C2 IDS A . -3.05 -3.82 1.95
C3 IDS A . -2.81 -4.05 3.44
C4 IDS A . -1.46 -3.43 3.88
C5 IDS A . -1.04 -2.33 2.89
C6 IDS A . 0.03 -1.38 3.43
O2 IDS A . -4.33 -4.33 1.63
O3 IDS A . -2.78 -5.44 3.72
O4 IDS A . -1.66 -2.83 5.15
O5 IDS A . -2.18 -1.61 2.49
O6A IDS A . 1.13 -1.81 3.71
O6B IDS A . -0.18 -0.20 3.59
S IDS A . -4.74 -5.20 0.40
O1S IDS A . -6.09 -4.80 0.11
O2S IDS A . -3.85 -4.89 -0.68
O3S IDS A . -4.65 -6.56 0.84
C1 SGN A . -1.90 -3.70 6.23
C2 SGN A . -3.33 -3.48 6.77
C3 SGN A . -3.45 -2.09 7.41
C4 SGN A . -2.35 -1.92 8.47
C5 SGN A . -0.99 -2.20 7.80
C6 SGN A . 0.22 -2.13 8.75
N2 SGN A . -4.29 -3.65 5.68
O3 SGN A . -4.70 -1.98 8.05
O4 SGN A . -2.41 -0.57 8.92
O5 SGN A . -0.97 -3.51 7.24
O6 SGN A . 0.35 -3.36 9.42
S1 SGN A . -5.04 -5.10 5.51
O1S SGN A . -4.13 -6.12 5.93
O2S SGN A . -6.23 -5.04 6.32
O3S SGN A . -5.33 -5.19 4.11
S2 SGN A . 1.01 -3.62 10.81
O4S SGN A . 0.80 -2.46 11.62
O5S SGN A . 0.32 -4.77 11.32
O6S SGN A . 2.40 -3.89 10.55
C1 IDS A . -2.69 -0.37 10.27
C2 IDS A . -3.69 0.79 10.36
C3 IDS A . -4.52 0.70 11.65
C4 IDS A . -5.26 -0.65 11.71
C5 IDS A . -4.56 -1.70 10.81
C6 IDS A . -4.95 -3.13 11.11
O2 IDS A . -2.96 2.00 10.40
O3 IDS A . -5.46 1.74 11.69
O4 IDS A . -5.19 -1.12 13.05
O5 IDS A . -3.16 -1.53 10.90
O6A IDS A . -5.94 -3.62 10.62
O6B IDS A . -4.28 -3.84 11.83
S IDS A . -3.09 3.24 9.45
O1S IDS A . -2.35 4.28 10.11
O2S IDS A . -2.50 2.88 8.19
O3S IDS A . -4.49 3.52 9.37
C1 SGN A . -5.41 -0.18 14.06
C2 SGN A . -4.68 -0.58 15.36
C3 SGN A . -5.31 -1.85 15.93
C4 SGN A . -6.83 -1.64 16.11
C5 SGN A . -7.42 -1.20 14.76
C6 SGN A . -8.93 -0.88 14.80
N2 SGN A . -3.26 -0.77 15.07
O3 SGN A . -4.75 -2.12 17.19
O4 SGN A . -7.38 -2.89 16.50
O5 SGN A . -6.78 -0.01 14.31
O6 SGN A . -9.14 0.28 15.57
S1 SGN A . -2.16 -0.17 16.12
O1S SGN A . -1.78 1.13 15.67
O2S SGN A . -2.79 -0.17 17.41
O3S SGN A . -1.06 -1.10 16.06
S2 SGN A . -10.50 0.91 15.98
O4S SGN A . -11.33 -0.14 16.48
O5S SGN A . -10.15 1.86 17.01
O6S SGN A . -11.02 1.54 14.81
C1 IDS A . -7.57 -3.09 17.87
C2 IDS A . -7.39 -4.60 18.15
C3 IDS A . -6.97 -4.83 19.60
C4 IDS A . -5.67 -4.06 19.92
C5 IDS A . -5.48 -2.90 18.92
C6 IDS A . -4.47 -1.84 19.39
O2 IDS A . -8.63 -5.25 17.93
O3 IDS A . -6.74 -6.21 19.81
O4 IDS A . -5.79 -3.52 21.22
O5 IDS A . -6.74 -2.30 18.66
O6A IDS A . -3.92 -1.95 20.45
O6B IDS A . -4.21 -0.89 18.70
S IDS A . -9.06 -6.15 16.73
O1S IDS A . -10.43 -5.78 16.49
O2S IDS A . -8.20 -5.85 15.63
O3S IDS A . -8.93 -7.50 17.20
C1 SGN A . -5.69 -4.42 22.29
C2 SGN A . -6.02 -3.72 23.62
C3 SGN A . -4.94 -2.67 23.93
C4 SGN A . -3.56 -3.34 23.91
C5 SGN A . -3.38 -4.05 22.55
C6 SGN A . -2.06 -4.82 22.39
N2 SGN A . -7.34 -3.09 23.53
O3 SGN A . -5.16 -2.15 25.23
O4 SGN A . -2.59 -2.32 24.06
O5 SGN A . -4.42 -4.98 22.35
O6 SGN A . -2.20 -6.08 22.99
S1 SGN A . -8.65 -3.95 24.01
O1S SGN A . -8.53 -5.27 23.46
O2S SGN A . -8.64 -3.93 25.44
O3S SGN A . -9.77 -3.25 23.46
S2 SGN A . -1.68 -7.45 22.46
O4S SGN A . -0.32 -7.59 22.90
O5S SGN A . -2.55 -8.42 23.06
O6S SGN A . -1.82 -7.40 21.03
C1 IDS A . -1.62 -2.50 25.05
C2 IDS A . -1.35 -1.13 25.70
C3 IDS A . -0.83 -1.31 27.13
C4 IDS A . -1.82 -2.13 27.97
C5 IDS A . -2.73 -2.97 27.06
C6 IDS A . -3.46 -4.10 27.79
O2 IDS A . -0.37 -0.45 24.95
O3 IDS A . -0.65 -0.05 27.72
O4 IDS A . -1.06 -3.01 28.80
O5 IDS A . -1.97 -3.47 25.99
O6A IDS A . -3.48 -4.13 29.00
O6B IDS A . -4.02 -4.98 27.18
S IDS A . -0.47 0.09 23.48
O1S IDS A . 0.61 1.03 23.38
O2S IDS A . -0.32 -1.02 22.59
O3S IDS A . -1.76 0.72 23.40
C1 SGN A . -0.03 -2.45 29.54
C2 SGN A . 1.31 -2.55 28.79
C3 SGN A . 1.73 -4.02 28.67
C4 SGN A . 1.75 -4.66 30.07
C5 SGN A . 0.38 -4.46 30.72
C6 SGN A . 0.26 -5.00 32.16
N2 SGN A . 1.17 -1.92 27.48
O3 SGN A . 3.03 -4.09 28.13
O4 SGN A . 2.00 -6.05 29.88
O5 SGN A . 0.07 -3.07 30.78
O6 SGN A . 1.29 -4.44 32.94
S1 SGN A . 2.21 -0.72 27.07
O1S SGN A . 1.95 0.40 27.92
O2S SGN A . 3.52 -1.27 27.22
O3S SGN A . 1.90 -0.43 25.70
S2 SGN A . 1.22 -4.01 34.44
O4S SGN A . 0.27 -4.88 35.08
O5S SGN A . 2.56 -4.22 34.92
O6S SGN A . 0.84 -2.63 34.45
C1 IDS A . 3.33 -6.47 29.90
C2 IDS A . 3.35 -7.99 29.70
C3 IDS A . 4.69 -8.44 29.09
C4 IDS A . 4.95 -7.71 27.77
C5 IDS A . 4.14 -6.40 27.70
C6 IDS A . 4.63 -5.42 26.63
O2 IDS A . 3.20 -8.62 30.95
O3 IDS A . 4.66 -9.82 28.86
O4 IDS A . 6.33 -7.37 27.73
O5 IDS A . 4.13 -5.79 28.97
O6A IDS A . 5.47 -5.75 25.84
O6B IDS A . 4.17 -4.30 26.56
S IDS A . 1.95 -8.60 31.89
O1S IDS A . 2.52 -8.70 33.22
O2S IDS A . 1.26 -7.37 31.68
O3S IDS A . 1.19 -9.76 31.54
C1 SGN A . 7.24 -8.41 27.93
C2 SGN A . 8.32 -8.00 28.94
C3 SGN A . 9.20 -6.89 28.36
C4 SGN A . 9.76 -7.34 27.01
C5 SGN A . 8.60 -7.76 26.10
C6 SGN A . 9.00 -8.30 24.72
N2 SGN A . 7.67 -7.57 30.19
O3 SGN A . 10.27 -6.64 29.23
O4 SGN A . 10.43 -6.22 26.43
O5 SGN A . 7.85 -8.80 26.72
O6 SGN A . 9.74 -9.49 24.90
S1 SGN A . 7.73 -8.57 31.49
O1S SGN A . 7.98 -9.89 31.02
O2S SGN A . 8.78 -8.06 32.33
O3S SGN A . 6.44 -8.44 32.09
S2 SGN A . 9.93 -10.65 23.87
O4S SGN A . 10.22 -10.05 22.60
O5S SGN A . 11.04 -11.39 24.39
O6S SGN A . 8.71 -11.40 23.88
C1 IDS A . 11.79 -6.39 26.14
C2 IDS A . 12.36 -5.00 25.76
C3 IDS A . 13.86 -4.95 26.04
C4 IDS A . 14.17 -5.28 27.51
C5 IDS A . 13.00 -6.07 28.13
C6 IDS A . 13.36 -6.79 29.43
O2 IDS A . 12.15 -4.79 24.38
O3 IDS A . 14.36 -3.66 25.75
O4 IDS A . 15.33 -6.09 27.54
O5 IDS A . 12.51 -6.99 27.18
O6A IDS A . 13.82 -6.17 30.36
O6B IDS A . 13.19 -7.98 29.57
S IDS A . 11.52 -3.53 23.68
O1S IDS A . 11.17 -4.01 22.38
O2S IDS A . 10.38 -3.13 24.45
O3S IDS A . 12.57 -2.55 23.65
C1 SGN A . 16.55 -5.44 27.73
C2 SGN A . 17.54 -5.81 26.61
C3 SGN A . 17.92 -7.29 26.73
C4 SGN A . 18.45 -7.58 28.15
C5 SGN A . 17.38 -7.12 29.17
C6 SGN A . 17.79 -7.29 30.63
N2 SGN A . 16.94 -5.51 25.31
O3 SGN A . 18.95 -7.58 25.81
O4 SGN A . 18.64 -8.98 28.24
O5 SGN A . 17.10 -5.74 28.98
O6 SGN A . 18.48 -6.13 31.05
S1 SGN A . 17.41 -4.16 24.52
O1S SGN A . 17.45 -3.08 25.46
O2S SGN A . 18.69 -4.46 23.94
O3S SGN A . 16.39 -3.95 23.53
S2 SGN A . 18.47 -5.48 32.46
O4S SGN A . 18.48 -6.54 33.43
O5S SGN A . 19.68 -4.71 32.50
O6S SGN A . 17.29 -4.67 32.53
C1 IDS A . 19.94 -9.43 28.48
C2 IDS A . 19.97 -10.94 28.18
C3 IDS A . 21.39 -11.38 27.80
C4 IDS A . 21.90 -10.57 26.59
C5 IDS A . 21.13 -9.25 26.47
C6 IDS A . 21.81 -8.21 25.58
O2 IDS A . 19.59 -11.63 29.34
O3 IDS A . 21.40 -12.75 27.48
O4 IDS A . 23.27 -10.26 26.82
O5 IDS A . 20.90 -8.72 27.76
O6A IDS A . 21.96 -8.41 24.39
O6B IDS A . 22.21 -7.16 26.02
S IDS A . 18.77 -12.97 29.45
O1S IDS A . 18.44 -13.06 30.84
O2S IDS A . 17.60 -12.83 28.63
O3S IDS A . 19.66 -14.00 29.02
C1 SGN A . 24.18 -11.33 26.77
C2 SGN A . 24.75 -11.62 28.18
C3 SGN A . 25.62 -10.45 28.64
C4 SGN A . 26.70 -10.16 27.58
C5 SGN A . 26.00 -9.93 26.23
C6 SGN A . 26.95 -9.68 25.04
N2 SGN A . 23.65 -11.87 29.11
O3 SGN A . 26.28 -10.81 29.84
O4 SGN A . 27.37 -8.98 27.98
O5 SGN A . 25.22 -11.06 25.88
O6 SGN A . 27.48 -10.92 24.63
S1 SGN A . 22.87 -13.31 29.05
O1S SGN A . 22.90 -13.77 27.69
O2S SGN A . 23.55 -14.17 29.95
O3S SGN A . 21.53 -13.01 29.47
S2 SGN A . 27.98 -11.30 23.20
O4S SGN A . 28.76 -10.21 22.70
O5S SGN A . 28.76 -12.49 23.41
O6S SGN A . 26.80 -11.56 22.42
C1 IDS A . 28.71 -9.12 28.37
C2 IDS A . 29.12 -7.83 29.11
C3 IDS A . 30.27 -8.11 30.08
C4 IDS A . 29.88 -9.21 31.08
C5 IDS A . 28.74 -10.07 30.51
C6 IDS A . 28.55 -11.41 31.24
O2 IDS A . 29.56 -6.89 28.15
O3 IDS A . 30.59 -6.93 30.79
O4 IDS A . 31.01 -10.05 31.27
O5 IDS A . 28.94 -10.26 29.13
O6A IDS A . 29.19 -11.66 32.22
O6B IDS A . 27.76 -12.23 30.84
S IDS A . 29.38 -5.33 28.17
O1S IDS A . 30.32 -4.86 27.19
O2S IDS A . 28.03 -5.05 27.82
O3S IDS A . 29.72 -4.93 29.51
C1 SGN A . 31.91 -9.68 32.28
C2 SGN A . 33.36 -9.84 31.80
C3 SGN A . 33.68 -11.33 31.57
C4 SGN A . 33.36 -12.12 32.85
C5 SGN A . 31.90 -11.84 33.24
C6 SGN A . 31.44 -12.52 34.54
N2 SGN A . 33.55 -9.06 30.58
O3 SGN A . 35.06 -11.47 31.29
O4 SGN A . 33.53 -13.49 32.54
O5 SGN A . 31.70 -10.45 33.43
O6 SGN A . 32.58 -12.83 35.32
S1 SGN A . 33.87 -7.46 30.69
O1S SGN A . 33.12 -6.95 31.81
O2S SGN A . 35.29 -7.34 30.86
O3S SGN A . 33.41 -6.90 29.46
S2 SGN A . 32.69 -12.89 36.87
O4S SGN A . 31.41 -13.31 37.36
O5S SGN A . 33.70 -13.87 37.12
O6S SGN A . 33.06 -11.58 37.31
C1 IDS A . 34.02 -14.32 33.55
C2 IDS A . 35.03 -15.29 32.92
C3 IDS A . 36.04 -15.77 33.96
C4 IDS A . 36.77 -14.58 34.60
C5 IDS A . 35.94 -13.29 34.43
C6 IDS A . 36.37 -12.16 35.36
O2 IDS A . 34.32 -16.42 32.43
O3 IDS A . 36.99 -16.62 33.35
O4 IDS A . 36.91 -14.85 35.99
O5 IDS A . 34.58 -13.60 34.61
O6A IDS A . 37.51 -11.77 35.38
O6B IDS A . 35.58 -11.61 36.10
S IDS A . 34.27 -16.98 30.97
O1S IDS A . 32.92 -17.41 30.81
O2S IDS A . 34.62 -15.91 30.08
O3S IDS A . 35.20 -18.07 30.95
C1 SGN A . 37.92 -15.74 36.36
C2 SGN A . 37.35 -16.86 37.24
C3 SGN A . 36.89 -16.28 38.58
C4 SGN A . 38.04 -15.51 39.23
C5 SGN A . 38.55 -14.46 38.24
C6 SGN A . 39.75 -13.63 38.72
N2 SGN A . 36.26 -17.53 36.53
O3 SGN A . 36.53 -17.35 39.44
O4 SGN A . 37.51 -14.88 40.39
O5 SGN A . 38.96 -15.08 37.03
O6 SGN A . 40.93 -14.21 38.22
S1 SGN A . 36.61 -18.70 35.46
O1S SGN A . 36.73 -18.10 34.16
O2S SGN A . 37.82 -19.31 35.91
O3S SGN A . 35.49 -19.60 35.52
S2 SGN A . 42.26 -14.46 38.99
O4S SGN A . 42.18 -15.74 39.62
O5S SGN A . 43.27 -14.42 37.96
O6S SGN A . 42.40 -13.38 39.93
C1 IDS A . 38.26 -15.00 41.57
C2 IDS A . 38.22 -13.64 42.30
C3 IDS A . 38.43 -13.83 43.80
C4 IDS A . 37.36 -14.78 44.38
C5 IDS A . 36.77 -15.66 43.27
C6 IDS A . 36.03 -16.89 43.79
O2 IDS A . 39.28 -12.85 41.80
O3 IDS A . 38.34 -12.58 44.45
O5 IDS A . 37.81 -16.04 42.38
O6A IDS A . 34.88 -16.80 44.17
O6B IDS A . 36.55 -17.98 43.82
S IDS A . 39.25 -11.33 41.45
O1S IDS A . 40.53 -11.09 40.82
O2S IDS A . 38.16 -11.09 40.55
O3S IDS A . 39.12 -10.64 42.70
C1 SGN A . -30.51 21.93 -28.75
C2 SGN A . -29.15 22.49 -28.28
C3 SGN A . -28.57 23.44 -29.33
C4 SGN A . -28.51 22.73 -30.70
C5 SGN A . -29.92 22.20 -31.03
C6 SGN A . -30.02 21.41 -32.35
N2 SGN A . -29.31 23.14 -26.99
O1 SGN A . -31.46 22.96 -28.80
O3 SGN A . -27.26 23.80 -28.97
O4 SGN A . -28.13 23.70 -31.65
O5 SGN A . -30.36 21.33 -30.01
O6 SGN A . -28.78 20.78 -32.58
S1 SGN A . -28.22 22.84 -25.81
O1S SGN A . -28.74 21.80 -24.98
O2S SGN A . -27.00 22.51 -26.47
O3S SGN A . -28.12 24.09 -25.09
S2 SGN A . -28.04 20.61 -33.95
O4S SGN A . -27.17 21.74 -34.11
O5S SGN A . -27.31 19.39 -33.81
O6S SGN A . -29.07 20.55 -34.95
C1 IDS A . -27.96 23.27 -32.97
C2 IDS A . -27.54 24.48 -33.83
C3 IDS A . -26.76 24.03 -35.06
C4 IDS A . -25.52 23.21 -34.64
C5 IDS A . -25.71 22.63 -33.23
C6 IDS A . -24.74 21.50 -32.90
O2 IDS A . -28.72 25.13 -34.26
O3 IDS A . -26.34 25.16 -35.79
O4 IDS A . -25.38 22.14 -35.56
O5 IDS A . -27.05 22.21 -33.08
O6A IDS A . -23.57 21.59 -33.16
O6B IDS A . -25.12 20.49 -32.33
S IDS A . -29.75 25.94 -33.40
O1S IDS A . -30.33 26.87 -34.34
O2S IDS A . -30.71 25.01 -32.89
O3S IDS A . -28.99 26.59 -32.38
C1 SGN A . -24.14 21.99 -36.19
C2 SGN A . -24.33 21.44 -37.61
C3 SGN A . -24.85 20.00 -37.55
C4 SGN A . -23.94 19.15 -36.66
C5 SGN A . -23.81 19.82 -35.29
C6 SGN A . -22.86 19.12 -34.31
N2 SGN A . -25.23 22.32 -38.36
O3 SGN A . -24.85 19.45 -38.85
O4 SGN A . -24.55 17.87 -36.53
O5 SGN A . -23.31 21.15 -35.45
O6 SGN A . -21.55 19.18 -34.81
S1 SGN A . -24.88 23.90 -38.46
O1S SGN A . -25.57 24.58 -37.42
O2S SGN A . -23.45 24.01 -38.37
O3S SGN A . -25.36 24.30 -39.76
S2 SGN A . -20.22 18.95 -34.03
O4S SGN A . -20.42 17.80 -33.20
O5S SGN A . -19.24 18.72 -35.06
O6S SGN A . -19.96 20.15 -33.29
C1 IDS A . -23.71 16.76 -36.52
C2 IDS A . -24.41 15.64 -35.73
C3 IDS A . -23.91 14.26 -36.18
C4 IDS A . -24.13 14.08 -37.69
C5 IDS A . -24.25 15.44 -38.39
C6 IDS A . -24.06 15.38 -39.90
O2 IDS A . -24.11 15.80 -34.36
O3 IDS A . -24.61 13.26 -35.49
O4 IDS A . -22.99 13.41 -38.21
O5 IDS A . -23.34 16.34 -37.81
O6A IDS A . -24.17 14.33 -40.50
O6B IDS A . -23.81 16.38 -40.56
S IDS A . -25.02 15.54 -33.13
O1S IDS A . -24.10 15.30 -32.05
O2S IDS A . -25.83 16.71 -32.92
O3S IDS A . -25.80 14.38 -33.46
C1 SGN A . -22.50 12.32 -37.48
C2 SGN A . -21.24 12.72 -36.70
C3 SGN A . -20.09 13.02 -37.68
C4 SGN A . -19.89 11.82 -38.62
C5 SGN A . -21.23 11.50 -39.30
C6 SGN A . -21.20 10.29 -40.24
N2 SGN A . -21.53 13.87 -35.84
O3 SGN A . -18.90 13.21 -36.95
O4 SGN A . -18.93 12.22 -39.59
O5 SGN A . -22.23 11.24 -38.33
O6 SGN A . -20.16 9.43 -39.84
S1 SGN A . -22.56 13.67 -34.58
O1S SGN A . -23.79 13.16 -35.09
O2S SGN A . -21.91 12.79 -33.68
O3S SGN A . -22.71 15.00 -34.04
S2 SGN A . -20.11 7.87 -39.97
O4S SGN A . -20.15 7.56 -41.36
O5S SGN A . -18.85 7.52 -39.37
O6S SGN A . -21.24 7.37 -39.23
C1 IDS A . -17.63 11.73 -39.42
C2 IDS A . -17.11 11.30 -40.80
C3 IDS A . -15.58 11.36 -40.84
C4 IDS A . -15.09 12.78 -40.51
C5 IDS A . -16.16 13.54 -39.72
C6 IDS A . -15.63 14.78 -39.00
O2 IDS A . -17.50 9.95 -41.01
O3 IDS A . -15.12 11.00 -42.13
O4 IDS A . -13.93 12.65 -39.69
O5 IDS A . -16.78 12.67 -38.80
O6A IDS A . -14.48 15.12 -39.12
O6B IDS A . -16.35 15.46 -38.30
S IDS A . -18.95 9.36 -41.03
O1S IDS A . -18.76 7.97 -41.35
O2S IDS A . -19.51 9.55 -39.73
O3S IDS A . -19.65 10.07 -42.06
C1 SGN A . -12.97 11.71 -40.08
C2 SGN A . -13.03 10.47 -39.18
C3 SGN A . -12.60 10.84 -37.75
C4 SGN A . -11.21 11.50 -37.80
C5 SGN A . -11.27 12.69 -38.77
C6 SGN A . -9.95 13.44 -38.97
N2 SGN A . -14.39 9.92 -39.19
O3 SGN A . -12.50 9.66 -36.97
O4 SGN A . -10.93 11.96 -36.48
O5 SGN A . -11.69 12.26 -40.05
O6 SGN A . -9.33 12.95 -40.14
S1 SGN A . -14.72 8.64 -40.15
O1S SGN A . -14.76 9.11 -41.51
O2S SGN A . -13.68 7.69 -39.91
O3S SGN A . -16.00 8.17 -39.72
S2 SGN A . -7.81 12.68 -40.36
O4S SGN A . -7.25 12.31 -39.09
O5S SGN A . -7.78 11.59 -41.30
O6S SGN A . -7.26 13.89 -40.90
C1 IDS A . -9.68 11.61 -35.95
C2 IDS A . -9.14 12.83 -35.18
C3 IDS A . -8.16 12.38 -34.09
C4 IDS A . -8.83 11.40 -33.12
C5 IDS A . -10.05 10.73 -33.80
C6 IDS A . -10.53 9.46 -33.10
O2 IDS A . -8.44 13.66 -36.10
O3 IDS A . -7.72 13.52 -33.36
O4 IDS A . -7.89 10.40 -32.81
O5 IDS A . -9.74 10.46 -35.15
O6A IDS A . -11.06 9.53 -32.01
O6B IDS A . -10.41 8.38 -33.60
S IDS A . -9.04 14.56 -37.23
O1S IDS A . -7.90 15.28 -37.72
O2S IDS A . -9.61 13.69 -38.22
O3S IDS A . -10.00 15.40 -36.60
C1 SGN A . -7.29 10.46 -31.54
C2 SGN A . -6.16 9.42 -31.43
C3 SGN A . -6.76 8.00 -31.45
C4 SGN A . -7.84 7.88 -30.36
C5 SGN A . -8.87 8.99 -30.57
C6 SGN A . -10.00 9.04 -29.53
N2 SGN A . -5.20 9.62 -32.50
O3 SGN A . -5.73 7.07 -31.17
O4 SGN A . -8.45 6.61 -30.53
O5 SGN A . -8.24 10.26 -30.53
O6 SGN A . -9.43 9.38 -28.27
S1 SGN A . -3.65 9.97 -32.12
O1S SGN A . -3.54 11.38 -31.99
O2S SGN A . -3.37 9.26 -30.91
O3S SGN A . -2.89 9.48 -33.24
S2 SGN A . -9.94 8.94 -26.87
O4S SGN A . -10.60 7.68 -27.02
O5S SGN A . -8.75 8.83 -26.08
O6S SGN A . -10.81 9.99 -26.40
C1 IDS A . -8.98 6.00 -29.39
C2 IDS A . -9.97 4.92 -29.85
C3 IDS A . -10.10 3.83 -28.79
C4 IDS A . -8.74 3.21 -28.46
C5 IDS A . -7.60 4.17 -28.85
C6 IDS A . -6.26 3.83 -28.23
O2 IDS A . -11.23 5.52 -30.03
O3 IDS A . -10.98 2.82 -29.24
O4 IDS A . -8.67 2.99 -27.06
O5 IDS A . -7.99 5.49 -28.54
O6A IDS A . -5.96 2.69 -28.00
O6B IDS A . -5.45 4.69 -27.96
S IDS A . -11.74 6.37 -31.24
O1S IDS A . -13.17 6.36 -31.10
O2S IDS A . -11.18 7.69 -31.11
O3S IDS A . -11.28 5.68 -32.41
C1 SGN A . -9.62 2.13 -26.50
C2 SGN A . -9.95 2.54 -25.06
C3 SGN A . -8.73 2.32 -24.17
C4 SGN A . -8.24 0.87 -24.30
C5 SGN A . -8.00 0.57 -25.79
C6 SGN A . -7.56 -0.86 -26.10
N2 SGN A . -10.38 3.93 -25.04
O3 SGN A . -9.09 2.54 -22.81
O4 SGN A . -7.03 0.76 -23.58
O5 SGN A . -9.18 0.81 -26.53
O6 SGN A . -8.61 -1.74 -25.74
S1 SGN A . -11.84 4.32 -25.70
O1S SGN A . -11.62 4.67 -27.07
O2S SGN A . -12.67 3.18 -25.51
O3S SGN A . -12.29 5.46 -24.94
S2 SGN A . -8.65 -3.29 -25.92
O4S SGN A . -7.30 -3.77 -25.79
O5S SGN A . -9.49 -3.75 -24.84
O6S SGN A . -9.22 -3.53 -27.21
C1 IDS A . -6.96 -0.21 -22.58
C2 IDS A . -5.68 0.02 -21.77
C3 IDS A . -5.82 -0.55 -20.36
C4 IDS A . -7.03 0.06 -19.64
C5 IDS A . -8.03 0.64 -20.67
C6 IDS A . -9.43 0.90 -20.10
O2 IDS A . -4.61 -0.66 -22.42
O3 IDS A . -4.66 -0.28 -19.61
O4 IDS A . -7.68 -0.95 -18.91
O5 IDS A . -8.10 -0.24 -21.78
O6A IDS A . -9.58 1.10 -18.92
O6B IDS A . -10.40 0.92 -20.81
S IDS A . -3.46 -0.04 -23.28
O1S IDS A . -2.87 -1.18 -23.93
O2S IDS A . -4.06 0.87 -24.21
O3S IDS A . -2.58 0.59 -22.36
C1 SGN A . -7.05 -1.39 -17.74
C2 SGN A . -7.64 -2.72 -17.26
C3 SGN A . -9.11 -2.52 -16.82
C4 SGN A . -9.17 -1.40 -15.76
C5 SGN A . -8.51 -0.13 -16.35
C6 SGN A . -8.44 1.06 -15.39
N2 SGN A . -7.55 -3.71 -18.33
O3 SGN A . -9.58 -3.70 -16.23
O4 SGN A . -10.54 -1.15 -15.50
O5 SGN A . -7.17 -0.43 -16.72
O6 SGN A . -8.77 0.61 -14.08
S1 SGN A . -6.07 -4.26 -18.77
O1S SGN A . -5.61 -3.47 -19.87
O2S SGN A . -5.25 -4.15 -17.60
O3S SGN A . -6.30 -5.63 -19.15
S2 SGN A . -9.51 1.42 -12.97
O4S SGN A . -10.24 2.46 -13.61
O5S SGN A . -10.37 0.44 -12.35
O6S SGN A . -8.49 1.91 -12.08
C1 IDS A . -11.03 -1.53 -14.25
C2 IDS A . -12.53 -1.19 -14.22
C3 IDS A . -13.26 -2.10 -13.21
C4 IDS A . -13.05 -3.58 -13.56
C5 IDS A . -11.78 -3.74 -14.42
C6 IDS A . -11.26 -5.18 -14.47
O2 IDS A . -12.68 0.15 -13.80
O3 IDS A . -14.64 -1.81 -13.22
O4 IDS A . -12.85 -4.28 -12.34
O5 IDS A . -10.78 -2.87 -13.96
O6A IDS A . -11.99 -6.09 -14.81
O6B IDS A . -10.11 -5.45 -14.21
S IDS A . -13.07 1.40 -14.65
O1S IDS A . -12.75 2.52 -13.81
O2S IDS A . -12.28 1.36 -15.85
O3S IDS A . -14.47 1.27 -14.91
C1 SGN A . -13.83 -4.12 -11.36
C2 SGN A . -13.18 -3.99 -9.96
C3 SGN A . -12.51 -5.31 -9.58
C4 SGN A . -13.53 -6.45 -9.68
C5 SGN A . -14.12 -6.46 -11.09
C6 SGN A . -15.22 -7.52 -11.33
N2 SGN A . -12.23 -2.88 -9.98
O3 SGN A . -12.06 -5.23 -8.24
O4 SGN A . -12.82 -7.66 -9.44
O5 SGN A . -14.73 -5.20 -11.36
O6 SGN A . -16.00 -7.62 -10.17
S1 SGN A . -12.64 -1.47 -9.28
O1S SGN A . -13.16 -0.60 -10.29
O2S SGN A . -13.61 -1.79 -8.27
O3S SGN A . -11.42 -0.97 -8.72
S2 SGN A . -17.12 -8.68 -9.88
O4S SGN A . -16.72 -9.91 -10.49
O5S SGN A . -17.15 -8.76 -8.45
O6S SGN A . -18.33 -8.15 -10.43
C1 IDS A . -13.15 -8.39 -8.30
C2 IDS A . -12.85 -9.88 -8.59
C3 IDS A . -12.59 -10.63 -7.28
C4 IDS A . -11.42 -9.98 -6.51
C5 IDS A . -11.23 -8.51 -6.95
C6 IDS A . -10.40 -7.69 -5.99
O2 IDS A . -13.99 -10.45 -9.21
O3 IDS A . -12.26 -11.97 -7.57
O4 IDS A . -11.76 -9.99 -5.13
O5 IDS A . -12.50 -7.94 -7.16
O6A IDS A . -9.19 -7.71 -6.03
O6B IDS A . -10.92 -6.96 -5.17
S IDS A . -14.25 -10.69 -10.73
O1S IDS A . -15.60 -10.25 -10.93
O2S IDS A . -13.30 -9.90 -11.46
O3S IDS A . -14.08 -12.10 -10.93
C1 SGN A . -11.20 -11.01 -4.36
C2 SGN A . -11.82 -11.01 -2.94
C3 SGN A . -11.40 -9.74 -2.19
C4 SGN A . -9.87 -9.62 -2.20
C5 SGN A . -9.38 -9.69 -3.66
C6 SGN A . -7.85 -9.64 -3.84
N2 SGN A . -13.27 -11.12 -3.05
O3 SGN A . -11.83 -9.84 -0.85
O4 SGN A . -9.54 -8.37 -1.63
O5 SGN A . -9.81 -10.89 -4.27
O6 SGN A . -7.25 -10.33 -2.77
S1 SGN A . -13.99 -12.55 -2.71
O1S SGN A . -13.93 -13.36 -3.89
O2S SGN A . -13.27 -13.10 -1.60
O3S SGN A . -15.34 -12.21 -2.36
S2 SGN A . -5.94 -11.18 -2.81
O4S SGN A . -4.87 -10.29 -3.07
O5S SGN A . -5.86 -11.76 -1.50
O6S SGN A . -6.13 -12.17 -3.83
C1 IDS A . -8.43 -8.32 -0.78
C2 IDS A . -8.48 -6.98 -0.02
C3 IDS A . -7.72 -7.10 1.31
C4 IDS A . -8.32 -8.24 2.17
C5 IDS A . -9.07 -9.24 1.28
C6 IDS A . -9.34 -10.59 1.96
O2 IDS A . -7.83 -6.00 -0.81
O3 IDS A . -7.83 -5.89 2.02
O4 IDS A . -7.24 -8.91 2.80
O5 IDS A . -8.36 -9.42 0.08
O6A IDS A . -9.03 -10.76 3.11
O6B IDS A . -9.87 -11.50 1.36
S IDS A . -8.49 -4.85 -1.64
O1S IDS A . -7.60 -4.67 -2.75
O2S IDS A . -9.79 -5.30 -2.04
O3S IDS A . -8.52 -3.72 -0.76
C1 SGN A . -7.15 -8.83 4.19
C2 SGN A . -6.07 -7.81 4.60
C3 SGN A . -4.69 -8.34 4.21
C4 SGN A . -4.49 -9.75 4.80
C5 SGN A . -5.65 -10.64 4.35
C6 SGN A . -5.62 -12.07 4.90
N2 SGN A . -6.35 -6.52 3.98
O3 SGN A . -3.70 -7.49 4.74
O4 SGN A . -3.26 -10.24 4.28
O5 SGN A . -6.89 -10.08 4.75
O6 SGN A . -4.75 -12.11 6.01
S1 SGN A . -6.73 -5.25 4.94
O1S SGN A . -6.89 -5.73 6.28
O2S SGN A . -5.66 -4.31 4.79
O3S SGN A . -7.97 -4.75 4.41
S2 SGN A . -4.14 -13.37 6.71
O4S SGN A . -2.86 -13.61 6.12
O5S SGN A . -4.05 -13.00 8.08
O6S SGN A . -5.08 -14.43 6.48
C1 IDS A . -2.12 -10.06 5.07
C2 IDS A . -1.04 -11.02 4.55
C3 IDS A . 0.36 -10.49 4.89
C4 IDS A . 0.56 -9.07 4.32
C5 IDS A . -0.80 -8.40 4.06
C6 IDS A . -0.72 -6.89 3.89
O2 IDS A . -1.20 -12.28 5.17
O3 IDS A . 1.35 -11.34 4.35
O4 IDS A . 1.26 -8.31 5.29
O5 IDS A . -1.69 -8.73 5.11
O6A IDS A . 0.35 -6.33 3.78
O6B IDS A . -1.72 -6.19 3.85
S IDS A . -1.96 -13.52 4.65
O1S IDS A . -1.99 -14.43 5.77
O2S IDS A . -3.27 -13.10 4.26
O3S IDS A . -1.19 -14.02 3.55
C1 SGN A . 2.66 -8.32 5.22
C2 SGN A . 3.27 -8.38 6.61
C3 SGN A . 2.98 -7.08 7.38
C4 SGN A . 3.45 -5.88 6.55
C5 SGN A . 2.80 -5.96 5.16
C6 SGN A . 3.22 -4.84 4.19
N2 SGN A . 2.75 -9.55 7.32
O3 SGN A . 3.70 -7.09 8.60
O4 SGN A . 3.02 -4.71 7.23
O5 SGN A . 3.14 -7.18 4.53
O6 SGN A . 4.31 -5.31 3.41
S1 SGN A . 3.13 -11.04 6.77
O1S SGN A . 3.82 -10.90 5.53
O2S SGN A . 3.90 -11.66 7.80
O3S SGN A . 1.86 -11.69 6.59
S2 SGN A . 5.34 -4.45 2.62
O4S SGN A . 6.41 -4.13 3.51
O5S SGN A . 5.77 -5.32 1.55
O6S SGN A . 4.63 -3.30 2.14
C1 IDS A . 3.95 -4.09 8.07
C2 IDS A . 3.18 -3.07 8.93
C3 IDS A . 3.94 -2.81 10.24
C4 IDS A . 4.16 -4.12 11.01
C5 IDS A . 4.08 -5.33 10.05
C6 IDS A . 4.67 -6.62 10.62
O2 IDS A . 3.09 -1.85 8.23
O3 IDS A . 3.20 -1.93 11.06
O4 IDS A . 5.46 -4.09 11.58
O5 IDS A . 4.69 -4.99 8.83
O6A IDS A . 4.80 -6.76 11.82
O6B IDS A . 5.01 -7.53 9.90
S IDS A . 1.82 -1.17 7.63
O1S IDS A . 2.33 0.01 6.99
O2S IDS A . 1.22 -2.08 6.72
O3S IDS A . 0.99 -0.86 8.76
C1 SGN A . 5.72 -3.09 12.52
C2 SGN A . 7.18 -2.62 12.41
C3 SGN A . 8.14 -3.74 12.83
C4 SGN A . 7.74 -4.25 14.23
C5 SGN A . 6.26 -4.65 14.21
C6 SGN A . 5.70 -5.14 15.55
N2 SGN A . 7.46 -2.17 11.04
O3 SGN A . 9.45 -3.25 12.89
O4 SGN A . 8.55 -5.38 14.50
O5 SGN A . 5.45 -3.55 13.81
O6 SGN A . 6.27 -4.35 16.59
S1 SGN A . 6.71 -0.81 10.49
O1S SGN A . 5.38 -1.16 10.12
O2S SGN A . 6.78 0.13 11.56
O3S SGN A . 7.50 -0.42 9.35
S2 SGN A . 5.83 -4.28 18.08
O4S SGN A . 6.50 -5.34 18.78
O5S SGN A . 6.27 -2.98 18.52
O6S SGN A . 4.40 -4.40 18.08
C1 IDS A . 9.69 -5.18 15.28
C2 IDS A . 10.27 -6.56 15.65
C3 IDS A . 11.77 -6.46 15.92
C4 IDS A . 12.51 -5.85 14.72
C5 IDS A . 11.53 -5.06 13.83
C6 IDS A . 12.22 -4.11 12.86
O2 IDS A . 9.62 -7.02 16.82
O3 IDS A . 12.30 -7.73 16.20
O4 IDS A . 13.50 -4.97 15.21
O5 IDS A . 10.63 -4.35 14.66
O6A IDS A . 12.98 -4.53 12.02
O6B IDS A . 12.02 -2.91 12.89
S IDS A . 8.42 -8.01 16.94
O1S IDS A . 8.08 -7.98 18.34
O2S IDS A . 7.37 -7.52 16.11
O3S IDS A . 8.94 -9.29 16.53
C1 SGN A . 14.73 -5.53 15.58
C2 SGN A . 14.74 -5.84 17.09
C3 SGN A . 14.70 -4.53 17.89
C4 SGN A . 15.84 -3.61 17.44
C5 SGN A . 15.74 -3.42 15.92
C6 SGN A . 16.85 -2.56 15.30
N2 SGN A . 13.61 -6.71 17.42
O3 SGN A . 14.88 -4.83 19.27
O4 SGN A . 15.67 -2.38 18.10
O5 SGN A . 15.79 -4.67 15.25
O6 SGN A . 17.96 -3.39 15.05
S1 SGN A . 13.76 -8.33 17.19
O1S SGN A . 13.77 -8.58 15.78
O2S SGN A . 14.97 -8.70 17.85
O3S SGN A . 12.59 -8.89 17.81
S2 SGN A . 19.45 -2.94 14.83
O4S SGN A . 19.59 -1.65 15.44
O5S SGN A . 20.22 -3.95 15.51
O6S SGN A . 19.67 -2.94 13.42
C1 IDS A . 16.31 -2.21 19.34
C2 IDS A . 16.54 -0.71 19.56
C3 IDS A . 16.64 -0.40 21.05
C4 IDS A . 15.37 -0.86 21.79
C5 IDS A . 14.64 -1.95 20.98
C6 IDS A . 13.62 -2.75 21.78
O2 IDS A . 17.77 -0.36 18.95
O3 IDS A . 16.80 0.99 21.24
O4 IDS A . 15.77 -1.42 23.03
O5 IDS A . 15.60 -2.80 20.40
O6A IDS A . 13.06 -2.25 22.72
O6B IDS A . 13.35 -3.89 21.50
S IDS A . 18.13 0.97 18.20
O1S IDS A . 19.55 0.86 17.97
O2S IDS A . 17.38 1.01 16.99
O3S IDS A . 17.80 2.02 19.12
C1 SGN A . 16.58 -0.63 23.86
C2 SGN A . 17.28 -1.49 24.91
C3 SGN A . 16.25 -2.07 25.89
C4 SGN A . 15.42 -0.93 26.48
C5 SGN A . 14.79 -0.12 25.33
C6 SGN A . 13.97 1.09 25.76
N2 SGN A . 18.04 -2.55 24.24
O3 SGN A . 16.93 -2.72 26.94
O4 SGN A . 14.38 -1.53 27.26
O5 SGN A . 15.82 0.37 24.47
O6 SGN A . 14.79 1.96 26.51
S1 SGN A . 19.63 -2.32 23.95
O1S SGN A . 19.76 -1.50 22.78
O2S SGN A . 20.17 -1.71 25.14
O3S SGN A . 20.17 -3.63 23.74
S2 SGN A . 14.43 3.40 27.03
O4S SGN A . 13.69 3.23 28.24
O5S SGN A . 15.72 4.00 27.25
O6S SGN A . 13.70 4.03 25.98
C1 IDS A . 14.03 -0.88 28.44
C2 IDS A . 12.52 -1.09 28.65
C3 IDS A . 12.16 -0.98 30.13
C4 IDS A . 12.96 -2.01 30.96
C5 IDS A . 14.23 -2.44 30.20
C6 IDS A . 15.27 -3.12 31.07
O2 IDS A . 11.83 -0.06 27.96
O3 IDS A . 10.78 -1.23 30.30
O4 IDS A . 13.35 -1.39 32.17
O5 IDS A . 14.78 -1.31 29.55
O6A IDS A . 15.05 -3.34 32.23
O6B IDS A . 16.34 -3.47 30.63
S IDS A . 10.80 -0.21 26.78
O1S IDS A . 11.32 0.66 25.76
O2S IDS A . 10.78 -1.58 26.40
O3S IDS A . 9.54 0.25 27.31
C1 SGN A . 12.92 -1.99 33.36
C2 SGN A . 12.34 -0.94 34.31
C3 SGN A . 13.44 0.02 34.78
C4 SGN A . 14.60 -0.79 35.38
C5 SGN A . 15.07 -1.82 34.35
C6 SGN A . 16.20 -2.74 34.82
N2 SGN A . 11.25 -0.21 33.65
O3 SGN A . 12.93 0.87 35.79
O4 SGN A . 15.66 0.13 35.66
O5 SGN A . 13.99 -2.66 33.98
O6 SGN A . 16.27 -2.69 36.23
S1 SGN A . 9.71 -0.65 33.97
O1S SGN A . 9.70 -2.02 34.35
O2S SGN A . 9.26 0.23 35.00
O3S SGN A . 9.01 -0.45 32.73
S2 SGN A . 17.34 -3.34 37.15
O4S SGN A . 18.57 -3.36 36.43
O5S SGN A . 17.39 -2.49 38.30
O6S SGN A . 16.85 -4.66 37.47
C1 IDS A . 16.63 -0.27 36.57
C2 IDS A . 17.52 0.94 36.86
C3 IDS A . 18.18 0.80 38.24
C4 IDS A . 17.11 0.64 39.33
C5 IDS A . 15.80 0.13 38.73
C6 IDS A . 14.83 -0.44 39.75
O2 IDS A . 18.55 0.99 35.88
O3 IDS A . 18.96 1.95 38.51
O4 IDS A . 17.59 -0.32 40.26
O5 IDS A . 16.09 -0.82 37.73
O6A IDS A . 14.09 0.29 40.38
O6B IDS A . 14.75 -1.63 39.97
S IDS A . 18.57 1.78 34.54
O1S IDS A . 19.00 0.82 33.57
O2S IDS A . 17.23 2.24 34.29
O3S IDS A . 19.51 2.84 34.73
C1 SGN A . 18.93 -0.22 40.66
C2 SGN A . 19.84 -1.00 39.69
C3 SGN A . 19.56 -2.50 39.80
C4 SGN A . 19.69 -2.94 41.26
C5 SGN A . 18.77 -2.07 42.13
C6 SGN A . 18.83 -2.35 43.64
N2 SGN A . 19.63 -0.52 38.32
O3 SGN A . 20.51 -3.21 39.03
O4 SGN A . 19.28 -4.30 41.33
O5 SGN A . 19.11 -0.69 41.96
O6 SGN A . 20.05 -3.01 43.92
S1 SGN A . 20.91 -0.05 37.44
O1S SGN A . 22.01 0.19 38.34
O2S SGN A . 21.16 -1.10 36.50
O3S SGN A . 20.49 1.16 36.79
S2 SGN A . 20.77 -3.12 45.30
O4S SGN A . 19.89 -3.79 46.20
O5S SGN A . 21.95 -3.89 45.02
O6S SGN A . 21.08 -1.78 45.70
C1 IDS A . 20.26 -5.25 41.60
C2 IDS A . 19.57 -6.49 42.18
C3 IDS A . 20.41 -7.75 41.92
C4 IDS A . 20.67 -7.93 40.41
C5 IDS A . 20.50 -6.58 39.68
C6 IDS A . 21.13 -6.56 38.29
O2 IDS A . 19.45 -6.32 43.58
O3 IDS A . 19.73 -8.89 42.41
O4 IDS A . 22.00 -8.37 40.25
O5 IDS A . 21.05 -5.55 40.48
O6A IDS A . 20.89 -7.46 37.50
O6B IDS A . 21.84 -5.66 37.93
S IDS A . 18.39 -5.48 44.36
O1S IDS A . 18.94 -5.38 45.68
O2S IDS A . 18.29 -4.21 43.71
O3S IDS A . 17.18 -6.24 44.32
C1 SGN A . 22.33 -9.63 40.78
C2 SGN A . 23.82 -9.67 41.17
C3 SGN A . 24.68 -9.60 39.90
C4 SGN A . 24.25 -10.71 38.93
C5 SGN A . 22.74 -10.56 38.66
C6 SGN A . 22.15 -11.64 37.74
N2 SGN A . 24.12 -8.59 42.09
O3 SGN A . 26.04 -9.82 40.26
O4 SGN A . 24.98 -10.50 37.73
O5 SGN A . 22.03 -10.65 39.88
O6 SGN A . 21.88 -12.79 38.50
S1 SGN A . 24.82 -8.93 43.53
O1S SGN A . 24.45 -10.27 43.89
O2S SGN A . 26.23 -8.78 43.33
O3S SGN A . 24.29 -7.96 44.44
S2 SGN A . 22.25 -14.27 38.16
O4S SGN A . 23.65 -14.43 38.44
O5S SGN A . 21.42 -15.05 39.03
O6S SGN A . 21.93 -14.46 36.78
C1 IDS A . 25.94 -11.47 37.39
C2 IDS A . 25.86 -11.69 35.86
C3 IDS A . 27.20 -12.20 35.33
C4 IDS A . 28.34 -11.22 35.67
C5 IDS A . 27.94 -10.35 36.87
C6 IDS A . 29.12 -9.65 37.55
O2 IDS A . 24.87 -12.66 35.60
O3 IDS A . 27.13 -12.35 33.93
O4 IDS A . 29.47 -12.00 36.04
O5 IDS A . 27.23 -11.13 37.81
O6A IDS A . 30.23 -9.73 37.08
O6B IDS A . 28.97 -8.99 38.55
S IDS A . 23.38 -12.44 35.20
O1S IDS A . 22.69 -13.56 35.78
O2S IDS A . 22.96 -11.18 35.76
O3S IDS A . 23.35 -12.46 33.77
C1 SGN A . 29.72 -13.15 35.29
C2 SGN A . 29.23 -14.39 36.04
C3 SGN A . 30.06 -14.62 37.31
C4 SGN A . 31.55 -14.67 36.94
C5 SGN A . 31.91 -13.40 36.16
C6 SGN A . 33.36 -13.32 35.67
N2 SGN A . 27.80 -14.24 36.36
O3 SGN A . 29.70 -15.85 37.90
O4 SGN A . 32.28 -14.72 38.16
O5 SGN A . 31.08 -13.27 35.02
O6 SGN A . 33.42 -13.91 34.38
S1 SGN A . 26.70 -14.49 35.18
O1S SGN A . 27.35 -14.31 33.92
O2S SGN A . 26.21 -15.83 35.37
O3S SGN A . 25.69 -13.50 35.41
S2 SGN A . 34.71 -14.15 33.52
O4S SGN A . 35.38 -15.29 34.07
O5S SGN A . 34.20 -14.41 32.20
O6S SGN A . 35.47 -12.95 33.60
C1 IDS A . 33.51 -15.38 38.13
C2 IDS A . 33.82 -15.87 39.56
C3 IDS A . 34.76 -17.08 39.52
C4 IDS A . 34.15 -18.21 38.68
C5 IDS A . 33.10 -17.66 37.70
C6 IDS A . 32.74 -18.62 36.57
O2 IDS A . 34.46 -14.82 40.25
O3 IDS A . 34.99 -17.53 40.83
O5 IDS A . 33.55 -16.42 37.19
O6A IDS A . 31.98 -19.54 36.77
O6B IDS A . 33.19 -18.47 35.46
S IDS A . 34.09 -14.20 41.64
O1S IDS A . 34.64 -12.88 41.59
O2S IDS A . 32.65 -14.19 41.73
O3S IDS A . 34.72 -15.04 42.62
C1 SGN A . -25.44 27.08 -41.14
C2 SGN A . -25.37 26.35 -39.80
C3 SGN A . -25.89 27.26 -38.68
C4 SGN A . -25.12 28.59 -38.71
C5 SGN A . -25.24 29.19 -40.11
C6 SGN A . -24.47 30.51 -40.31
N2 SGN A . -26.14 25.10 -39.88
O1 SGN A . -26.77 27.30 -41.52
O3 SGN A . -25.67 26.64 -37.43
O4 SGN A . -25.74 29.44 -37.76
O5 SGN A . -24.74 28.28 -41.08
O6 SGN A . -23.10 30.27 -40.11
S1 SGN A . -25.33 23.69 -40.07
O1S SGN A . -24.10 23.97 -40.73
O2S SGN A . -25.16 23.14 -38.75
O3S SGN A . -26.20 22.89 -40.89
S2 SGN A . -22.02 31.29 -39.64
O4S SGN A . -22.71 32.44 -39.11
O5S SGN A . -21.27 30.59 -38.63
O6S SGN A . -21.22 31.60 -40.80
C1 IDS A . -25.09 29.62 -36.54
C2 IDS A . -26.15 29.74 -35.44
C3 IDS A . -25.58 29.32 -34.09
C4 IDS A . -25.02 27.88 -34.15
C5 IDS A . -24.70 27.50 -35.61
C6 IDS A . -23.78 26.30 -35.74
O2 IDS A . -26.56 31.09 -35.35
O3 IDS A . -26.58 29.37 -33.10
O4 IDS A . -23.81 27.85 -33.40
O5 IDS A . -24.15 28.62 -36.27
O6A IDS A . -23.75 25.44 -34.89
O6B IDS A . -23.07 26.14 -36.72
S IDS A . -27.85 31.75 -35.93
O1S IDS A . -27.36 32.89 -36.65
O2S IDS A . -28.49 30.79 -36.78
O3S IDS A . -28.65 32.11 -34.79
C1 SGN A . -23.86 27.27 -32.13
C2 SGN A . -22.83 27.92 -31.21
C3 SGN A . -21.40 27.58 -31.68
C4 SGN A . -21.26 26.05 -31.81
C5 SGN A . -22.38 25.54 -32.73
C6 SGN A . -22.41 24.01 -32.90
N2 SGN A . -23.03 29.37 -31.16
O3 SGN A . -20.47 28.03 -30.73
O4 SGN A . -19.99 25.79 -32.39
O5 SGN A . -23.65 25.89 -32.20
O6 SGN A . -22.25 23.40 -31.64
S1 SGN A . -23.91 30.00 -29.94
O1S SGN A . -25.25 29.51 -30.05
O2S SGN A . -23.26 29.61 -28.73
O3S SGN A . -23.85 31.42 -30.15
S2 SGN A . -21.83 21.92 -31.35
O4S SGN A . -20.41 21.90 -31.22
O5S SGN A . -22.50 21.61 -30.11
O6S SGN A . -22.31 21.14 -32.44
C1 IDS A . -19.17 24.88 -31.74
C2 IDS A . -18.11 24.40 -32.76
C3 IDS A . -16.86 23.92 -32.03
C4 IDS A . -16.28 25.04 -31.13
C5 IDS A . -17.38 26.07 -30.80
C6 IDS A . -17.05 26.97 -29.62
O2 IDS A . -18.64 23.31 -33.49
O3 IDS A . -15.87 23.55 -32.96
O4 IDS A . -15.84 24.45 -29.92
O5 IDS A . -18.60 25.39 -30.58
O6A IDS A . -16.11 27.75 -29.67
O6B IDS A . -17.70 26.95 -28.59
S IDS A . -19.83 23.32 -34.50
O1S IDS A . -20.39 22.00 -34.38
O2S IDS A . -20.75 24.34 -34.08
O3S IDS A . -19.24 23.57 -35.79
C1 SGN A . -14.49 24.08 -29.85
C2 SGN A . -14.35 22.56 -30.00
C3 SGN A . -14.96 21.84 -28.78
C4 SGN A . -14.35 22.40 -27.50
C5 SGN A . -14.53 23.93 -27.49
C6 SGN A . -13.91 24.65 -26.28
N2 SGN A . -14.97 22.12 -31.25
O3 SGN A . -14.67 20.46 -28.86
O4 SGN A . -15.06 21.83 -26.41
O5 SGN A . -13.93 24.50 -28.64
O6 SGN A . -12.59 25.03 -26.60
S1 SGN A . -14.02 21.83 -32.54
O1S SGN A . -12.82 22.59 -32.39
O2S SGN A . -13.80 20.41 -32.57
O3S SGN A . -14.79 22.28 -33.67
S2 SGN A . -11.35 25.01 -25.66
O4S SGN A . -11.65 24.15 -24.56
O5S SGN A . -10.29 24.51 -26.48
O6S SGN A . -11.14 26.38 -25.26
C1 IDS A . -14.52 20.68 -25.84
C2 IDS A . -15.32 20.36 -24.56
C3 IDS A . -15.24 18.86 -24.24
C4 IDS A . -15.75 18.02 -25.42
C5 IDS A . -15.67 18.84 -26.73
C6 IDS A . -15.76 17.98 -27.99
O2 IDS A . -14.74 21.08 -23.49
O3 IDS A . -16.03 18.58 -23.10
O4 IDS A . -14.90 16.88 -25.54
O5 IDS A . -14.49 19.59 -26.73
O6A IDS A . -16.77 17.37 -28.25
O6B IDS A . -14.84 17.89 -28.77
S IDS A . -14.99 22.57 -23.09
O1S IDS A . -14.28 22.72 -21.85
O2S IDS A . -14.45 23.38 -24.13
O3S IDS A . -16.41 22.70 -22.94
C1 SGN A . -15.37 15.69 -25.01
C2 SGN A . -14.25 14.94 -24.28
C3 SGN A . -13.20 14.47 -25.29
C4 SGN A . -13.87 13.65 -26.40
C5 SGN A . -15.01 14.49 -27.01
C6 SGN A . -15.83 13.77 -28.09
N2 SGN A . -13.66 15.81 -23.26
O3 SGN A . -12.26 13.65 -24.64
O4 SGN A . -12.89 13.37 -27.38
O5 SGN A . -15.93 14.88 -26.00
O6 SGN A . -15.88 12.40 -27.78
S1 SGN A . -14.03 15.56 -21.69
O1S SGN A . -15.23 16.29 -21.39
O2S SGN A . -14.19 14.14 -21.54
O3S SGN A . -12.90 16.06 -20.96
S2 SGN A . -15.86 11.20 -28.79
O4S SGN A . -14.79 11.45 -29.71
O5S SGN A . -15.60 10.05 -27.96
O6S SGN A . -17.15 11.15 -29.41
C1 IDS A . -12.66 12.03 -27.70
C2 IDS A . -11.14 11.84 -27.90
C3 IDS A . -10.74 10.39 -27.62
C4 IDS A . -11.15 9.97 -26.20
C5 IDS A . -12.29 10.88 -25.68
C6 IDS A . -13.03 10.31 -24.48
O2 IDS A . -10.83 12.15 -29.24
O3 IDS A . -9.35 10.26 -27.76
O4 IDS A . -11.64 8.64 -26.26
O5 IDS A . -13.18 11.15 -26.74
O6A IDS A . -12.49 10.25 -23.39
O6B IDS A . -14.16 9.93 -24.56
S IDS A . -9.87 13.25 -29.79
O1S IDS A . -9.87 13.03 -31.21
O2S IDS A . -10.41 14.52 -29.43
O3S IDS A . -8.60 12.98 -29.19
C1 SGN A . -10.82 7.64 -25.71
C2 SGN A . -10.54 6.55 -26.75
C3 SGN A . -11.83 5.80 -27.09
C4 SGN A . -12.47 5.27 -25.80
C5 SGN A . -12.67 6.46 -24.84
C6 SGN A . -13.26 6.08 -23.47
N2 SGN A . -9.93 7.15 -27.94
O3 SGN A . -11.51 4.69 -27.91
O4 SGN A . -13.73 4.71 -26.16
O5 SGN A . -11.43 7.09 -24.58
O6 SGN A . -12.35 5.24 -22.80
S1 SGN A . -8.31 7.37 -27.98
O1S SGN A . -7.92 8.05 -26.78
O2S SGN A . -7.74 6.06 -28.11
O3S SGN A . -8.09 8.19 -29.15
S2 SGN A . -12.47 4.66 -21.35
O4S SGN A . -13.52 3.69 -21.36
O5S SGN A . -11.19 4.08 -21.10
O6S SGN A . -12.75 5.79 -20.50
C1 IDS A . -14.22 3.69 -25.36
C2 IDS A . -15.64 3.36 -25.83
C3 IDS A . -16.01 1.92 -25.49
C4 IDS A . -15.00 0.93 -26.10
C5 IDS A . -13.67 1.65 -26.40
C6 IDS A . -12.49 0.70 -26.62
O2 IDS A . -16.55 4.22 -25.16
O3 IDS A . -17.30 1.61 -25.98
O4 IDS A . -14.75 -0.09 -25.15
O5 IDS A . -13.40 2.55 -25.36
O6A IDS A . -12.66 -0.37 -27.15
O6B IDS A . -11.37 1.00 -26.30
S IDS A . -16.87 5.71 -25.48
O1S IDS A . -17.06 6.32 -24.19
O2S IDS A . -15.75 6.26 -26.18
O3S IDS A . -18.07 5.70 -26.27
C1 SGN A . -15.77 -1.03 -24.94
C2 SGN A . -15.93 -1.35 -23.46
C3 SGN A . -14.68 -2.08 -22.94
C4 SGN A . -14.40 -3.32 -23.81
C5 SGN A . -14.31 -2.86 -25.28
C6 SGN A . -14.09 -4.00 -26.29
N2 SGN A . -16.17 -0.12 -22.71
O3 SGN A . -14.91 -2.51 -21.62
O4 SGN A . -13.16 -3.85 -23.39
O5 SGN A . -15.51 -2.21 -25.66
O6 SGN A . -14.48 -5.21 -25.69
S1 SGN A . -17.44 0.82 -23.13
O1S SGN A . -17.11 1.50 -24.35
O2S SGN A . -18.56 -0.06 -23.27
O3S SGN A . -17.59 1.74 -22.04
S2 SGN A . -14.24 -6.65 -26.23
O4S SGN A . -12.96 -7.09 -25.74
O5S SGN A . -15.32 -7.43 -25.68
O6S SGN A . -14.29 -6.57 -27.66
C1 IDS A . -13.01 -5.24 -23.50
C2 IDS A . -11.54 -5.58 -23.18
C3 IDS A . -11.41 -7.01 -22.66
C4 IDS A . -12.29 -7.22 -21.42
C5 IDS A . -13.42 -6.17 -21.38
C6 IDS A . -14.57 -6.53 -20.44
O2 IDS A . -10.79 -5.46 -24.36
O3 IDS A . -10.07 -7.28 -22.32
O4 IDS A . -12.89 -8.50 -21.53
O5 IDS A . -13.90 -5.95 -22.69
O6A IDS A . -14.47 -7.46 -19.68
O6B IDS A . -15.60 -5.89 -20.43
S IDS A . -9.56 -4.53 -24.66
O1S IDS A . -9.39 -4.61 -26.08
O2S IDS A . -9.90 -3.21 -24.21
O3S IDS A . -8.46 -5.11 -23.94
C1 SGN A . -12.21 -9.57 -20.93
C2 SGN A . -12.88 -10.91 -21.26
C3 SGN A . -14.27 -10.97 -20.60
C4 SGN A . -14.13 -10.70 -19.10
C5 SGN A . -13.40 -9.37 -18.90
C6 SGN A . -13.13 -8.99 -17.44
N2 SGN A . -12.98 -11.06 -22.72
O3 SGN A . -14.81 -12.26 -20.77
O4 SGN A . -15.45 -10.62 -18.56
O5 SGN A . -12.13 -9.41 -19.54
O6 SGN A . -12.45 -10.05 -16.80
S1 SGN A . -12.11 -12.23 -23.45
O1S SGN A . -10.73 -12.00 -23.16
O2S SGN A . -12.60 -13.47 -22.92
O3S SGN A . -12.40 -12.07 -24.84
S2 SGN A . -12.67 -10.59 -15.36
O4S SGN A . -13.76 -11.51 -15.40
O5S SGN A . -11.42 -11.23 -15.04
O6S SGN A . -12.91 -9.45 -14.53
C1 IDS A . -15.56 -10.42 -17.18
C2 IDS A . -16.79 -11.22 -16.70
C3 IDS A . -16.65 -11.57 -15.21
C4 IDS A . -15.36 -12.37 -14.97
C5 IDS A . -14.34 -12.13 -16.11
C6 IDS A . -12.92 -12.54 -15.77
O2 IDS A . -17.94 -10.39 -16.85
O3 IDS A . -17.75 -12.34 -14.80
O4 IDS A . -14.78 -11.91 -13.75
O5 IDS A . -14.39 -10.77 -16.48
O6A IDS A . -12.55 -13.68 -15.92
O6B IDS A . -12.10 -11.74 -15.36
S IDS A . -19.36 -10.82 -17.31
O1S IDS A . -20.02 -9.57 -17.58
O2S IDS A . -19.22 -11.62 -18.49
O3S IDS A . -19.94 -11.53 -16.21
C1 SGN A . -14.80 -12.80 -12.68
C2 SGN A . -15.46 -12.12 -11.45
C3 SGN A . -14.57 -10.98 -10.94
C4 SGN A . -13.15 -11.51 -10.68
C5 SGN A . -12.63 -12.18 -11.96
C6 SGN A . -11.24 -12.81 -11.83
N2 SGN A . -16.80 -11.65 -11.81
O3 SGN A . -15.09 -10.50 -9.72
O4 SGN A . -12.34 -10.38 -10.36
O5 SGN A . -13.51 -13.23 -12.35
O6 SGN A . -11.38 -14.16 -11.44
S1 SGN A . -17.98 -12.75 -12.07
O1S SGN A . -17.41 -13.84 -12.81
O2S SGN A . -18.46 -13.14 -10.78
O3S SGN A . -18.96 -12.04 -12.83
S2 SGN A . -10.38 -15.33 -11.68
O4S SGN A . -9.40 -15.29 -10.63
O5S SGN A . -11.19 -16.51 -11.61
O6S SGN A . -9.82 -15.12 -12.98
C1 IDS A . -11.63 -10.44 -9.17
C2 IDS A . -11.63 -9.03 -8.54
C3 IDS A . -11.44 -9.11 -7.03
C4 IDS A . -12.54 -9.98 -6.39
C5 IDS A . -13.14 -10.94 -7.44
C6 IDS A . -13.92 -12.11 -6.85
O2 IDS A . -10.55 -8.30 -9.09
O3 IDS A . -11.52 -7.81 -6.48
O4 IDS A . -11.93 -10.76 -5.37
O5 IDS A . -12.11 -11.41 -8.28
O6A IDS A . -14.49 -11.99 -5.78
O6B IDS A . -14.01 -13.17 -7.41
S IDS A . -10.61 -7.05 -10.03
O1S IDS A . -9.45 -7.19 -10.87
O2S IDS A . -11.83 -7.11 -10.77
O3S IDS A . -10.52 -5.91 -9.16
C1 SGN A . -10.93 -10.14 -4.61
C2 SGN A . -9.54 -10.61 -5.06
C3 SGN A . -9.36 -12.10 -4.72
C4 SGN A . -9.65 -12.33 -3.23
C5 SGN A . -11.04 -11.78 -2.90
C6 SGN A . -11.45 -11.88 -1.43
N2 SGN A . -9.38 -10.37 -6.49
O3 SGN A . -8.03 -12.47 -4.98
O4 SGN A . -9.61 -13.73 -3.01
O5 SGN A . -11.12 -10.40 -3.25
O6 SGN A . -10.80 -10.86 -0.70
S1 SGN A . -9.29 -8.82 -7.01
O1S SGN A . -9.94 -7.98 -6.06
O2S SGN A . -7.89 -8.54 -7.17
O3S SGN A . -9.98 -8.82 -8.27
S2 SGN A . -10.66 -10.74 0.85
O4S SGN A . -10.50 -12.06 1.36
O5S SGN A . -9.48 -9.93 1.03
O6S SGN A . -11.85 -10.09 1.30
C1 IDS A . -8.45 -14.26 -2.43
C2 IDS A . -8.27 -15.69 -2.96
C3 IDS A . -6.79 -16.08 -2.90
C4 IDS A . -5.92 -15.10 -3.70
C5 IDS A . -6.65 -13.75 -3.85
C6 IDS A . -5.73 -12.59 -4.25
O2 IDS A . -8.99 -16.57 -2.13
O3 IDS A . -6.63 -17.38 -3.44
O4 IDS A . -4.72 -14.88 -2.96
O5 IDS A . -7.33 -13.45 -2.64
O6A IDS A . -5.32 -12.51 -5.38
O6B IDS A . -5.43 -11.73 -3.46
S IDS A . -10.01 -17.67 -2.56
O1S IDS A . -10.03 -18.59 -1.46
O2S IDS A . -11.29 -17.04 -2.76
O3S IDS A . -9.47 -18.24 -3.76
C1 SGN A . -3.54 -15.41 -3.50
C2 SGN A . -3.23 -16.77 -2.86
C3 SGN A . -2.88 -16.59 -1.38
C4 SGN A . -1.75 -15.55 -1.24
C5 SGN A . -2.17 -14.26 -1.95
C6 SGN A . -1.11 -13.14 -1.96
N2 SGN A . -4.37 -17.67 -3.03
O3 SGN A . -2.43 -17.82 -0.85
O4 SGN A . -1.58 -15.31 0.14
O5 SGN A . -2.48 -14.53 -3.32
O6 SGN A . -0.01 -13.58 -2.73
S1 SGN A . -4.38 -18.69 -4.30
O1S SGN A . -4.40 -17.92 -5.50
O2S SGN A . -3.21 -19.52 -4.17
O3S SGN A . -5.59 -19.45 -4.15
S2 SGN A . 1.20 -12.71 -3.20
O4S SGN A . 1.52 -11.81 -2.13
O5S SGN A . 2.24 -13.67 -3.44
O6S SGN A . 0.78 -12.04 -4.40
C1 IDS A . -0.56 -14.41 0.51
C2 IDS A . -1.05 -13.63 1.74
C3 IDS A . 0.13 -13.12 2.56
C4 IDS A . 1.04 -14.29 2.98
C5 IDS A . 0.83 -15.49 2.05
C6 IDS A . 1.95 -16.53 2.12
O2 IDS A . -1.80 -12.52 1.30
O3 IDS A . -0.33 -12.46 3.72
O4 IDS A . 2.39 -13.86 2.85
O5 IDS A . 0.67 -15.04 0.73
O6A IDS A . 2.29 -17.00 3.19
O6B IDS A . 2.52 -16.92 1.13
S IDS A . -3.31 -12.46 0.91
O1S IDS A . -3.70 -11.11 1.24
O2S IDS A . -3.43 -12.74 -0.49
O3S IDS A . -3.96 -13.43 1.74
C1 SGN A . 2.87 -12.98 3.84
C2 SGN A . 3.97 -12.06 3.27
C3 SGN A . 5.20 -12.88 2.90
C4 SGN A . 5.66 -13.70 4.13
C5 SGN A . 4.46 -14.54 4.63
C6 SGN A . 4.75 -15.36 5.89
N2 SGN A . 3.44 -11.35 2.10
O3 SGN A . 6.25 -12.01 2.53
O4 SGN A . 6.71 -14.55 3.70
O5 SGN A . 3.37 -13.69 4.93
O6 SGN A . 5.31 -14.51 6.87
S1 SGN A . 2.47 -10.05 2.33
O1S SGN A . 1.19 -10.52 2.78
O2S SGN A . 3.14 -9.23 3.31
O3S SGN A . 2.38 -9.41 1.05
S2 SGN A . 5.11 -14.60 8.41
O4S SGN A . 4.73 -15.94 8.73
O5S SGN A . 6.39 -14.26 8.95
O6S SGN A . 4.11 -13.63 8.75
C1 IDS A . 7.84 -14.63 4.51
C2 IDS A . 8.93 -15.38 3.73
C3 IDS A . 10.31 -14.99 4.24
C4 IDS A . 10.53 -13.47 4.14
C5 IDS A . 9.17 -12.75 4.08
C6 IDS A . 9.25 -11.26 4.39
O2 IDS A . 8.75 -16.77 3.94
O3 IDS A . 11.30 -15.64 3.48
O4 IDS A . 11.22 -13.05 5.30
O5 IDS A . 8.27 -13.39 4.97
O6A IDS A . 9.69 -10.48 3.56
O6B IDS A . 8.88 -10.79 5.44
S IDS A . 8.10 -17.82 2.98
O1S IDS A . 8.31 -19.08 3.65
O2S IDS A . 6.71 -17.48 2.86
O3S IDS A . 8.82 -17.72 1.75
C1 SGN A . 12.39 -12.30 5.12
C2 SGN A . 13.40 -12.58 6.24
C3 SGN A . 12.85 -12.04 7.57
C4 SGN A . 12.49 -10.56 7.42
C5 SGN A . 11.52 -10.41 6.24
C6 SGN A . 11.11 -8.97 5.91
N2 SGN A . 13.66 -14.02 6.32
O3 SGN A . 13.85 -12.16 8.56
O4 SGN A . 11.86 -10.15 8.62
O5 SGN A . 12.10 -10.94 5.06
O6 SGN A . 12.24 -8.13 6.05
S1 SGN A . 15.09 -14.58 5.78
O1S SGN A . 15.37 -13.98 4.51
O2S SGN A . 16.05 -14.25 6.78
O3S SGN A . 14.90 -16.00 5.66
S2 SGN A . 12.53 -6.81 5.28
O4S SGN A . 11.55 -5.85 5.67
O5S SGN A . 13.85 -6.45 5.70
O6S SGN A . 12.48 -7.13 3.88
C1 IDS A . 12.37 -9.02 9.25
C2 IDS A . 11.22 -8.35 10.03
C3 IDS A . 11.77 -7.53 11.20
C4 IDS A . 12.60 -8.42 12.15
C5 IDS A . 13.10 -9.67 11.40
C6 IDS A . 14.25 -10.39 12.10
O2 IDS A . 10.54 -7.47 9.15
O3 IDS A . 10.69 -6.97 11.92
O4 IDS A . 13.72 -7.66 12.56
O5 IDS A . 13.46 -9.31 10.08
O6A IDS A . 14.23 -10.55 13.30
O6B IDS A . 15.19 -10.83 11.47
S IDS A . 9.11 -7.61 8.56
O1S IDS A . 9.01 -6.55 7.60
O2S IDS A . 9.01 -8.91 7.95
O3S IDS A . 8.21 -7.44 9.67
C1 SGN A . 13.69 -7.13 13.86
C2 SGN A . 14.01 -5.63 13.83
C3 SGN A . 15.46 -5.40 13.40
C4 SGN A . 16.40 -6.22 14.32
C5 SGN A . 15.95 -7.69 14.28
C6 SGN A . 16.75 -8.63 15.20
N2 SGN A . 13.08 -4.95 12.93
O3 SGN A . 15.79 -4.04 13.54
O4 SGN A . 17.71 -6.09 13.79
O5 SGN A . 14.59 -7.79 14.69
O6 SGN A . 16.04 -8.81 16.39
S1 SGN A . 11.67 -4.35 13.53
O1S SGN A . 11.11 -5.35 14.39
O2S SGN A . 12.02 -3.14 14.21
O3S SGN A . 10.85 -4.12 12.38
S2 SGN A . 16.60 -8.70 17.85
O4S SGN A . 16.74 -7.32 18.16
O5S SGN A . 15.58 -9.33 18.66
O6S SGN A . 17.83 -9.42 17.86
C1 IDS A . 18.77 -6.36 14.65
C2 IDS A . 20.07 -5.88 13.98
C3 IDS A . 21.13 -5.55 15.02
C4 IDS A . 20.61 -4.50 16.02
C5 IDS A . 19.07 -4.47 16.03
C6 IDS A . 18.46 -3.78 17.23
O2 IDS A . 20.55 -6.92 13.15
O3 IDS A . 22.28 -5.06 14.39
O4 IDS A . 21.06 -4.86 17.31
O5 IDS A . 18.59 -5.81 15.92
O6A IDS A . 18.82 -2.67 17.54
O6B IDS A . 17.60 -4.31 17.91
S IDS A . 20.07 -7.34 11.73
O1S IDS A . 21.21 -7.96 11.14
O2S IDS A . 18.97 -8.25 11.90
O3S IDS A . 19.69 -6.12 11.07
C1 SGN A . 22.38 -4.56 17.64
C2 SGN A . 23.28 -5.80 17.49
C3 SGN A . 22.89 -6.84 18.56
C4 SGN A . 22.95 -6.20 19.95
C5 SGN A . 22.05 -4.95 19.94
C6 SGN A . 22.04 -4.16 21.26
N2 SGN A . 23.14 -6.34 16.14
O3 SGN A . 23.82 -7.90 18.52
O4 SGN A . 22.44 -7.16 20.87
O5 SGN A . 22.47 -4.05 18.94
O6 SGN A . 23.36 -4.10 21.77
S1 SGN A . 24.15 -5.80 14.97
O1S SGN A . 24.47 -4.44 15.25
O2S SGN A . 25.29 -6.68 15.01
O3S SGN A . 23.40 -5.93 13.76
S2 SGN A . 23.99 -2.97 22.63
O4S SGN A . 23.14 -2.79 23.78
O5S SGN A . 25.28 -3.49 23.00
O6S SGN A . 24.07 -1.81 21.79
C1 IDS A . 22.71 -6.95 22.22
C2 IDS A . 22.35 -8.24 22.98
C3 IDS A . 23.17 -8.34 24.28
C4 IDS A . 24.68 -8.30 23.97
C5 IDS A . 24.93 -7.63 22.60
C6 IDS A . 26.37 -7.17 22.40
O2 IDS A . 20.98 -8.18 23.32
O3 IDS A . 22.87 -9.56 24.92
O4 IDS A . 25.30 -7.51 24.98
O5 IDS A . 24.04 -6.55 22.45
O6A IDS A . 27.23 -7.50 23.19
O6B IDS A . 26.70 -6.51 21.45
S IDS A . 19.86 -9.21 22.97
O1S IDS A . 18.73 -8.75 23.72
O2S IDS A . 19.64 -9.15 21.55
O3S IDS A . 20.35 -10.49 23.41
C1 SGN A . 25.69 -8.17 26.15
C2 SGN A . 24.57 -8.12 27.20
C3 SGN A . 24.36 -6.67 27.67
C4 SGN A . 25.70 -6.09 28.16
C5 SGN A . 26.74 -6.24 27.03
C6 SGN A . 28.15 -5.76 27.39
N2 SGN A . 23.34 -8.68 26.64
O3 SGN A . 23.45 -6.66 28.75
O4 SGN A . 25.49 -4.72 28.44
O5 SGN A . 26.87 -7.61 26.66
O6 SGN A . 28.64 -6.54 28.46
S1 SGN A . 22.67 -9.98 27.35
O1S SGN A . 23.63 -10.54 28.25
O2S SGN A . 21.49 -9.51 28.00
O3S SGN A . 22.37 -10.88 26.26
S2 SGN A . 29.93 -6.28 29.31
O4S SGN A . 30.08 -4.87 29.44
O5S SGN A . 29.65 -6.92 30.57
O6S SGN A . 31.01 -6.92 28.61
C1 IDS A . 25.41 -4.35 29.78
C2 IDS A . 25.67 -2.84 29.87
C3 IDS A . 25.02 -2.25 31.12
C4 IDS A . 23.50 -2.52 31.12
C5 IDS A . 23.18 -3.73 30.22
C6 IDS A . 21.80 -4.34 30.46
O2 IDS A . 27.07 -2.64 29.97
O3 IDS A . 25.23 -0.85 31.16
O4 IDS A . 23.12 -2.85 32.45
O5 IDS A . 24.19 -4.71 30.37
O6A IDS A . 20.83 -3.63 30.55
O6B IDS A . 21.64 -5.53 30.56
S IDS A . 28.13 -2.67 28.82
O1S IDS A . 29.29 -3.25 29.44
O2S IDS A . 27.62 -3.49 27.77
O3S IDS A . 28.33 -1.30 28.44
C1 SGN A . 23.12 -1.80 33.39
C2 SGN A . 23.43 -2.34 34.79
C3 SGN A . 22.29 -3.24 35.28
C4 SGN A . 20.97 -2.47 35.18
C5 SGN A . 20.79 -1.96 33.75
C6 SGN A . 19.53 -1.13 33.51
N2 SGN A . 24.71 -3.06 34.76
O3 SGN A . 22.51 -3.58 36.63
O4 SGN A . 19.93 -3.40 35.50
O5 SGN A . 21.89 -1.14 33.39
O6 SGN A . 19.50 -0.08 34.45
S1 SGN A . 26.05 -2.28 34.24
O1S SGN A . 25.77 -1.72 32.95
O2S SGN A . 26.35 -1.29 35.23
O3S SGN A . 27.06 -3.30 34.15
S2 SGN A . 18.30 0.88 34.77
O4S SGN A . 17.60 0.35 35.89
O5S SGN A . 18.93 2.14 35.07
O6S SGN A . 17.51 0.93 33.58
C1 IDS A . 18.92 -2.94 36.35
C2 IDS A . 18.34 -4.17 37.08
C3 IDS A . 17.70 -3.75 38.41
C4 IDS A . 18.74 -3.03 39.30
C5 IDS A . 19.89 -2.47 38.43
C6 IDS A . 20.74 -1.42 39.15
O2 IDS A . 17.32 -4.73 36.27
O3 IDS A . 17.23 -4.89 39.09
O4 IDS A . 18.08 -1.95 39.95
O5 IDS A . 19.35 -1.95 37.23
O6A IDS A . 21.00 -1.53 40.32
O6B IDS A . 21.17 -0.45 38.55
S IDS A . 17.40 -5.99 35.35
O1S IDS A . 16.58 -5.66 34.23
O2S IDS A . 18.78 -6.18 34.99
O3S IDS A . 16.87 -7.07 36.14
C1 SGN A . 17.38 -2.24 41.12
C2 SGN A . 15.91 -1.81 40.98
C3 SGN A . 15.81 -0.29 40.89
C4 SGN A . 16.53 0.35 42.09
C5 SGN A . 17.97 -0.19 42.13
C6 SGN A . 18.81 0.32 43.31
N2 SGN A . 15.32 -2.47 39.81
O3 SGN A . 14.45 0.09 40.94
O4 SGN A . 16.54 1.75 41.87
O5 SGN A . 17.96 -1.61 42.22
O6 SGN A . 18.08 0.12 44.50
S1 SGN A . 14.25 -3.68 40.03
O1S SGN A . 14.91 -4.74 40.74
O2S SGN A . 13.15 -3.11 40.76
O3S SGN A . 13.88 -4.08 38.71
S2 SGN A . 18.12 0.99 45.80
O4S SGN A . 17.98 2.35 45.41
O5S SGN A . 16.99 0.52 46.57
O6S SGN A . 19.38 0.70 46.44
C1 IDS A . 16.82 2.56 42.97
C2 IDS A . 15.91 3.80 42.89
C3 IDS A . 15.69 4.40 44.28
C4 IDS A . 15.08 3.35 45.22
C5 IDS A . 15.37 1.92 44.71
C6 IDS A . 15.17 0.84 45.76
O2 IDS A . 16.56 4.78 42.08
O3 IDS A . 14.80 5.50 44.18
O4 IDS A . 15.69 3.51 46.50
O5 IDS A . 16.68 1.89 44.19
O6A IDS A . 14.06 0.45 46.04
O6B IDS A . 16.11 0.33 46.33
S IDS A . 16.41 5.02 40.55
O1S IDS A . 17.23 6.17 40.29
O2S IDS A . 16.88 3.85 39.87
O3S IDS A . 15.02 5.27 40.33
C1 SGN A . 14.84 3.75 47.58
C2 SGN A . 15.07 5.17 48.13
C3 SGN A . 16.48 5.27 48.75
C4 SGN A . 16.66 4.16 49.80
C5 SGN A . 16.36 2.80 49.13
C6 SGN A . 16.43 1.58 50.07
N2 SGN A . 14.90 6.15 47.06
O3 SGN A . 16.61 6.51 49.41
O4 SGN A . 18.01 4.20 50.23
O5 SGN A . 15.04 2.80 48.59
O6 SGN A . 15.49 1.75 51.10
S1 SGN A . 13.47 6.20 46.27
O1S SGN A . 12.85 4.91 46.37
O2S SGN A . 12.70 7.24 46.88
O3S SGN A . 13.82 6.51 44.90
S2 SGN A . 14.91 0.65 52.05
O4S SGN A . 15.66 0.69 53.26
O5S SGN A . 13.54 1.02 52.23
O6S SGN A . 15.06 -0.59 51.34
C1 IDS A . 18.30 3.61 51.46
C2 IDS A . 19.65 4.16 51.94
C3 IDS A . 19.75 4.08 53.46
C4 IDS A . 18.58 4.84 54.13
C5 IDS A . 17.41 4.98 53.15
C6 IDS A . 16.09 5.34 53.81
O2 IDS A . 20.68 3.37 51.38
O3 IDS A . 20.97 4.65 53.89
O5 IDS A . 17.29 3.79 52.41
O6A IDS A . 16.07 5.88 54.90
O6B IDS A . 15.02 5.10 53.28
S IDS A . 22.08 3.83 50.87
O1S IDS A . 22.31 3.02 49.71
O2S IDS A . 21.99 5.23 50.55
O3S IDS A . 23.00 3.55 51.93
C1 SGN A . -21.10 6.05 -47.07
C2 SGN A . -21.84 7.33 -46.63
C3 SGN A . -20.82 8.39 -46.18
C4 SGN A . -19.89 7.79 -45.12
C5 SGN A . -19.25 6.50 -45.68
C6 SGN A . -18.34 5.76 -44.70
N2 SGN A . -22.68 7.80 -47.71
O1 SGN A . -20.37 6.29 -48.25
O3 SGN A . -21.51 9.48 -45.62
O4 SGN A . -18.89 8.75 -44.86
O5 SGN A . -20.27 5.58 -46.06
O6 SGN A . -18.95 5.74 -43.43
S1 SGN A . -24.23 8.21 -47.39
O1S SGN A . -24.80 7.18 -46.56
O2S SGN A . -24.19 9.50 -46.76
O3S SGN A . -24.87 8.25 -48.68
S2 SGN A . -18.38 5.12 -42.11
O4S SGN A . -17.43 6.05 -41.58
O5S SGN A . -19.53 4.97 -41.27
O6S SGN A . -17.80 3.86 -42.48
C1 IDS A . -18.79 9.25 -43.56
C2 IDS A . -17.31 9.29 -43.16
C3 IDS A . -17.06 10.34 -42.08
C4 IDS A . -17.54 11.73 -42.55
C5 IDS A . -18.57 11.58 -43.68
C6 IDS A . -19.39 12.84 -43.95
O2 IDS A . -16.95 8.02 -42.64
O3 IDS A . -15.69 10.40 -41.78
O4 IDS A . -18.15 12.37 -41.45
O5 IDS A . -19.42 10.49 -43.40
O6A IDS A . -18.90 13.93 -43.76
O6B IDS A . -20.53 12.79 -44.35
S IDS A . -16.89 6.64 -43.39
O1S IDS A . -16.04 5.83 -42.55
O2S IDS A . -18.23 6.14 -43.46
O3S IDS A . -16.32 6.92 -44.67
C1 SGN A . -17.32 13.05 -40.55
C2 SGN A . -17.50 12.48 -39.14
C3 SGN A . -18.91 12.81 -38.61
C4 SGN A . -19.15 14.33 -38.72
C5 SGN A . -18.90 14.77 -40.17
C6 SGN A . -19.05 16.27 -40.44
N2 SGN A . -17.26 11.04 -39.14
O3 SGN A . -19.00 12.45 -37.26
O4 SGN A . -20.50 14.56 -38.37
O5 SGN A . -17.58 14.42 -40.57
O6 SGN A . -17.83 16.91 -40.09
S1 SGN A . -15.86 10.47 -38.52
O1S SGN A . -14.81 11.35 -38.93
O2S SGN A . -16.05 10.42 -37.10
O3S SGN A . -15.71 9.17 -39.11
S2 SGN A . -17.57 18.44 -40.00
O4S SGN A . -18.83 19.10 -39.81
O5S SGN A . -16.71 18.58 -38.86
O6S SGN A . -16.91 18.81 -41.22
C1 IDS A . -20.78 15.69 -37.60
C2 IDS A . -21.91 15.33 -36.62
C3 IDS A . -21.85 16.23 -35.38
C4 IDS A . -20.46 16.12 -34.70
C5 IDS A . -19.41 15.61 -35.69
C6 IDS A . -17.97 15.85 -35.25
O2 IDS A . -23.15 15.55 -37.25
O3 IDS A . -22.84 15.85 -34.46
O4 IDS A . -20.09 17.43 -34.27
O5 IDS A . -19.65 16.20 -36.95
O6A IDS A . -17.70 15.99 -34.08
O6B IDS A . -17.06 15.90 -36.04
S IDS A . -24.47 14.73 -37.10
O1S IDS A . -25.06 14.74 -38.40
O2S IDS A . -24.12 13.41 -36.67
O3S IDS A . -25.25 15.46 -36.13
C1 SGN A . -20.04 17.65 -32.89
C2 SGN A . -19.97 19.16 -32.59
C3 SGN A . -18.63 19.73 -33.09
C4 SGN A . -17.48 18.91 -32.47
C5 SGN A . -17.69 17.43 -32.81
C6 SGN A . -16.63 16.47 -32.22
N2 SGN A . -21.10 19.83 -33.22
O3 SGN A . -18.51 21.06 -32.66
O4 SGN A . -16.28 19.38 -33.09
O5 SGN A . -18.94 16.99 -32.32
O6 SGN A . -16.59 16.68 -30.83
S1 SGN A . -22.46 20.09 -32.34
O1S SGN A . -23.21 18.88 -32.33
O2S SGN A . -22.02 20.51 -31.05
O3S SGN A . -23.15 21.13 -33.05
S2 SGN A . -15.41 16.29 -29.86
O4S SGN A . -14.50 17.40 -29.84
O5S SGN A . -16.06 16.10 -28.60
O6S SGN A . -14.84 15.09 -30.39
C1 IDS A . -15.07 18.99 -32.49
C2 IDS A . -14.06 18.74 -33.62
C3 IDS A . -12.63 18.92 -33.11
C4 IDS A . -12.43 20.32 -32.52
C5 IDS A . -13.80 20.93 -32.12
C6 IDS A . -13.70 22.11 -31.16
O2 IDS A . -14.21 17.40 -34.06
O3 IDS A . -11.72 18.74 -34.17
O4 IDS A . -11.63 20.21 -31.36
O5 IDS A . -14.60 19.91 -31.56
O6A IDS A . -13.34 23.19 -31.57
O6B IDS A . -13.97 22.02 -29.99
S IDS A . -14.49 16.89 -35.52
O1S IDS A . -14.57 15.46 -35.37
O2S IDS A . -15.73 17.47 -35.95
O3S IDS A . -13.37 17.30 -36.30
C1 SGN A . -10.48 19.42 -31.46
C2 SGN A . -10.80 17.94 -31.18
C3 SGN A . -11.21 17.77 -29.71
C4 SGN A . -10.12 18.34 -28.80
C5 SGN A . -9.86 19.81 -29.22
C6 SGN A . -8.74 20.51 -28.42
N2 SGN A . -11.85 17.50 -32.09
O3 SGN A . -11.33 16.39 -29.43
O4 SGN A . -10.61 18.29 -27.47
O5 SGN A . -9.49 19.87 -30.58
O6 SGN A . -7.52 19.89 -28.73
S1 SGN A . -11.69 16.06 -32.85
O1S SGN A . -11.09 16.29 -34.12
O2S SGN A . -10.89 15.24 -31.98
O3S SGN A . -13.03 15.56 -32.97
S2 SGN A . -6.10 20.56 -28.80
O4S SGN A . -6.05 21.55 -27.77
O5S SGN A . -5.20 19.48 -28.57
O6S SGN A . -6.00 21.10 -30.12
C1 IDS A . -10.28 17.15 -26.72
C2 IDS A . -10.96 17.29 -25.35
C3 IDS A . -11.19 15.92 -24.73
C4 IDS A . -12.04 15.03 -25.66
C5 IDS A . -11.94 15.54 -27.11
C6 IDS A . -12.39 14.53 -28.16
O2 IDS A . -10.11 18.03 -24.50
O3 IDS A . -11.87 16.05 -23.49
O4 IDS A . -11.51 13.71 -25.61
O5 IDS A . -10.62 15.96 -27.37
O6A IDS A . -13.56 14.40 -28.42
O6B IDS A . -11.61 13.84 -28.75
S IDS A . -10.48 19.04 -23.37
O1S IDS A . -9.25 19.70 -23.06
O2S IDS A . -11.47 19.93 -23.90
O3S IDS A . -10.97 18.24 -22.28
C1 SGN A . -12.31 12.72 -25.05
C2 SGN A . -12.15 12.69 -23.52
C3 SGN A . -10.73 12.22 -23.16
C4 SGN A . -10.44 10.88 -23.84
C5 SGN A . -10.69 11.03 -25.35
C6 SGN A . -10.50 9.75 -26.18
N2 SGN A . -12.43 14.02 -22.97
O3 SGN A . -10.65 12.04 -21.76
O4 SGN A . -9.08 10.57 -23.61
O5 SGN A . -12.02 11.47 -25.58
O6 SGN A . -10.42 8.66 -25.28
S1 SGN A . -13.56 14.17 -21.81
O1S SGN A . -14.78 13.58 -22.29
O2S SGN A . -13.03 13.51 -20.64
O3S SGN A . -13.70 15.58 -21.61
S2 SGN A . -9.62 7.33 -25.51
O4S SGN A . -8.37 7.67 -26.11
O5S SGN A . -9.46 6.81 -24.18
O6S SGN A . -10.45 6.50 -26.33
C1 IDS A . -8.76 9.22 -23.42
C2 IDS A . -7.50 9.17 -22.52
C3 IDS A . -7.46 7.84 -21.76
C4 IDS A . -8.73 7.63 -20.93
C5 IDS A . -9.88 8.49 -21.49
C6 IDS A . -11.26 8.07 -21.01
O2 IDS A . -6.37 9.26 -23.35
O3 IDS A . -6.33 7.82 -20.91
O4 IDS A . -9.11 6.26 -21.03
O5 IDS A . -9.82 8.49 -22.89
O6A IDS A . -11.52 8.05 -19.82
O6B IDS A . -12.13 7.74 -21.78
S IDS A . -5.13 10.21 -23.19
O1S IDS A . -4.19 9.72 -24.15
O2S IDS A . -5.58 11.54 -23.49
O3S IDS A . -4.68 10.05 -21.84
C1 SGN A . -8.20 5.32 -20.52
C2 SGN A . -7.30 4.78 -21.64
C3 SGN A . -8.12 3.97 -22.64
C4 SGN A . -8.90 2.87 -21.89
C5 SGN A . -9.74 3.54 -20.78
C6 SGN A . -10.53 2.56 -19.90
N2 SGN A . -6.62 5.90 -22.30
O3 SGN A . -7.25 3.34 -23.55
O4 SGN A . -9.75 2.25 -22.83
O5 SGN A . -8.89 4.27 -19.90
O6 SGN A . -9.62 1.79 -19.15
S1 SGN A . -5.05 6.19 -21.93
O1S SGN A . -4.74 5.54 -20.68
O2S SGN A . -4.28 5.68 -23.03
O3S SGN A . -4.96 7.61 -21.81
S2 SGN A . -9.89 1.08 -17.79
O4S SGN A . -11.25 0.61 -17.80
O5S SGN A . -8.95 -0.02 -17.77
O6S SGN A . -9.64 2.05 -16.76
C1 IDS A . -10.37 1.06 -22.44
C2 IDS A . -11.52 0.78 -23.42
C3 IDS A . -11.82 -0.72 -23.48
C4 IDS A . -10.57 -1.52 -23.89
C5 IDS A . -9.31 -0.69 -23.59
C6 IDS A . -8.03 -1.52 -23.57
O2 IDS A . -12.68 1.44 -22.96
O3 IDS A . -12.85 -0.96 -24.43
O4 IDS A . -10.54 -2.70 -23.12
O5 IDS A . -9.47 -0.02 -22.37
O6A IDS A . -7.67 -2.13 -24.56
O6B IDS A . -7.32 -1.59 -22.59
S IDS A . -12.94 2.99 -22.89
O1S IDS A . -13.83 3.15 -21.77
O2S IDS A . -11.69 3.64 -22.69
O3S IDS A . -13.56 3.32 -24.14
C1 SGN A . -11.75 -3.34 -22.88
C2 SGN A . -12.45 -2.75 -21.64
C3 SGN A . -11.64 -3.08 -20.38
C4 SGN A . -11.40 -4.59 -20.29
C5 SGN A . -10.76 -5.06 -21.61
C6 SGN A . -10.51 -6.58 -21.70
N2 SGN A . -12.60 -1.30 -21.81
O3 SGN A . -12.36 -2.67 -19.24
O4 SGN A . -10.53 -4.82 -19.21
O5 SGN A . -11.58 -4.72 -22.71
O6 SGN A . -11.74 -7.24 -21.50
S1 SGN A . -13.99 -0.59 -21.33
O1S SGN A . -14.87 -0.51 -22.46
O2S SGN A . -14.51 -1.41 -20.26
O3S SGN A . -13.60 0.71 -20.88
S2 SGN A . -11.96 -8.71 -21.00
O4S SGN A . -10.78 -9.10 -20.29
O5S SGN A . -13.11 -8.63 -20.15
O6S SGN A . -12.19 -9.49 -22.18
C1 IDS A . -11.08 -5.39 -18.05
C2 IDS A . -9.93 -5.68 -17.07
C3 IDS A . -10.46 -5.69 -15.63
C4 IDS A . -11.15 -4.37 -15.29
C5 IDS A . -11.61 -3.65 -16.57
C6 IDS A . -12.65 -2.56 -16.34
O2 IDS A . -9.39 -6.95 -17.37
O3 IDS A . -9.38 -5.89 -14.74
O4 IDS A . -12.30 -4.67 -14.51
O5 IDS A . -12.09 -4.61 -17.49
O6A IDS A . -13.03 -2.30 -15.22
O6B IDS A . -13.10 -1.90 -17.25
S IDS A . -7.95 -7.30 -17.86
O1S IDS A . -7.86 -8.72 -17.70
O2S IDS A . -7.84 -6.89 -19.22
O3S IDS A . -7.06 -6.58 -16.98
C1 SGN A . -12.09 -5.15 -13.22
C2 SGN A . -13.27 -6.00 -12.75
C3 SGN A . -14.53 -5.14 -12.59
C4 SGN A . -14.21 -3.96 -11.67
C5 SGN A . -13.00 -3.20 -12.22
C6 SGN A . -12.52 -2.01 -11.36
N2 SGN A . -13.49 -7.09 -13.71
O3 SGN A . -15.55 -5.90 -12.01
O4 SGN A . -15.35 -3.10 -11.68
O5 SGN A . -11.89 -4.09 -12.32
O6 SGN A . -12.59 -2.39 -10.00
S1 SGN A . -12.42 -8.32 -13.77
O1S SGN A . -11.19 -7.81 -14.31
O2S SGN A . -12.28 -8.80 -12.42
O3S SGN A . -13.01 -9.29 -14.63
S2 SGN A . -12.18 -1.53 -8.77
O4S SGN A . -12.72 -0.22 -8.96
O5S SGN A . -12.79 -2.20 -7.65
O6S SGN A . -10.75 -1.56 -8.70
C1 IDS A . -15.75 -2.56 -10.46
C2 IDS A . -17.28 -2.37 -10.51
C3 IDS A . -17.86 -2.38 -9.09
C4 IDS A . -17.51 -3.69 -8.36
C5 IDS A . -16.26 -4.33 -9.01
C6 IDS A . -15.59 -5.40 -8.14
O2 IDS A . -17.55 -1.10 -11.08
O3 IDS A . -19.27 -2.26 -9.15
O4 IDS A . -17.20 -3.37 -7.02
O5 IDS A . -15.35 -3.32 -9.36
O6A IDS A . -16.23 -6.35 -7.75
O6B IDS A . -14.43 -5.32 -7.84
S IDS A . -18.67 -0.73 -12.10
O1S IDS A . -18.41 0.65 -12.43
O2S IDS A . -18.54 -1.60 -13.24
O3S IDS A . -19.91 -0.90 -11.40
C1 SGN A . -17.93 -4.03 -6.02
C2 SGN A . -17.66 -3.41 -4.65
C3 SGN A . -16.21 -3.68 -4.23
C4 SGN A . -15.94 -5.19 -4.30
C5 SGN A . -16.29 -5.69 -5.71
C6 SGN A . -16.12 -7.20 -5.92
N2 SGN A . -17.94 -1.97 -4.69
O3 SGN A . -16.02 -3.26 -2.90
O4 SGN A . -14.55 -5.37 -4.05
O5 SGN A . -17.65 -5.39 -6.00
O6 SGN A . -17.05 -7.87 -5.10
S1 SGN A . -19.21 -1.38 -3.84
O1S SGN A . -20.36 -2.18 -4.16
O2S SGN A . -18.82 -1.46 -2.47
O3S SGN A . -19.35 -0.03 -4.29
S2 SGN A . -17.90 -9.14 -5.48
O4S SGN A . -17.21 -9.82 -6.53
O5S SGN A . -17.93 -9.90 -4.26
O6S SGN A . -19.20 -8.66 -5.85
C1 IDS A . -14.19 -6.04 -2.88
C2 IDS A . -13.01 -6.97 -3.20
C3 IDS A . -12.18 -7.23 -1.95
C4 IDS A . -11.67 -5.92 -1.34
C5 IDS A . -12.55 -4.75 -1.80
C6 IDS A . -12.40 -3.49 -0.95
O2 IDS A . -13.53 -8.20 -3.67
O3 IDS A . -11.07 -8.04 -2.28
O4 IDS A . -11.77 -6.03 0.08
O5 IDS A . -13.90 -5.16 -1.82
O6A IDS A . -11.50 -2.70 -1.16
O6B IDS A . -13.17 -3.22 -0.06
S IDS A . -13.18 -8.95 -5.00
O1S IDS A . -14.07 -10.08 -4.99
O2S IDS A . -13.43 -8.06 -6.08
O3S IDS A . -11.80 -9.33 -4.87
C1 SGN A . -10.76 -6.74 0.73
C2 SGN A . -11.33 -7.49 1.94
C3 SGN A . -11.79 -6.48 3.01
C4 SGN A . -10.62 -5.52 3.35
C5 SGN A . -10.12 -4.89 2.04
C6 SGN A . -8.92 -3.94 2.21
N2 SGN A . -12.42 -8.35 1.52
O3 SGN A . -12.13 -7.17 4.19
O4 SGN A . -11.14 -4.53 4.21
O5 SGN A . -9.73 -5.89 1.13
O6 SGN A . -7.87 -4.67 2.79
S1 SGN A . -12.08 -9.85 0.97
O1S SGN A . -11.20 -9.72 -0.16
O2S SGN A . -11.50 -10.56 2.07
O3S SGN A . -13.36 -10.40 0.58
S2 SGN A . -6.52 -4.08 3.35
O4S SGN A . -6.76 -2.72 3.71
O5S SGN A . -6.23 -4.91 4.50
O6S SGN A . -5.55 -4.24 2.31
C1 IDS A . -10.30 -4.07 5.23
C2 IDS A . -11.17 -3.58 6.38
C3 IDS A . -10.40 -3.66 7.72
C4 IDS A . -9.89 -5.09 7.97
C5 IDS A . -9.82 -5.87 6.64
C6 IDS A . -8.96 -7.13 6.72
O2 IDS A . -11.53 -2.24 6.15
O3 IDS A . -11.23 -3.26 8.77
O4 IDS A . -8.59 -4.99 8.51
O5 IDS A . -9.35 -5.02 5.62
O6A IDS A . -9.23 -8.02 7.50
O6B IDS A . -8.00 -7.30 6.00
S IDS A . -12.94 -1.65 5.88
O1S IDS A . -12.75 -0.80 4.74
O2S IDS A . -13.83 -2.74 5.61
O3S IDS A . -13.30 -0.91 7.05
C1 SGN A . -8.41 -5.45 9.83
C2 SGN A . -7.24 -4.72 10.49
C3 SGN A . -5.91 -5.09 9.82
C4 SGN A . -5.77 -6.63 9.80
C5 SGN A . -7.01 -7.24 9.15
C6 SGN A . -7.04 -8.77 9.11
N2 SGN A . -7.47 -3.27 10.43
O3 SGN A . -4.84 -4.56 10.54
O4 SGN A . -4.61 -6.93 9.03
O5 SGN A . -8.18 -6.84 9.84
O6 SGN A . -6.45 -9.27 10.29
S1 SGN A . -8.02 -2.51 11.78
O1S SGN A . -9.44 -2.62 11.80
O2S SGN A . -7.38 -3.15 12.89
O3S SGN A . -7.59 -1.14 11.62
S2 SGN A . -6.66 -10.66 10.95
O4S SGN A . -6.55 -11.64 9.92
O5S SGN A . -5.59 -10.76 11.91
O6S SGN A . -7.95 -10.63 11.57
C1 IDS A . -3.40 -7.05 9.72
C2 IDS A . -2.58 -8.16 9.05
C3 IDS A . -1.09 -7.95 9.29
C4 IDS A . -0.65 -6.56 8.78
C5 IDS A . -1.85 -5.61 8.70
C6 IDS A . -1.48 -4.14 8.60
O2 IDS A . -2.95 -9.40 9.61
O3 IDS A . -0.35 -8.94 8.61
O4 IDS A . 0.28 -6.03 9.73
O5 IDS A . -2.70 -5.84 9.81
O6A IDS A . -0.80 -3.73 7.69
O6B IDS A . -1.85 -3.33 9.44
S IDS A . -4.07 -10.39 9.13
O1S IDS A . -4.46 -11.09 10.32
O2S IDS A . -5.13 -9.61 8.58
O3S IDS A . -3.43 -11.25 8.17
C1 SGN A . 1.58 -6.53 9.70
C2 SGN A . 1.85 -7.42 10.92
C3 SGN A . 1.84 -6.56 12.20
C4 SGN A . 2.84 -5.40 12.03
C5 SGN A . 2.48 -4.62 10.75
C6 SGN A . 3.43 -3.46 10.42
N2 SGN A . 0.84 -8.48 10.99
O3 SGN A . 2.26 -7.36 13.29
O4 SGN A . 2.68 -4.56 13.17
O5 SGN A . 2.52 -5.50 9.63
O6 SGN A . 4.52 -3.95 9.67
S1 SGN A . 1.06 -9.82 10.07
O1S SGN A . 1.64 -9.43 8.82
O2S SGN A . 1.88 -10.70 10.84
O3S SGN A . -0.27 -10.35 9.89
S2 SGN A . 5.66 -3.13 9.00
O4S SGN A . 5.76 -1.89 9.70
O5S SGN A . 6.83 -3.95 9.16
O6S SGN A . 5.28 -2.96 7.63
C1 IDS A . 3.78 -4.44 14.03
C2 IDS A . 3.84 -2.98 14.51
C3 IDS A . 4.56 -2.89 15.86
C4 IDS A . 3.85 -3.77 16.91
C5 IDS A . 3.02 -4.87 16.21
C6 IDS A . 2.62 -6.01 17.13
O2 IDS A . 4.58 -2.24 13.56
O3 IDS A . 4.56 -1.56 16.31
O4 IDS A . 4.85 -4.40 17.70
O5 IDS A . 3.73 -5.35 15.09
O6A IDS A . 1.72 -5.88 17.92
O6B IDS A . 3.18 -7.09 17.09
S IDS A . 4.15 -1.76 12.14
O1S IDS A . 5.11 -0.76 11.79
O2S IDS A . 4.19 -2.89 11.26
O3S IDS A . 2.82 -1.22 12.31
C1 SGN A . 5.56 -3.59 18.58
C2 SGN A . 7.03 -4.04 18.67
C3 SGN A . 7.12 -5.43 19.32
C4 SGN A . 6.39 -5.41 20.67
C5 SGN A . 4.95 -4.90 20.46
C6 SGN A . 4.12 -4.77 21.74
N2 SGN A . 7.62 -4.04 17.33
O3 SGN A . 8.47 -5.75 19.55
O4 SGN A . 6.37 -6.74 21.16
O5 SGN A . 4.98 -3.61 19.85
O6 SGN A . 4.97 -4.90 22.85
S1 SGN A . 7.67 -2.63 16.49
O1S SGN A . 6.34 -2.12 16.40
O2S SGN A . 8.57 -1.77 17.22
O3S SGN A . 8.19 -3.00 15.21
S2 SGN A . 4.75 -5.79 24.11
O4S SGN A . 5.40 -7.05 23.86
O5S SGN A . 5.38 -5.06 25.17
O6S SGN A . 3.34 -5.91 24.29
C1 IDS A . 7.15 -7.02 22.29
C2 IDS A . 6.96 -8.51 22.64
C3 IDS A . 8.16 -9.03 23.41
C4 IDS A . 9.45 -8.83 22.60
C5 IDS A . 9.27 -7.72 21.56
C6 IDS A . 10.57 -7.17 20.99
O2 IDS A . 5.82 -8.63 23.46
O3 IDS A . 7.99 -10.41 23.67
O4 IDS A . 10.48 -8.43 23.50
O5 IDS A . 8.50 -6.68 22.13
O6A IDS A . 11.49 -7.91 20.73
O6B IDS A . 10.73 -5.98 20.78
S IDS A . 4.33 -8.24 23.13
O1S IDS A . 3.62 -8.52 24.34
O2S IDS A . 4.31 -6.85 22.80
O3S IDS A . 3.94 -9.10 22.05
C1 SGN A . 10.87 -9.37 24.47
C2 SGN A . 9.96 -9.30 25.69
C3 SGN A . 10.16 -7.95 26.41
C4 SGN A . 11.65 -7.77 26.73
C5 SGN A . 12.45 -7.90 25.43
C6 SGN A . 13.98 -7.80 25.59
N2 SGN A . 8.57 -9.47 25.28
O3 SGN A . 9.45 -7.97 27.63
O4 SGN A . 11.80 -6.45 27.25
O5 SGN A . 12.20 -9.17 24.83
O6 SGN A . 14.39 -8.70 26.58
S1 SGN A . 7.73 -10.76 25.86
O1S SGN A . 8.15 -11.93 25.15
O2S SGN A . 8.02 -10.82 27.27
O3S SGN A . 6.35 -10.44 25.60
S2 SGN A . 15.74 -8.70 27.37
O4S SGN A . 15.93 -7.39 27.90
O5S SGN A . 15.55 -9.68 28.39
O6S SGN A . 16.75 -9.08 26.42
C1 IDS A . 12.86 -6.23 28.13
C2 IDS A . 13.14 -4.72 28.16
C3 IDS A . 13.81 -4.33 29.49
C4 IDS A . 12.94 -4.74 30.68
C5 IDS A . 11.97 -5.87 30.27
C6 IDS A . 11.36 -6.62 31.45
O2 IDS A . 14.03 -4.40 27.10
O3 IDS A . 14.00 -2.93 29.53
O4 IDS A . 13.80 -5.24 31.70
O5 IDS A . 12.64 -6.76 29.41
O6A IDS A . 11.17 -6.06 32.50
O6B IDS A . 11.02 -7.78 31.35
S IDS A . 13.77 -4.48 25.57
O1S IDS A . 14.90 -3.81 24.99
O2S IDS A . 13.70 -5.86 25.21
O3S IDS A . 12.54 -3.77 25.36
C1 SGN A . 14.88 -4.44 32.05
C2 SGN A . 16.15 -4.90 31.33
C3 SGN A . 16.56 -6.30 31.83
C4 SGN A . 16.70 -6.26 33.36
C5 SGN A . 15.38 -5.74 33.96
C6 SGN A . 15.37 -5.60 35.50
N2 SGN A . 15.92 -4.91 29.88
O3 SGN A . 17.82 -6.64 31.29
O4 SGN A . 16.93 -7.60 33.79
O5 SGN A . 15.08 -4.46 33.44
O6 SGN A . 16.71 -5.44 35.93
S1 SGN A . 16.60 -3.75 28.96
O1S SGN A . 17.02 -2.69 29.83
O2S SGN A . 17.69 -4.38 28.27
O3S SGN A . 15.55 -3.33 28.07
S2 SGN A . 17.31 -5.91 37.30
O4S SGN A . 17.73 -7.27 37.15
O5S SGN A . 18.41 -5.02 37.51
O6S SGN A . 16.27 -5.74 38.27
C1 IDS A . 18.00 -7.81 34.66
C2 IDS A . 18.50 -9.24 34.45
C3 IDS A . 19.97 -9.37 34.86
C4 IDS A . 20.84 -8.37 34.06
C5 IDS A . 19.97 -7.22 33.53
C6 IDS A . 20.77 -5.99 33.10
O2 IDS A . 17.74 -10.11 35.28
O3 IDS A . 20.43 -10.68 34.60
O4 IDS A . 21.80 -7.84 34.95
O5 IDS A . 19.02 -6.87 34.51
O6A IDS A . 21.89 -6.11 32.66
O6B IDS A . 20.31 -4.87 33.16
S IDS A . 16.43 -10.87 34.93
O1S IDS A . 15.55 -10.59 36.03
O2S IDS A . 15.92 -10.34 33.69
O3S IDS A . 16.78 -12.25 34.84
C1 SGN A . 22.59 -8.75 35.66
C2 SGN A . 23.04 -8.14 37.01
C3 SGN A . 24.01 -6.99 36.75
C4 SGN A . 25.17 -7.46 35.87
C5 SGN A . 24.58 -8.09 34.59
C6 SGN A . 25.62 -8.68 33.62
N2 SGN A . 21.86 -7.71 37.76
O3 SGN A . 24.54 -6.55 37.98
O4 SGN A . 25.95 -6.33 35.54
O5 SGN A . 23.70 -9.15 34.91
O6 SGN A . 26.14 -9.86 34.17
S1 SGN A . 21.13 -8.77 38.75
O1S SGN A . 21.32 -10.09 38.23
O2S SGN A . 21.71 -8.58 40.04
O3S SGN A . 19.74 -8.39 38.72
S2 SGN A . 27.47 -10.59 33.80
O4S SGN A . 28.41 -9.58 33.43
O5S SGN A . 27.85 -11.27 35.00
O6S SGN A . 27.15 -11.49 32.73
C1 IDS A . 27.33 -6.49 35.56
C2 IDS A . 27.92 -5.63 34.42
C3 IDS A . 29.37 -5.24 34.72
C4 IDS A . 29.45 -4.49 36.06
C5 IDS A . 28.23 -4.81 36.94
C6 IDS A . 28.40 -4.44 38.41
O2 IDS A . 27.91 -6.40 33.23
O3 IDS A . 29.86 -4.41 33.70
O4 IDS A . 30.62 -4.93 36.74
O5 IDS A . 27.90 -6.17 36.79
O6A IDS A . 29.39 -3.85 38.78
O6B IDS A . 27.57 -4.73 39.24
S IDS A . 26.72 -6.64 32.24
O1S IDS A . 27.37 -6.98 31.00
O2S IDS A . 25.93 -7.71 32.75
O3S IDS A . 26.02 -5.40 32.18
C1 SGN A . 31.62 -3.98 36.97
C2 SGN A . 32.61 -3.97 35.79
C3 SGN A . 33.39 -5.29 35.74
C4 SGN A . 34.05 -5.55 37.11
C5 SGN A . 32.95 -5.50 38.19
C6 SGN A . 33.46 -5.69 39.63
N2 SGN A . 31.90 -3.73 34.54
O3 SGN A . 34.41 -5.19 34.77
O4 SGN A . 34.62 -6.85 37.05
O5 SGN A . 32.30 -4.24 38.16
O6 SGN A . 34.43 -4.69 39.90
S1 SGN A . 31.57 -2.18 34.10
O1S SGN A . 30.66 -1.63 35.04
O2S SGN A . 32.84 -1.51 34.07
O3S SGN A . 31.00 -2.30 32.78
S2 SGN A . 34.94 -4.22 41.29
O4S SGN A . 36.16 -4.92 41.57
O5S SGN A . 35.14 -2.80 41.13
O6S SGN A . 33.89 -4.52 42.23
C1 IDS A . 35.57 -7.17 38.04
C2 IDS A . 35.86 -8.67 37.93
C3 IDS A . 37.26 -8.98 38.47
C4 IDS A . 38.33 -8.17 37.73
C5 IDS A . 37.69 -6.93 37.07
C6 IDS A . 38.71 -5.86 36.67
O2 IDS A . 34.91 -9.37 38.71
O3 IDS A . 37.53 -10.36 38.32
O4 IDS A . 39.29 -7.73 38.68
O5 IDS A . 36.72 -6.39 37.94
O6A IDS A . 39.85 -6.17 36.39
O6B IDS A . 38.41 -4.69 36.61
S IDS A . 33.95 -10.51 38.26
O1S IDS A . 33.49 -11.08 39.49
O2S IDS A . 32.89 -9.93 37.50
O3S IDS A . 34.75 -11.42 37.50
C1 SGN A . 40.54 -8.35 38.65
C2 SGN A . 40.76 -9.20 39.91
C3 SGN A . 40.85 -8.29 41.15
C4 SGN A . 41.93 -7.22 40.92
C5 SGN A . 41.62 -6.47 39.61
C6 SGN A . 42.64 -5.40 39.23
N2 SGN A . 39.68 -10.17 40.04
O3 SGN A . 41.23 -9.07 42.26
O4 SGN A . 41.86 -6.33 42.02
O5 SGN A . 41.55 -7.39 38.53
O6 SGN A . 43.94 -5.98 39.24
S1 SGN A . 40.06 -11.75 40.21
O1S SGN A . 40.83 -12.15 39.07
O2S SGN A . 40.78 -11.86 41.45
O3S SGN A . 38.79 -12.43 40.25
S2 SGN A . 45.26 -5.34 38.74
O4S SGN A . 45.03 -3.93 38.58
O5S SGN A . 46.20 -5.61 39.78
O6S SGN A . 45.60 -6.01 37.51
C1 IDS A . 43.03 -6.19 42.80
C2 IDS A . 42.84 -4.96 43.71
C3 IDS A . 43.71 -5.09 44.95
C4 IDS A . 43.36 -6.37 45.72
C5 IDS A . 42.70 -7.40 44.79
C6 IDS A . 42.69 -8.82 45.33
O2 IDS A . 43.27 -3.81 42.98
O3 IDS A . 43.49 -3.97 45.80
O5 IDS A . 43.33 -7.34 43.53
O6A IDS A . 42.62 -9.03 46.51
O6B IDS A . 42.75 -9.78 44.59
S IDS A . 42.38 -2.70 42.34
O1S IDS A . 43.28 -2.02 41.45
O2S IDS A . 41.29 -3.33 41.66
O3S IDS A . 41.95 -1.87 43.43
C1 SGN A . -21.02 36.41 -28.46
C2 SGN A . -19.86 35.52 -28.94
C3 SGN A . -20.21 34.88 -30.28
C4 SGN A . -21.55 34.12 -30.15
C5 SGN A . -22.62 35.10 -29.63
C6 SGN A . -24.00 34.49 -29.39
N2 SGN A . -18.64 36.34 -29.04
O1 SGN A . -21.18 37.51 -29.31
O3 SGN A . -19.21 33.94 -30.62
O4 SGN A . -21.90 33.67 -31.46
O5 SGN A . -22.20 35.65 -28.39
O6 SGN A . -23.87 33.08 -29.43
S1 SGN A . -17.62 36.39 -27.76
O1S SGN A . -18.27 37.07 -26.70
O2S SGN A . -17.29 35.02 -27.45
O3S SGN A . -16.48 37.12 -28.24
S2 SGN A . -24.98 32.02 -29.10
O4S SGN A . -25.78 31.87 -30.27
O5S SGN A . -24.24 30.84 -28.78
O6S SGN A . -25.71 32.54 -27.98
C1 IDS A . -21.94 32.29 -31.65
C2 IDS A . -22.11 32.04 -33.17
C3 IDS A . -21.55 30.67 -33.56
C4 IDS A . -20.07 30.56 -33.15
C5 IDS A . -19.73 31.56 -32.04
C6 IDS A . -18.44 31.26 -31.29
O2 IDS A . -23.49 32.07 -33.47
O3 IDS A . -21.67 30.48 -34.94
O4 IDS A . -19.86 29.24 -32.65
O5 IDS A . -20.82 31.64 -31.14
O6A IDS A . -17.37 31.40 -31.85
O6B IDS A . -18.43 30.91 -30.14
S IDS A . -24.20 32.65 -34.72
O1S IDS A . -25.37 33.29 -34.20
O2S IDS A . -23.30 33.58 -35.34
O3S IDS A . -24.51 31.53 -35.56
C1 SGN A . -19.72 28.22 -33.59
C2 SGN A . -21.08 27.58 -33.90
C3 SGN A . -21.61 26.85 -32.67
C4 SGN A . -20.55 25.85 -32.17
C5 SGN A . -19.24 26.59 -31.93
C6 SGN A . -18.06 25.72 -31.49
N2 SGN A . -22.01 28.62 -34.36
O3 SGN A . -22.78 26.13 -33.02
O4 SGN A . -21.04 25.31 -30.95
O5 SGN A . -18.82 27.24 -33.12
O6 SGN A . -18.27 24.42 -31.97
S1 SGN A . -22.63 28.52 -35.86
O1S SGN A . -21.68 27.86 -36.70
O2S SGN A . -23.86 27.80 -35.73
O3S SGN A . -22.84 29.88 -36.26
S2 SGN A . -18.12 23.07 -31.18
O4S SGN A . -19.43 22.72 -30.70
O5S SGN A . -17.64 22.14 -32.16
O6S SGN A . -17.18 23.31 -30.14
C1 IDS A . -20.40 24.17 -30.46
C2 IDS A . -21.45 23.31 -29.72
C3 IDS A . -21.02 21.84 -29.72
C4 IDS A . -20.82 21.32 -31.15
C5 IDS A . -20.55 22.50 -32.11
C6 IDS A . -19.94 22.08 -33.45
O2 IDS A . -21.53 23.76 -28.39
O3 IDS A . -22.03 21.07 -29.09
O4 IDS A . -19.68 20.47 -31.15
O5 IDS A . -19.73 23.44 -31.46
O6A IDS A . -20.63 21.60 -34.32
O6B IDS A . -18.76 22.23 -33.67
S IDS A . -22.81 24.08 -27.55
O1S IDS A . -22.42 23.80 -26.20
O2S IDS A . -23.14 25.45 -27.75
O3S IDS A . -23.82 23.18 -28.03
C1 SGN A . -19.65 19.45 -30.20
C2 SGN A . -18.78 19.84 -29.00
C3 SGN A . -17.31 19.96 -29.43
C4 SGN A . -16.88 18.64 -30.11
C5 SGN A . -17.86 18.34 -31.27
C6 SGN A . -17.59 17.02 -32.01
N2 SGN A . -19.26 21.11 -28.44
O3 SGN A . -16.50 20.15 -28.30
O4 SGN A . -15.58 18.85 -30.62
O5 SGN A . -19.18 18.26 -30.76
O6 SGN A . -17.07 16.08 -31.09
S1 SGN A . -20.10 21.08 -27.03
O1S SGN A . -20.64 19.76 -26.86
O2S SGN A . -19.17 21.46 -26.01
O3S SGN A . -21.14 22.05 -27.21
S2 SGN A . -15.96 15.01 -31.35
O4S SGN A . -14.70 15.62 -31.04
O5S SGN A . -16.29 13.94 -30.45
O6S SGN A . -16.09 14.64 -32.73
C1 IDS A . -14.95 17.76 -31.24
C2 IDS A . -13.47 18.11 -31.45
C3 IDS A . -12.62 16.85 -31.51
C4 IDS A . -12.80 16.01 -30.24
C5 IDS A . -14.13 16.36 -29.55
C6 IDS A . -14.59 15.33 -28.52
O2 IDS A . -13.34 18.80 -32.68
O3 IDS A . -11.25 17.19 -31.64
O4 IDS A . -12.84 14.64 -30.63
O5 IDS A . -15.12 16.56 -30.52
O6A IDS A . -14.00 15.18 -27.49
O6B IDS A . -15.56 14.62 -28.73
S IDS A . -12.77 20.23 -32.93
O1S IDS A . -12.26 20.18 -34.28
O2S IDS A . -13.86 21.16 -32.80
O3S IDS A . -11.74 20.42 -31.96
C1 SGN A . -11.76 13.84 -30.24
C2 SGN A . -11.07 13.23 -31.47
C3 SGN A . -12.01 12.23 -32.16
C4 SGN A . -12.49 11.19 -31.14
C5 SGN A . -13.12 11.93 -29.94
C6 SGN A . -13.60 11.01 -28.80
N2 SGN A . -10.67 14.30 -32.38
O3 SGN A . -11.31 11.56 -33.19
O4 SGN A . -13.47 10.39 -31.79
O5 SGN A . -12.18 12.82 -29.38
O6 SGN A . -12.54 10.85 -27.89
S1 SGN A . -9.08 14.49 -32.73
O1S SGN A . -8.45 15.12 -31.61
O2S SGN A . -8.57 13.18 -32.99
O3S SGN A . -9.06 15.33 -33.89
S2 SGN A . -12.51 9.91 -26.64
O4S SGN A . -13.36 8.79 -26.93
O5S SGN A . -11.13 9.53 -26.53
O6S SGN A . -12.96 10.69 -25.53
C1 IDS A . -13.55 9.05 -31.41
C2 IDS A . -14.90 8.50 -31.92
C3 IDS A . -14.81 6.98 -32.11
C4 IDS A . -13.66 6.62 -33.08
C5 IDS A . -12.63 7.76 -33.13
C6 IDS A . -11.29 7.34 -33.73
O2 IDS A . -15.89 8.77 -30.95
O3 IDS A . -16.02 6.49 -32.64
O4 IDS A . -13.02 5.45 -32.57
O5 IDS A . -12.46 8.29 -31.84
O6A IDS A . -11.19 7.05 -34.90
O6B IDS A . -10.28 7.30 -33.06
S IDS A . -17.13 9.71 -31.08
O1S IDS A . -17.58 9.87 -29.73
O2S IDS A . -16.68 10.95 -31.66
O3S IDS A . -18.07 9.00 -31.91
C1 SGN A . -13.69 4.24 -32.74
C2 SGN A . -14.32 3.78 -31.42
C3 SGN A . -13.21 3.42 -30.41
C4 SGN A . -12.25 2.39 -31.05
C5 SGN A . -11.73 2.96 -32.38
C6 SGN A . -10.81 2.03 -33.16
N2 SGN A . -15.19 4.82 -30.89
O3 SGN A . -13.78 2.84 -29.26
O4 SGN A . -11.16 2.22 -30.14
O5 SGN A . -12.83 3.26 -33.24
O6 SGN A . -11.05 0.70 -32.76
S1 SGN A . -16.69 4.41 -30.39
O1S SGN A . -17.02 3.14 -30.96
O2S SGN A . -16.63 4.39 -28.95
O3S SGN A . -17.54 5.46 -30.88
S2 SGN A . -10.17 -0.56 -33.04
O4S SGN A . -8.89 -0.33 -32.44
O5S SGN A . -10.88 -1.63 -32.40
O6S SGN A . -10.11 -0.70 -34.46
C1 IDS A . -10.67 0.92 -29.98
C2 IDS A . -9.14 1.01 -29.91
C3 IDS A . -8.58 -0.18 -29.13
C4 IDS A . -9.18 -0.26 -27.72
C5 IDS A . -10.52 0.51 -27.67
C6 IDS A . -11.38 0.17 -26.46
O2 IDS A . -8.63 0.97 -31.22
O3 IDS A . -7.17 -0.06 -29.02
O4 IDS A . -9.43 -1.62 -27.42
O5 IDS A . -11.23 0.27 -28.87
O6A IDS A . -11.15 0.67 -25.39
O6B IDS A . -12.31 -0.60 -26.54
S IDS A . -7.88 2.10 -32.01
O1S IDS A . -8.51 2.10 -33.30
O2S IDS A . -8.08 3.33 -31.30
O3S IDS A . -6.51 1.69 -32.05
C1 SGN A . -8.32 -2.41 -27.09
C2 SGN A . -8.35 -3.73 -27.87
C3 SGN A . -9.54 -4.59 -27.39
C4 SGN A . -9.47 -4.76 -25.87
C5 SGN A . -9.40 -3.37 -25.22
C6 SGN A . -9.28 -3.37 -23.69
N2 SGN A . -8.42 -3.46 -29.30
O3 SGN A . -9.45 -5.86 -27.99
O4 SGN A . -10.66 -5.42 -25.47
O5 SGN A . -8.28 -2.65 -25.71
O6 SGN A . -7.92 -3.16 -23.34
S1 SGN A . -7.09 -3.70 -30.21
O1S SGN A . -5.94 -3.35 -29.44
O2S SGN A . -7.12 -5.08 -30.60
O3S SGN A . -7.26 -2.82 -31.34
S2 SGN A . -7.29 -3.22 -21.92
O4S SGN A . -8.21 -3.93 -21.07
O5S SGN A . -6.07 -3.95 -22.12
O6S SGN A . -7.06 -1.87 -21.51
C1 IDS A . -10.57 -6.33 -24.41
C2 IDS A . -11.90 -7.09 -24.32
C3 IDS A . -11.68 -8.46 -23.66
C4 IDS A . -10.65 -9.28 -24.44
C5 IDS A . -9.74 -8.36 -25.27
C6 IDS A . -8.46 -9.01 -25.75
O2 IDS A . -12.79 -6.34 -23.51
O3 IDS A . -12.91 -9.16 -23.64
O4 IDS A . -9.84 -9.96 -23.49
O5 IDS A . -9.47 -7.19 -24.53
O6A IDS A . -8.49 -10.00 -26.44
O6B IDS A . -7.36 -8.56 -25.45
S IDS A . -14.28 -5.99 -23.79
O1S IDS A . -14.81 -5.65 -22.50
O2S IDS A . -14.31 -4.88 -24.70
O3S IDS A . -14.87 -7.18 -24.34
C1 SGN A . -10.50 -10.77 -22.56
C2 SGN A . -10.19 -10.31 -21.13
C3 SGN A . -8.71 -10.55 -20.80
C4 SGN A . -8.36 -12.01 -21.08
C5 SGN A . -8.74 -12.36 -22.53
C6 SGN A . -8.50 -13.82 -22.93
N2 SGN A . -10.55 -8.90 -20.98
O3 SGN A . -8.48 -10.28 -19.44
O4 SGN A . -6.95 -12.14 -20.90
O5 SGN A . -10.12 -12.11 -22.73
O6 SGN A . -9.72 -14.52 -22.81
S1 SGN A . -12.10 -8.52 -20.63
O1S SGN A . -12.85 -8.47 -21.84
O2S SGN A . -12.56 -9.52 -19.71
O3S SGN A . -12.02 -7.22 -20.00
S2 SGN A . -10.25 -15.64 -23.77
O4S SGN A . -9.12 -16.20 -24.45
O5S SGN A . -10.88 -16.59 -22.88
O6S SGN A . -11.20 -15.01 -24.64
C1 IDS A . -6.49 -12.55 -19.65
C2 IDS A . -4.95 -12.56 -19.69
C3 IDS A . -4.39 -12.38 -18.27
C4 IDS A . -4.91 -11.08 -17.64
C5 IDS A . -6.22 -10.64 -18.33
C6 IDS A . -7.02 -9.62 -17.52
O2 IDS A . -4.52 -13.80 -20.19
O3 IDS A . -2.98 -12.33 -18.34
O4 IDS A . -5.18 -11.35 -16.28
O5 IDS A . -7.01 -11.78 -18.60
O6A IDS A . -6.46 -8.68 -16.99
O6B IDS A . -8.22 -9.70 -17.41
S IDS A . -3.68 -14.09 -21.47
O1S IDS A . -3.83 -15.51 -21.68
O2S IDS A . -4.22 -13.32 -22.54
O3S IDS A . -2.33 -13.72 -21.13
C1 SGN A . -4.24 -10.91 -15.34
C2 SGN A . -3.66 -12.11 -14.56
C3 SGN A . -4.75 -12.73 -13.68
C4 SGN A . -5.38 -11.65 -12.79
C5 SGN A . -5.88 -10.51 -13.69
C6 SGN A . -6.48 -9.31 -12.93
N2 SGN A . -3.11 -13.08 -15.50
O3 SGN A . -4.17 -13.71 -12.86
O4 SGN A . -6.47 -12.26 -12.11
O5 SGN A . -4.81 -9.99 -14.46
O6 SGN A . -5.84 -9.20 -11.67
S1 SGN A . -1.52 -12.99 -15.88
O1S SGN A . -1.11 -11.62 -15.78
O2S SGN A . -0.84 -13.85 -14.96
O3S SGN A . -1.43 -13.47 -17.23
S2 SGN A . -6.44 -8.64 -10.35
O4S SGN A . -7.82 -9.02 -10.31
O5S SGN A . -5.68 -9.28 -9.31
O6S SGN A . -6.25 -7.22 -10.39
C1 IDS A . -6.81 -11.73 -10.87
C2 IDS A . -8.26 -12.19 -10.54
C3 IDS A . -8.47 -12.22 -9.03
C4 IDS A . -7.45 -13.14 -8.35
C5 IDS A . -6.21 -13.31 -9.24
C6 IDS A . -4.99 -13.85 -8.50
O2 IDS A . -9.15 -11.25 -11.10
O3 IDS A . -9.77 -12.68 -8.75
O4 IDS A . -7.05 -12.51 -7.13
O5 IDS A . -5.90 -12.08 -9.86
O6A IDS A . -5.10 -14.75 -7.69
O6B IDS A . -3.88 -13.42 -8.70
S IDS A . -9.41 -10.96 -12.62
O1S IDS A . -9.81 -9.58 -12.64
O2S IDS A . -8.19 -11.19 -13.32
O3S IDS A . -10.46 -11.85 -13.01
C1 SGN A . -7.47 -13.10 -5.94
C2 SGN A . -8.60 -12.28 -5.31
C3 SGN A . -8.08 -10.91 -4.85
C4 SGN A . -6.88 -11.11 -3.92
C5 SGN A . -5.84 -11.98 -4.65
C6 SGN A . -4.59 -12.32 -3.83
N2 SGN A . -9.70 -12.13 -6.28
O3 SGN A . -9.09 -10.24 -4.13
O4 SGN A . -6.34 -9.83 -3.65
O5 SGN A . -6.41 -13.22 -5.04
O6 SGN A . -4.94 -12.34 -2.46
S1 SGN A . -11.03 -13.07 -6.12
O1S SGN A . -10.72 -14.14 -5.23
O2S SGN A . -12.06 -12.21 -5.63
O3S SGN A . -11.30 -13.55 -7.44
S2 SGN A . -4.03 -12.00 -1.24
O4S SGN A . -3.75 -10.60 -1.28
O5S SGN A . -4.82 -12.37 -0.10
O6S SGN A . -2.86 -12.81 -1.38
C1 IDS A . -5.98 -9.55 -2.33
C2 IDS A . -5.54 -8.08 -2.26
C3 IDS A . -5.74 -7.53 -0.84
C4 IDS A . -7.20 -7.69 -0.40
C5 IDS A . -7.90 -8.79 -1.21
C6 IDS A . -9.20 -9.29 -0.59
O2 IDS A . -4.16 -8.01 -2.58
O3 IDS A . -5.38 -6.18 -0.80
O4 IDS A . -7.20 -8.08 0.97
O5 IDS A . -6.99 -9.86 -1.42
O6A IDS A . -9.65 -8.77 0.40
O6B IDS A . -9.81 -10.22 -1.07
S IDS A . -3.51 -7.62 -3.94
O1S IDS A . -2.35 -8.46 -4.03
O2S IDS A . -4.46 -7.88 -4.97
O3S IDS A . -3.17 -6.22 -3.81
C1 SGN A . -6.32 -7.40 1.83
C2 SGN A . -5.16 -8.33 2.25
C3 SGN A . -5.69 -9.46 3.12
C4 SGN A . -6.48 -8.87 4.31
C5 SGN A . -7.57 -7.94 3.76
C6 SGN A . -8.42 -7.23 4.82
N2 SGN A . -4.49 -8.83 1.05
O3 SGN A . -4.60 -10.20 3.65
O4 SGN A . -7.07 -9.96 5.00
O5 SGN A . -7.00 -6.93 2.95
O6 SGN A . -7.63 -6.22 5.41
S1 SGN A . -3.23 -8.00 0.43
O1S SGN A . -3.44 -6.61 0.70
O2S SGN A . -2.06 -8.53 1.05
O3S SGN A . -3.28 -8.27 -0.98
S2 SGN A . -8.13 -5.00 6.26
O4S SGN A . -8.37 -5.47 7.59
O5S SGN A . -7.04 -4.06 6.20
O6S SGN A . -9.31 -4.52 5.61
C1 IDS A . -6.45 -10.38 6.18
C2 IDS A . -6.71 -11.89 6.34
C3 IDS A . -5.61 -12.53 7.18
C4 IDS A . -4.22 -12.28 6.56
C5 IDS A . -4.26 -11.06 5.63
C6 IDS A . -2.89 -10.48 5.29
O2 IDS A . -7.94 -12.06 7.00
O3 IDS A . -5.82 -13.92 7.27
O4 IDS A . -3.31 -12.01 7.62
O5 IDS A . -5.09 -10.06 6.21
O6A IDS A . -2.11 -11.12 4.63
O6B IDS A . -2.55 -9.39 5.66
S IDS A . -9.29 -12.55 6.41
O1S IDS A . -10.06 -12.96 7.56
O2S IDS A . -9.90 -11.45 5.72
O3S IDS A . -8.96 -13.65 5.55
C1 SGN A . -3.33 -12.89 8.71
C2 SGN A . -2.91 -12.16 9.99
C3 SGN A . -1.44 -11.74 9.91
C4 SGN A . -0.57 -12.96 9.58
C5 SGN A . -1.11 -13.62 8.31
C6 SGN A . -0.38 -14.90 7.87
N2 SGN A . -3.78 -11.01 10.21
O3 SGN A . -1.02 -11.22 11.15
O4 SGN A . 0.75 -12.49 9.36
O5 SGN A . -2.47 -13.98 8.48
O6 SGN A . 0.39 -15.37 8.96
S1 SGN A . -4.48 -10.81 11.67
O1S SGN A . -4.20 -11.97 12.46
O2S SGN A . -3.93 -9.60 12.22
O3S SGN A . -5.89 -10.69 11.38
S2 SGN A . 1.87 -15.87 8.94
O4S SGN A . 2.45 -15.43 7.71
O5S SGN A . 2.47 -15.25 10.08
O6S SGN A . 1.81 -17.29 9.05
C1 IDS A . 1.65 -12.57 10.44
C2 IDS A . 3.07 -12.67 9.87
C3 IDS A . 4.09 -12.14 10.88
C4 IDS A . 3.76 -10.68 11.26
C5 IDS A . 2.28 -10.37 10.98
C6 IDS A . 1.77 -9.13 11.70
O2 IDS A . 3.35 -14.03 9.63
O3 IDS A . 5.38 -12.19 10.32
O4 IDS A . 4.00 -10.54 12.65
O5 IDS A . 1.50 -11.49 11.33
O6A IDS A . 2.35 -8.07 11.57
O6B IDS A . 0.77 -9.15 12.38
S IDS A . 3.33 -14.79 8.26
O1S IDS A . 3.76 -16.12 8.60
O2S IDS A . 2.00 -14.76 7.75
O3S IDS A . 4.29 -14.12 7.43
C1 SGN A . 5.33 -10.37 13.06
C2 SGN A . 5.96 -11.72 13.44
C3 SGN A . 5.27 -12.28 14.70
C4 SGN A . 5.34 -11.22 15.82
C5 SGN A . 4.72 -9.91 15.30
C6 SGN A . 4.77 -8.74 16.29
N2 SGN A . 5.83 -12.65 12.32
O3 SGN A . 5.97 -13.42 15.14
O4 SGN A . 4.57 -11.72 16.91
O5 SGN A . 5.42 -9.48 14.13
O6 SGN A . 5.74 -9.01 17.28
S1 SGN A . 6.41 -12.20 10.86
O1S SGN A . 6.45 -10.77 10.81
O2S SGN A . 7.71 -12.81 10.74
O3S SGN A . 5.47 -12.74 9.92
S2 SGN A . 5.71 -8.58 18.77
O4S SGN A . 4.34 -8.43 19.15
O5S SGN A . 6.34 -9.68 19.46
O6S SGN A . 6.46 -7.37 18.86
C1 IDS A . 4.86 -11.21 18.18
C2 IDS A . 4.39 -12.25 19.22
C3 IDS A . 5.19 -12.10 20.51
C4 IDS A . 6.70 -12.25 20.25
C5 IDS A . 7.01 -11.96 18.77
C6 IDS A . 8.49 -11.68 18.49
O2 IDS A . 3.03 -12.01 19.50
O3 IDS A . 4.79 -13.10 21.43
O4 IDS A . 7.38 -11.31 21.05
O5 IDS A . 6.21 -10.88 18.33
O6A IDS A . 9.29 -11.69 19.39
O6B IDS A . 8.89 -11.46 17.37
S IDS A . 1.79 -12.30 18.60
O1S IDS A . 0.98 -11.10 18.71
O2S IDS A . 2.26 -12.52 17.26
O3S IDS A . 1.15 -13.44 19.18
C1 SGN A . 7.49 -11.59 22.41
C2 SGN A . 6.74 -10.54 23.24
C3 SGN A . 7.43 -9.17 23.12
C4 SGN A . 8.92 -9.32 23.49
C5 SGN A . 9.54 -10.42 22.61
C6 SGN A . 11.01 -10.72 22.91
N2 SGN A . 5.35 -10.48 22.81
O3 SGN A . 6.83 -8.26 24.02
O4 SGN A . 9.53 -8.07 23.21
O5 SGN A . 8.83 -11.64 22.80
O6 SGN A . 11.09 -11.48 24.10
S1 SGN A . 4.31 -11.64 23.32
O1S SGN A . 5.04 -12.83 23.53
O2S SGN A . 3.70 -11.12 24.51
O3S SGN A . 3.36 -11.77 22.24
S2 SGN A . 12.15 -12.57 24.45
O4S SGN A . 13.22 -11.92 25.14
O5S SGN A . 11.44 -13.48 25.31
O6S SGN A . 12.54 -13.17 23.22
C1 IDS A . 10.87 -7.93 23.59
C2 IDS A . 11.24 -6.43 23.45
C3 IDS A . 12.39 -6.08 24.39
C4 IDS A . 12.04 -6.42 25.86
C5 IDS A . 10.91 -7.47 25.90
C6 IDS A . 10.76 -8.17 27.25
O2 IDS A . 11.66 -6.19 22.13
O3 IDS A . 12.68 -4.71 24.30
O4 IDS A . 13.19 -6.97 26.47
O5 IDS A . 11.13 -8.42 24.87
O6A IDS A . 10.87 -7.54 28.27
O6B IDS A . 10.52 -9.35 27.33
S IDS A . 11.24 -5.04 21.17
O1S IDS A . 11.86 -5.36 19.93
O2S IDS A . 9.81 -5.03 21.09
O3S IDS A . 11.77 -3.84 21.77
C1 SGN A . 13.62 -6.37 27.66
C2 SGN A . 15.11 -6.00 27.58
C3 SGN A . 15.96 -7.28 27.50
C4 SGN A . 15.62 -8.20 28.69
C5 SGN A . 14.10 -8.45 28.68
C6 SGN A . 13.58 -9.31 29.84
N2 SGN A . 15.33 -5.14 26.41
O3 SGN A . 17.32 -6.92 27.60
O4 SGN A . 16.31 -9.40 28.48
O5 SGN A . 13.39 -7.22 28.75
O6 SGN A . 13.82 -8.63 31.05
S1 SGN A . 15.21 -3.51 26.60
O1S SGN A . 13.86 -3.21 26.98
O2S SGN A . 16.17 -3.16 27.60
O3S SGN A . 15.54 -2.98 25.31
S2 SGN A . 14.09 -9.25 32.46
O4S SGN A . 15.02 -10.32 32.27
O5S SGN A . 14.66 -8.16 33.22
O6S SGN A . 12.82 -9.66 32.97
C1 IDS A . 16.78 -10.07 29.62
C2 IDS A . 17.95 -10.98 29.19
C3 IDS A . 18.89 -11.22 30.38
C4 IDS A . 19.42 -9.89 30.95
C5 IDS A . 18.48 -8.74 30.57
C6 IDS A . 18.67 -7.47 31.41
O2 IDS A . 17.43 -12.21 28.78
O3 IDS A . 19.99 -12.00 29.96
O4 IDS A . 19.44 -10.01 32.37
O5 IDS A . 17.14 -9.18 30.65
O6A IDS A . 19.56 -7.42 32.23
O6B IDS A . 17.97 -6.51 31.26
S IDS A . 17.22 -12.74 27.32
O1S IDS A . 16.22 -13.76 27.45
O2S IDS A . 16.76 -11.64 26.53
O3S IDS A . 18.49 -13.24 26.91
C1 SGN A . 20.68 -9.88 33.00
C2 SGN A . 20.60 -10.32 34.46
C3 SGN A . 19.72 -9.34 35.25
C4 SGN A . 20.24 -7.91 35.06
C5 SGN A . 20.33 -7.61 33.55
C6 SGN A . 20.89 -6.23 33.20
N2 SGN A . 20.08 -11.69 34.53
O3 SGN A . 19.78 -9.66 36.62
O4 SGN A . 19.30 -7.04 35.68
O5 SGN A . 21.15 -8.56 32.91
O6 SGN A . 22.27 -6.37 32.93
S1 SGN A . 20.99 -12.85 35.23
O1S SGN A . 21.86 -13.39 34.25
O2S SGN A . 21.69 -12.19 36.32
O3S SGN A . 20.04 -13.81 35.71
S2 SGN A . 23.28 -5.22 32.63
O4S SGN A . 23.94 -4.90 33.87
O5S SGN A . 24.18 -5.79 31.67
O6S SGN A . 22.52 -4.13 32.09
C1 IDS A . 19.72 -5.72 35.90
C2 IDS A . 18.51 -4.95 36.46
C3 IDS A . 18.99 -3.75 37.30
C4 IDS A . 19.92 -4.22 38.44
C5 IDS A . 20.52 -5.60 38.11
C6 IDS A . 21.74 -5.96 38.95
O2 IDS A . 17.75 -4.46 35.39
O3 IDS A . 17.89 -3.09 37.86
O4 IDS A . 20.98 -3.28 38.55
O5 IDS A . 20.84 -5.64 36.73
O6A IDS A . 21.68 -5.95 40.15
O6B IDS A . 22.79 -6.27 38.45
S IDS A . 16.21 -4.56 35.17
O1S IDS A . 15.93 -3.60 34.13
O2S IDS A . 15.92 -5.90 34.74
O3S IDS A . 15.61 -4.22 36.42
C1 SGN A . 20.63 -1.92 38.55
C2 SGN A . 21.34 -1.19 37.41
C3 SGN A . 22.85 -1.15 37.68
C4 SGN A . 23.11 -0.55 39.07
C5 SGN A . 22.31 -1.35 40.10
C6 SGN A . 22.41 -0.84 41.55
N2 SGN A . 21.04 -1.84 36.13
O3 SGN A . 23.47 -0.32 36.72
O4 SGN A . 24.50 -0.67 39.33
O5 SGN A . 20.92 -1.33 39.77
O6 SGN A . 21.63 0.33 41.67
S1 SGN A . 19.48 -2.01 35.69
O1S SGN A . 18.94 -3.14 36.39
O2S SGN A . 18.84 -0.78 36.01
O3S SGN A . 19.54 -2.25 34.27
S2 SGN A . 21.24 1.08 42.99
O4S SGN A . 22.38 1.01 43.87
O5S SGN A . 20.97 2.43 42.55
O6S SGN A . 20.08 0.43 43.51
C1 IDS A . 25.32 0.38 38.93
C2 IDS A . 26.71 -0.19 38.62
C3 IDS A . 27.46 0.70 37.63
C4 IDS A . 26.65 0.85 36.33
C5 IDS A . 25.16 0.57 36.59
C6 IDS A . 24.23 1.08 35.50
O2 IDS A . 27.45 -0.23 39.83
O3 IDS A . 28.72 0.12 37.32
O4 IDS A . 26.78 2.20 35.91
O5 IDS A . 24.79 1.10 37.85
O6A IDS A . 24.42 0.78 34.35
O6B IDS A . 23.27 1.78 35.76
S IDS A . 27.21 -1.10 41.10
O1S IDS A . 28.41 -1.00 41.85
O2S IDS A . 26.07 -0.56 41.79
O3S IDS A . 26.97 -2.44 40.61
C1 SGN A . 27.36 2.43 34.66
C2 SGN A . 27.56 3.93 34.41
C3 SGN A . 26.19 4.63 34.28
C4 SGN A . 25.36 3.92 33.19
C5 SGN A . 25.27 2.43 33.54
C6 SGN A . 24.51 1.58 32.51
N2 SGN A . 28.35 4.50 35.50
O3 SGN A . 26.40 5.96 33.88
O4 SGN A . 24.07 4.50 33.22
O5 SGN A . 26.58 1.87 33.64
O6 SGN A . 25.34 1.38 31.39
S1 SGN A . 29.90 4.95 35.20
O1S SGN A . 30.45 4.03 34.26
O2S SGN A . 29.84 6.29 34.71
O3S SGN A . 30.54 4.87 36.48
S2 SGN A . 24.89 1.18 29.90
O4S SGN A . 23.77 2.04 29.69
O5S SGN A . 26.04 1.60 29.14
O6S SGN A . 24.60 -0.21 29.75
C1 IDS A . 23.24 4.28 32.12
C2 IDS A . 21.80 4.20 32.62
C3 IDS A . 20.81 4.58 31.50
C4 IDS A . 21.12 5.99 30.97
C5 IDS A . 22.58 6.37 31.29
C6 IDS A . 23.10 7.55 30.47
O2 IDS A . 21.54 2.86 33.00
O3 IDS A . 19.50 4.54 32.00
O4 IDS A . 20.96 5.96 29.56
O5 IDS A . 23.40 5.25 31.12
O6A IDS A . 22.46 8.58 30.38
O6B IDS A . 24.16 7.51 29.90
S IDS A . 20.65 2.35 34.18
O1S IDS A . 20.42 0.97 33.89
O2S IDS A . 21.40 2.52 35.39
O3S IDS A . 19.46 3.14 34.15
C1 SGN A . 19.89 6.70 29.03
C2 SGN A . 18.63 5.82 28.96
C3 SGN A . 18.83 4.70 27.91
C4 SGN A . 19.25 5.31 26.57
C5 SGN A . 20.49 6.19 26.80
C6 SGN A . 21.00 6.92 25.54
N2 SGN A . 18.33 5.27 30.28
O3 SGN A . 17.60 4.01 27.73
O4 SGN A . 19.56 4.23 25.71
O5 SGN A . 20.21 7.19 27.76
O6 SGN A . 19.96 6.94 24.58
S1 SGN A . 17.29 6.09 31.24
O1S SGN A . 17.91 7.31 31.64
O2S SGN A . 16.10 6.27 30.48
O3S SGN A . 17.09 5.21 32.37
S2 SGN A . 20.10 7.28 23.07
O4S SGN A . 21.45 7.03 22.68
O5S SGN A . 19.17 6.40 22.43
O6S SGN A . 19.73 8.66 22.94
C1 IDS A . 19.59 4.51 24.33
C2 IDS A . 19.61 3.17 23.59
C3 IDS A . 19.02 3.33 22.18
C4 IDS A . 17.59 3.89 22.25
C5 IDS A . 17.36 4.62 23.59
C6 IDS A . 16.16 5.54 23.59
O2 IDS A . 20.95 2.74 23.46
O3 IDS A . 19.00 2.07 21.53
O5 IDS A . 18.54 5.33 23.93
O6A IDS A . 15.18 5.27 22.93
O6B IDS A . 16.12 6.56 24.26
S IDS A . 21.74 1.75 24.37
O1S IDS A . 23.04 1.67 23.77
O2S IDS A . 21.80 2.33 25.69
O3S IDS A . 21.03 0.52 24.33
C1 SGN A . -22.92 33.70 -34.22
C2 SGN A . -23.94 32.64 -34.63
C3 SGN A . -24.32 31.78 -33.42
C4 SGN A . -23.06 31.20 -32.79
C5 SGN A . -22.10 32.35 -32.46
C6 SGN A . -20.74 31.92 -31.88
N2 SGN A . -25.12 33.30 -35.21
O1 SGN A . -23.48 34.62 -33.35
O3 SGN A . -25.14 30.71 -33.85
O4 SGN A . -23.45 30.55 -31.59
O5 SGN A . -21.80 33.08 -33.64
O6 SGN A . -19.79 31.87 -32.91
S1 SGN A . -25.15 33.58 -36.83
O1S SGN A . -23.90 34.20 -37.19
O2S SGN A . -25.36 32.31 -37.46
O3S SGN A . -26.25 34.47 -37.01
S2 SGN A . -18.76 30.72 -33.19
O4S SGN A . -19.49 29.62 -33.73
O5S SGN A . -17.86 31.29 -34.15
O6S SGN A . -18.13 30.43 -31.94
C1 IDS A . -23.02 29.22 -31.41
C2 IDS A . -22.77 29.01 -29.91
C3 IDS A . -22.90 27.53 -29.56
C4 IDS A . -24.30 27.00 -29.95
C5 IDS A . -24.92 27.90 -31.05
C6 IDS A . -26.09 27.25 -31.79
O2 IDS A . -21.44 29.41 -29.62
O3 IDS A . -22.74 27.35 -28.17
O4 IDS A . -24.13 25.69 -30.48
O5 IDS A . -23.91 28.29 -31.95
O6A IDS A . -26.68 26.31 -31.31
O6B IDS A . -26.46 27.66 -32.87
S IDS A . -20.94 30.82 -29.16
O1S IDS A . -19.69 30.54 -28.50
O2S IDS A . -20.78 31.62 -30.33
O3S IDS A . -21.95 31.32 -28.26
C1 SGN A . -23.73 24.69 -29.60
C2 SGN A . -22.45 24.01 -30.11
C3 SGN A . -22.77 23.22 -31.39
C4 SGN A . -23.94 22.26 -31.14
C5 SGN A . -25.13 23.06 -30.60
C6 SGN A . -26.36 22.23 -30.23
N2 SGN A . -21.41 25.00 -30.34
O3 SGN A . -21.64 22.46 -31.76
O4 SGN A . -24.27 21.68 -32.39
O5 SGN A . -24.74 23.75 -29.41
O6 SGN A . -25.98 21.26 -29.28
S1 SGN A . -20.25 25.21 -29.20
O1S SGN A . -20.78 24.76 -27.95
O2S SGN A . -19.12 24.46 -29.64
O3S SGN A . -20.01 26.63 -29.19
S2 SGN A . -26.92 20.27 -28.51
O4S SGN A . -27.42 19.33 -29.47
O5S SGN A . -26.06 19.64 -27.55
O6S SGN A . -27.94 21.07 -27.89
C1 IDS A . -23.77 20.40 -32.65
C2 IDS A . -24.63 19.77 -33.75
C3 IDS A . -23.84 18.72 -34.52
C4 IDS A . -22.57 19.33 -35.13
C5 IDS A . -22.18 20.61 -34.36
C6 IDS A . -20.74 21.05 -34.61
O2 IDS A . -25.74 19.12 -33.14
O3 IDS A . -24.63 18.19 -35.57
O4 IDS A . -21.51 18.38 -34.99
O5 IDS A . -22.41 20.41 -32.99
O6A IDS A . -20.40 21.46 -35.70
O6B IDS A . -19.91 21.04 -33.73
S IDS A . -27.27 19.37 -33.39
O1S IDS A . -27.91 18.31 -32.70
O2S IDS A . -27.59 20.67 -32.87
O3S IDS A . -27.43 19.29 -34.82
C1 SGN A . -21.30 17.51 -36.06
C2 SGN A . -21.06 16.07 -35.55
C3 SGN A . -19.75 16.00 -34.77
C4 SGN A . -18.61 16.55 -35.64
C5 SGN A . -18.98 17.96 -36.12
C6 SGN A . -17.95 18.62 -37.05
N2 SGN A . -22.19 15.66 -34.71
O3 SGN A . -19.45 14.66 -34.45
O4 SGN A . -17.44 16.60 -34.82
O5 SGN A . -20.21 17.93 -36.83
O6 SGN A . -18.16 18.13 -38.36
S1 SGN A . -22.80 14.15 -34.90
O1S SGN A . -22.38 13.66 -36.18
O2S SGN A . -22.29 13.38 -33.80
O3S SGN A . -24.23 14.33 -34.85
S2 SGN A . -18.04 18.92 -39.71
O4S SGN A . -16.94 19.83 -39.57
O5S SGN A . -17.79 17.91 -40.69
O6S SGN A . -19.30 19.58 -39.89
C1 IDS A . -16.25 16.15 -35.39
C2 IDS A . -15.22 15.97 -34.25
C3 IDS A . -14.17 14.94 -34.65
C4 IDS A . -14.82 13.59 -34.99
C5 IDS A . -16.30 13.80 -35.38
C6 IDS A . -16.91 12.63 -36.12
O2 IDS A . -14.58 17.21 -34.04
O3 IDS A . -13.27 14.75 -33.57
O4 IDS A . -14.13 13.05 -36.11
O5 IDS A . -16.41 14.98 -36.14
O6A IDS A . -17.10 11.56 -35.56
O6B IDS A . -17.25 12.70 -37.29
S IDS A . -14.21 17.88 -32.68
O1S IDS A . -13.25 18.89 -33.03
O2S IDS A . -15.41 18.45 -32.12
O3S IDS A . -13.65 16.84 -31.87
C1 SGN A . -12.73 13.05 -36.06
C2 SGN A . -12.14 12.60 -37.40
C3 SGN A . -12.48 11.12 -37.64
C4 SGN A . -12.02 10.28 -36.44
C5 SGN A . -12.64 10.86 -35.17
C6 SGN A . -12.23 10.16 -33.86
N2 SGN A . -12.66 13.45 -38.47
O3 SGN A . -11.79 10.67 -38.79
O4 SGN A . -12.49 8.96 -36.66
O5 SGN A . -12.27 12.23 -35.02
O6 SGN A . -11.10 10.83 -33.33
S1 SGN A . -12.26 15.04 -38.49
O1S SGN A . -12.55 15.57 -37.19
O2S SGN A . -10.87 15.10 -38.83
O3S SGN A . -13.11 15.61 -39.49
S2 SGN A . -10.33 10.49 -32.02
O4S SGN A . -10.00 9.10 -32.06
O5S SGN A . -9.16 11.33 -32.07
O6S SGN A . -11.21 10.83 -30.94
C1 IDS A . -11.86 7.94 -35.93
C2 IDS A . -12.29 6.59 -36.54
C3 IDS A . -11.24 5.52 -36.26
C4 IDS A . -9.86 5.95 -36.80
C5 IDS A . -9.80 7.47 -36.97
C6 IDS A . -8.39 8.03 -37.11
O2 IDS A . -13.51 6.20 -35.93
O3 IDS A . -11.63 4.31 -36.86
O4 IDS A . -8.88 5.55 -35.86
O5 IDS A . -10.47 8.08 -35.88
O6A IDS A . -7.59 7.48 -37.83
O6B IDS A . -8.04 9.03 -36.52
S IDS A . -14.93 6.16 -36.55
O1S IDS A . -15.81 6.36 -35.43
O2S IDS A . -15.02 7.23 -37.50
O3S IDS A . -15.07 4.86 -37.14
C1 SGN A . -8.66 4.18 -35.71
C2 SGN A . -9.56 3.60 -34.61
C3 SGN A . -9.14 4.17 -33.24
C4 SGN A . -7.64 3.92 -33.02
C5 SGN A . -6.86 4.51 -34.21
C6 SGN A . -5.34 4.29 -34.16
N2 SGN A . -10.95 3.90 -34.91
O3 SGN A . -9.86 3.51 -32.22
O4 SGN A . -7.28 4.60 -31.82
O5 SGN A . -7.31 3.93 -35.42
O6 SGN A . -5.09 3.06 -33.52
S1 SGN A . -11.96 2.68 -35.29
O1S SGN A . -11.34 1.92 -36.35
O2S SGN A . -12.15 1.92 -34.10
O3S SGN A . -13.16 3.32 -35.75
S2 SGN A . -3.78 2.62 -32.79
O4S SGN A . -3.27 3.77 -32.11
O5S SGN A . -4.21 1.60 -31.88
O6S SGN A . -2.89 2.12 -33.81
C1 IDS A . -6.91 3.81 -30.73
C2 IDS A . -6.54 4.75 -29.57
C3 IDS A . -6.74 4.04 -28.23
C4 IDS A . -8.19 3.55 -28.08
C5 IDS A . -8.85 3.39 -29.46
C6 IDS A . -10.12 2.54 -29.46
O2 IDS A . -5.18 5.10 -29.69
O3 IDS A . -6.46 4.94 -27.17
O4 IDS A . -8.15 2.27 -27.47
O5 IDS A . -7.90 2.89 -30.38
O6A IDS A . -10.93 2.65 -28.58
O6B IDS A . -10.34 1.75 -30.34
S IDS A . -4.52 6.51 -29.52
O1S IDS A . -3.12 6.26 -29.72
O2S IDS A . -5.08 7.37 -30.52
O3S IDS A . -4.84 6.91 -28.18
C1 SGN A . -7.73 2.22 -26.13
C2 SGN A . -6.19 2.16 -26.06
C3 SGN A . -5.68 0.83 -26.63
C4 SGN A . -6.38 -0.33 -25.92
C5 SGN A . -7.91 -0.14 -26.03
C6 SGN A . -8.76 -1.21 -25.31
N2 SGN A . -5.62 3.30 -26.78
O3 SGN A . -4.30 0.72 -26.40
O4 SGN A . -5.99 -1.53 -26.59
O5 SGN A . -8.28 1.11 -25.47
O6 SGN A . -8.42 -1.19 -23.94
S1 SGN A . -6.14 4.81 -26.39
O1S SGN A . -7.57 4.84 -26.53
O2S SGN A . -5.69 5.05 -25.06
O3S SGN A . -5.49 5.66 -27.35
S2 SGN A . -8.82 -2.25 -22.86
O4S SGN A . -8.34 -3.53 -23.30
O5S SGN A . -8.15 -1.80 -21.67
O6S SGN A . -10.25 -2.19 -22.75
C1 IDS A . -6.35 -2.74 -25.97
C2 IDS A . -5.33 -3.81 -26.43
C3 IDS A . -5.23 -4.92 -25.40
C4 IDS A . -4.84 -4.37 -24.03
C5 IDS A . -5.19 -2.87 -23.94
C6 IDS A . -5.23 -2.32 -22.51
O2 IDS A . -5.78 -4.35 -27.66
O3 IDS A . -4.25 -5.86 -25.81
O4 IDS A . -5.59 -5.06 -23.04
O5 IDS A . -6.42 -2.65 -24.59
O6A IDS A . -4.60 -2.87 -21.63
O6B IDS A . -5.86 -1.33 -22.23
S IDS A . -5.45 -3.90 -29.12
O1S IDS A . -6.71 -3.94 -29.79
O2S IDS A . -4.92 -2.57 -29.04
O3S IDS A . -4.51 -4.86 -29.61
C1 SGN A . -4.87 -5.70 -22.02
C2 SGN A . -5.69 -6.83 -21.41
C3 SGN A . -6.91 -6.26 -20.68
C4 SGN A . -6.44 -5.22 -19.65
C5 SGN A . -5.59 -4.16 -20.38
C6 SGN A . -4.99 -3.08 -19.48
N2 SGN A . -6.11 -7.76 -22.47
O3 SGN A . -7.56 -7.30 -19.97
O4 SGN A . -7.60 -4.62 -19.11
O5 SGN A . -4.49 -4.78 -21.03
O6 SGN A . -4.03 -3.66 -18.64
S1 SGN A . -4.99 -8.78 -23.11
O1S SGN A . -4.24 -8.05 -24.09
O2S SGN A . -4.19 -9.24 -22.01
O3S SGN A . -5.76 -9.83 -23.70
S2 SGN A . -2.97 -2.93 -17.75
O4S SGN A . -3.68 -2.07 -16.86
O5S SGN A . -2.29 -4.00 -17.06
O6S SGN A . -2.11 -2.23 -18.65
C1 IDS A . -7.94 -4.95 -17.79
C2 IDS A . -8.77 -3.80 -17.19
C3 IDS A . -9.67 -4.31 -16.08
C4 IDS A . -10.60 -5.41 -16.59
C5 IDS A . -10.01 -6.07 -17.86
C6 IDS A . -10.63 -7.42 -18.20
O2 IDS A . -7.87 -2.85 -16.65
O3 IDS A . -10.46 -3.24 -15.59
O4 IDS A . -10.70 -6.41 -15.58
O5 IDS A . -8.61 -6.18 -17.71
O6A IDS A . -11.66 -7.77 -17.69
O6B IDS A . -10.10 -8.16 -19.01
S IDS A . -8.02 -1.29 -16.59
O1S IDS A . -7.25 -0.91 -15.45
O2S IDS A . -7.50 -0.76 -17.83
O3S IDS A . -9.43 -1.06 -16.42
C1 SGN A . -11.02 -5.97 -14.29
C2 SGN A . -9.85 -6.22 -13.32
C3 SGN A . -9.63 -7.73 -13.14
C4 SGN A . -10.95 -8.39 -12.70
C5 SGN A . -12.04 -8.02 -13.71
C6 SGN A . -13.44 -8.57 -13.38
N2 SGN A . -8.65 -5.57 -13.84
O3 SGN A . -8.67 -7.95 -12.12
O4 SGN A . -10.74 -9.79 -12.68
O5 SGN A . -12.17 -6.62 -13.82
O6 SGN A . -14.12 -7.59 -12.63
S1 SGN A . -8.25 -4.08 -13.30
O1S SGN A . -9.46 -3.35 -13.11
O2S SGN A . -7.51 -4.28 -12.08
O3S SGN A . -7.43 -3.52 -14.34
S2 SGN A . -15.65 -7.22 -12.71
O4S SGN A . -16.38 -8.45 -12.77
O5S SGN A . -15.90 -6.50 -11.50
O6S SGN A . -15.80 -6.41 -13.88
C1 IDS A . -11.12 -10.47 -11.53
C2 IDS A . -10.53 -11.90 -11.61
C3 IDS A . -10.35 -12.48 -10.21
C4 IDS A . -9.46 -11.57 -9.35
C5 IDS A . -9.45 -10.14 -9.90
C6 IDS A . -8.95 -9.09 -8.92
O2 IDS A . -11.43 -12.71 -12.33
O3 IDS A . -9.75 -13.76 -10.30
O4 IDS A . -10.01 -11.55 -8.03
O5 IDS A . -10.76 -9.81 -10.35
O6A IDS A . -7.79 -9.08 -8.59
O6B IDS A . -9.68 -8.25 -8.46
S IDS A . -11.18 -13.50 -13.66
O1S IDS A . -12.23 -14.48 -13.69
O2S IDS A . -11.27 -12.58 -14.74
O3S IDS A . -9.89 -14.09 -13.51
C1 SGN A . -9.71 -12.63 -7.20
C2 SGN A . -10.88 -12.92 -6.25
C3 SGN A . -11.07 -11.76 -5.27
C4 SGN A . -9.74 -11.49 -4.54
C5 SGN A . -8.65 -11.25 -5.60
C6 SGN A . -7.24 -11.02 -5.02
N2 SGN A . -12.09 -13.15 -7.05
O3 SGN A . -12.03 -12.12 -4.31
O4 SGN A . -9.93 -10.31 -3.77
O5 SGN A . -8.55 -12.37 -6.46
O6 SGN A . -6.73 -12.25 -4.55
S1 SGN A . -12.58 -14.69 -7.31
O1S SGN A . -11.85 -15.20 -8.43
O2S SGN A . -12.34 -15.40 -6.09
O3S SGN A . -13.99 -14.57 -7.59
S2 SGN A . -5.25 -12.60 -4.20
O4S SGN A . -4.71 -11.46 -3.51
O5S SGN A . -5.35 -13.75 -3.36
O6S SGN A . -4.60 -12.87 -5.44
C1 IDS A . -9.26 -10.26 -2.54
C2 IDS A . -8.87 -8.79 -2.29
C3 IDS A . -8.73 -8.52 -0.78
C4 IDS A . -10.03 -8.88 -0.04
C5 IDS A . -10.87 -9.87 -0.87
C6 IDS A . -11.95 -10.59 -0.06
O2 IDS A . -7.63 -8.54 -2.91
O3 IDS A . -8.43 -7.17 -0.57
O4 IDS A . -9.67 -9.51 1.19
O5 IDS A . -10.01 -10.80 -1.49
O6A IDS A . -12.53 -10.02 0.83
O6B IDS A . -12.26 -11.73 -0.30
S IDS A . -7.35 -8.14 -4.39
O1S IDS A . -6.08 -8.75 -4.68
O2S IDS A . -8.40 -8.68 -5.19
O3S IDS A . -7.30 -6.71 -4.40
C1 SGN A . -9.40 -8.68 2.27
C2 SGN A . -7.97 -8.94 2.80
C3 SGN A . -7.89 -10.34 3.42
C4 SGN A . -9.00 -10.49 4.48
C5 SGN A . -10.36 -10.17 3.83
C6 SGN A . -11.56 -10.23 4.79
N2 SGN A . -7.01 -8.77 1.72
O3 SGN A . -6.65 -10.50 4.05
O4 SGN A . -8.98 -11.85 4.90
O5 SGN A . -10.33 -8.85 3.29
O6 SGN A . -11.11 -9.94 6.10
S1 SGN A . -5.88 -7.60 1.84
O1S SGN A . -6.22 -6.75 2.94
O2S SGN A . -4.62 -8.28 2.01
O3S SGN A . -5.94 -6.90 0.59
S2 SGN A . -11.83 -10.29 7.44
O4S SGN A . -12.15 -11.68 7.41
O5S SGN A . -10.86 -9.97 8.45
O6S SGN A . -12.99 -9.44 7.50
C1 IDS A . -8.89 -12.08 6.28
C2 IDS A . -9.03 -13.59 6.51
C3 IDS A . -8.34 -14.00 7.82
C4 IDS A . -6.86 -13.58 7.82
C5 IDS A . -6.63 -12.44 6.80
C6 IDS A . -5.32 -11.69 7.00
O2 IDS A . -10.39 -13.92 6.61
O3 IDS A . -8.41 -15.40 7.98
O4 IDS A . -6.54 -13.09 9.11
O5 IDS A . -7.72 -11.55 6.85
O6A IDS A . -4.46 -12.14 7.72
O6B IDS A . -5.11 -10.63 6.45
S IDS A . -11.30 -14.61 5.54
O1S IDS A . -12.62 -14.10 5.82
O2S IDS A . -10.83 -14.23 4.24
O3S IDS A . -11.19 -16.02 5.79
C1 SGN A . -5.69 -13.89 9.89
C2 SGN A . -5.99 -13.69 11.39
C3 SGN A . -5.62 -12.27 11.81
C4 SGN A . -4.16 -11.98 11.43
C5 SGN A . -3.98 -12.26 9.92
C6 SGN A . -2.55 -12.07 9.40
N2 SGN A . -7.41 -13.97 11.64
O3 SGN A . -5.73 -12.15 13.21
O4 SGN A . -3.91 -10.61 11.71
O5 SGN A . -4.35 -13.60 9.63
O6 SGN A . -1.65 -12.26 10.46
S1 SGN A . -7.99 -15.46 11.27
O1S SGN A . -8.46 -15.41 9.91
O2S SGN A . -6.92 -16.38 11.46
O3S SGN A . -9.07 -15.66 12.20
S2 SGN A . -0.18 -11.74 10.56
O4S SGN A . -0.08 -10.59 9.71
O5S SGN A . -0.02 -11.41 11.95
O6S SGN A . 0.66 -12.82 10.15
C1 IDS A . -2.64 -10.28 12.19
C2 IDS A . -2.28 -8.90 11.62
C3 IDS A . -1.28 -8.19 12.54
C4 IDS A . -1.83 -8.06 13.96
C5 IDS A . -2.94 -9.11 14.20
C6 IDS A . -3.28 -9.33 15.67
O2 IDS A . -1.67 -9.07 10.35
O3 IDS A . -0.99 -6.90 12.04
O4 IDS A . -0.78 -8.32 14.88
O5 IDS A . -2.57 -10.32 13.58
O6A IDS A . -3.39 -8.40 16.43
O6B IDS A . -3.43 -10.44 16.12
S IDS A . -2.03 -8.36 9.00
O1S IDS A . -1.46 -9.22 8.01
O2S IDS A . -3.45 -8.29 8.92
O3S IDS A . -1.39 -7.08 9.07
C1 SGN A . -0.43 -7.28 15.75
C2 SGN A . 0.76 -6.47 15.21
C3 SGN A . 2.02 -7.35 15.19
C4 SGN A . 2.25 -7.93 16.59
C5 SGN A . 0.99 -8.68 17.04
C6 SGN A . 1.05 -9.26 18.45
N2 SGN A . 0.44 -5.98 13.87
O3 SGN A . 3.13 -6.55 14.84
O4 SGN A . 3.34 -8.85 16.49
O5 SGN A . -0.13 -7.79 17.02
O6 SGN A . 1.89 -8.46 19.24
S1 SGN A . 0.56 -4.37 13.57
O1S SGN A . -0.41 -3.70 14.39
O2S SGN A . 1.90 -4.01 13.87
O3S SGN A . 0.25 -4.24 12.18
S2 SGN A . 2.11 -8.54 20.78
O4S SGN A . 3.31 -9.29 21.01
O5S SGN A . 2.23 -7.18 21.20
O6S SGN A . 0.95 -9.19 21.32
C1 IDS A . 4.10 -9.07 17.64
C2 IDS A . 5.55 -9.30 17.20
C3 IDS A . 6.52 -8.93 18.33
C4 IDS A . 6.32 -7.47 18.76
C5 IDS A . 4.92 -6.98 18.36
C6 IDS A . 4.47 -5.72 19.09
O2 IDS A . 5.72 -10.67 16.90
O3 IDS A . 7.86 -9.10 17.89
O4 IDS A . 6.42 -7.41 20.17
O5 IDS A . 3.99 -8.03 18.56
O6A IDS A . 5.22 -5.14 19.83
O6B IDS A . 3.36 -5.26 18.94
S IDS A . 5.63 -11.39 15.52
O1S IDS A . 5.80 -12.78 15.83
O2S IDS A . 4.34 -11.10 14.97
O3S IDS A . 6.71 -10.85 14.74
C1 SGN A . 7.65 -7.79 20.73
C2 SGN A . 7.48 -9.00 21.66
C3 SGN A . 6.65 -8.60 22.89
C4 SGN A . 7.29 -7.38 23.57
C5 SGN A . 7.45 -6.26 22.53
C6 SGN A . 8.13 -4.99 23.04
N2 SGN A . 6.86 -10.09 20.93
O3 SGN A . 6.65 -9.67 23.81
O4 SGN A . 6.41 -6.97 24.60
O5 SGN A . 8.23 -6.72 21.44
O6 SGN A . 9.51 -5.07 22.77
S1 SGN A . 7.57 -11.57 20.95
O1S SGN A . 8.83 -11.47 20.28
O2S SGN A . 7.69 -11.93 22.33
O3S SGN A . 6.66 -12.42 20.23
S2 SGN A . 10.49 -3.88 22.49
O4S SGN A . 10.19 -2.84 23.42
O5S SGN A . 11.79 -4.45 22.69
O6S SGN A . 10.27 -3.50 21.12
C1 IDS A . 6.90 -7.01 25.91
C2 IDS A . 5.70 -6.85 26.86
C3 IDS A . 6.00 -7.47 28.22
C4 IDS A . 6.37 -8.96 28.06
C5 IDS A . 6.84 -9.25 26.62
C6 IDS A . 7.60 -10.57 26.47
O2 IDS A . 5.46 -5.47 27.06
O3 IDS A . 4.88 -7.36 29.06
O4 IDS A . 7.43 -9.25 28.95
O5 IDS A . 7.64 -8.17 26.18
O6A IDS A . 7.00 -11.62 26.41
O6B IDS A . 8.80 -10.60 26.39
S IDS A . 4.53 -4.51 26.24
O1S IDS A . 5.18 -3.24 26.32
O2S IDS A . 4.46 -5.01 24.91
O3S IDS A . 3.27 -4.54 26.92
C1 SGN A . 7.23 -8.95 30.31
C2 SGN A . 7.98 -7.66 30.69
C3 SGN A . 9.50 -7.91 30.62
C4 SGN A . 9.86 -9.13 31.48
C5 SGN A . 9.02 -10.32 31.02
C6 SGN A . 9.22 -11.62 31.82
N2 SGN A . 7.57 -6.57 29.81
O3 SGN A . 10.17 -6.79 31.14
O4 SGN A . 11.24 -9.39 31.25
O5 SGN A . 7.63 -10.01 31.12
O6 SGN A . 8.81 -11.40 33.15
S1 SGN A . 6.03 -6.04 29.88
O1S SGN A . 5.27 -6.97 30.66
O2S SGN A . 6.09 -4.73 30.49
O3S SGN A . 5.59 -6.00 28.52
S2 SGN A . 8.37 -12.47 34.20
O4S SGN A . 9.25 -13.58 34.06
O5S SGN A . 8.52 -11.80 35.46
O6S SGN A . 7.00 -12.79 33.91
C1 IDS A . 12.13 -8.96 32.23
C2 IDS A . 13.45 -9.74 32.05
C3 IDS A . 14.63 -8.95 32.60
C4 IDS A . 14.73 -7.57 31.92
C5 IDS A . 13.36 -7.17 31.33
C6 IDS A . 13.24 -5.69 31.01
O2 IDS A . 13.35 -10.96 32.76
O3 IDS A . 15.83 -9.65 32.37
O4 IDS A . 15.08 -6.62 32.92
O5 IDS A . 12.34 -7.57 32.21
O6A IDS A . 13.98 -5.17 30.20
O6B IDS A . 12.40 -4.99 31.53
S IDS A . 12.48 -12.22 32.43
O1S IDS A . 11.82 -12.52 33.67
O2S IDS A . 11.55 -11.85 31.40
O3S IDS A . 13.40 -13.23 32.03
C1 SGN A . 16.43 -6.49 33.22
C2 SGN A . 16.63 -6.10 34.70
C3 SGN A . 16.08 -4.69 34.94
C4 SGN A . 16.71 -3.70 33.95
C5 SGN A . 16.49 -4.23 32.53
C6 SGN A . 17.12 -3.37 31.42
N2 SGN A . 15.97 -7.09 35.55
O3 SGN A . 16.41 -4.28 36.26
O4 SGN A . 16.05 -2.45 34.13
O5 SGN A . 17.03 -5.52 32.39
O6 SGN A . 18.34 -3.97 31.03
S1 SGN A . 16.90 -8.07 36.47
O1S SGN A . 17.57 -8.99 35.59
O2S SGN A . 17.79 -7.22 37.19
O3S SGN A . 15.97 -8.74 37.33
S2 SGN A . 19.02 -3.89 29.63
O4S SGN A . 18.65 -2.65 29.04
O5S SGN A . 20.43 -3.95 29.92
O6S SGN A . 18.56 -5.03 28.89
C1 IDS A . 16.62 -1.35 33.48
C2 IDS A . 16.62 -0.17 34.48
C3 IDS A . 17.72 0.83 34.11
C4 IDS A . 19.09 0.13 34.08
C5 IDS A . 18.93 -1.38 33.88
C6 IDS A . 20.21 -2.09 33.43
O2 IDS A . 15.37 0.49 34.40
O3 IDS A . 17.75 1.87 35.06
O4 IDS A . 19.82 0.66 32.98
O5 IDS A . 17.89 -1.61 32.95
O6A IDS A . 21.30 -1.63 33.71
O6B IDS A . 20.17 -3.12 32.80
S IDS A . 14.11 0.30 35.31
O1S IDS A . 13.04 0.10 34.38
O2S IDS A . 14.35 -0.83 36.14
O3S IDS A . 13.99 1.52 36.04
C1 SGN A . 20.85 1.57 33.26
C2 SGN A . 21.18 2.42 32.02
C3 SGN A . 21.80 1.53 30.94
C4 SGN A . 23.01 0.77 31.52
C5 SGN A . 22.55 0.01 32.77
C6 SGN A . 23.66 -0.76 33.50
N2 SGN A . 19.97 3.08 31.55
O3 SGN A . 22.26 2.34 29.88
O4 SGN A . 23.44 -0.14 30.52
O5 SGN A . 21.99 0.90 33.71
O6 SGN A . 24.59 0.17 34.01
S1 SGN A . 19.95 4.72 31.48
O1S SGN A . 20.22 5.22 32.79
O2S SGN A . 20.92 5.09 30.50
O3S SGN A . 18.60 5.04 31.06
S2 SGN A . 25.95 -0.14 34.71
O4S SGN A . 26.44 -1.37 34.17
O5S SGN A . 26.79 0.98 34.36
O6S SGN A . 25.68 -0.21 36.11
C1 IDS A . 24.63 -0.84 30.78
C2 IDS A . 25.42 -0.92 29.46
C3 IDS A . 26.91 -1.08 29.73
C4 IDS A . 27.43 0.08 30.59
C5 IDS A . 26.27 0.74 31.36
C6 IDS A . 26.72 1.62 32.53
O2 IDS A . 24.97 -2.06 28.76
O3 IDS A . 27.62 -1.11 28.52
O4 IDS A . 28.35 -0.44 31.53
O5 IDS A . 25.39 -0.27 31.81
O6A IDS A . 27.69 2.33 32.42
O6B IDS A . 26.11 1.64 33.57
S IDS A . 24.65 -2.20 27.23
O1S IDS A . 23.32 -2.78 27.20
O2S IDS A . 24.67 -0.89 26.66
O3S IDS A . 25.65 -3.07 26.69
C1 SGN A . 29.66 0.04 31.48
C2 SGN A . 30.66 -1.13 31.36
C3 SGN A . 30.65 -1.95 32.66
C4 SGN A . 30.90 -1.04 33.86
C5 SGN A . 29.87 0.10 33.84
C6 SGN A . 30.02 1.14 34.96
N2 SGN A . 30.33 -1.94 30.20
O3 SGN A . 31.69 -2.92 32.59
O4 SGN A . 30.74 -1.84 35.03
O5 SGN A . 29.95 0.80 32.61
O6 SGN A . 31.20 1.87 34.72
S1 SGN A . 31.22 -1.78 28.84
O1S SGN A . 30.63 -0.75 28.04
O2S SGN A . 32.55 -1.47 29.26
O3S SGN A . 31.13 -3.06 28.19
S2 SGN A . 31.85 2.94 35.66
O4S SGN A . 32.88 2.29 36.42
O5S SGN A . 32.39 3.92 34.75
O6S SGN A . 30.79 3.46 36.46
C1 IDS A . 31.77 -1.81 35.96
C2 IDS A . 31.14 -1.76 37.36
C3 IDS A . 32.10 -2.35 38.40
C4 IDS A . 32.47 -3.80 38.03
C5 IDS A . 32.26 -4.04 36.53
C6 IDS A . 32.97 -5.28 35.99
O2 IDS A . 30.90 -0.42 37.70
O3 IDS A . 31.48 -2.36 39.67
O4 IDS A . 33.86 -3.98 38.32
O5 IDS A . 32.65 -2.89 35.81
O6A IDS A . 32.97 -6.31 36.62
O6B IDS A . 33.55 -5.27 34.92
S IDS A . 29.63 0.45 37.40
O1S IDS A . 30.05 1.79 37.69
O2S IDS A . 29.30 0.27 36.03
O3S IDS A . 28.62 -0.03 38.30
C1 SGN A . 34.25 -3.80 39.65
C2 SGN A . 35.62 -3.12 39.72
C3 SGN A . 36.71 -4.04 39.15
C4 SGN A . 36.66 -5.39 39.87
C5 SGN A . 35.24 -5.96 39.76
C6 SGN A . 35.01 -7.29 40.49
N2 SGN A . 35.57 -1.85 38.99
O3 SGN A . 37.98 -3.46 39.38
O4 SGN A . 37.58 -6.25 39.21
O5 SGN A . 34.30 -5.04 40.32
O6 SGN A . 35.29 -7.10 41.86
S1 SGN A . 34.50 -0.70 39.49
O1S SGN A . 33.29 -0.88 38.75
O2S SGN A . 34.35 -0.89 40.90
O3S SGN A . 35.14 0.54 39.15
S2 SGN A . 35.13 -8.16 43.01
O4S SGN A . 36.03 -9.24 42.73
O5S SGN A . 35.51 -7.43 44.20
O6S SGN A . 33.75 -8.55 43.01
C1 IDS A . 38.87 -6.31 39.72
C2 IDS A . 39.38 -7.76 39.56
C3 IDS A . 40.91 -7.79 39.49
C4 IDS A . 41.41 -6.91 38.33
C5 IDS A . 40.36 -5.87 37.95
C6 IDS A . 40.90 -4.70 37.12
O2 IDS A . 38.96 -8.50 40.69
O3 IDS A . 41.34 -9.12 39.29
O5 IDS A . 39.73 -5.38 39.12
O6A IDS A . 41.82 -4.88 36.36
O6B IDS A . 40.42 -3.59 37.19
S IDS A . 38.04 -9.75 40.75
O1S IDS A . 37.55 -9.77 42.10
O2S IDS A . 36.99 -9.55 39.80
O3S IDS A . 38.88 -10.87 40.44
C1 SGN A . -16.57 21.69 -21.31
C2 SGN A . -17.72 20.71 -21.01
C3 SGN A . -17.32 19.29 -21.42
C4 SGN A . -16.88 19.28 -22.89
C5 SGN A . -15.76 20.34 -23.06
C6 SGN A . -15.24 20.49 -24.51
N2 SGN A . -18.06 20.78 -19.58
O1 SGN A . -15.47 21.41 -20.49
O3 SGN A . -18.44 18.43 -21.30
O4 SGN A . -16.37 17.98 -23.17
O5 SGN A . -16.22 21.61 -22.66
O6 SGN A . -16.28 20.16 -25.39
S1 SGN A . -19.46 21.49 -19.14
O1S SGN A . -19.21 22.89 -18.96
O2S SGN A . -20.40 21.21 -20.19
O3S SGN A . -19.82 20.86 -17.91
S2 SGN A . -16.17 19.96 -26.94
O4S SGN A . -15.83 18.59 -27.17
O5S SGN A . -17.49 20.27 -27.43
O6S SGN A . -15.17 20.88 -27.39
C1 IDS A . -16.27 17.63 -24.52
C2 IDS A . -16.82 16.19 -24.66
C3 IDS A . -17.34 15.95 -26.08
C4 IDS A . -18.41 16.98 -26.45
C5 IDS A . -18.29 18.24 -25.57
C6 IDS A . -19.02 19.46 -26.11
O2 IDS A . -15.77 15.28 -24.40
O3 IDS A . -17.88 14.66 -26.17
O4 IDS A . -18.21 17.36 -27.81
O5 IDS A . -16.92 18.52 -25.37
O6A IDS A . -20.23 19.48 -26.14
O6B IDS A . -18.42 20.43 -26.51
S IDS A . -15.78 14.03 -23.47
O1S IDS A . -14.43 13.53 -23.54
O2S IDS A . -16.14 14.46 -22.15
O3S IDS A . -16.73 13.12 -24.05
C1 SGN A . -18.48 16.40 -28.78
C2 SGN A . -17.23 16.11 -29.63
C3 SGN A . -16.86 17.35 -30.46
C4 SGN A . -18.07 17.81 -31.27
C5 SGN A . -19.26 18.03 -30.32
C6 SGN A . -20.57 18.43 -31.00
N2 SGN A . -16.14 15.70 -28.76
O3 SGN A . -15.82 17.02 -31.35
O4 SGN A . -17.72 19.04 -31.90
O5 SGN A . -19.53 16.83 -29.60
O6 SGN A . -20.59 17.91 -32.31
S1 SGN A . -16.39 14.48 -27.69
O1S SGN A . -17.56 14.79 -26.94
O2S SGN A . -16.52 13.29 -28.48
O3S SGN A . -15.22 14.46 -26.88
S2 SGN A . -21.45 18.40 -33.53
O4S SGN A . -21.79 19.76 -33.28
O5S SGN A . -20.57 18.24 -34.66
O6S SGN A . -22.58 17.52 -33.59
C1 IDS A . -17.85 19.11 -33.28
C2 IDS A . -16.84 20.15 -33.80
C3 IDS A . -16.47 19.86 -35.25
C4 IDS A . -15.90 18.43 -35.40
C5 IDS A . -16.36 17.55 -34.22
C6 IDS A . -16.20 16.06 -34.47
O2 IDS A . -17.45 21.43 -33.74
O3 IDS A . -15.50 20.79 -35.70
O4 IDS A . -16.42 17.88 -36.60
O5 IDS A . -17.70 17.86 -33.91
O6A IDS A . -15.23 15.63 -35.06
O6B IDS A . -17.02 15.25 -34.09
S IDS A . -16.91 22.72 -33.04
O1S IDS A . -18.08 23.53 -32.85
O2S IDS A . -16.32 22.32 -31.80
O3S IDS A . -15.97 23.30 -33.96
C1 SGN A . -15.49 17.38 -37.52
C2 SGN A . -15.83 17.84 -38.94
C3 SGN A . -17.14 17.21 -39.41
C4 SGN A . -17.06 15.68 -39.26
C5 SGN A . -16.68 15.35 -37.80
C6 SGN A . -16.50 13.85 -37.51
N2 SGN A . -15.90 19.30 -38.98
O3 SGN A . -17.35 17.50 -40.77
O4 SGN A . -18.34 15.16 -39.55
O5 SGN A . -15.45 15.98 -37.46
O6 SGN A . -15.22 13.45 -37.97
S1 SGN A . -14.94 20.12 -40.03
O1S SGN A . -13.70 20.40 -39.38
O2S SGN A . -14.79 19.27 -41.18
O3S SGN A . -15.67 21.31 -40.32
S2 SGN A . -14.69 12.00 -38.13
O4S SGN A . -15.69 11.26 -38.85
O5S SGN A . -13.48 12.14 -38.89
O6S SGN A . -14.46 11.50 -36.81
C1 IDS A . -18.42 13.80 -39.88
C2 IDS A . -19.45 13.65 -41.01
C3 IDS A . -19.17 12.40 -41.83
C4 IDS A . -17.74 12.44 -42.41
C5 IDS A . -16.86 13.40 -41.59
C6 IDS A . -15.37 13.20 -41.81
O2 IDS A . -20.74 13.52 -40.43
O3 IDS A . -20.09 12.30 -42.90
O4 IDS A . -17.20 11.14 -42.32
O5 IDS A . -17.19 13.26 -40.22
O6A IDS A . -14.95 12.73 -42.85
O6B IDS A . -14.55 13.52 -40.97
S IDS A . -22.10 14.03 -40.98
O1S IDS A . -23.08 13.45 -40.10
O2S IDS A . -22.10 15.46 -40.93
O3S IDS A . -22.21 13.52 -42.32
C1 SGN A . -18.03 10.07 -42.67
C2 SGN A . -18.24 9.12 -41.47
C3 SGN A . -16.93 8.43 -41.12
C4 SGN A . -16.37 7.72 -42.37
C5 SGN A . -16.25 8.76 -43.50
C6 SGN A . -15.75 8.20 -44.84
N2 SGN A . -18.76 9.89 -40.33
O3 SGN A . -17.17 7.45 -40.13
O4 SGN A . -15.08 7.23 -42.03
O5 SGN A . -17.52 9.36 -43.74
O6 SGN A . -16.51 7.06 -45.16
S1 SGN A . -20.15 9.40 -39.62
O1S SGN A . -21.25 9.96 -40.36
O2S SGN A . -20.13 7.97 -39.64
O3S SGN A . -20.09 9.94 -38.29
S2 SGN A . -16.47 6.23 -46.48
O4S SGN A . -15.24 5.49 -46.46
O5S SGN A . -17.62 5.37 -46.40
O6S SGN A . -16.56 7.16 -47.55
C1 IDS A . -15.02 5.91 -41.55
C2 IDS A . -13.74 5.27 -42.13
C3 IDS A . -13.26 4.14 -41.22
C4 IDS A . -13.02 4.65 -39.79
C5 IDS A . -13.81 5.94 -39.54
C6 IDS A . -13.98 6.30 -38.06
O2 IDS A . -14.03 4.73 -43.40
O3 IDS A . -12.05 3.60 -41.72
O4 IDS A . -13.49 3.65 -38.88
O5 IDS A . -15.08 5.84 -40.15
O6A IDS A . -13.01 6.36 -37.34
O6B IDS A . -15.05 6.55 -37.58
S IDS A . -14.04 5.46 -44.78
O1S IDS A . -13.74 4.43 -45.72
O2S IDS A . -15.34 6.02 -44.98
O3S IDS A . -13.00 6.46 -44.70
C1 SGN A . -12.53 2.76 -38.38
C2 SGN A . -13.10 1.33 -38.37
C3 SGN A . -14.24 1.22 -37.35
C4 SGN A . -13.76 1.71 -35.98
C5 SGN A . -13.19 3.14 -36.15
C6 SGN A . -12.61 3.74 -34.86
N2 SGN A . -13.54 0.96 -39.72
O3 SGN A . -14.63 -0.13 -37.23
O4 SGN A . -14.90 1.74 -35.13
O5 SGN A . -12.14 3.12 -37.09
O6 SGN A . -11.51 2.96 -34.44
S1 SGN A . -12.43 0.43 -40.80
O1S SGN A . -11.29 1.29 -40.71
O2S SGN A . -12.15 -0.93 -40.44
O3S SGN A . -13.09 0.54 -42.06
S2 SGN A . -11.13 2.56 -32.98
O4S SGN A . -12.07 1.56 -32.55
O5S SGN A . -9.81 2.04 -33.09
O6S SGN A . -11.19 3.77 -32.20
C1 IDS A . -14.66 1.93 -33.75
C2 IDS A . -15.99 1.77 -33.02
C3 IDS A . -15.77 1.33 -31.57
C4 IDS A . -14.98 0.01 -31.52
C5 IDS A . -14.20 -0.19 -32.84
C6 IDS A . -13.08 -1.23 -32.74
O2 IDS A . -16.64 3.03 -33.01
O3 IDS A . -17.02 1.14 -30.94
O4 IDS A . -14.05 0.11 -30.46
O5 IDS A . -13.68 1.05 -33.27
O6A IDS A . -13.34 -2.39 -32.54
O6B IDS A . -11.92 -0.92 -32.87
S IDS A . -17.18 3.86 -34.22
O1S IDS A . -17.63 5.09 -33.64
O2S IDS A . -16.09 4.06 -35.13
O3S IDS A . -18.25 3.08 -34.78
C1 SGN A . -14.59 0.24 -29.17
C2 SGN A . -13.97 1.47 -28.47
C3 SGN A . -12.49 1.25 -28.20
C4 SGN A . -12.29 -0.06 -27.43
C5 SGN A . -12.97 -1.20 -28.21
C6 SGN A . -12.91 -2.57 -27.54
N2 SGN A . -14.20 2.65 -29.29
O3 SGN A . -11.98 2.31 -27.42
O4 SGN A . -10.89 -0.30 -27.35
O5 SGN A . -14.34 -0.90 -28.41
O6 SGN A . -13.72 -2.55 -26.39
S1 SGN A . -15.74 3.15 -29.57
O1S SGN A . -16.55 1.99 -29.78
O2S SGN A . -16.13 3.92 -28.42
O3S SGN A . -15.66 3.96 -30.75
S2 SGN A . -14.48 -3.74 -25.72
O4S SGN A . -13.64 -4.89 -25.83
O5S SGN A . -14.69 -3.33 -24.37
O6S SGN A . -15.71 -3.88 -26.45
C1 IDS A . -10.41 -0.87 -26.16
C2 IDS A . -8.89 -1.06 -26.32
C3 IDS A . -8.21 -1.07 -24.96
C4 IDS A . -8.50 0.23 -24.19
C5 IDS A . -9.78 0.89 -24.74
C6 IDS A . -10.38 1.94 -23.81
O2 IDS A . -8.67 -2.32 -26.95
O3 IDS A . -6.81 -1.20 -25.13
O4 IDS A . -8.72 -0.11 -22.83
O5 IDS A . -10.73 -0.11 -25.03
O6A IDS A . -9.71 2.44 -22.94
O6B IDS A . -11.52 2.30 -23.92
S IDS A . -9.13 -2.80 -28.36
O1S IDS A . -8.24 -3.88 -28.67
O2S IDS A . -10.49 -3.22 -28.26
O3S IDS A . -8.95 -1.66 -29.23
C1 SGN A . -7.60 -0.56 -22.11
C2 SGN A . -7.95 -1.85 -21.34
C3 SGN A . -8.98 -1.54 -20.24
C4 SGN A . -8.46 -0.40 -19.35
C5 SGN A . -8.11 0.80 -20.24
C6 SGN A . -7.52 2.00 -19.49
N2 SGN A . -8.45 -2.85 -22.28
O3 SGN A . -9.16 -2.69 -19.44
O4 SGN A . -9.51 -0.07 -18.45
O5 SGN A . -7.16 0.42 -21.22
O6 SGN A . -7.16 1.59 -18.19
S1 SGN A . -7.41 -3.51 -23.36
O1S SGN A . -6.83 -2.44 -24.12
O2S SGN A . -6.46 -4.25 -22.60
O3S SGN A . -8.23 -4.35 -24.19
S2 SGN A . -7.10 2.48 -16.91
O4S SGN A . -8.32 2.26 -16.18
O5S SGN A . -5.96 1.99 -16.19
O6S SGN A . -6.94 3.83 -17.35
C1 IDS A . -9.41 -0.56 -17.15
C2 IDS A . -10.83 -0.62 -16.56
C3 IDS A . -10.90 -1.68 -15.44
C4 IDS A . -10.46 -3.05 -15.98
C5 IDS A . -9.59 -2.89 -17.24
C6 IDS A . -8.78 -4.14 -17.59
O2 IDS A . -11.14 0.64 -16.00
O3 IDS A . -12.22 -1.76 -14.96
O4 IDS A . -9.69 -3.68 -14.97
O5 IDS A . -8.73 -1.78 -17.07
O6A IDS A . -9.30 -5.05 -18.20
O6B IDS A . -7.62 -4.24 -17.29
S IDS A . -12.43 1.49 -16.22
O1S IDS A . -11.99 2.84 -15.97
O2S IDS A . -12.86 1.31 -17.57
O3S IDS A . -13.37 1.02 -15.24
C1 SGN A . -10.10 -4.93 -14.52
C2 SGN A . -10.48 -4.88 -13.03
C3 SGN A . -9.21 -4.62 -12.19
C4 SGN A . -8.15 -5.68 -12.53
C5 SGN A . -7.91 -5.65 -14.05
C6 SGN A . -6.90 -6.70 -14.56
N2 SGN A . -11.48 -3.84 -12.81
O3 SGN A . -9.53 -4.74 -10.82
O4 SGN A . -6.96 -5.30 -11.84
O5 SGN A . -9.12 -5.90 -14.74
O6 SGN A . -7.48 -7.98 -14.43
S1 SGN A . -12.93 -4.27 -12.19
O1S SGN A . -13.55 -5.19 -13.10
O2S SGN A . -12.67 -4.83 -10.90
O3S SGN A . -13.67 -3.03 -12.10
S2 SGN A . -7.24 -9.22 -15.34
O4S SGN A . -5.82 -9.50 -15.34
O5S SGN A . -7.99 -10.28 -14.71
O6S SGN A . -7.74 -8.88 -16.63
C1 IDS A . -6.50 -6.18 -10.86
C2 IDS A . -5.11 -5.68 -10.40
C3 IDS A . -4.82 -6.15 -8.98
C4 IDS A . -5.92 -5.66 -8.01
C5 IDS A . -7.21 -5.34 -8.77
C6 IDS A . -8.45 -5.24 -7.90
O2 IDS A . -4.14 -6.25 -11.26
O3 IDS A . -3.57 -5.65 -8.55
O4 IDS A . -6.18 -6.70 -7.09
O5 IDS A . -7.40 -6.31 -9.78
O6A IDS A . -8.46 -4.49 -6.94
O6B IDS A . -9.45 -5.88 -8.12
S IDS A . -2.89 -5.55 -11.89
O1S IDS A . -2.81 -6.11 -13.21
O2S IDS A . -3.13 -4.14 -11.89
O3S IDS A . -1.79 -5.94 -11.06
C1 SGN A . -5.13 -7.12 -6.27
C2 SGN A . -5.22 -8.63 -6.01
C3 SGN A . -6.46 -8.95 -5.16
C4 SGN A . -6.43 -8.10 -3.88
C5 SGN A . -6.29 -6.61 -4.28
C6 SGN A . -6.20 -5.64 -3.10
N2 SGN A . -5.25 -9.35 -7.29
O3 SGN A . -6.43 -10.31 -4.78
O4 SGN A . -7.66 -8.31 -3.21
O5 SGN A . -5.13 -6.42 -5.06
O6 SGN A . -4.99 -5.86 -2.42
S1 SGN A . -4.00 -9.17 -8.32
O1S SGN A . -4.16 -7.93 -9.01
O2S SGN A . -2.81 -9.22 -7.52
O3S SGN A . -4.11 -10.29 -9.22
S2 SGN A . -4.76 -5.97 -0.87
O4S SGN A . -5.67 -6.97 -0.38
O5S SGN A . -3.39 -6.36 -0.74
O6S SGN A . -5.02 -4.67 -0.34
C1 IDS A . -7.67 -8.10 -1.83
C2 IDS A . -9.03 -8.57 -1.29
C3 IDS A . -8.93 -8.98 0.18
C4 IDS A . -7.87 -10.07 0.37
C5 IDS A . -6.87 -10.06 -0.81
C6 IDS A . -5.58 -10.82 -0.53
O2 IDS A . -9.95 -7.51 -1.39
O3 IDS A . -10.17 -9.46 0.63
O4 IDS A . -7.16 -9.79 1.57
O5 IDS A . -6.60 -8.73 -1.18
O6A IDS A . -5.45 -11.47 0.49
O6B IDS A . -4.66 -10.81 -1.31
S IDS A . -11.27 -7.43 -2.24
O1S IDS A . -11.96 -6.30 -1.69
O2S IDS A . -10.89 -7.22 -3.60
O3S IDS A . -11.94 -8.67 -2.01
C1 SGN A . -7.91 -9.65 2.74
C2 SGN A . -8.22 -8.16 2.99
C3 SGN A . -6.92 -7.40 3.32
C4 SGN A . -6.21 -8.11 4.49
C5 SGN A . -5.99 -9.58 4.11
C6 SGN A . -5.33 -10.43 5.21
N2 SGN A . -8.89 -7.59 1.83
O3 SGN A . -7.24 -6.10 3.72
O4 SGN A . -4.95 -7.46 4.64
O5 SGN A . -7.24 -10.20 3.83
O6 SGN A . -6.18 -10.46 6.33
S1 SGN A . -10.12 -6.54 2.06
O1S SGN A . -11.31 -7.29 2.35
O2S SGN A . -9.71 -5.68 3.14
O3S SGN A . -10.23 -5.84 0.81
S2 SGN A . -5.81 -10.92 7.79
O4S SGN A . -5.08 -9.85 8.40
O5S SGN A . -7.09 -11.14 8.40
O6S SGN A . -5.05 -12.13 7.64
C1 IDS A . -4.31 -7.60 5.88
C2 IDS A . -2.83 -7.26 5.68
C3 IDS A . -2.21 -6.79 7.00
C4 IDS A . -2.97 -5.57 7.55
C5 IDS A . -4.39 -5.51 6.96
C6 IDS A . -5.35 -4.60 7.72
O2 IDS A . -2.15 -8.44 5.28
O3 IDS A . -0.85 -6.43 6.80
O4 IDS A . -3.07 -5.71 8.95
O5 IDS A . -4.91 -6.82 6.88
O6A IDS A . -5.10 -3.42 7.85
O6B IDS A . -6.36 -5.02 8.21
S IDS A . -2.11 -9.10 3.87
O1S IDS A . -1.79 -10.47 4.12
O2S IDS A . -3.40 -8.93 3.27
O3S IDS A . -1.08 -8.41 3.15
C1 SGN A . -1.88 -5.67 9.68
C2 SGN A . -2.08 -6.28 11.08
C3 SGN A . -3.02 -5.41 11.91
C4 SGN A . -2.49 -3.97 11.93
C5 SGN A . -2.30 -3.48 10.49
C6 SGN A . -1.71 -2.06 10.35
N2 SGN A . -2.60 -7.64 10.94
O3 SGN A . -3.06 -5.89 13.24
O4 SGN A . -3.47 -3.17 12.59
O5 SGN A . -1.40 -4.36 9.80
O6 SGN A . -0.44 -2.04 10.98
S1 SGN A . -1.62 -8.80 10.34
O1S SGN A . -1.71 -8.77 8.91
O2S SGN A . -0.29 -8.51 10.83
O3S SGN A . -2.14 -10.03 10.87
S2 SGN A . 0.11 -0.95 11.93
O4S SGN A . -0.42 -1.21 13.24
O5S SGN A . 1.53 -1.12 11.88
O6S SGN A . -0.31 0.32 11.39
C1 IDS A . -3.16 -1.82 12.80
C2 IDS A . -4.44 -1.12 13.27
C3 IDS A . -4.10 0.12 14.10
C4 IDS A . -3.21 -0.25 15.30
C5 IDS A . -2.50 -1.60 15.04
C6 IDS A . -1.31 -1.85 15.97
O2 IDS A . -5.17 -0.71 12.13
O3 IDS A . -5.28 0.73 14.57
O4 IDS A . -2.23 0.76 15.45
O5 IDS A . -2.10 -1.65 13.69
O6A IDS A . -1.17 -1.20 16.97
O6B IDS A . -0.50 -2.71 15.72
S IDS A . -5.90 -1.59 11.08
O1S IDS A . -6.51 -0.65 10.18
O2S IDS A . -4.91 -2.40 10.43
O3S IDS A . -6.86 -2.36 11.80
C1 SGN A . -2.22 1.47 16.65
C2 SGN A . -2.21 2.99 16.40
C3 SGN A . -0.87 3.39 15.75
C4 SGN A . 0.29 2.89 16.63
C5 SGN A . 0.13 1.38 16.85
C6 SGN A . 1.19 0.74 17.76
N2 SGN A . -3.34 3.35 15.54
O3 SGN A . -0.80 4.80 15.67
O4 SGN A . 1.49 3.16 15.92
O5 SGN A . -1.13 1.11 17.45
O6 SGN A . 1.25 1.47 18.96
S1 SGN A . -4.59 4.18 16.20
O1S SGN A . -4.72 3.77 17.56
O2S SGN A . -4.26 5.57 16.05
O3S SGN A . -5.73 3.79 15.42
S2 SGN A . 1.58 0.92 20.39
O4S SGN A . 2.68 0.01 20.26
O5S SGN A . 1.92 2.09 21.14
O6S SGN A . 0.38 0.30 20.87
C1 IDS A . 2.69 2.82 16.55
C2 IDS A . 3.78 3.80 16.07
C3 IDS A . 4.88 3.91 17.12
C4 IDS A . 4.32 4.35 18.47
C5 IDS A . 2.81 4.02 18.55
C6 IDS A . 2.25 4.04 19.97
O2 IDS A . 4.33 3.30 14.87
O3 IDS A . 5.84 4.87 16.69
O4 IDS A . 4.99 3.62 19.48
O5 IDS A . 2.58 2.77 17.94
O6A IDS A . 2.10 5.07 20.57
O6B IDS A . 1.94 3.01 20.54
S IDS A . 4.57 4.07 13.53
O1S IDS A . 4.65 3.03 12.54
O2S IDS A . 3.48 4.96 13.32
O3S IDS A . 5.83 4.76 13.71
C1 SGN A . 6.33 3.95 19.72
C2 SGN A . 7.06 2.79 20.42
C3 SGN A . 6.50 2.60 21.83
C4 SGN A . 6.57 3.93 22.60
C5 SGN A . 5.85 5.00 21.77
C6 SGN A . 5.88 6.42 22.38
N2 SGN A . 6.92 1.57 19.62
O3 SGN A . 7.28 1.64 22.52
O4 SGN A . 5.90 3.74 23.84
O5 SGN A . 6.43 5.10 20.48
O6 SGN A . 6.83 6.43 23.43
S1 SGN A . 8.27 0.74 19.19
O1S SGN A . 9.32 1.69 18.99
O2S SGN A . 8.53 -0.17 20.26
O3S SGN A . 7.91 0.07 17.97
S2 SGN A . 6.70 7.15 24.81
O4S SGN A . 6.06 6.24 25.71
O5S SGN A . 8.06 7.43 25.18
O6S SGN A . 5.95 8.35 24.57
C1 IDS A . 6.70 3.47 24.95
C2 IDS A . 6.11 4.23 26.15
C3 IDS A . 6.48 3.54 27.46
C4 IDS A . 6.03 2.08 27.47
C5 IDS A . 5.82 1.58 26.02
C6 IDS A . 5.76 0.05 25.90
O2 IDS A . 6.64 5.54 26.16
O3 IDS A . 5.88 4.21 28.55
O4 IDS A . 7.05 1.30 28.07
O5 IDS A . 6.85 2.09 25.20
O6A IDS A . 5.87 -0.65 26.88
O6B IDS A . 5.61 -0.49 24.83
S IDS A . 6.07 6.81 25.48
O1S IDS A . 6.51 7.90 26.32
O2S IDS A . 6.62 6.89 24.15
O3S IDS A . 4.64 6.66 25.49
C1 SGN A . 6.92 1.03 29.44
C2 SGN A . 8.01 1.77 30.24
C3 SGN A . 9.39 1.18 29.90
C4 SGN A . 9.37 -0.34 30.13
C5 SGN A . 8.21 -0.94 29.31
C6 SGN A . 8.02 -2.46 29.49
N2 SGN A . 7.95 3.21 29.94
O3 SGN A . 10.36 1.75 30.76
O4 SGN A . 10.61 -0.84 29.67
O5 SGN A . 6.99 -0.35 29.69
O6 SGN A . 7.09 -2.68 30.52
S1 SGN A . 7.96 4.27 31.17
O1S SGN A . 6.68 4.23 31.81
O2S SGN A . 9.04 3.86 32.04
O3S SGN A . 8.22 5.54 30.56
S2 SGN A . 6.82 -4.02 31.29
O4S SGN A . 8.09 -4.52 31.72
O5S SGN A . 5.98 -3.63 32.39
O6S SGN A . 6.16 -4.88 30.37
C1 IDS A . 11.22 -1.83 30.44
C2 IDS A . 12.06 -2.72 29.49
C3 IDS A . 13.21 -3.39 30.26
C4 IDS A . 14.09 -2.33 30.94
C5 IDS A . 13.31 -1.02 31.12
C6 IDS A . 13.94 -0.06 32.14
O2 IDS A . 11.22 -3.73 28.97
O3 IDS A . 13.99 -4.14 29.36
O4 IDS A . 14.44 -2.84 32.22
O5 IDS A . 11.98 -1.32 31.49
O6A IDS A . 15.08 0.32 32.00
O6B IDS A . 13.32 0.34 33.10
S IDS A . 10.21 -3.63 27.78
O1S IDS A . 9.91 -4.99 27.45
O2S IDS A . 9.06 -2.91 28.24
O3S IDS A . 10.92 -2.95 26.73
C1 SGN A . 15.08 -4.07 32.27
C2 SGN A . 14.48 -4.96 33.37
C3 SGN A . 14.79 -4.36 34.75
C4 SGN A . 16.31 -4.15 34.88
C5 SGN A . 16.78 -3.29 33.70
C6 SGN A . 18.31 -3.03 33.66
N2 SGN A . 13.04 -5.08 33.15
O3 SGN A . 14.38 -5.27 35.75
O4 SGN A . 16.52 -3.46 36.10
O5 SGN A . 16.45 -3.92 32.48
O6 SGN A . 18.95 -4.09 34.32
S1 SGN A . 12.47 -6.39 32.35
O1S SGN A . 13.52 -6.88 31.51
O2S SGN A . 12.06 -7.34 33.35
O3S SGN A . 11.36 -5.89 31.58
S2 SGN A . 20.46 -4.17 34.74
O4S SGN A . 20.61 -3.46 35.97
O5S SGN A . 20.71 -5.58 34.89
O6S SGN A . 21.20 -3.60 33.66
C1 IDS A . 17.84 -3.33 36.54
C2 IDS A . 17.83 -2.52 37.85
C3 IDS A . 19.08 -2.85 38.69
C4 IDS A . 19.14 -4.36 38.98
C5 IDS A . 18.32 -5.15 37.95
C6 IDS A . 18.65 -6.63 37.90
O2 IDS A . 17.88 -1.15 37.52
O3 IDS A . 19.02 -2.15 39.91
O4 IDS A . 20.50 -4.76 38.88
O5 IDS A . 18.49 -4.56 36.67
O6A IDS A . 18.43 -7.34 38.85
O6B IDS A . 19.11 -7.15 36.91
S IDS A . 16.79 -0.06 37.81
O1S IDS A . 17.07 0.98 36.86
O2S IDS A . 15.50 -0.66 37.58
O3S IDS A . 16.99 0.35 39.16
C1 SGN A . 21.18 -5.04 40.07
C2 SGN A . 22.68 -5.18 39.82
C3 SGN A . 22.95 -6.43 38.97
C4 SGN A . 22.31 -7.66 39.64
C5 SGN A . 20.83 -7.37 39.87
C6 SGN A . 20.05 -8.49 40.59
N2 SGN A . 23.19 -3.97 39.17
O3 SGN A . 24.35 -6.65 38.89
O4 SGN A . 22.47 -8.75 38.74
O5 SGN A . 20.67 -6.20 40.67
O6 SGN A . 20.08 -8.23 41.98
S1 SGN A . 24.20 -2.99 40.00
O1S SGN A . 23.44 -2.34 41.02
O2S SGN A . 25.24 -3.83 40.51
O3S SGN A . 24.69 -2.07 39.02
S2 SGN A . 20.07 -9.28 43.13
O4S SGN A . 21.11 -10.22 42.88
O5S SGN A . 20.31 -8.50 44.32
O6S SGN A . 18.76 -9.87 43.12
C1 IDS A . 23.38 -9.74 39.10
C2 IDS A . 22.87 -11.08 38.52
C3 IDS A . 24.04 -12.04 38.30
C4 IDS A . 25.10 -11.42 37.38
C5 IDS A . 24.98 -9.89 37.39
C6 IDS A . 26.21 -9.17 36.84
O2 IDS A . 21.98 -11.66 39.45
O3 IDS A . 23.57 -13.23 37.72
O4 IDS A . 26.38 -11.77 37.90
O5 IDS A . 24.69 -9.45 38.70
O6A IDS A . 26.78 -9.57 35.86
O6B IDS A . 26.65 -8.17 37.38
S IDS A . 20.43 -11.75 39.36
O1S IDS A . 20.10 -12.98 40.03
O2S IDS A . 19.88 -10.61 40.02
O3S IDS A . 20.12 -11.79 37.96
C1 SGN A . 26.71 -13.13 37.91
C2 SGN A . 27.81 -13.41 38.93
C3 SGN A . 29.13 -12.74 38.49
C4 SGN A . 29.48 -13.20 37.06
C5 SGN A . 28.28 -12.90 36.15
C6 SGN A . 28.45 -13.34 34.69
N2 SGN A . 27.39 -12.94 40.25
O3 SGN A . 30.16 -13.15 39.35
O4 SGN A . 30.60 -12.44 36.66
O5 SGN A . 27.12 -13.55 36.63
O6 SGN A . 28.41 -14.75 34.65
S1 SGN A . 26.05 -13.59 40.93
O1S SGN A . 24.92 -13.20 40.15
O2S SGN A . 26.26 -15.01 40.95
O3S SGN A . 26.00 -13.03 42.25
S2 SGN A . 28.70 -15.66 33.41
O4S SGN A . 29.52 -14.92 32.50
O5S SGN A . 29.40 -16.79 33.97
O6S SGN A . 27.43 -16.03 32.87
C1 IDS A . 31.46 -13.03 35.72
C2 IDS A . 32.07 -11.90 34.87
C3 IDS A . 33.41 -12.33 34.29
C4 IDS A . 34.38 -12.75 35.41
C5 IDS A . 33.60 -13.13 36.68
C6 IDS A . 34.42 -13.92 37.70
O2 IDS A . 31.19 -11.62 33.80
O3 IDS A . 33.98 -11.26 33.57
O4 IDS A . 35.10 -13.89 34.96
O5 IDS A . 32.43 -13.83 36.31
O6A IDS A . 35.61 -13.76 37.79
O6B IDS A . 33.90 -14.73 38.44
S IDS A . 30.23 -10.40 33.63
O1S IDS A . 29.54 -10.66 32.39
O2S IDS A . 29.35 -10.37 34.76
O3S IDS A . 31.09 -9.24 33.54
C1 SGN A . 35.74 -13.80 33.72
C2 SGN A . 35.99 -15.20 33.14
C3 SGN A . 37.02 -15.95 34.00
C4 SGN A . 38.29 -15.08 34.13
C5 SGN A . 37.89 -13.70 34.68
C6 SGN A . 39.05 -12.70 34.81
N2 SGN A . 34.72 -15.94 33.07
O3 SGN A . 37.37 -17.15 33.37
O4 SGN A . 39.15 -15.74 35.05
O5 SGN A . 36.93 -13.10 33.82
O6 SGN A . 39.03 -11.83 33.71
S1 SGN A . 33.76 -15.73 31.76
O1S SGN A . 34.32 -14.68 30.97
O2S SGN A . 33.72 -17.00 31.10
O3S SGN A . 32.49 -15.35 32.31
S2 SGN A . 39.55 -10.36 33.64
O4S SGN A . 40.77 -10.31 34.38
O5S SGN A . 39.73 -10.11 32.25
O6S SGN A . 38.51 -9.54 34.21
C1 IDS A . 40.44 -15.24 35.18
C2 IDS A . 41.25 -16.25 36.01
C3 IDS A . 42.75 -16.13 35.69
C4 IDS A . 42.99 -16.34 34.19
C5 IDS A . 41.71 -16.07 33.39
C6 IDS A . 41.94 -15.86 31.90
O2 IDS A . 41.07 -15.94 37.39
O3 IDS A . 43.47 -17.10 36.42
O5 IDS A . 41.04 -14.96 33.95
O6A IDS A . 42.64 -16.63 31.27
O6B IDS A . 41.44 -14.94 31.30
S IDS A . 39.91 -16.41 38.33
O1S IDS A . 40.19 -15.75 39.57
O2S IDS A . 38.68 -15.99 37.75
O3S IDS A . 40.03 -17.83 38.42
C1 SGN A . -34.77 25.94 -39.35
C2 SGN A . -33.34 25.83 -39.90
C3 SGN A . -33.10 24.42 -40.46
C4 SGN A . -33.43 23.37 -39.37
C5 SGN A . -34.87 23.62 -38.87
C6 SGN A . -35.32 22.71 -37.75
N2 SGN A . -33.13 26.85 -40.93
O1 SGN A . -35.70 25.85 -40.38
O3 SGN A . -31.74 24.28 -40.81
O4 SGN A . -33.35 22.10 -39.99
O5 SGN A . -34.99 24.95 -38.38
O6 SGN A . -34.78 23.16 -36.53
S1 SGN A . -32.59 28.33 -40.49
O1S SGN A . -32.65 28.40 -39.06
O2S SGN A . -31.26 28.44 -41.02
O3S SGN A . -33.50 29.25 -41.10
S2 SGN A . -35.33 22.93 -35.09
O4S SGN A . -35.21 21.54 -34.81
O5S SGN A . -34.48 23.73 -34.25
O6S SGN A . -36.68 23.38 -35.09
C1 IDS A . -32.65 21.11 -39.28
C2 IDS A . -33.48 19.81 -39.36
C3 IDS A . -32.57 18.60 -39.20
C4 IDS A . -31.46 18.59 -40.27
C5 IDS A . -31.25 20.01 -40.82
C6 IDS A . -29.92 20.19 -41.56
O2 IDS A . -34.41 19.81 -38.29
O3 IDS A . -33.33 17.42 -39.33
O4 IDS A . -30.26 18.15 -39.65
O5 IDS A . -31.35 20.93 -39.75
O6A IDS A . -29.35 19.24 -42.02
O6B IDS A . -29.44 21.28 -41.73
S IDS A . -35.89 20.30 -38.31
O1S IDS A . -36.46 19.77 -37.10
O2S IDS A . -35.88 21.73 -38.34
O3S IDS A . -36.48 19.72 -39.49
C1 SGN A . -30.09 16.77 -39.50
C2 SGN A . -29.37 16.46 -38.18
C3 SGN A . -27.93 16.99 -38.23
C4 SGN A . -27.22 16.42 -39.47
C5 SGN A . -28.06 16.77 -40.71
C6 SGN A . -27.51 16.23 -42.04
N2 SGN A . -30.12 17.05 -37.07
O3 SGN A . -27.24 16.54 -37.08
O4 SGN A . -25.94 17.06 -39.55
O5 SGN A . -29.36 16.25 -40.58
O6 SGN A . -26.47 15.31 -41.75
S1 SGN A . -31.45 16.28 -36.52
O1S SGN A . -32.41 16.25 -37.57
O2S SGN A . -31.01 14.98 -36.10
O3S SGN A . -31.90 17.08 -35.41
S2 SGN A . -25.89 14.21 -42.70
O4S SGN A . -26.33 14.50 -44.03
O5S SGN A . -24.47 14.33 -42.55
O6S SGN A . -26.39 12.96 -42.20
C1 IDS A . -24.85 16.34 -39.06
C2 IDS A . -23.57 16.97 -39.66
C3 IDS A . -22.38 16.71 -38.75
C4 IDS A . -22.63 17.25 -37.33
C5 IDS A . -24.15 17.39 -37.08
C6 IDS A . -24.52 17.52 -35.60
O2 IDS A . -23.33 16.37 -40.91
O3 IDS A . -21.24 17.34 -39.28
O4 IDS A . -22.11 16.32 -36.41
O5 IDS A . -24.81 16.29 -37.66
O6A IDS A . -23.89 18.25 -34.87
O6B IDS A . -25.46 16.93 -35.13
S IDS A . -24.13 16.56 -42.25
O1S IDS A . -23.20 16.14 -43.26
O2S IDS A . -25.28 15.72 -42.18
O3S IDS A . -24.43 17.96 -42.32
C1 SGN A . -20.86 15.76 -36.71
C2 SGN A . -20.93 14.22 -36.63
C3 SGN A . -21.16 13.78 -35.18
C4 SGN A . -20.10 14.41 -34.27
C5 SGN A . -20.11 15.93 -34.47
C6 SGN A . -19.05 16.70 -33.66
N2 SGN A . -21.97 13.73 -37.52
O3 SGN A . -21.05 12.37 -35.10
O4 SGN A . -20.45 14.08 -32.93
O5 SGN A . -19.88 16.24 -35.83
O6 SGN A . -17.84 15.98 -33.71
S1 SGN A . -21.69 12.40 -38.42
O1S SGN A . -21.07 12.81 -39.65
O2S SGN A . -20.84 11.55 -37.63
O3S SGN A . -22.99 11.82 -38.64
S2 SGN A . -16.83 15.73 -32.55
O4S SGN A . -17.54 15.07 -31.50
O5S SGN A . -15.81 14.90 -33.13
O6S SGN A . -16.33 17.02 -32.18
C1 IDS A . -19.71 13.08 -32.30
C2 IDS A . -20.48 12.64 -31.05
C3 IDS A . -20.12 11.20 -30.66
C4 IDS A . -20.41 10.24 -31.83
C5 IDS A . -20.44 11.01 -33.17
C6 IDS A . -20.30 10.13 -34.40
O2 IDS A . -20.12 13.49 -29.98
O3 IDS A . -20.89 10.80 -29.54
O4 IDS A . -19.35 9.30 -31.88
O5 IDS A . -19.43 11.99 -33.15
O6A IDS A . -20.33 8.92 -34.29
O6B IDS A . -20.19 10.59 -35.51
S IDS A . -20.33 15.04 -29.85
O1S IDS A . -20.06 15.31 -28.47
O2S IDS A . -19.40 15.67 -30.73
O3S IDS A . -21.70 15.27 -30.21
C1 SGN A . -19.34 8.30 -30.89
C2 SGN A . -18.40 8.70 -29.75
C3 SGN A . -16.94 8.70 -30.25
C4 SGN A . -16.62 7.34 -30.90
C5 SGN A . -17.66 7.05 -32.00
C6 SGN A . -17.50 5.70 -32.70
N2 SGN A . -18.78 10.00 -29.22
O3 SGN A . -16.08 8.89 -29.16
O4 SGN A . -15.32 7.46 -31.47
O5 SGN A . -18.96 7.07 -31.43
O6 SGN A . -17.20 4.72 -31.72
S1 SGN A . -19.14 10.13 -27.63
O1S SGN A . -20.27 9.29 -27.35
O2S SGN A . -17.96 9.73 -26.92
O3S SGN A . -19.44 11.51 -27.43
S2 SGN A . -17.53 3.19 -31.78
O4S SGN A . -16.56 2.58 -32.65
O5S SGN A . -17.39 2.75 -30.43
O6S SGN A . -18.88 3.09 -32.27
C1 IDS A . -14.62 6.27 -31.68
C2 IDS A . -13.51 6.55 -32.72
C3 IDS A . -12.35 5.57 -32.55
C4 IDS A . -11.78 5.64 -31.13
C5 IDS A . -12.83 6.22 -30.16
C6 IDS A . -12.53 5.96 -28.69
O2 IDS A . -14.06 6.38 -34.01
O3 IDS A . -11.33 5.89 -33.47
O4 IDS A . -11.48 4.31 -30.71
O5 IDS A . -14.10 5.73 -30.50
O6A IDS A . -11.40 5.79 -28.31
O6B IDS A . -13.41 5.92 -27.85
S IDS A . -15.13 7.27 -34.73
O1S IDS A . -16.15 6.33 -35.10
O2S IDS A . -15.58 8.25 -33.80
O3S IDS A . -14.46 7.83 -35.88
C1 SGN A . -10.43 3.67 -31.38
C2 SGN A . -10.99 2.73 -32.48
C3 SGN A . -11.77 1.58 -31.83
C4 SGN A . -10.87 0.86 -30.81
C5 SGN A . -10.36 1.90 -29.80
C6 SGN A . -9.39 1.36 -28.74
N2 SGN A . -11.83 3.51 -33.39
O3 SGN A . -12.12 0.65 -32.84
O4 SGN A . -11.68 -0.10 -30.14
O5 SGN A . -9.65 2.93 -30.48
O6 SGN A . -8.95 0.08 -29.15
S1 SGN A . -11.20 4.80 -34.15
O1S SGN A . -9.94 5.11 -33.54
O2S SGN A . -11.08 4.42 -35.53
O3S SGN A . -12.16 5.85 -33.96
S2 SGN A . -7.94 -0.86 -28.41
O4S SGN A . -8.36 -0.97 -27.05
O5S SGN A . -8.02 -2.10 -29.13
O6S SGN A . -6.65 -0.23 -28.55
C1 IDS A . -11.03 -0.96 -29.26
C2 IDS A . -12.08 -1.99 -28.76
C3 IDS A . -11.39 -3.28 -28.33
C4 IDS A . -10.57 -3.87 -29.49
C5 IDS A . -10.22 -2.78 -30.52
C6 IDS A . -9.09 -3.15 -31.45
O2 IDS A . -12.74 -1.43 -27.64
O3 IDS A . -12.37 -4.22 -27.93
O4 IDS A . -9.35 -4.37 -28.95
O5 IDS A . -9.91 -1.58 -29.82
O6A IDS A . -8.55 -4.23 -31.38
O6B IDS A . -8.70 -2.40 -32.33
S IDS A . -14.26 -1.13 -27.47
O1S IDS A . -14.51 -1.35 -26.07
O2S IDS A . -14.48 0.24 -27.85
O3S IDS A . -14.94 -2.06 -28.32
C1 SGN A . -9.45 -5.47 -28.06
C2 SGN A . -9.19 -5.02 -26.62
C3 SGN A . -7.72 -4.60 -26.47
C4 SGN A . -6.80 -5.73 -26.96
C5 SGN A . -7.20 -6.10 -28.40
C6 SGN A . -6.41 -7.27 -29.01
N2 SGN A . -10.10 -3.93 -26.27
O3 SGN A . -7.44 -4.36 -25.10
O4 SGN A . -5.47 -5.23 -26.94
O5 SGN A . -8.57 -6.48 -28.44
O6 SGN A . -5.80 -7.99 -27.97
S1 SGN A . -11.63 -4.31 -25.84
O1S SGN A . -12.04 -5.46 -26.59
O2S SGN A . -11.62 -4.53 -24.43
O3S SGN A . -12.40 -3.14 -26.21
S2 SGN A . -4.40 -8.68 -27.99
O4S SGN A . -3.50 -7.81 -28.69
O5S SGN A . -4.06 -8.83 -26.60
O6S SGN A . -4.59 -9.94 -28.65
C1 IDS A . -4.73 -5.44 -25.77
C2 IDS A . -3.39 -4.71 -25.93
C3 IDS A . -2.81 -4.35 -24.56
C4 IDS A . -3.80 -3.50 -23.75
C5 IDS A . -5.24 -3.70 -24.28
C6 IDS A . -6.32 -3.23 -23.31
O2 IDS A . -2.48 -5.56 -26.60
O3 IDS A . -1.61 -3.63 -24.73
O4 IDS A . -3.74 -3.94 -22.41
O5 IDS A . -5.41 -5.06 -24.62
O6A IDS A . -6.40 -2.07 -23.01
O6B IDS A . -7.12 -4.01 -22.84
S IDS A . -2.23 -5.71 -28.13
O1S IDS A . -1.98 -7.11 -28.32
O2S IDS A . -3.40 -5.26 -28.81
O3S IDS A . -1.08 -4.90 -28.40
C1 SGN A . -2.96 -3.19 -21.52
C2 SGN A . -2.87 -3.90 -20.16
C3 SGN A . -4.25 -3.91 -19.48
C4 SGN A . -4.80 -2.48 -19.39
C5 SGN A . -4.81 -1.88 -20.81
C6 SGN A . -5.28 -0.42 -20.89
N2 SGN A . -2.35 -5.25 -20.34
O3 SGN A . -4.11 -4.42 -18.16
O4 SGN A . -6.13 -2.57 -18.90
O5 SGN A . -3.50 -1.91 -21.35
O6 SGN A . -4.64 0.32 -19.87
S1 SGN A . -0.74 -5.46 -20.51
O1S SGN A . -0.16 -4.20 -20.85
O2S SGN A . -0.27 -5.98 -19.25
O3S SGN A . -0.60 -6.41 -21.57
S2 SGN A . -5.29 1.32 -18.87
O4S SGN A . -6.71 1.16 -18.98
O5S SGN A . -4.79 0.91 -17.59
O6S SGN A . -4.84 2.62 -19.24
C1 IDS A . -6.33 -2.23 -17.57
C2 IDS A . -7.44 -3.13 -17.00
C3 IDS A . -7.30 -3.28 -15.49
C4 IDS A . -5.92 -3.83 -15.12
C5 IDS A . -4.91 -3.57 -16.25
C6 IDS A . -3.46 -3.70 -15.83
O2 IDS A . -8.68 -2.53 -17.28
O3 IDS A . -8.29 -4.16 -15.01
O4 IDS A . -5.47 -3.14 -13.95
O5 IDS A . -5.16 -2.29 -16.80
O6A IDS A . -2.97 -4.78 -15.60
O6B IDS A . -2.73 -2.73 -15.72
S IDS A . -9.45 -2.47 -18.66
O1S IDS A . -10.49 -1.51 -18.44
O2S IDS A . -8.52 -2.05 -19.65
O3S IDS A . -9.96 -3.80 -18.86
C1 SGN A . -6.17 -3.38 -12.77
C2 SGN A . -6.03 -2.20 -11.81
C3 SGN A . -4.58 -2.05 -11.34
C4 SGN A . -4.10 -3.39 -10.74
C5 SGN A . -4.33 -4.50 -11.78
C6 SGN A . -3.96 -5.92 -11.30
N2 SGN A . -6.49 -0.97 -12.48
O3 SGN A . -4.51 -1.07 -10.34
O4 SGN A . -2.72 -3.25 -10.47
O5 SGN A . -5.70 -4.55 -12.15
O6 SGN A . -3.77 -5.88 -9.91
S1 SGN A . -8.07 -0.86 -12.91
O1S SGN A . -8.23 -1.56 -14.14
O2S SGN A . -8.82 -1.42 -11.83
O3S SGN A . -8.30 0.55 -13.07
S2 SGN A . -3.73 -7.10 -8.93
O4S SGN A . -2.65 -7.94 -9.33
O5S SGN A . -3.52 -6.52 -7.64
O6S SGN A . -5.02 -7.74 -9.03
C1 IDS A . -2.31 -3.45 -9.14
C2 IDS A . -1.00 -4.24 -9.16
C3 IDS A . -0.18 -3.96 -7.90
C4 IDS A . 0.10 -2.46 -7.75
C5 IDS A . -0.92 -1.64 -8.56
C6 IDS A . -0.98 -0.17 -8.17
O2 IDS A . -1.32 -5.62 -9.20
O3 IDS A . 1.05 -4.67 -7.96
O4 IDS A . -0.03 -2.12 -6.39
O5 IDS A . -2.19 -2.24 -8.43
O6A IDS A . -0.03 0.55 -8.34
O6B IDS A . -1.98 0.32 -7.69
S IDS A . -1.36 -6.58 -10.43
O1S IDS A . -1.60 -7.88 -9.86
O2S IDS A . -2.42 -6.14 -11.28
O3S IDS A . -0.06 -6.48 -11.04
C1 SGN A . 0.46 -3.05 -5.45
C2 SGN A . -0.70 -3.87 -4.84
C3 SGN A . -1.58 -2.96 -3.99
C4 SGN A . -0.73 -2.22 -2.95
C5 SGN A . 0.41 -1.48 -3.68
C6 SGN A . 1.39 -0.75 -2.76
N2 SGN A . -1.45 -4.50 -5.92
O3 SGN A . -2.53 -3.75 -3.31
O4 SGN A . -1.58 -1.29 -2.29
O5 SGN A . 1.17 -2.41 -4.44
O6 SGN A . 1.76 -1.61 -1.71
S1 SGN A . -0.80 -5.79 -6.68
O1S SGN A . 0.31 -5.34 -7.46
O2S SGN A . -0.43 -6.72 -5.65
O3S SGN A . -1.86 -6.30 -7.52
S2 SGN A . 3.11 -1.62 -0.92
O4S SGN A . 3.55 -0.26 -0.80
O5S SGN A . 2.78 -2.20 0.35
O6S SGN A . 4.01 -2.43 -1.68
C1 IDS A . -1.30 -1.02 -0.95
C2 IDS A . -2.35 -0.02 -0.45
C3 IDS A . -2.54 -0.15 1.07
C4 IDS A . -2.92 -1.58 1.45
C5 IDS A . -2.49 -2.57 0.35
C6 IDS A . -2.46 -4.03 0.80
O2 IDS A . -1.91 1.29 -0.73
O3 IDS A . -3.55 0.73 1.51
O4 IDS A . -2.22 -1.92 2.65
O5 IDS A . -1.25 -2.17 -0.17
O6A IDS A . -3.28 -4.45 1.58
O6B IDS A . -1.63 -4.79 0.38
S IDS A . -1.60 1.92 -2.13
O1S IDS A . -0.32 2.54 -1.96
O2S IDS A . -1.58 0.86 -3.09
O3S IDS A . -2.65 2.88 -2.36
C1 SGN A . -2.51 -1.16 3.78
C2 SGN A . -1.34 -0.21 4.11
C3 SGN A . -0.11 -1.02 4.53
C4 SGN A . -0.49 -1.95 5.70
C5 SGN A . -1.68 -2.81 5.25
C6 SGN A . -2.22 -3.76 6.33
N2 SGN A . -1.06 0.63 2.94
O3 SGN A . 0.89 -0.13 4.99
O4 SGN A . 0.64 -2.78 5.94
O5 SGN A . -2.77 -1.99 4.89
O6 SGN A . -1.96 -3.21 7.60
S1 SGN A . -1.45 2.22 3.00
O1S SGN A . -2.83 2.34 2.68
O2S SGN A . -1.11 2.66 4.32
O3S SGN A . -0.61 2.82 1.99
S2 SGN A . -1.45 -3.96 8.87
O4S SGN A . -0.02 -3.94 8.83
O5S SGN A . -1.96 -3.17 9.97
O6S SGN A . -2.00 -5.27 8.83
C1 IDS A . 1.54 -2.34 6.91
C2 IDS A . 2.94 -2.87 6.52
C3 IDS A . 4.04 -1.98 7.10
C4 IDS A . 3.86 -0.52 6.63
C5 IDS A . 2.41 -0.27 6.19
C6 IDS A . 2.03 1.20 6.10
O2 IDS A . 3.08 -4.16 7.07
O3 IDS A . 5.30 -2.44 6.69
O4 IDS A . 4.15 0.33 7.72
O5 IDS A . 1.54 -0.95 7.08
O6A IDS A . 2.41 1.87 5.16
O6B IDS A . 1.34 1.74 6.93
S IDS A . 3.30 -5.52 6.31
O1S IDS A . 3.96 -6.36 7.27
O2S IDS A . 2.00 -6.02 5.94
O3S IDS A . 4.13 -5.19 5.18
C1 SGN A . 5.24 -0.02 8.53
C2 SGN A . 4.82 -0.06 10.01
C3 SGN A . 4.47 1.35 10.50
C4 SGN A . 5.64 2.30 10.21
C5 SGN A . 5.99 2.22 8.71
C6 SGN A . 7.18 3.07 8.27
N2 SGN A . 3.70 -0.98 10.18
O3 SGN A . 4.26 1.32 11.89
O4 SGN A . 5.21 3.62 10.54
O5 SGN A . 6.29 0.88 8.36
O6 SGN A . 8.35 2.57 8.89
S1 SGN A . 3.99 -2.58 10.24
O1S SGN A . 4.01 -3.08 8.90
O2S SGN A . 5.24 -2.74 10.93
O3S SGN A . 2.89 -3.13 10.98
S2 SGN A . 9.82 3.01 8.64
O4S SGN A . 10.10 4.12 9.51
O5S SGN A . 10.60 1.84 8.96
O6S SGN A . 9.90 3.36 7.24
C1 IDS A . 5.48 4.06 11.84
C2 IDS A . 4.71 5.37 12.05
C3 IDS A . 4.43 5.60 13.54
C4 IDS A . 3.65 4.41 14.13
C5 IDS A . 3.85 3.15 13.26
C6 IDS A . 3.48 1.85 13.97
O2 IDS A . 5.49 6.45 11.57
O3 IDS A . 3.66 6.77 13.70
O4 IDS A . 4.18 4.15 15.42
O5 IDS A . 5.20 3.11 12.81
O6A IDS A . 2.32 1.56 14.15
O6B IDS A . 4.33 1.06 14.34
S IDS A . 5.77 6.87 10.10
O1S IDS A . 6.38 8.16 10.21
O2S IDS A . 6.65 5.90 9.52
O3S IDS A . 4.48 6.91 9.46
C1 SGN A . 3.80 5.03 16.45
C2 SGN A . 4.92 5.14 17.50
C3 SGN A . 5.09 3.80 18.23
C4 SGN A . 3.72 3.36 18.81
C5 SGN A . 2.69 3.33 17.67
C6 SGN A . 1.27 2.98 18.10
N2 SGN A . 6.17 5.54 16.84
O3 SGN A . 5.99 3.96 19.30
O4 SGN A . 3.90 2.06 19.34
O5 SGN A . 2.62 4.61 17.05
O6 SGN A . 1.16 3.14 19.50
S1 SGN A . 6.70 7.08 17.05
O1S SGN A . 5.57 7.96 16.93
O2S SGN A . 7.32 7.11 18.33
O3S SGN A . 7.64 7.27 15.97
S2 SGN A . -0.15 3.12 20.36
O4S SGN A . -0.75 1.83 20.21
O5S SGN A . 0.31 3.36 21.69
O6S SGN A . -0.97 4.19 19.86
C1 IDS A . 3.52 1.86 20.67
C2 IDS A . 3.73 0.37 21.00
C3 IDS A . 3.95 0.18 22.51
C4 IDS A . 5.15 1.02 22.99
C5 IDS A . 5.43 2.17 22.01
C6 IDS A . 6.31 3.28 22.59
O2 IDS A . 2.56 -0.34 20.63
O3 IDS A . 4.20 -1.18 22.78
O4 IDS A . 4.82 1.56 24.25
O5 IDS A . 4.20 2.70 21.56
O6A IDS A . 7.27 3.00 23.26
O6B IDS A . 6.09 4.44 22.38
S IDS A . 2.44 -1.59 19.71
O1S IDS A . 1.11 -2.06 19.94
O2S IDS A . 2.65 -1.16 18.36
O3S IDS A . 3.44 -2.51 20.18
C1 SGN A . 5.57 1.13 25.35
C2 SGN A . 4.84 1.45 26.67
C3 SGN A . 4.77 2.98 26.86
C4 SGN A . 6.19 3.56 26.78
C5 SGN A . 6.82 3.13 25.45
C6 SGN A . 8.27 3.59 25.23
N2 SGN A . 3.49 0.87 26.64
O3 SGN A . 4.26 3.26 28.15
O4 SGN A . 6.07 4.97 26.82
O5 SGN A . 6.84 1.72 25.35
O6 SGN A . 9.14 2.68 25.89
S1 SGN A . 3.31 -0.69 27.08
O1S SGN A . 3.86 -1.52 26.04
O2S SGN A . 3.99 -0.83 28.34
O3S SGN A . 1.89 -0.87 27.21
S2 SGN A . 10.58 2.27 25.46
O4S SGN A . 11.37 3.45 25.39
O5S SGN A . 11.01 1.38 26.50
O6S SGN A . 10.44 1.60 24.19
C1 IDS A . 7.19 5.71 27.20
C2 IDS A . 6.73 6.83 28.14
C3 IDS A . 7.87 7.26 29.07
C4 IDS A . 8.40 6.05 29.88
C5 IDS A . 8.05 4.74 29.16
C6 IDS A . 8.85 3.53 29.64
O2 IDS A . 6.35 7.94 27.37
O3 IDS A . 7.42 8.24 29.97
O4 IDS A . 9.81 6.17 29.94
O5 IDS A . 8.19 4.91 27.77
O6A IDS A . 9.58 3.63 30.60
O6B IDS A . 8.78 2.46 29.09
S IDS A . 5.02 8.17 26.58
O1S IDS A . 5.21 9.42 25.92
O2S IDS A . 4.86 7.08 25.67
O3S IDS A . 3.99 8.23 27.58
C1 SGN A . 10.40 6.17 31.21
C2 SGN A . 11.87 6.58 31.13
C3 SGN A . 12.68 5.51 30.39
C4 SGN A . 12.45 4.14 31.06
C5 SGN A . 10.93 3.87 31.11
C6 SGN A . 10.54 2.56 31.81
N2 SGN A . 11.98 7.88 30.46
O3 SGN A . 14.05 5.82 30.47
O4 SGN A . 13.09 3.17 30.25
O5 SGN A . 10.27 4.91 31.81
O6 SGN A . 11.57 2.20 32.72
S1 SGN A . 12.49 9.17 31.33
O1S SGN A . 12.49 8.81 32.72
O2S SGN A . 13.80 9.49 30.84
O3S SGN A . 11.53 10.20 31.05
S2 SGN A . 11.40 1.46 34.08
O4S SGN A . 10.77 0.20 33.81
O5S SGN A . 12.75 1.30 34.55
O6S SGN A . 10.62 2.32 34.92
C1 IDS A . 13.95 2.28 30.89
C2 IDS A . 13.69 0.88 30.32
C3 IDS A . 14.93 0.00 30.46
C4 IDS A . 16.15 0.64 29.76
C5 IDS A . 15.92 2.17 29.62
C6 IDS A . 17.20 2.94 29.32
O2 IDS A . 12.63 0.28 31.05
O3 IDS A . 14.70 -1.26 29.88
O4 IDS A . 17.29 0.43 30.58
O5 IDS A . 15.30 2.65 30.78
O6A IDS A . 18.15 2.40 28.80
O6B IDS A . 17.30 4.11 29.60
S IDS A . 11.10 0.45 30.84
O1S IDS A . 10.56 0.40 32.17
O2S IDS A . 10.88 1.71 30.21
O3S IDS A . 10.69 -0.67 30.04
C1 SGN A . 18.21 -0.52 30.15
C2 SGN A . 17.83 -1.92 30.64
C3 SGN A . 17.95 -1.99 32.18
C4 SGN A . 19.37 -1.55 32.59
C5 SGN A . 19.64 -0.15 32.01
C6 SGN A . 21.04 0.40 32.29
N2 SGN A . 16.47 -2.24 30.20
O3 SGN A . 17.76 -3.32 32.60
O4 SGN A . 19.38 -1.49 34.02
O5 SGN A . 19.50 -0.18 30.59
O6 SGN A . 22.00 -0.46 31.72
S1 SGN A . 16.24 -3.51 29.21
O1S SGN A . 16.36 -3.05 27.86
O2S SGN A . 17.23 -4.49 29.57
O3S SGN A . 14.91 -3.97 29.51
S2 SGN A . 23.55 -0.39 31.88
O4S SGN A . 23.84 -0.04 33.23
O5S SGN A . 23.99 -1.72 31.55
O6S SGN A . 24.00 0.58 30.93
C1 IDS A . 20.23 -2.37 34.69
C2 IDS A . 19.72 -2.52 36.13
C3 IDS A . 20.15 -3.87 36.71
C4 IDS A . 19.65 -5.02 35.85
C5 IDS A . 19.36 -4.54 34.41
C6 IDS A . 19.25 -5.66 33.38
O2 IDS A . 20.28 -1.48 36.90
O3 IDS A . 19.62 -4.01 38.02
O4 IDS A . 20.68 -5.99 35.78
O5 IDS A . 20.35 -3.60 34.03
O6A IDS A . 18.90 -6.76 33.72
O6B IDS A . 19.51 -5.48 32.21
S IDS A . 19.83 0.01 37.00
O1S IDS A . 21.03 0.75 36.69
O2S IDS A . 18.79 0.22 36.05
O3S IDS A . 19.40 0.20 38.36
C1 SGN A . 20.64 -7.03 36.73
C2 SGN A . 22.04 -7.63 36.93
C3 SGN A . 22.50 -8.35 35.66
C4 SGN A . 21.44 -9.37 35.23
C5 SGN A . 20.08 -8.66 35.10
C6 SGN A . 18.90 -9.57 34.73
N2 SGN A . 22.97 -6.57 37.32
O3 SGN A . 23.70 -9.04 35.92
O4 SGN A . 21.84 -9.90 33.98
O5 SGN A . 19.74 -8.03 36.32
O6 SGN A . 18.77 -10.57 35.72
S1 SGN A . 22.95 -6.03 38.86
O1S SGN A . 21.84 -6.63 39.54
O2S SGN A . 24.21 -6.40 39.43
O3S SGN A . 22.80 -4.61 38.75
S2 SGN A . 17.74 -11.75 35.77
O4S SGN A . 17.80 -12.39 34.48
O5S SGN A . 18.22 -12.59 36.83
O6S SGN A . 16.47 -11.15 36.05
C1 IDS A . 21.79 -11.29 33.82
C2 IDS A . 21.32 -11.58 32.38
C3 IDS A . 21.82 -12.95 31.92
C4 IDS A . 23.35 -13.03 32.01
C5 IDS A . 23.89 -11.98 33.00
C6 IDS A . 25.32 -12.24 33.46
O2 IDS A . 19.90 -11.59 32.37
O3 IDS A . 21.41 -13.17 30.59
O4 IDS A . 23.69 -14.32 32.48
O5 IDS A . 23.01 -11.91 34.11
O6A IDS A . 26.11 -12.79 32.73
O6B IDS A . 25.70 -11.90 34.55
S IDS A . 18.93 -10.57 31.70
O1S IDS A . 17.63 -11.19 31.82
O2S IDS A . 19.01 -9.34 32.43
O3S IDS A . 19.36 -10.46 30.34
C1 SGN A . 22.94 -15.39 32.00
C2 SGN A . 22.08 -16.00 33.11
C3 SGN A . 22.97 -16.65 34.17
C4 SGN A . 23.91 -17.66 33.50
C5 SGN A . 24.68 -16.95 32.39
C6 SGN A . 25.64 -17.84 31.57
N2 SGN A . 21.23 -14.96 33.69
O3 SGN A . 22.16 -17.35 35.09
O4 SGN A . 24.81 -18.12 34.50
O5 SGN A . 23.78 -16.38 31.45
O6 SGN A . 24.94 -19.01 31.21
S1 SGN A . 19.68 -15.31 34.06
O1S SGN A . 18.86 -14.95 32.95
O2S SGN A . 19.65 -16.72 34.35
O3S SGN A . 19.39 -14.51 35.22
S2 SGN A . 25.00 -19.78 29.85
O4S SGN A . 26.37 -20.17 29.64
O5S SGN A . 24.14 -20.90 30.02
O6S SGN A . 24.53 -18.86 28.85
C1 IDS A . 25.54 -19.28 34.22
C2 IDS A . 27.00 -19.03 34.64
C3 IDS A . 27.70 -20.36 34.95
C4 IDS A . 26.95 -21.12 36.05
C5 IDS A . 25.48 -20.66 36.12
C6 IDS A . 24.56 -21.62 36.86
O2 IDS A . 27.68 -18.42 33.56
O3 IDS A . 29.02 -20.10 35.39
O4 IDS A . 26.96 -22.50 35.69
O5 IDS A . 25.00 -20.43 34.80
O6A IDS A . 25.02 -22.50 37.55
O6B IDS A . 23.36 -21.51 36.80
S IDS A . 28.26 -16.96 33.49
O1S IDS A . 28.29 -16.67 32.08
O2S IDS A . 27.36 -16.10 34.20
O3S IDS A . 29.56 -17.03 34.08
C1 SGN A . 28.15 -23.02 35.19
C2 SGN A . 27.90 -23.84 33.93
C3 SGN A . 27.10 -25.10 34.26
C4 SGN A . 27.81 -25.89 35.37
C5 SGN A . 28.04 -24.94 36.57
C6 SGN A . 28.80 -25.57 37.74
N2 SGN A . 27.21 -23.01 32.94
O3 SGN A . 27.02 -25.92 33.12
O4 SGN A . 26.96 -26.95 35.75
O5 SGN A . 28.79 -23.81 36.16
O6 SGN A . 29.87 -26.34 37.23
S1 SGN A . 28.09 -21.99 32.00
O1S SGN A . 29.33 -21.74 32.67
O2S SGN A . 28.24 -22.64 30.74
O3S SGN A . 27.28 -20.80 31.91
S2 SGN A . 30.30 -27.77 37.68
O4S SGN A . 29.13 -28.58 37.72
O5S SGN A . 31.22 -28.20 36.66
O6S SGN A . 30.94 -27.62 38.96
C1 IDS A . 27.56 -28.08 36.29
C2 IDS A . 26.45 -28.96 36.91
C3 IDS A . 26.89 -30.43 36.95
C4 IDS A . 27.25 -30.93 35.54
C5 IDS A . 27.60 -29.75 34.63
C6 IDS A . 28.35 -30.14 33.37
O2 IDS A . 26.22 -28.52 38.24
O3 IDS A . 25.83 -31.21 37.47
O5 IDS A . 28.34 -28.79 35.37
O6A IDS A . 28.28 -31.27 32.94
O6B IDS A . 29.03 -29.35 32.75
S IDS A . 24.88 -28.01 38.86
O1S IDS A . 25.31 -27.14 39.93
O2S IDS A . 24.16 -27.29 37.85
O3S IDS A . 24.20 -29.17 39.34
C1 SGN A . -13.82 27.07 -46.65
C2 SGN A . -14.27 25.65 -47.03
C3 SGN A . -15.79 25.63 -47.27
C4 SGN A . -16.51 26.20 -46.04
C5 SGN A . -15.94 27.61 -45.74
C6 SGN A . -16.52 28.28 -44.50
N2 SGN A . -13.54 25.21 -48.22
O1 SGN A . -13.97 27.94 -47.73
O3 SGN A . -16.21 24.30 -47.46
O4 SGN A . -17.89 26.31 -46.38
O5 SGN A . -14.53 27.51 -45.53
O6 SGN A . -16.04 27.61 -43.35
S1 SGN A . -11.90 25.25 -48.19
O1S SGN A . -11.50 26.59 -47.93
O2S SGN A . -11.49 24.33 -47.17
O3S SGN A . -11.51 24.83 -49.51
S2 SGN A . -16.86 27.19 -42.09
O4S SGN A . -17.34 25.86 -42.34
O5S SGN A . -15.91 27.22 -41.02
O6S SGN A . -17.91 28.14 -41.95
C1 IDS A . -18.79 25.71 -45.50
C2 IDS A . -19.84 24.97 -46.33
C3 IDS A . -20.47 23.84 -45.53
C4 IDS A . -19.39 22.86 -45.03
C5 IDS A . -18.01 23.56 -45.00
C6 IDS A . -16.97 22.83 -44.15
O2 IDS A . -20.87 25.89 -46.69
O3 IDS A . -21.39 23.13 -46.33
O4 IDS A . -19.73 22.48 -43.70
O5 IDS A . -18.18 24.89 -44.55
O6A IDS A . -16.69 21.68 -44.38
O6B IDS A . -16.39 23.39 -43.25
S IDS A . -20.75 27.19 -47.54
O1S IDS A . -22.01 27.85 -47.34
O2S IDS A . -19.64 27.95 -47.04
O3S IDS A . -20.57 26.74 -48.89
C1 SGN A . -20.25 21.19 -43.52
C2 SGN A . -21.69 21.27 -42.98
C3 SGN A . -21.67 21.83 -41.55
C4 SGN A . -20.71 21.00 -40.68
C5 SGN A . -19.33 20.98 -41.36
C6 SGN A . -18.27 20.14 -40.63
N2 SGN A . -22.51 22.08 -43.87
O3 SGN A . -22.97 21.73 -40.99
O4 SGN A . -20.63 21.66 -39.42
O5 SGN A . -19.44 20.44 -42.66
O6 SGN A . -18.83 18.88 -40.31
S1 SGN A . -22.80 21.55 -45.38
O1S SGN A . -21.76 20.63 -45.74
O2S SGN A . -24.10 20.95 -45.35
O3S SGN A . -22.77 22.73 -46.20
S2 SGN A . -18.32 17.86 -39.25
O4S SGN A . -17.44 18.57 -38.36
O5S SGN A . -19.50 17.41 -38.60
O6S SGN A . -17.66 16.82 -39.98
C1 IDS A . -20.84 20.87 -38.28
C2 IDS A . -20.69 21.79 -37.05
C3 IDS A . -21.50 21.23 -35.88
C4 IDS A . -22.98 21.06 -36.25
C5 IDS A . -23.13 20.97 -37.78
C6 IDS A . -24.48 20.41 -38.23
O2 IDS A . -19.34 21.83 -36.69
O3 IDS A . -21.40 22.11 -34.78
O4 IDS A . -23.44 19.85 -35.68
O5 IDS A . -22.08 20.21 -38.31
O6A IDS A . -25.29 20.03 -37.42
O6B IDS A . -24.78 20.34 -39.41
S IDS A . -18.23 22.85 -37.13
O1S IDS A . -17.12 22.03 -37.51
O2S IDS A . -18.76 23.60 -38.24
O3S IDS A . -17.96 23.65 -35.98
C1 SGN A . -23.00 19.55 -34.38
C2 SGN A . -22.08 18.32 -34.41
C3 SGN A . -22.87 17.07 -34.81
C4 SGN A . -24.09 16.92 -33.88
C5 SGN A . -24.90 18.22 -33.91
C6 SGN A . -26.12 18.25 -32.99
N2 SGN A . -20.96 18.56 -35.34
O3 SGN A . -22.06 15.93 -34.66
O4 SGN A . -24.86 15.84 -34.37
O5 SGN A . -24.08 19.32 -33.54
O6 SGN A . -25.88 17.38 -31.90
S1 SGN A . -19.43 18.44 -34.78
O1S SGN A . -19.46 18.58 -33.36
O2S SGN A . -18.95 17.16 -35.21
O3S SGN A . -18.74 19.52 -35.40
S2 SGN A . -26.71 17.27 -30.57
O4S SGN A . -28.03 16.86 -30.93
O5S SGN A . -26.02 16.25 -29.83
O6S SGN A . -26.64 18.55 -29.95
C1 IDS A . -25.03 14.74 -33.53
C2 IDS A . -24.99 13.47 -34.41
C3 IDS A . -24.54 12.26 -33.58
C4 IDS A . -23.17 12.52 -32.95
C5 IDS A . -22.90 14.04 -32.85
C6 IDS A . -21.78 14.40 -31.88
O2 IDS A . -26.29 13.22 -34.90
O3 IDS A . -24.45 11.13 -34.42
O4 IDS A . -23.19 11.98 -31.64
O5 IDS A . -24.09 14.69 -32.50
O6A IDS A . -20.87 13.62 -31.66
O6B IDS A . -21.75 15.47 -31.32
S IDS A . -26.74 12.94 -36.37
O1S IDS A . -27.78 13.91 -36.61
O2S IDS A . -25.61 13.13 -37.22
O3S IDS A . -27.23 11.59 -36.37
C1 SGN A . -22.17 11.10 -31.28
C2 SGN A . -22.72 9.68 -31.06
C3 SGN A . -23.62 9.67 -29.82
C4 SGN A . -22.85 10.23 -28.62
C5 SGN A . -22.31 11.63 -28.98
C6 SGN A . -21.47 12.30 -27.90
N2 SGN A . -23.44 9.25 -32.25
O3 SGN A . -23.99 8.34 -29.53
O4 SGN A . -23.77 10.34 -27.54
O5 SGN A . -21.50 11.54 -30.14
O6 SGN A . -20.34 11.50 -27.64
S1 SGN A . -22.62 9.03 -33.65
O1S SGN A . -22.07 10.30 -34.04
O2S SGN A . -21.62 8.05 -33.36
O3S SGN A . -23.60 8.56 -34.58
S2 SGN A . -19.44 11.50 -26.36
O4S SGN A . -20.25 11.06 -25.27
O5S SGN A . -18.39 10.58 -26.68
O6S SGN A . -18.97 12.85 -26.20
C1 IDS A . -23.27 10.15 -26.25
C2 IDS A . -24.40 9.59 -25.38
C3 IDS A . -23.83 8.79 -24.20
C4 IDS A . -22.92 7.66 -24.71
C5 IDS A . -22.41 7.96 -26.13
C6 IDS A . -21.21 7.12 -26.55
O2 IDS A . -25.14 10.67 -24.86
O3 IDS A . -24.88 8.23 -23.45
O4 IDS A . -21.79 7.58 -23.84
O5 IDS A . -22.12 9.34 -26.23
O6A IDS A . -20.76 6.29 -25.82
O6B IDS A . -20.69 7.27 -27.64
S IDS A . -25.91 11.77 -25.64
O1S IDS A . -25.37 13.01 -25.13
O2S IDS A . -25.64 11.60 -27.04
O3S IDS A . -27.30 11.60 -25.31
C1 SGN A . -21.76 6.51 -22.94
C2 SGN A . -21.90 7.03 -21.50
C3 SGN A . -20.66 7.84 -21.11
C4 SGN A . -19.40 7.00 -21.35
C5 SGN A . -19.40 6.52 -22.81
C6 SGN A . -18.23 5.62 -23.20
N2 SGN A . -23.12 7.83 -21.37
O3 SGN A . -20.73 8.17 -19.74
O4 SGN A . -18.28 7.86 -21.13
O5 SGN A . -20.58 5.78 -23.07
O6 SGN A . -18.49 4.31 -22.72
S1 SGN A . -24.52 7.07 -20.99
O1S SGN A . -24.61 5.87 -21.77
O2S SGN A . -24.47 6.83 -19.58
O3S SGN A . -25.55 8.00 -21.34
S2 SGN A . -17.48 3.32 -22.06
O4S SGN A . -17.16 3.83 -20.75
O5S SGN A . -18.19 2.07 -22.00
O6S SGN A . -16.34 3.26 -22.93
C1 IDS A . -17.03 7.25 -21.05
C2 IDS A . -15.98 8.26 -21.56
C3 IDS A . -14.61 7.96 -20.96
C4 IDS A . -14.67 7.97 -19.42
C5 IDS A . -16.11 7.73 -18.95
C6 IDS A . -16.22 7.32 -17.48
O2 IDS A . -15.90 8.15 -22.96
O3 IDS A . -13.69 8.94 -21.39
O4 IDS A . -13.86 6.91 -18.95
O5 IDS A . -16.72 6.77 -19.78
O6A IDS A . -15.23 7.27 -16.78
O6B IDS A . -17.28 7.04 -16.97
S IDS A . -16.78 8.84 -24.06
O1S IDS A . -16.55 8.06 -25.24
O2S IDS A . -18.14 8.78 -23.62
O3S IDS A . -16.28 10.18 -24.17
C1 SGN A . -12.74 7.26 -18.19
C2 SGN A . -11.82 6.04 -17.99
C3 SGN A . -12.52 4.99 -17.12
C4 SGN A . -13.00 5.63 -15.81
C5 SGN A . -13.86 6.85 -16.14
C6 SGN A . -14.37 7.64 -14.92
N2 SGN A . -11.44 5.50 -19.30
O3 SGN A . -11.61 3.96 -16.81
O4 SGN A . -13.76 4.65 -15.11
O5 SGN A . -13.13 7.76 -16.94
O6 SGN A . -13.48 8.71 -14.68
S1 SGN A . -10.35 6.31 -20.20
O1S SGN A . -11.05 7.33 -20.94
O2S SGN A . -9.39 6.84 -19.28
O3S SGN A . -9.80 5.31 -21.07
S2 SGN A . -13.76 9.99 -13.83
O4S SGN A . -13.82 9.59 -12.46
O5S SGN A . -12.63 10.84 -14.10
O6S SGN A . -14.99 10.54 -14.32
C1 IDS A . -13.75 4.71 -13.72
C2 IDS A . -15.19 4.44 -13.23
C3 IDS A . -15.17 3.87 -11.81
C4 IDS A . -14.33 2.58 -11.75
C5 IDS A . -13.33 2.54 -12.92
C6 IDS A . -12.20 1.54 -12.74
O2 IDS A . -15.89 5.66 -13.21
O3 IDS A . -16.49 3.58 -11.40
O4 IDS A . -13.59 2.61 -10.54
O5 IDS A . -12.83 3.84 -13.15
O6A IDS A . -12.35 0.55 -12.05
O6B IDS A . -11.12 1.70 -13.27
S IDS A . -17.22 6.03 -13.96
O1S IDS A . -17.85 6.99 -13.09
O2S IDS A . -16.87 6.60 -15.23
O3S IDS A . -17.95 4.81 -14.05
C1 SGN A . -14.01 1.75 -9.52
C2 SGN A . -13.70 2.37 -8.14
C3 SGN A . -12.19 2.43 -7.92
C4 SGN A . -11.58 1.04 -8.14
C5 SGN A . -12.00 0.52 -9.53
C6 SGN A . -11.51 -0.89 -9.86
N2 SGN A . -14.32 3.69 -8.04
O3 SGN A . -11.92 2.83 -6.60
O4 SGN A . -10.17 1.18 -8.07
O5 SGN A . -13.41 0.51 -9.63
O6 SGN A . -11.98 -1.78 -8.88
S1 SGN A . -15.29 4.03 -6.77
O1S SGN A . -16.60 3.50 -7.05
O2S SGN A . -14.67 3.41 -5.63
O3S SGN A . -15.30 5.46 -6.69
S2 SGN A . -11.50 -3.24 -8.61
O4S SGN A . -10.15 -3.16 -8.12
O5S SGN A . -12.41 -3.73 -7.62
O6S SGN A . -11.61 -3.94 -9.85
C1 IDS A . -9.43 0.06 -7.69
C2 IDS A . -7.96 0.30 -8.10
C3 IDS A . -7.02 -0.52 -7.21
C4 IDS A . -7.23 -0.17 -5.72
C5 IDS A . -8.63 0.45 -5.51
C6 IDS A . -9.09 0.45 -4.06
O2 IDS A . -7.80 -0.13 -9.43
O3 IDS A . -5.68 -0.24 -7.56
O4 IDS A . -7.15 -1.37 -4.98
O5 IDS A . -9.56 -0.23 -6.32
O6A IDS A . -8.56 1.19 -3.24
O6B IDS A . -9.99 -0.26 -3.68
S IDS A . -7.11 0.62 -10.61
O1S IDS A . -6.80 -0.42 -11.56
O2S IDS A . -8.03 1.58 -11.12
O3S IDS A . -5.93 1.21 -10.05
C1 SGN A . -6.01 -1.55 -4.19
C2 SGN A . -4.87 -2.16 -5.03
C3 SGN A . -5.23 -3.59 -5.44
C4 SGN A . -5.59 -4.41 -4.20
C5 SGN A . -6.72 -3.68 -3.43
C6 SGN A . -7.15 -4.36 -2.12
N2 SGN A . -4.62 -1.30 -6.19
O3 SGN A . -4.11 -4.18 -6.06
O4 SGN A . -6.07 -5.67 -4.66
O5 SGN A . -6.28 -2.37 -3.09
O6 SGN A . -6.13 -5.25 -1.72
S1 SGN A . -3.80 0.10 -5.97
O1S SGN A . -4.76 1.14 -5.77
O2S SGN A . -2.93 -0.11 -4.86
O3S SGN A . -3.08 0.29 -7.20
S2 SGN A . -6.31 -6.61 -0.98
O4S SGN A . -6.80 -7.56 -1.94
O5S SGN A . -4.99 -6.94 -0.52
O6S SGN A . -7.23 -6.36 0.10
C1 IDS A . -5.12 -6.69 -4.77
C2 IDS A . -5.88 -8.04 -4.71
C3 IDS A . -5.09 -9.13 -5.42
C4 IDS A . -4.80 -8.74 -6.88
C5 IDS A . -4.90 -7.21 -7.06
C6 IDS A . -4.26 -6.69 -8.33
O2 IDS A . -6.02 -8.41 -3.35
O3 IDS A . -5.82 -10.34 -5.40
O4 IDS A . -3.48 -9.14 -7.20
O5 IDS A . -4.33 -6.58 -5.92
O6A IDS A . -4.36 -7.31 -9.37
O6B IDS A . -3.65 -5.65 -8.36
S IDS A . -6.68 -7.59 -2.19
O1S IDS A . -6.60 -8.46 -1.05
O2S IDS A . -5.93 -6.39 -2.01
O3S IDS A . -8.04 -7.36 -2.60
C1 SGN A . -3.22 -10.52 -7.17
C2 SGN A . -2.72 -10.95 -5.78
C3 SGN A . -1.35 -10.32 -5.49
C4 SGN A . -0.38 -10.67 -6.63
C5 SGN A . -1.01 -10.23 -7.97
C6 SGN A . -0.18 -10.58 -9.21
N2 SGN A . -3.71 -10.54 -4.77
O3 SGN A . -0.84 -10.86 -4.29
O4 SGN A . 0.82 -9.96 -6.39
O5 SGN A . -2.27 -10.87 -8.14
O6 SGN A . -0.31 -11.95 -9.48
S1 SGN A . -4.65 -11.70 -4.09
O1S SGN A . -4.99 -12.65 -5.11
O2S SGN A . -3.88 -12.27 -3.02
O3S SGN A . -5.80 -10.99 -3.61
S2 SGN A . 0.45 -12.79 -10.56
O4S SGN A . 1.85 -12.56 -10.38
O5S SGN A . 0.08 -14.15 -10.28
O6S SGN A . -0.04 -12.34 -11.82
C1 IDS A . 2.02 -10.67 -6.47
C2 IDS A . 3.12 -9.70 -6.92
C3 IDS A . 4.49 -10.18 -6.43
C4 IDS A . 4.50 -10.36 -4.90
C5 IDS A . 3.06 -10.52 -4.37
C6 IDS A . 2.99 -11.08 -2.96
O2 IDS A . 3.13 -9.66 -8.33
O3 IDS A . 5.48 -9.26 -6.80
O4 IDS A . 5.23 -11.53 -4.60
O5 IDS A . 2.33 -11.32 -5.27
O6A IDS A . 3.13 -10.37 -2.00
O6B IDS A . 2.77 -12.26 -2.76
S IDS A . 3.41 -8.43 -9.26
O1S IDS A . 2.72 -8.75 -10.48
O2S IDS A . 2.87 -7.27 -8.61
O3S IDS A . 4.84 -8.38 -9.42
C1 SGN A . 6.61 -11.38 -4.34
C2 SGN A . 7.33 -12.72 -4.53
C3 SGN A . 6.88 -13.72 -3.44
C4 SGN A . 7.08 -13.09 -2.06
C5 SGN A . 6.33 -11.74 -2.02
C6 SGN A . 6.48 -10.96 -0.71
N2 SGN A . 7.07 -13.24 -5.87
O3 SGN A . 7.69 -14.88 -3.53
O4 SGN A . 6.51 -13.98 -1.11
O5 SGN A . 6.82 -10.89 -3.05
O6 SGN A . 7.84 -11.00 -0.31
S1 SGN A . 8.30 -13.28 -6.95
O1S SGN A . 9.42 -12.61 -6.38
O2S SGN A . 8.54 -14.67 -7.21
O3S SGN A . 7.79 -12.59 -8.10
S2 SGN A . 8.46 -10.36 0.97
O4S SGN A . 7.40 -10.15 1.92
O5S SGN A . 9.41 -11.34 1.43
O6S SGN A . 9.10 -9.14 0.55
C1 IDS A . 6.86 -13.79 0.23
C2 IDS A . 6.30 -14.98 1.03
C3 IDS A . 7.11 -15.18 2.31
C4 IDS A . 8.60 -15.40 1.98
C5 IDS A . 8.93 -14.82 0.60
C6 IDS A . 10.42 -14.61 0.36
O2 IDS A . 4.96 -14.70 1.39
O3 IDS A . 6.63 -16.31 3.00
O4 IDS A . 9.36 -14.70 2.96
O5 IDS A . 8.23 -13.60 0.42
O6A IDS A . 11.13 -15.53 0.01
O6B IDS A . 10.94 -13.52 0.48
S IDS A . 3.66 -15.05 0.62
O1S IDS A . 2.66 -14.16 1.17
O2S IDS A . 3.89 -14.81 -0.77
O3S IDS A . 3.39 -16.43 0.92
C1 SGN A . 9.00 -14.87 4.30
C2 SGN A . 8.65 -13.52 4.94
C3 SGN A . 9.91 -12.64 5.03
C4 SGN A . 11.01 -13.42 5.77
C5 SGN A . 11.23 -14.76 5.05
C6 SGN A . 12.27 -15.69 5.71
N2 SGN A . 7.61 -12.86 4.16
O3 SGN A . 9.61 -11.48 5.78
O4 SGN A . 12.20 -12.63 5.70
O5 SGN A . 10.02 -15.50 5.01
O6 SGN A . 11.75 -16.17 6.92
S1 SGN A . 6.06 -13.36 4.33
O1S SGN A . 6.00 -14.75 4.05
O2S SGN A . 5.70 -13.04 5.69
O3S SGN A . 5.31 -12.58 3.38
S2 SGN A . 12.42 -17.17 7.91
O4S SGN A . 13.18 -16.40 8.86
O5S SGN A . 11.32 -17.86 8.53
O6S SGN A . 13.24 -18.03 7.12
C1 IDS A . 13.30 -13.07 6.43
C2 IDS A . 14.18 -11.84 6.74
C3 IDS A . 15.00 -12.08 8.00
C4 IDS A . 14.09 -12.42 9.20
C5 IDS A . 12.74 -12.94 8.71
C6 IDS A . 11.93 -13.66 9.79
O2 IDS A . 15.06 -11.65 5.66
O3 IDS A . 15.76 -10.93 8.31
O4 IDS A . 14.73 -13.44 9.95
O5 IDS A . 12.94 -13.78 7.59
O6A IDS A . 12.12 -13.45 10.95
O6B IDS A . 11.06 -14.47 9.50
S IDS A . 15.27 -10.34 4.81
O1S IDS A . 16.35 -10.69 3.92
O2S IDS A . 14.06 -10.07 4.13
O3S IDS A . 15.64 -9.32 5.75
C1 SGN A . 15.84 -13.08 10.72
C2 SGN A . 16.87 -14.21 10.75
C3 SGN A . 16.30 -15.42 11.52
C4 SGN A . 15.84 -14.96 12.91
C5 SGN A . 14.84 -13.80 12.74
C6 SGN A . 14.33 -13.19 14.05
N2 SGN A . 17.23 -14.59 9.38
O3 SGN A . 17.31 -16.39 11.69
O4 SGN A . 15.19 -16.07 13.52
O5 SGN A . 15.46 -12.73 12.02
O6 SGN A . 15.13 -13.66 15.11
S1 SGN A . 18.00 -13.49 8.45
O1S SGN A . 17.15 -12.35 8.30
O2S SGN A . 19.24 -13.20 9.11
O3S SGN A . 18.20 -14.16 7.19
S2 SGN A . 15.22 -13.09 16.57
O4S SGN A . 13.92 -13.22 17.16
O5S SGN A . 16.19 -13.93 17.22
O6S SGN A . 15.65 -11.73 16.45
C1 IDS A . 15.30 -16.19 14.91
C2 IDS A . 14.04 -16.90 15.42
C3 IDS A . 14.33 -17.61 16.75
C4 IDS A . 15.48 -18.62 16.58
C5 IDS A . 16.35 -18.24 15.36
C6 IDS A . 17.72 -18.91 15.35
O2 IDS A . 13.03 -15.93 15.66
O3 IDS A . 13.17 -18.31 17.18
O4 IDS A . 16.29 -18.55 17.75
O5 IDS A . 16.48 -16.83 15.31
O6A IDS A . 17.85 -20.06 15.69
O6B IDS A . 18.71 -18.31 14.99
S IDS A . 11.49 -16.06 15.45
O1S IDS A . 11.14 -14.91 14.68
O2S IDS A . 11.24 -17.29 14.76
O3S IDS A . 10.94 -16.04 16.78
C1 SGN A . 15.99 -19.43 18.79
C2 SGN A . 15.73 -18.67 20.10
C3 SGN A . 17.02 -17.99 20.57
C4 SGN A . 18.14 -19.04 20.68
C5 SGN A . 18.27 -19.77 19.32
C6 SGN A . 19.31 -20.89 19.29
N2 SGN A . 14.67 -17.69 19.87
O3 SGN A . 16.81 -17.45 21.86
O4 SGN A . 19.33 -18.34 20.98
O5 SGN A . 17.03 -20.35 18.96
O6 SGN A . 18.91 -21.90 20.18
S1 SGN A . 13.14 -18.23 19.60
O1S SGN A . 13.01 -18.50 18.20
O2S SGN A . 12.97 -19.37 20.43
O3S SGN A . 12.30 -17.14 20.01
S2 SGN A . 19.50 -23.35 20.30
O4S SGN A . 20.87 -23.23 20.71
O5S SGN A . 18.69 -23.97 21.31
O6S SGN A . 19.34 -23.95 19.01
C1 IDS A . 19.64 -18.15 22.33
C2 IDS A . 21.12 -17.76 22.43
C3 IDS A . 21.37 -16.95 23.71
C4 IDS A . 20.47 -15.70 23.75
C5 IDS A . 19.24 -15.89 22.84
C6 IDS A . 18.11 -14.92 23.11
O2 IDS A . 21.90 -18.94 22.49
O3 IDS A . 22.72 -16.54 23.75
O4 IDS A . 20.03 -15.53 25.08
O5 IDS A . 18.79 -17.23 22.96
O6A IDS A . 18.29 -13.93 23.78
O6B IDS A . 17.00 -15.09 22.66
S IDS A . 22.27 -19.91 21.32
O1S IDS A . 23.52 -20.49 21.75
O2S IDS A . 21.22 -20.87 21.21
O3S IDS A . 22.42 -19.08 20.16
C1 SGN A . 20.92 -14.97 25.99
C2 SGN A . 20.79 -15.65 27.37
C3 SGN A . 19.43 -15.31 27.98
C4 SGN A . 19.24 -13.79 28.02
C5 SGN A . 19.43 -13.23 26.60
C6 SGN A . 19.33 -11.71 26.47
N2 SGN A . 20.97 -17.09 27.22
O3 SGN A . 19.38 -15.80 29.30
O4 SGN A . 17.90 -13.55 28.45
O5 SGN A . 20.72 -13.60 26.11
O6 SGN A . 20.49 -11.13 27.05
S1 SGN A . 22.43 -17.75 27.59
O1S SGN A . 23.42 -17.06 26.82
O2S SGN A . 22.59 -17.60 29.00
O3S SGN A . 22.31 -19.12 27.19
S2 SGN A . 20.80 -9.62 27.22
O4S SGN A . 19.60 -8.98 27.68
O5S SGN A . 21.84 -9.58 28.21
O6S SGN A . 21.25 -9.15 25.94
C1 IDS A . 17.60 -12.24 28.86
C2 IDS A . 16.13 -11.97 28.51
C3 IDS A . 15.54 -10.90 29.43
C4 IDS A . 15.70 -11.30 30.90
C5 IDS A . 16.81 -12.34 31.07
C6 IDS A . 17.31 -12.50 32.50
O2 IDS A . 16.05 -11.51 27.18
O3 IDS A . 14.17 -10.70 29.13
O4 IDS A . 16.05 -10.14 31.65
O5 IDS A . 17.89 -12.01 30.20
O6A IDS A . 16.89 -11.78 33.38
O6B IDS A . 18.12 -13.35 32.79
S IDS A . 16.29 -12.31 25.85
O1S IDS A . 15.56 -11.59 24.86
O2S IDS A . 17.70 -12.32 25.61
O3S IDS A . 15.75 -13.62 26.10
C1 SGN A . 15.12 -9.08 31.66
C2 SGN A . 15.83 -7.76 31.99
C3 SGN A . 16.35 -7.79 33.43
C4 SGN A . 15.20 -8.14 34.39
C5 SGN A . 14.57 -9.46 33.93
C6 SGN A . 13.36 -9.92 34.76
N2 SGN A . 16.90 -7.53 31.03
O3 SGN A . 16.83 -6.50 33.77
O4 SGN A . 15.78 -8.30 35.68
O5 SGN A . 14.11 -9.34 32.59
O6 SGN A . 12.88 -8.82 35.50
S1 SGN A . 16.54 -6.84 29.59
O1S SGN A . 16.13 -7.88 28.69
O2S SGN A . 15.51 -5.87 29.86
O3S SGN A . 17.77 -6.23 29.17
S2 SGN A . 12.47 -8.80 37.01
O4S SGN A . 12.99 -9.99 37.60
O5S SGN A . 13.11 -7.62 37.52
O6S SGN A . 11.04 -8.72 37.04
C1 IDS A . 15.29 -7.46 36.69
C2 IDS A . 16.28 -7.53 37.87
C3 IDS A . 16.21 -6.26 38.71
C4 IDS A . 16.49 -5.02 37.84
C5 IDS A . 16.22 -5.32 36.36
C6 IDS A . 16.07 -4.08 35.49
O2 IDS A . 15.93 -8.63 38.69
O3 IDS A . 17.16 -6.31 39.76
O4 IDS A . 15.60 -3.99 38.26
O5 IDS A . 15.08 -6.15 36.26
O6A IDS A . 16.95 -3.26 35.44
O6B IDS A . 15.09 -3.90 34.80
S IDS A . 16.87 -9.61 39.46
O1S IDS A . 15.97 -10.52 40.11
O2S IDS A . 17.70 -10.26 38.50
O3S IDS A . 17.60 -8.79 40.39
C1 SGN A . 16.13 -2.94 39.00
C2 SGN A . 15.15 -2.50 40.10
C3 SGN A . 13.91 -1.87 39.47
C4 SGN A . 14.33 -0.73 38.52
C5 SGN A . 15.34 -1.29 37.51
C6 SGN A . 15.91 -0.26 36.52
N2 SGN A . 14.80 -3.65 40.94
O3 SGN A . 13.09 -1.31 40.48
O4 SGN A . 13.16 -0.29 37.85
O5 SGN A . 16.46 -1.86 38.18
O6 SGN A . 17.16 0.17 36.99
S1 SGN A . 15.58 -3.85 42.37
O1S SGN A . 16.88 -3.28 42.24
O2S SGN A . 14.76 -3.22 43.36
O3S SGN A . 15.64 -5.28 42.53
S2 SGN A . 17.95 1.45 36.56
O4S SGN A . 17.05 2.56 36.69
O5S SGN A . 19.04 1.53 37.49
O6S SGN A . 18.37 1.23 35.21
C1 IDS A . 13.20 0.99 37.29
C2 IDS A . 11.80 1.61 37.43
C3 IDS A . 11.88 3.14 37.44
C4 IDS A . 12.81 3.62 38.57
C5 IDS A . 13.78 2.51 38.99
C6 IDS A . 14.98 2.99 39.79
O2 IDS A . 11.02 1.22 36.32
O3 IDS A . 10.60 3.69 37.64
O4 IDS A . 13.58 4.71 38.06
O5 IDS A . 14.20 1.80 37.84
O6A IDS A . 14.83 3.67 40.78
O6B IDS A . 16.12 2.70 39.48
S IDS A . 9.54 0.73 36.31
O1S IDS A . 9.55 -0.41 35.44
O2S IDS A . 9.18 0.39 37.65
O3S IDS A . 8.77 1.82 35.77
C1 SGN A . 12.90 5.65 37.28
C2 SGN A . 13.04 5.31 35.79
C3 SGN A . 14.51 5.48 35.35
C4 SGN A . 15.00 6.89 35.71
C5 SGN A . 14.76 7.11 37.22
C6 SGN A . 15.15 8.52 37.73
N2 SGN A . 12.57 3.95 35.56
O3 SGN A . 14.59 5.33 33.96
O4 SGN A . 16.38 6.94 35.42
O5 SGN A . 13.39 6.95 37.53
O6 SGN A . 14.31 9.47 37.11
S1 SGN A . 10.96 3.68 35.46
O1S SGN A . 10.28 4.86 35.94
O2S SGN A . 10.69 3.39 34.08
O3S SGN A . 10.72 2.56 36.32
S2 SGN A . 13.86 10.84 37.68
O4S SGN A . 14.81 11.82 37.25
O5S SGN A . 12.56 11.06 37.11
O6S SGN A . 13.81 10.69 39.11
C1 IDS A . 16.75 7.34 34.14
C2 IDS A . 18.03 6.56 33.75
C3 IDS A . 18.14 6.45 32.23
C4 IDS A . 16.89 5.76 31.65
C5 IDS A . 15.71 5.89 32.62
C6 IDS A . 14.36 5.62 31.97
O2 IDS A . 19.15 7.28 34.23
O3 IDS A . 19.28 5.68 31.89
O4 IDS A . 16.57 6.43 30.44
O5 IDS A . 15.73 7.17 33.20
O6A IDS A . 14.28 5.11 30.87
O6B IDS A . 13.31 5.87 32.54
S IDS A . 19.57 7.55 35.70
O1S IDS A . 20.12 8.87 35.69
O2S IDS A . 18.40 7.44 36.52
O3S IDS A . 20.56 6.55 36.00
C1 SGN A . 17.50 6.40 29.41
C2 SGN A . 17.09 7.32 28.25
C3 SGN A . 15.82 6.77 27.57
C4 SGN A . 16.07 5.31 27.15
C5 SGN A . 16.52 4.51 28.39
C6 SGN A . 16.85 3.04 28.10
N2 SGN A . 16.88 8.67 28.76
O3 SGN A . 15.55 7.53 26.42
O4 SGN A . 14.82 4.81 26.67
O5 SGN A . 17.69 5.09 28.94
O6 SGN A . 18.23 2.93 27.87
S1 SGN A . 18.06 9.79 28.57
O1S SGN A . 19.24 9.29 29.19
O2S SGN A . 18.19 9.98 27.15
O3S SGN A . 17.56 10.96 29.24
S2 SGN A . 18.97 1.88 26.96
O4S SGN A . 18.27 1.86 25.72
O5S SGN A . 20.29 2.40 26.83
O6S SGN A . 18.92 0.64 27.66
C1 IDS A . 14.87 3.86 25.65
C2 IDS A . 13.43 3.39 25.37
C3 IDS A . 13.30 2.88 23.93
C4 IDS A . 13.71 3.97 22.93
C5 IDS A . 14.62 5.02 23.61
C6 IDS A . 15.40 5.89 22.63
O2 IDS A . 13.14 2.32 26.25
O3 IDS A . 11.96 2.51 23.68
O5 IDS A . 15.50 4.35 24.49
O6A IDS A . 14.82 6.64 21.88
O6B IDS A . 16.61 5.88 22.59
S IDS A . 11.99 2.23 27.30
O1S IDS A . 11.75 0.82 27.43
O2S IDS A . 12.46 2.82 28.52
O3S IDS A . 10.88 2.92 26.72
C1 SGN A . -24.46 37.11 -29.76
C2 SGN A . -23.76 35.79 -29.43
C3 SGN A . -23.28 35.10 -30.72
C4 SGN A . -24.46 34.95 -31.68
C5 SGN A . -25.09 36.34 -31.90
C6 SGN A . -26.33 36.34 -32.82
N2 SGN A . -22.65 36.05 -28.51
O1 SGN A . -23.55 38.03 -30.29
O3 SGN A . -22.79 33.82 -30.41
O4 SGN A . -23.93 34.46 -32.91
O5 SGN A . -25.50 36.89 -30.67
O6 SGN A . -27.07 35.16 -32.59
S1 SGN A . -22.73 35.46 -26.99
O1S SGN A . -24.06 34.97 -26.77
O2S SGN A . -21.73 34.44 -26.89
O3S SGN A . -22.44 36.60 -26.15
S2 SGN A . -28.17 34.54 -33.50
O4S SGN A . -27.51 33.99 -34.65
O5S SGN A . -28.77 33.51 -32.67
O6S SGN A . -29.08 35.60 -33.81
C1 IDS A . -24.62 33.40 -33.52
C2 IDS A . -23.78 32.93 -34.72
C3 IDS A . -24.09 31.47 -35.04
C4 IDS A . -23.83 30.58 -33.82
C5 IDS A . -23.88 31.41 -32.52
C6 IDS A . -24.03 30.57 -31.26
O2 IDS A . -24.14 33.72 -35.84
O3 IDS A . -23.28 31.04 -36.11
O4 IDS A . -24.87 29.60 -33.77
O5 IDS A . -24.91 32.36 -32.63
O6A IDS A . -24.11 29.37 -31.32
O6B IDS A . -24.07 31.09 -30.17
S IDS A . -23.91 35.26 -36.05
O1S IDS A . -24.43 35.50 -37.37
O2S IDS A . -24.65 35.94 -35.04
O3S IDS A . -22.49 35.45 -35.97
C1 SGN A . -24.87 28.63 -34.77
C2 SGN A . -26.19 27.84 -34.74
C3 SGN A . -26.27 27.01 -33.45
C4 SGN A . -25.02 26.13 -33.31
C5 SGN A . -23.78 27.03 -33.39
C6 SGN A . -22.44 26.30 -33.33
N2 SGN A . -27.32 28.77 -34.86
O3 SGN A . -27.40 26.17 -33.51
O4 SGN A . -25.09 25.51 -32.03
O5 SGN A . -23.79 27.76 -34.62
O6 SGN A . -22.09 25.90 -34.64
S1 SGN A . -28.52 28.42 -35.92
O1S SGN A . -27.92 28.09 -37.18
O2S SGN A . -29.24 27.32 -35.35
O3S SGN A . -29.29 29.61 -35.99
S2 SGN A . -21.18 24.69 -35.05
O4S SGN A . -21.69 23.52 -34.39
O5S SGN A . -21.32 24.61 -36.47
O6S SGN A . -19.85 25.02 -34.64
C1 IDS A . -24.10 24.56 -31.74
C2 IDS A . -24.46 23.93 -30.38
C3 IDS A . -23.85 22.52 -30.28
C4 IDS A . -24.33 21.64 -31.44
C5 IDS A . -24.81 22.51 -32.61
C6 IDS A . -24.92 21.74 -33.93
O2 IDS A . -23.90 24.73 -29.36
O3 IDS A . -24.22 21.94 -29.05
O4 IDS A . -23.23 20.85 -31.87
O5 IDS A . -23.94 23.61 -32.75
O6A IDS A . -25.74 20.86 -34.07
O6B IDS A . -24.22 22.00 -34.87
S IDS A . -24.29 26.19 -28.95
O1S IDS A . -23.18 26.66 -28.17
O2S IDS A . -24.49 26.95 -30.15
O3S IDS A . -25.49 26.06 -28.16
C1 SGN A . -22.42 20.30 -30.87
C2 SGN A . -20.93 20.54 -31.21
C3 SGN A . -20.54 19.73 -32.46
C4 SGN A . -20.91 18.25 -32.25
C5 SGN A . -22.40 18.16 -31.88
C6 SGN A . -22.90 16.75 -31.59
N2 SGN A . -20.70 21.96 -31.39
O3 SGN A . -19.14 19.82 -32.65
O4 SGN A . -20.67 17.60 -33.49
O5 SGN A . -22.67 18.93 -30.72
O6 SGN A . -21.84 15.98 -31.07
S1 SGN A . -19.38 22.64 -30.70
O1S SGN A . -19.24 22.11 -29.39
O2S SGN A . -18.26 22.33 -31.56
O3S SGN A . -19.66 24.06 -30.68
S2 SGN A . -21.84 14.45 -30.76
O4S SGN A . -22.40 13.78 -31.88
O5S SGN A . -20.44 14.14 -30.57
O6S SGN A . -22.59 14.29 -29.55
C1 IDS A . -20.14 16.30 -33.42
C2 IDS A . -19.29 16.07 -34.68
C3 IDS A . -18.21 15.02 -34.42
C4 IDS A . -17.33 15.42 -33.23
C5 IDS A . -18.06 16.43 -32.33
C6 IDS A . -17.46 16.58 -30.95
O2 IDS A . -20.14 15.61 -35.72
O3 IDS A . -17.41 14.87 -35.57
O4 IDS A . -17.06 14.25 -32.47
O5 IDS A . -19.42 16.07 -32.24
O6A IDS A . -16.29 16.32 -30.75
O6B IDS A . -18.11 16.97 -30.00
S IDS A . -21.31 16.36 -36.41
O1S IDS A . -21.44 15.71 -37.69
O2S IDS A . -22.47 16.20 -35.60
O3S IDS A . -20.89 17.73 -36.53
C1 SGN A . -16.09 13.38 -32.96
C2 SGN A . -16.74 12.25 -33.79
C3 SGN A . -17.57 11.35 -32.87
C4 SGN A . -16.70 10.84 -31.71
C5 SGN A . -16.08 12.07 -30.99
C6 SGN A . -15.13 11.72 -29.84
N2 SGN A . -17.55 12.83 -34.85
O3 SGN A . -18.02 10.23 -33.60
O4 SGN A . -17.56 10.16 -30.81
O5 SGN A . -15.33 12.84 -31.92
O6 SGN A . -13.80 11.79 -30.31
S1 SGN A . -17.29 12.36 -36.40
O1S SGN A . -16.09 11.58 -36.42
O2S SGN A . -18.46 11.62 -36.79
O3S SGN A . -17.15 13.58 -37.13
S2 SGN A . -12.60 10.89 -29.89
O4S SGN A . -12.48 9.86 -30.86
O5S SGN A . -11.48 11.79 -29.89
O6S SGN A . -12.90 10.41 -28.57
C1 IDS A . -17.30 8.79 -30.63
C2 IDS A . -18.36 8.25 -29.66
C3 IDS A . -18.56 6.74 -29.86
C4 IDS A . -18.96 6.44 -31.32
C5 IDS A . -18.53 7.61 -32.25
C6 IDS A . -18.52 7.24 -33.73
O2 IDS A . -17.90 8.45 -28.33
O3 IDS A . -19.57 6.27 -29.00
O4 IDS A . -18.29 5.27 -31.73
O5 IDS A . -17.27 8.08 -31.83
O6A IDS A . -19.11 6.27 -34.12
O6B IDS A . -17.93 7.92 -34.54
S IDS A . -18.69 9.00 -27.11
O1S IDS A . -17.72 9.00 -26.04
O2S IDS A . -19.13 10.33 -27.44
O3S IDS A . -19.76 8.08 -26.88
C1 SGN A . -18.60 4.08 -31.05
C2 SGN A . -17.44 3.67 -30.13
C3 SGN A . -16.22 3.27 -30.98
C4 SGN A . -16.64 2.20 -31.99
C5 SGN A . -17.83 2.71 -32.81
C6 SGN A . -18.39 1.72 -33.84
N2 SGN A . -17.12 4.77 -29.22
O3 SGN A . -15.23 2.73 -30.14
O4 SGN A . -15.52 1.97 -32.85
O5 SGN A . -18.90 3.06 -31.94
O6 SGN A . -18.35 0.43 -33.28
S1 SGN A . -17.92 4.87 -27.80
O1S SGN A . -19.14 4.12 -27.91
O2S SGN A . -17.03 4.38 -26.80
O3S SGN A . -18.19 6.28 -27.65
S2 SGN A . -19.11 -0.84 -33.78
O4S SGN A . -18.76 -1.04 -35.15
O5S SGN A . -18.62 -1.90 -32.93
O6S SGN A . -20.51 -0.58 -33.58
C1 IDS A . -15.00 0.67 -32.88
C2 IDS A . -13.80 0.68 -33.84
C3 IDS A . -12.82 -0.46 -33.49
C4 IDS A . -12.37 -0.33 -32.03
C5 IDS A . -13.37 0.50 -31.21
C6 IDS A . -13.23 0.34 -29.70
O2 IDS A . -14.27 0.47 -35.16
O3 IDS A . -11.70 -0.40 -34.33
O4 IDS A . -12.31 -1.63 -31.47
O5 IDS A . -14.67 0.18 -31.62
O6A IDS A . -12.19 0.63 -29.15
O6B IDS A . -14.13 -0.05 -29.01
S IDS A . -13.78 1.14 -36.47
O1S IDS A . -14.76 0.74 -37.46
O2S IDS A . -13.77 2.56 -36.27
O3S IDS A . -12.48 0.59 -36.74
C1 SGN A . -11.07 -2.08 -31.00
C2 SGN A . -11.06 -3.60 -30.86
C3 SGN A . -12.03 -4.03 -29.74
C4 SGN A . -11.69 -3.29 -28.45
C5 SGN A . -11.69 -1.78 -28.73
C6 SGN A . -11.31 -0.90 -27.54
N2 SGN A . -11.41 -4.21 -32.14
O3 SGN A . -11.89 -5.42 -29.52
O4 SGN A . -12.70 -3.62 -27.50
O5 SGN A . -10.76 -1.48 -29.77
O6 SGN A . -9.93 -0.60 -27.62
S1 SGN A . -10.21 -4.59 -33.19
O1S SGN A . -9.12 -3.69 -32.95
O2S SGN A . -9.89 -5.96 -32.97
O3S SGN A . -10.79 -4.36 -34.49
S2 SGN A . -9.10 0.30 -26.65
O4S SGN A . -9.83 0.40 -25.43
O5S SGN A . -7.86 -0.41 -26.49
O6S SGN A . -8.93 1.56 -27.32
C1 IDS A . -12.28 -4.15 -26.28
C2 IDS A . -13.35 -5.16 -25.82
C3 IDS A . -12.73 -6.20 -24.89
C4 IDS A . -11.57 -6.92 -25.59
C5 IDS A . -11.00 -6.07 -26.74
C6 IDS A . -9.63 -6.49 -27.22
O2 IDS A . -14.35 -4.46 -25.11
O3 IDS A . -13.70 -7.15 -24.53
O4 IDS A . -10.53 -7.11 -24.63
O5 IDS A . -11.01 -4.71 -26.35
O6A IDS A . -9.10 -7.48 -26.76
O6B IDS A . -9.03 -5.87 -28.07
S IDS A . -15.80 -4.11 -25.57
O1S IDS A . -16.06 -2.82 -24.97
O2S IDS A . -15.80 -4.05 -26.99
O3S IDS A . -16.63 -5.14 -25.03
C1 SGN A . -10.75 -8.08 -23.64
C2 SGN A . -11.08 -7.41 -22.29
C3 SGN A . -9.84 -6.64 -21.78
C4 SGN A . -8.64 -7.60 -21.72
C5 SGN A . -8.45 -8.23 -23.11
C6 SGN A . -7.32 -9.26 -23.19
N2 SGN A . -12.22 -6.51 -22.46
O3 SGN A . -10.11 -6.18 -20.47
O4 SGN A . -7.51 -6.82 -21.38
O5 SGN A . -9.64 -8.91 -23.50
O6 SGN A . -7.04 -9.73 -21.90
S1 SGN A . -13.65 -6.91 -21.76
O1S SGN A . -14.29 -7.88 -22.59
O2S SGN A . -13.32 -7.41 -20.45
O3S SGN A . -14.38 -5.68 -21.71
S2 SGN A . -5.69 -10.33 -21.38
O4S SGN A . -4.64 -9.43 -21.75
O5S SGN A . -5.87 -10.41 -19.96
O6S SGN A . -5.56 -11.63 -21.99
C1 IDS A . -6.81 -7.19 -20.22
C2 IDS A . -5.34 -6.76 -20.42
C3 IDS A . -4.66 -6.55 -19.06
C4 IDS A . -5.42 -5.49 -18.24
C5 IDS A . -6.88 -5.37 -18.74
C6 IDS A . -7.81 -4.67 -17.75
O2 IDS A . -4.65 -7.80 -21.09
O3 IDS A . -3.33 -6.10 -19.26
O4 IDS A . -5.44 -5.93 -16.90
O5 IDS A . -7.36 -6.65 -19.05
O6A IDS A . -7.70 -3.49 -17.52
O6B IDS A . -8.70 -5.27 -17.18
S IDS A . -4.01 -7.77 -22.51
O1S IDS A . -3.13 -8.91 -22.52
O2S IDS A . -5.05 -7.88 -23.48
O3S IDS A . -3.29 -6.53 -22.58
C1 SGN A . -4.97 -5.02 -15.93
C2 SGN A . -3.98 -5.72 -14.98
C3 SGN A . -4.70 -6.79 -14.14
C4 SGN A . -5.90 -6.14 -13.42
C5 SGN A . -6.78 -5.44 -14.47
C6 SGN A . -7.99 -4.69 -13.89
N2 SGN A . -2.89 -6.31 -15.77
O3 SGN A . -3.81 -7.29 -13.17
O4 SGN A . -6.61 -7.18 -12.78
O5 SGN A . -6.03 -4.48 -15.19
O6 SGN A . -7.79 -4.50 -12.51
S1 SGN A . -1.56 -5.41 -16.09
O1S SGN A . -1.88 -4.50 -17.15
O2S SGN A . -1.22 -4.76 -14.86
O3S SGN A . -0.57 -6.36 -16.50
S2 SGN A . -8.17 -3.25 -11.66
O4S SGN A . -9.55 -2.97 -11.91
O5S SGN A . -7.94 -3.68 -10.30
O6S SGN A . -7.28 -2.20 -12.06
C1 IDS A . -6.81 -7.06 -11.41
C2 IDS A . -8.27 -7.46 -11.11
C3 IDS A . -8.40 -7.96 -9.67
C4 IDS A . -7.47 -9.15 -9.42
C5 IDS A . -6.31 -9.15 -10.43
C6 IDS A . -5.12 -10.02 -10.03
O2 IDS A . -9.08 -6.31 -11.26
O3 IDS A . -9.74 -8.37 -9.43
O4 IDS A . -6.92 -9.00 -8.12
O5 IDS A . -5.90 -7.81 -10.66
O6A IDS A . -5.22 -11.23 -10.05
O6B IDS A . -4.06 -9.54 -9.71
S IDS A . -10.50 -6.20 -11.90
O1S IDS A . -10.36 -5.18 -12.90
O2S IDS A . -10.81 -7.48 -12.48
O3S IDS A . -11.37 -5.83 -10.84
C1 SGN A . -7.36 -9.90 -7.14
C2 SGN A . -8.20 -9.16 -6.08
C3 SGN A . -7.31 -8.19 -5.29
C4 SGN A . -6.10 -8.95 -4.71
C5 SGN A . -5.38 -9.67 -5.86
C6 SGN A . -4.18 -10.53 -5.43
N2 SGN A . -9.30 -8.46 -6.73
O3 SGN A . -8.05 -7.65 -4.21
O4 SGN A . -5.25 -7.98 -4.12
O5 SGN A . -6.29 -10.55 -6.53
O6 SGN A . -4.23 -10.70 -4.03
S1 SGN A . -10.41 -9.33 -7.56
O1S SGN A . -9.93 -9.49 -8.90
O2S SGN A . -10.55 -10.57 -6.86
O3S SGN A . -11.61 -8.53 -7.52
S2 SGN A . -3.06 -11.14 -3.09
O4S SGN A . -1.88 -10.44 -3.51
O5S SGN A . -3.50 -10.74 -1.78
O6S SGN A . -2.95 -12.57 -3.22
C1 IDS A . -4.15 -8.47 -3.40
C2 IDS A . -3.19 -7.29 -3.16
C3 IDS A . -2.34 -7.54 -1.91
C4 IDS A . -3.23 -7.78 -0.67
C5 IDS A . -4.64 -8.23 -1.12
C6 IDS A . -5.45 -8.89 0.00
O2 IDS A . -2.33 -7.17 -4.26
O3 IDS A . -1.51 -6.43 -1.66
O4 IDS A . -2.64 -8.82 0.09
O5 IDS A . -4.52 -9.12 -2.21
O6A IDS A . -5.57 -8.34 1.08
O6B IDS A . -6.02 -9.94 -0.16
S IDS A . -2.59 -6.44 -5.62
O1S IDS A . -1.30 -5.96 -6.02
O2S IDS A . -3.13 -7.40 -6.54
O3S IDS A . -3.50 -5.37 -5.31
C1 SGN A . -1.51 -8.49 0.84
C2 SGN A . -0.33 -9.40 0.45
C3 SGN A . -0.61 -10.85 0.87
C4 SGN A . -0.96 -10.89 2.37
C5 SGN A . -2.13 -9.91 2.63
C6 SGN A . -2.55 -9.79 4.10
N2 SGN A . -0.10 -9.31 -0.99
O3 SGN A . 0.54 -11.63 0.67
O4 SGN A . -1.36 -12.21 2.67
O5 SGN A . -1.76 -8.60 2.21
O6 SGN A . -1.58 -9.02 4.79
S1 SGN A . 0.57 -7.93 -1.59
O1S SGN A . 0.45 -6.91 -0.60
O2S SGN A . 1.93 -8.24 -1.92
O3S SGN A . -0.22 -7.64 -2.75
S2 SGN A . -1.53 -8.73 6.33
O4S SGN A . -2.21 -9.79 6.99
O5S SGN A . -0.13 -8.70 6.62
O6S SGN A . -2.15 -7.45 6.50
C1 IDS A . -0.85 -12.78 3.84
C2 IDS A . -0.84 -14.31 3.66
C3 IDS A . 0.23 -14.95 4.55
C4 IDS A . 1.61 -14.36 4.24
C5 IDS A . 1.48 -12.98 3.57
C6 IDS A . 2.76 -12.16 3.60
O2 IDS A . -2.11 -14.81 4.05
O3 IDS A . 0.25 -16.34 4.33
O4 IDS A . 2.29 -14.20 5.47
O5 IDS A . 0.42 -12.28 4.18
O6A IDS A . 3.84 -12.69 3.60
O6B IDS A . 2.73 -10.95 3.60
S IDS A . -2.96 -15.93 3.38
O1S IDS A . -4.29 -15.38 3.32
O2S IDS A . -2.41 -16.16 2.07
O3S IDS A . -2.86 -17.07 4.24
C1 SGN A . 3.06 -15.29 5.93
C2 SGN A . 2.30 -16.07 7.00
C3 SGN A . 2.13 -15.22 8.26
C4 SGN A . 3.51 -14.71 8.73
C5 SGN A . 4.19 -13.98 7.55
C6 SGN A . 5.60 -13.46 7.83
N2 SGN A . 1.00 -16.49 6.47
O3 SGN A . 1.58 -16.01 9.29
O4 SGN A . 3.28 -13.81 9.79
O5 SGN A . 4.29 -14.85 6.43
O6 SGN A . 6.24 -14.37 8.71
S1 SGN A . 0.96 -17.46 5.15
O1S SGN A . 2.13 -17.17 4.36
O2S SGN A . 0.92 -18.81 5.63
O3S SGN A . -0.24 -17.09 4.46
S2 SGN A . 7.78 -14.57 8.90
O4S SGN A . 8.25 -13.52 9.75
O5S SGN A . 7.89 -15.87 9.51
O6S SGN A . 8.36 -14.53 7.58
C1 IDS A . 4.35 -13.60 10.68
C2 IDS A . 3.75 -13.19 12.03
C3 IDS A . 4.71 -13.54 13.17
C4 IDS A . 5.03 -15.05 13.16
C5 IDS A . 4.78 -15.64 11.76
C6 IDS A . 5.44 -17.00 11.53
O2 IDS A . 3.56 -11.79 12.03
O3 IDS A . 4.12 -13.21 14.42
O4 IDS A . 6.42 -15.20 13.47
O5 IDS A . 5.19 -14.71 10.78
O6A IDS A . 5.13 -17.95 12.20
O6B IDS A . 6.30 -17.14 10.69
S IDS A . 2.28 -10.99 12.42
O1S IDS A . 2.52 -9.67 11.91
O2S IDS A . 1.15 -11.63 11.80
O3S IDS A . 2.21 -11.02 13.86
C1 SGN A . 6.93 -14.40 14.50
C2 SGN A . 7.64 -13.16 13.92
C3 SGN A . 8.90 -13.59 13.15
C4 SGN A . 9.79 -14.45 14.07
C5 SGN A . 8.95 -15.63 14.61
C6 SGN A . 9.69 -16.54 15.59
N2 SGN A . 6.71 -12.43 13.06
O3 SGN A . 9.63 -12.45 12.78
O4 SGN A . 10.86 -14.94 13.27
O5 SGN A . 7.81 -15.13 15.30
O6 SGN A . 9.48 -16.07 16.90
S1 SGN A . 6.70 -10.79 13.13
O1S SGN A . 6.03 -10.41 14.34
O2S SGN A . 8.07 -10.38 13.09
O3S SGN A . 5.96 -10.39 11.97
S2 SGN A . 10.22 -16.52 18.21
O4S SGN A . 11.54 -16.91 17.83
O5S SGN A . 10.20 -15.35 19.03
O6S SGN A . 9.43 -17.59 18.75
C1 IDS A . 12.07 -14.26 13.35
C2 IDS A . 13.14 -15.14 12.68
C3 IDS A . 14.30 -14.28 12.17
C4 IDS A . 13.78 -13.21 11.17
C5 IDS A . 12.27 -12.96 11.40
C6 IDS A . 11.77 -11.67 10.77
O2 IDS A . 13.66 -16.02 13.66
O3 IDS A . 15.24 -15.09 11.51
O4 IDS A . 14.48 -12.00 11.42
O5 IDS A . 12.01 -12.98 12.78
O6A IDS A . 12.06 -11.38 9.63
O6B IDS A . 11.05 -10.91 11.37
S IDS A . 13.30 -17.53 13.88
O1S IDS A . 14.42 -18.05 14.62
O2S IDS A . 12.08 -17.59 14.62
O3S IDS A . 13.20 -18.09 12.57
C1 SGN A . 15.85 -12.11 11.71
C2 SGN A . 16.10 -12.02 13.22
C3 SGN A . 15.74 -10.61 13.72
C4 SGN A . 16.52 -9.57 12.90
C5 SGN A . 16.21 -9.80 11.41
C6 SGN A . 16.97 -8.86 10.45
N2 SGN A . 15.30 -13.04 13.91
O3 SGN A . 16.14 -10.49 15.07
O4 SGN A . 16.05 -8.29 13.31
O5 SGN A . 16.57 -11.12 11.04
O6 SGN A . 18.05 -8.28 11.14
S1 SGN A . 16.04 -13.98 15.02
O1S SGN A . 17.25 -14.49 14.44
O2S SGN A . 16.26 -13.15 16.16
O3S SGN A . 15.10 -15.05 15.28
S2 SGN A . 19.42 -7.82 10.53
O4S SGN A . 19.20 -7.58 9.14
O5S SGN A . 19.72 -6.61 11.25
O6S SGN A . 20.36 -8.87 10.80
C1 IDS A . 16.70 -7.68 14.37
C2 IDS A . 16.77 -6.17 14.08
C3 IDS A . 16.88 -5.37 15.38
C4 IDS A . 15.70 -5.69 16.32
C5 IDS A . 15.08 -7.05 15.95
C6 IDS A . 14.19 -7.64 17.03
O2 IDS A . 17.92 -5.91 13.31
O3 IDS A . 16.88 -3.99 15.10
O4 IDS A . 16.20 -5.76 17.64
O5 IDS A . 16.11 -7.95 15.61
O6A IDS A . 13.21 -7.03 17.42
O6B IDS A . 14.42 -8.72 17.53
S IDS A . 18.32 -6.53 11.92
O1S IDS A . 19.20 -5.56 11.34
O2S IDS A . 18.98 -7.78 12.17
O3S IDS A . 17.09 -6.67 11.19
C1 SGN A . 16.65 -4.58 18.22
C2 SGN A . 17.96 -4.82 18.99
C3 SGN A . 17.70 -5.71 20.21
C4 SGN A . 16.56 -5.10 21.06
C5 SGN A . 15.33 -4.88 20.16
C6 SGN A . 14.14 -4.22 20.86
N2 SGN A . 18.96 -5.41 18.10
O3 SGN A . 18.86 -5.77 21.00
O4 SGN A . 16.26 -6.04 22.08
O5 SGN A . 15.68 -4.04 19.07
O6 SGN A . 14.36 -2.83 20.91
S1 SGN A . 19.79 -4.42 17.09
O1S SGN A . 19.00 -3.25 16.85
O2S SGN A . 21.03 -4.15 17.74
O3S SGN A . 19.95 -5.20 15.89
S2 SGN A . 13.83 -1.82 21.98
O4S SGN A . 14.71 -1.90 23.10
O5S SGN A . 13.88 -0.54 21.32
O6S SGN A . 12.49 -2.22 22.29
C1 IDS A . 16.56 -5.67 23.39
C2 IDS A . 15.55 -6.37 24.32
C3 IDS A . 16.14 -6.54 25.72
C4 IDS A . 17.45 -7.34 25.66
C5 IDS A . 18.07 -7.26 24.26
C6 IDS A . 19.54 -7.66 24.19
O2 IDS A . 14.40 -5.55 24.42
O3 IDS A . 15.22 -7.23 26.54
O4 IDS A . 18.35 -6.75 26.59
O5 IDS A . 17.89 -5.95 23.75
O6A IDS A . 19.98 -8.49 24.95
O6B IDS A . 20.30 -7.16 23.40
S IDS A . 13.18 -5.47 23.43
O1S IDS A . 12.25 -4.61 24.12
O2S IDS A . 13.65 -4.89 22.21
O3S IDS A . 12.71 -6.81 23.29
C1 SGN A . 18.77 -7.55 27.66
C2 SGN A . 18.35 -6.91 28.99
C3 SGN A . 19.12 -5.60 29.22
C4 SGN A . 20.63 -5.87 29.10
C5 SGN A . 20.91 -6.54 27.75
C6 SGN A . 22.37 -6.93 27.52
N2 SGN A . 16.90 -6.69 28.99
O3 SGN A . 18.85 -5.12 30.51
O4 SGN A . 21.28 -4.60 29.17
O5 SGN A . 20.16 -7.74 27.64
O6 SGN A . 22.91 -7.42 28.72
S1 SGN A . 15.95 -7.61 29.96
O1S SGN A . 15.71 -8.85 29.28
O2S SGN A . 16.68 -7.77 31.19
O3S SGN A . 14.75 -6.85 30.12
S2 SGN A . 24.24 -8.22 28.90
O4S SGN A . 25.28 -7.27 29.14
O5S SGN A . 23.99 -9.06 30.05
O6S SGN A . 24.42 -8.98 27.70
C1 IDS A . 21.86 -4.25 30.38
C2 IDS A . 21.66 -2.74 30.57
C3 IDS A . 21.69 -2.38 32.05
C4 IDS A . 20.61 -3.16 32.82
C5 IDS A . 20.20 -4.42 32.04
C6 IDS A . 19.47 -5.46 32.88
O2 IDS A . 22.73 -2.06 29.93
O3 IDS A . 21.45 -0.99 32.22
O4 IDS A . 21.16 -3.56 34.07
O5 IDS A . 21.36 -4.99 31.45
O6A IDS A . 18.94 -5.15 33.92
O6B IDS A . 19.37 -6.62 32.52
S IDS A . 22.71 -1.28 28.58
O1S IDS A . 24.09 -0.97 28.34
O2S IDS A . 22.17 -2.15 27.58
O3S IDS A . 21.91 -0.12 28.81
C1 SGN A . 20.43 -3.23 35.22
C2 SGN A . 21.01 -1.98 35.88
C3 SGN A . 22.41 -2.27 36.43
C4 SGN A . 22.34 -3.50 37.37
C5 SGN A . 21.72 -4.67 36.59
C6 SGN A . 21.54 -5.95 37.41
N2 SGN A . 21.03 -0.88 34.92
O3 SGN A . 22.86 -1.17 37.19
O4 SGN A . 23.69 -3.81 37.72
O5 SGN A . 20.42 -4.29 36.12
O6 SGN A . 21.01 -5.61 38.68
S1 SGN A . 20.05 0.41 35.16
O1S SGN A . 19.16 0.09 36.23
O2S SGN A . 20.90 1.52 35.42
O3S SGN A . 19.33 0.54 33.91
S2 SGN A . 20.73 -6.58 39.87
O4S SGN A . 21.99 -6.89 40.47
O5S SGN A . 19.89 -5.81 40.75
O6S SGN A . 20.06 -7.72 39.32
C1 IDS A . 23.88 -4.39 38.98
C2 IDS A . 25.40 -4.52 39.19
C3 IDS A . 25.73 -4.54 40.69
C4 IDS A . 25.21 -3.26 41.38
C5 IDS A . 24.07 -2.63 40.53
C6 IDS A . 23.23 -1.63 41.30
O2 IDS A . 25.82 -5.76 38.64
O3 IDS A . 27.13 -4.60 40.87
O4 IDS A . 24.69 -3.64 42.64
O5 IDS A . 23.27 -3.67 40.01
O6A IDS A . 23.54 -1.28 42.42
O6B IDS A . 22.23 -1.14 40.83
S IDS A . 26.80 -6.00 37.44
O1S IDS A . 27.20 -7.37 37.59
O2S IDS A . 26.08 -5.76 36.23
O3S IDS A . 27.89 -5.08 37.64
C1 SGN A . 25.34 -3.14 43.77
C2 SGN A . 25.23 -4.14 44.93
C3 SGN A . 23.78 -4.23 45.40
C4 SGN A . 23.24 -2.84 45.73
C5 SGN A . 23.44 -1.93 44.50
C6 SGN A . 23.01 -0.47 44.69
N2 SGN A . 25.75 -5.44 44.52
O3 SGN A . 23.71 -5.02 46.58
O4 SGN A . 21.85 -2.98 46.00
O5 SGN A . 24.82 -1.90 44.14
O6 SGN A . 23.76 0.09 45.74
S1 SGN A . 27.26 -5.52 43.88
O1S SGN A . 27.54 -4.26 43.24
O2S SGN A . 28.13 -5.81 44.97
O3S SGN A . 27.19 -6.59 42.93
S2 SGN A . 24.11 1.60 45.96
O4S SGN A . 22.96 2.36 45.57
O5S SGN A . 24.38 1.70 47.36
O6S SGN A . 25.27 1.86 45.16
C1 IDS A . 21.22 -1.90 46.65
C2 IDS A . 19.83 -2.37 47.09
C3 IDS A . 19.34 -1.55 48.28
C4 IDS A . 20.34 -1.63 49.45
C5 IDS A . 21.74 -2.03 48.93
C6 IDS A . 22.86 -1.75 49.92
O2 IDS A . 18.92 -2.18 46.02
O3 IDS A . 18.09 -2.03 48.72
O4 IDS A . 20.43 -0.34 50.04
O5 IDS A . 21.97 -1.38 47.71
O6A IDS A . 23.01 -2.44 50.90
O6B IDS A . 23.65 -0.85 49.74
S IDS A . 18.77 -3.04 44.72
O1S IDS A . 18.16 -2.14 43.78
O2S IDS A . 20.08 -3.46 44.31
O3S IDS A . 17.91 -4.13 45.08
C1 SGN A . 19.26 0.20 50.57
C2 SGN A . 19.11 1.67 50.17
C3 SGN A . 20.21 2.51 50.83
C4 SGN A . 20.18 2.28 52.35
C5 SGN A . 20.29 0.77 52.62
C6 SGN A . 20.23 0.36 54.10
N2 SGN A . 19.16 1.79 48.71
O3 SGN A . 19.96 3.88 50.60
O4 SGN A . 21.30 2.95 52.90
O5 SGN A . 19.24 0.08 51.96
O6 SGN A . 19.64 1.42 54.84
S1 SGN A . 17.78 1.57 47.86
O1S SGN A . 17.41 0.19 47.96
O2S SGN A . 16.82 2.47 48.41
O3S SGN A . 18.14 1.92 46.51
S2 SGN A . 19.05 1.35 56.27
O4S SGN A . 20.02 0.74 57.12
O5S SGN A . 18.82 2.74 56.61
O6S SGN A . 17.83 0.61 56.17
C1 IDS A . 21.05 4.01 53.77
C2 IDS A . 22.35 4.32 54.55
C3 IDS A . 22.36 5.77 55.01
C4 IDS A . 22.21 6.73 53.82
C5 IDS A . 21.56 6.01 52.63
C6 IDS A . 21.00 6.94 51.57
O2 IDS A . 22.40 3.48 55.68
O3 IDS A . 23.58 6.05 55.66
O5 IDS A . 20.55 5.15 53.11
O6A IDS A . 21.71 7.78 51.04
O6B IDS A . 19.85 6.87 51.20
S IDS A . 22.70 1.95 55.75
O1S IDS A . 22.18 1.54 57.03
O2S IDS A . 22.01 1.32 54.65
O3S IDS A . 24.13 1.84 55.66
C1 SGN A . -30.61 31.89 -38.97
C2 SGN A . -29.24 32.39 -38.52
C3 SGN A . -28.15 31.84 -39.45
C4 SGN A . -28.26 30.32 -39.51
C5 SGN A . -29.69 29.94 -39.94
C6 SGN A . -29.97 28.43 -40.00
N2 SGN A . -29.24 33.85 -38.50
O1 SGN A . -30.95 32.43 -40.22
O3 SGN A . -26.88 32.18 -38.91
O4 SGN A . -27.32 29.87 -40.49
O5 SGN A . -30.62 30.49 -39.03
O6 SGN A . -29.02 27.76 -39.20
S1 SGN A . -29.41 34.63 -37.08
O1S SGN A . -30.45 33.97 -36.34
O2S SGN A . -28.14 34.57 -36.43
O3S SGN A . -29.79 35.97 -37.43
S2 SGN A . -29.25 26.49 -38.32
O4S SGN A . -30.31 25.75 -38.91
O5S SGN A . -27.98 25.79 -38.39
O6S SGN A . -29.54 26.97 -37.00
C1 IDS A . -27.05 28.49 -40.54
C2 IDS A . -25.77 28.30 -41.35
C3 IDS A . -25.06 27.00 -40.94
C4 IDS A . -24.75 27.00 -39.44
C5 IDS A . -25.67 28.00 -38.70
C6 IDS A . -25.73 27.78 -37.18
O2 IDS A . -26.11 28.21 -42.72
O3 IDS A . -23.86 26.88 -41.66
O4 IDS A . -25.00 25.70 -38.94
O5 IDS A . -26.96 27.92 -39.26
O6A IDS A . -24.88 28.23 -36.47
O6B IDS A . -26.64 27.17 -36.67
S IDS A . -26.26 29.37 -43.76
O1S IDS A . -26.12 28.71 -45.03
O2S IDS A . -27.55 29.95 -43.58
O3S IDS A . -25.19 30.27 -43.49
C1 SGN A . -23.93 24.81 -38.93
C2 SGN A . -24.39 23.40 -39.36
C3 SGN A . -25.33 22.82 -38.30
C4 SGN A . -24.64 22.85 -36.92
C5 SGN A . -24.19 24.30 -36.63
C6 SGN A . -23.44 24.48 -35.31
N2 SGN A . -25.04 23.48 -40.66
O3 SGN A . -25.61 21.47 -38.62
O4 SGN A . -25.62 22.45 -35.97
O5 SGN A . -23.33 24.75 -37.67
O6 SGN A . -22.06 24.52 -35.59
S1 SGN A . -24.24 22.91 -41.98
O1S SGN A . -22.85 23.15 -41.78
O2S SGN A . -24.58 21.52 -42.07
O3S SGN A . -24.76 23.67 -43.08
S2 SGN A . -20.89 24.31 -34.58
O4S SGN A . -21.41 23.60 -33.46
O5S SGN A . -19.93 23.53 -35.31
O6S SGN A . -20.39 25.61 -34.25
C1 IDS A . -25.47 21.17 -35.42
C2 IDS A . -26.82 20.75 -34.82
C3 IDS A . -26.94 19.23 -34.78
C4 IDS A . -26.75 18.63 -36.19
C5 IDS A . -25.99 19.61 -37.09
C6 IDS A . -25.40 18.96 -38.34
O2 IDS A . -26.89 21.24 -33.50
O3 IDS A . -28.21 18.85 -34.29
O4 IDS A . -25.98 17.44 -36.06
O5 IDS A . -24.97 20.23 -36.34
O6A IDS A . -26.04 18.16 -38.98
O6B IDS A . -24.30 19.25 -38.75
S IDS A . -27.37 22.64 -33.01
O1S IDS A . -26.33 23.08 -32.12
O2S IDS A . -27.49 23.48 -34.17
O3S IDS A . -28.63 22.42 -32.35
C1 SGN A . -26.68 16.24 -35.87
C2 SGN A . -25.87 15.29 -34.97
C3 SGN A . -24.60 14.84 -35.69
C4 SGN A . -24.97 14.23 -37.06
C5 SGN A . -25.80 15.27 -37.84
C6 SGN A . -26.30 14.79 -39.21
N2 SGN A . -25.56 15.96 -33.70
O3 SGN A . -23.96 13.83 -34.93
O4 SGN A . -23.75 13.97 -37.74
O5 SGN A . -26.95 15.63 -37.10
O6 SGN A . -26.69 13.44 -39.11
S1 SGN A . -26.50 15.65 -32.40
O1S SGN A . -27.86 15.95 -32.74
O2S SGN A . -26.29 14.27 -32.07
O3S SGN A . -26.00 16.53 -31.38
S2 SGN A . -26.98 12.45 -40.28
O4S SGN A . -25.72 11.90 -40.70
O5S SGN A . -27.84 11.47 -39.70
O6S SGN A . -27.63 13.22 -41.30
C1 IDS A . -23.39 12.64 -37.89
C2 IDS A . -22.41 12.54 -39.08
C3 IDS A . -21.51 11.32 -38.94
C4 IDS A . -20.74 11.37 -37.61
C5 IDS A . -21.46 12.27 -36.60
C6 IDS A . -21.02 12.07 -35.16
O2 IDS A . -23.17 12.40 -40.27
O3 IDS A . -20.59 11.28 -40.01
O4 IDS A . -20.70 10.04 -37.09
O5 IDS A . -22.85 12.08 -36.73
O6A IDS A . -19.84 12.13 -34.85
O6B IDS A . -21.81 11.86 -34.26
S IDS A . -23.29 13.40 -41.46
O1S IDS A . -24.52 13.05 -42.10
O2S IDS A . -23.32 14.73 -40.93
O3S IDS A . -22.15 13.15 -42.29
C1 SGN A . -19.80 9.15 -37.68
C2 SGN A . -20.54 7.87 -38.12
C3 SGN A . -21.03 7.10 -36.88
C4 SGN A . -19.86 6.84 -35.93
C5 SGN A . -19.19 8.19 -35.60
C6 SGN A . -17.95 8.09 -34.70
N2 SGN A . -21.64 8.22 -39.01
O3 SGN A . -21.55 5.85 -37.30
O4 SGN A . -20.39 6.27 -34.75
O5 SGN A . -18.77 8.82 -36.80
O6 SGN A . -17.00 7.26 -35.32
S1 SGN A . -21.69 7.56 -40.50
O1S SGN A . -20.95 8.41 -41.39
O2S SGN A . -21.14 6.25 -40.38
O3S SGN A . -23.09 7.53 -40.84
S2 SGN A . -15.88 6.42 -34.63
O4S SGN A . -16.14 6.42 -33.22
O5S SGN A . -16.02 5.10 -35.20
O6S SGN A . -14.64 7.03 -34.98
C1 IDS A . -19.48 5.80 -33.81
C2 IDS A . -20.27 5.03 -32.73
C3 IDS A . -19.38 3.99 -32.04
C4 IDS A . -18.79 3.02 -33.08
C5 IDS A . -18.80 3.65 -34.48
C6 IDS A . -17.88 2.95 -35.48
O2 IDS A . -20.71 5.96 -31.76
O3 IDS A . -20.14 3.27 -31.10
O4 IDS A . -17.44 2.76 -32.71
O5 IDS A . -18.46 5.02 -34.37
O6A IDS A . -18.01 1.77 -35.72
O6B IDS A . -17.01 3.55 -36.08
S IDS A . -21.94 6.92 -31.81
O1S IDS A . -21.58 8.00 -30.95
O2S IDS A . -22.10 7.34 -33.17
O3S IDS A . -23.04 6.16 -31.31
C1 SGN A . -17.17 1.52 -32.12
C2 SGN A . -17.17 1.63 -30.59
C3 SGN A . -15.99 2.49 -30.13
C4 SGN A . -14.68 1.93 -30.72
C5 SGN A . -14.83 1.82 -32.24
C6 SGN A . -13.63 1.22 -32.98
N2 SGN A . -18.45 2.18 -30.14
O3 SGN A . -15.90 2.44 -28.72
O4 SGN A . -13.65 2.84 -30.39
O5 SGN A . -15.95 1.01 -32.57
O6 SGN A . -13.79 -0.17 -33.06
S1 SGN A . -19.44 1.24 -29.25
O1S SGN A . -19.01 -0.12 -29.37
O2S SGN A . -19.37 1.74 -27.91
O3S SGN A . -20.74 1.45 -29.84
S2 SGN A . -13.31 -1.13 -34.19
O4S SGN A . -11.95 -1.48 -33.90
O5S SGN A . -14.20 -2.26 -34.10
O6S SGN A . -13.46 -0.40 -35.41
C1 IDS A . -12.42 2.29 -30.01
C2 IDS A . -11.43 3.47 -29.79
C3 IDS A . -10.33 3.06 -28.81
C4 IDS A . -10.93 2.59 -27.48
C5 IDS A . -12.40 2.15 -27.67
C6 IDS A . -12.94 1.31 -26.52
O2 IDS A . -10.84 3.79 -31.03
O3 IDS A . -9.48 4.15 -28.57
O4 IDS A . -10.18 1.47 -27.03
O5 IDS A . -12.51 1.46 -28.89
O6A IDS A . -12.45 1.37 -25.42
O6B IDS A . -13.88 0.56 -26.67
S IDS A . -10.91 5.14 -31.80
O1S IDS A . -11.24 4.76 -33.15
O2S IDS A . -11.93 5.94 -31.21
O3S IDS A . -9.60 5.71 -31.71
C1 SGN A . -9.31 1.67 -25.96
C2 SGN A . -8.18 0.63 -25.97
C3 SGN A . -8.76 -0.77 -25.68
C4 SGN A . -9.56 -0.72 -24.37
C5 SGN A . -10.63 0.38 -24.47
C6 SGN A . -11.47 0.58 -23.21
N2 SGN A . -7.49 0.67 -27.26
O3 SGN A . -7.70 -1.69 -25.53
O4 SGN A . -10.19 -2.00 -24.24
O5 SGN A . -9.99 1.63 -24.74
O6 SGN A . -10.71 1.28 -22.25
S1 SGN A . -6.41 1.86 -27.54
O1S SGN A . -7.07 3.12 -27.34
O2S SGN A . -5.33 1.65 -26.63
O3S SGN A . -6.01 1.68 -28.90
S2 SGN A . -11.09 1.59 -20.77
O4S SGN A . -12.02 0.59 -20.36
O5S SGN A . -9.85 1.51 -20.06
O6S SGN A . -11.65 2.92 -20.78
C1 IDS A . -10.10 -2.62 -22.99
C2 IDS A . -10.12 -4.13 -23.22
C3 IDS A . -9.42 -4.86 -22.07
C4 IDS A . -7.98 -4.36 -21.90
C5 IDS A . -7.82 -2.95 -22.52
C6 IDS A . -6.58 -2.21 -22.07
O2 IDS A . -11.46 -4.57 -23.27
O3 IDS A . -9.39 -6.25 -22.32
O4 IDS A . -7.71 -4.26 -20.51
O5 IDS A . -8.99 -2.21 -22.25
O6A IDS A . -5.72 -2.77 -21.41
O6B IDS A . -6.39 -1.04 -22.34
S IDS A . -12.19 -5.34 -24.41
O1S IDS A . -13.58 -5.04 -24.20
O2S IDS A . -11.71 -4.83 -25.66
O3S IDS A . -11.88 -6.73 -24.20
C1 SGN A . -7.72 -5.46 -19.77
C2 SGN A . -8.92 -5.49 -18.82
C3 SGN A . -8.76 -4.42 -17.74
C4 SGN A . -7.41 -4.59 -17.03
C5 SGN A . -6.29 -4.58 -18.10
C6 SGN A . -4.88 -4.81 -17.55
N2 SGN A . -10.16 -5.30 -19.58
O3 SGN A . -9.79 -4.58 -16.77
O4 SGN A . -7.25 -3.50 -16.15
O5 SGN A . -6.53 -5.60 -19.06
O6 SGN A . -4.93 -5.80 -16.55
S1 SGN A . -10.86 -6.60 -20.27
O1S SGN A . -10.13 -6.94 -21.46
O2S SGN A . -10.84 -7.64 -19.29
O3S SGN A . -12.19 -6.16 -20.58
S2 SGN A . -4.03 -5.90 -15.27
O4S SGN A . -3.36 -4.65 -15.13
O5S SGN A . -4.95 -6.14 -14.21
O6S SGN A . -3.15 -7.01 -15.50
C1 IDS A . -7.19 -3.78 -14.78
C2 IDS A . -7.98 -2.70 -14.04
C3 IDS A . -8.49 -3.23 -12.69
C4 IDS A . -9.35 -4.48 -12.90
C5 IDS A . -9.02 -5.15 -14.25
C6 IDS A . -9.52 -6.59 -14.37
O2 IDS A . -7.12 -1.62 -13.78
O3 IDS A . -9.26 -2.25 -12.05
O4 IDS A . -9.05 -5.41 -11.87
O5 IDS A . -7.64 -5.08 -14.48
O6A IDS A . -10.43 -6.98 -13.68
O6B IDS A . -9.03 -7.35 -15.17
S IDS A . -7.12 -0.19 -14.44
O1S IDS A . -6.45 0.64 -13.49
O2S IDS A . -6.42 -0.28 -15.68
O3S IDS A . -8.51 0.16 -14.59
C1 SGN A . -9.22 -4.96 -10.55
C2 SGN A . -7.86 -4.68 -9.89
C3 SGN A . -7.07 -5.98 -9.72
C4 SGN A . -7.94 -6.99 -8.95
C5 SGN A . -9.28 -7.16 -9.68
C6 SGN A . -10.28 -8.10 -9.00
N2 SGN A . -7.12 -3.72 -10.71
O3 SGN A . -5.91 -5.73 -8.97
O4 SGN A . -7.24 -8.23 -8.95
O5 SGN A . -9.93 -5.91 -9.80
O6 SGN A . -10.31 -7.81 -7.62
S1 SGN A . -7.20 -2.13 -10.32
O1S SGN A . -8.20 -1.97 -9.31
O2S SGN A . -5.87 -1.77 -9.89
O3S SGN A . -7.56 -1.48 -11.55
S2 SGN A . -10.67 -8.79 -6.46
O4S SGN A . -9.50 -9.58 -6.19
O5S SGN A . -10.98 -7.92 -5.35
O6S SGN A . -11.79 -9.55 -6.90
C1 IDS A . -6.85 -8.73 -7.70
C2 IDS A . -6.82 -10.27 -7.81
C3 IDS A . -5.85 -10.86 -6.78
C4 IDS A . -4.44 -10.29 -6.98
C5 IDS A . -4.51 -8.94 -7.72
C6 IDS A . -3.23 -8.11 -7.60
O2 IDS A . -8.11 -10.76 -7.52
O3 IDS A . -5.80 -12.26 -6.92
O4 IDS A . -3.88 -10.06 -5.69
O5 IDS A . -5.63 -8.21 -7.26
O6A IDS A . -2.21 -8.47 -8.13
O6B IDS A . -3.22 -7.05 -7.00
S IDS A . -9.16 -11.34 -8.52
O1S IDS A . -10.39 -10.67 -8.19
O2S IDS A . -8.73 -11.05 -9.85
O3S IDS A . -9.22 -12.75 -8.25
C1 SGN A . -3.88 -11.13 -4.80
C2 SGN A . -4.57 -10.74 -3.48
C3 SGN A . -3.73 -9.69 -2.74
C4 SGN A . -2.29 -10.20 -2.57
C5 SGN A . -1.73 -10.60 -3.95
C6 SGN A . -0.32 -11.18 -3.94
N2 SGN A . -5.92 -10.26 -3.76
O3 SGN A . -4.28 -9.47 -1.46
O4 SGN A . -1.54 -9.13 -2.02
O5 SGN A . -2.57 -11.57 -4.54
O6 SGN A . -0.36 -12.43 -3.28
S1 SGN A . -7.19 -11.07 -3.11
O1S SGN A . -6.77 -12.41 -2.83
O2S SGN A . -7.58 -10.33 -1.95
O3S SGN A . -8.20 -11.03 -4.14
S2 SGN A . 0.80 -13.13 -2.50
O4S SGN A . 0.99 -12.40 -1.28
O5S SGN A . 0.31 -14.46 -2.27
O6S SGN A . 1.94 -13.11 -3.37
C1 IDS A . -0.39 -9.47 -1.29
C2 IDS A . 0.73 -8.51 -1.70
C3 IDS A . 1.76 -8.38 -0.57
C4 IDS A . 1.09 -7.90 0.73
C5 IDS A . -0.42 -8.21 0.69
C6 IDS A . -1.10 -8.15 2.06
O2 IDS A . 1.38 -9.05 -2.83
O3 IDS A . 2.76 -7.45 -0.93
O4 IDS A . 1.67 -8.61 1.81
O5 IDS A . -0.62 -9.47 0.09
O6A IDS A . -0.94 -7.19 2.78
O6B IDS A . -1.81 -9.04 2.45
S IDS A . 1.56 -8.40 -4.25
O1S IDS A . 2.17 -9.43 -5.03
O2S IDS A . 0.25 -8.05 -4.72
O3S IDS A . 2.41 -7.27 -4.05
C1 SGN A . 3.06 -8.76 1.80
C2 SGN A . 3.47 -10.06 2.53
C3 SGN A . 3.14 -9.94 4.03
C4 SGN A . 3.81 -8.68 4.59
C5 SGN A . 3.35 -7.46 3.75
C6 SGN A . 3.97 -6.12 4.15
N2 SGN A . 2.77 -11.20 1.92
O3 SGN A . 3.68 -11.06 4.70
O4 SGN A . 3.36 -8.53 5.93
O5 SGN A . 3.69 -7.66 2.38
O6 SGN A . 5.14 -6.38 4.91
S1 SGN A . 3.26 -11.70 0.44
O1S SGN A . 2.60 -10.89 -0.54
O2S SGN A . 4.68 -11.60 0.42
O3S SGN A . 2.81 -13.07 0.37
S2 SGN A . 6.41 -5.48 5.00
O4S SGN A . 5.99 -4.17 5.41
O5S SGN A . 7.22 -6.13 6.00
O6S SGN A . 7.02 -5.50 3.70
C1 IDS A . 4.22 -7.88 6.82
C2 IDS A . 3.45 -7.69 8.14
C3 IDS A . 4.43 -7.59 9.31
C4 IDS A . 5.31 -8.84 9.39
C5 IDS A . 5.37 -9.55 8.02
C6 IDS A . 6.51 -10.54 7.88
O2 IDS A . 2.73 -6.47 8.06
O3 IDS A . 3.71 -7.46 10.52
O4 IDS A . 6.63 -8.43 9.73
O5 IDS A . 5.42 -8.57 7.00
O6A IDS A . 6.81 -11.28 8.79
O6B IDS A . 7.14 -10.64 6.85
S IDS A . 1.65 -6.05 7.01
O1S IDS A . 2.01 -4.71 6.67
O2S IDS A . 1.76 -6.95 5.90
O3S IDS A . 0.39 -6.14 7.69
C1 SGN A . 6.81 -7.85 10.99
C2 SGN A . 7.10 -6.34 10.86
C3 SGN A . 8.45 -6.12 10.18
C4 SGN A . 9.53 -6.89 10.94
C5 SGN A . 9.11 -8.37 11.04
C6 SGN A . 10.08 -9.27 11.83
N2 SGN A . 6.00 -5.71 10.12
O3 SGN A . 8.77 -4.75 10.22
O4 SGN A . 10.73 -6.77 10.19
O5 SGN A . 7.85 -8.48 11.67
O6 SGN A . 10.40 -8.63 13.05
S1 SGN A . 5.21 -4.46 10.79
O1S SGN A . 4.49 -4.94 11.92
O2S SGN A . 6.20 -3.48 11.13
O3S SGN A . 4.32 -3.99 9.76
S2 SGN A . 11.80 -8.52 13.73
O4S SGN A . 12.74 -8.15 12.71
O5S SGN A . 11.63 -7.49 14.72
O6S SGN A . 12.06 -9.80 14.31
C1 IDS A . 11.61 -5.75 10.55
C2 IDS A . 12.38 -5.32 9.28
C3 IDS A . 12.85 -3.87 9.40
C4 IDS A . 11.67 -2.93 9.65
C5 IDS A . 10.48 -3.71 10.24
C6 IDS A . 9.42 -2.82 10.90
O2 IDS A . 13.51 -6.16 9.16
O3 IDS A . 13.50 -3.49 8.22
O4 IDS A . 12.09 -1.95 10.60
O5 IDS A . 10.95 -4.67 11.16
O6A IDS A . 8.91 -1.92 10.27
O6B IDS A . 9.05 -3.00 12.04
S IDS A . 14.03 -6.90 7.88
O1S IDS A . 15.19 -7.60 8.33
O2S IDS A . 12.99 -7.78 7.44
O3S IDS A . 14.33 -5.87 6.93
C1 SGN A . 13.39 -1.47 10.49
C2 SGN A . 14.03 -1.32 11.88
C3 SGN A . 13.31 -0.21 12.67
C4 SGN A . 13.31 1.09 11.84
C5 SGN A . 12.68 0.79 10.47
C6 SGN A . 12.65 1.98 9.51
N2 SGN A . 13.97 -2.60 12.59
O3 SGN A . 14.02 0.02 13.87
O4 SGN A . 12.51 2.02 12.56
O5 SGN A . 13.40 -0.24 9.82
O6 SGN A . 13.59 2.94 9.95
S1 SGN A . 14.90 -3.83 12.06
O1S SGN A . 14.44 -4.21 10.75
O2S SGN A . 16.25 -3.34 12.06
O3S SGN A . 14.70 -4.89 13.02
S2 SGN A . 13.93 4.31 9.28
O4S SGN A . 12.83 4.66 8.43
O5S SGN A . 14.08 5.22 10.38
O6S SGN A . 15.15 4.12 8.56
C1 IDS A . 13.19 2.96 13.35
C2 IDS A . 12.44 4.31 13.22
C3 IDS A . 12.68 5.17 14.45
C4 IDS A . 12.24 4.43 15.73
C5 IDS A . 12.22 2.91 15.48
C6 IDS A . 12.19 2.09 16.76
O2 IDS A . 12.94 4.98 12.08
O3 IDS A . 11.95 6.37 14.34
O4 IDS A . 13.20 4.71 16.74
O5 IDS A . 13.32 2.55 14.67
O6A IDS A . 11.47 2.39 17.69
O6B IDS A . 12.88 1.10 16.89
S IDS A . 12.65 4.71 10.58
O1S IDS A . 13.25 5.82 9.89
O2S IDS A . 13.27 3.47 10.22
O3S IDS A . 11.22 4.68 10.46
C1 SGN A . 13.08 5.93 17.41
C2 SGN A . 14.47 6.53 17.69
C3 SGN A . 15.21 5.65 18.70
C4 SGN A . 14.36 5.46 19.96
C5 SGN A . 13.00 4.89 19.54
C6 SGN A . 11.99 4.70 20.68
N2 SGN A . 15.21 6.66 16.44
O3 SGN A . 16.41 6.31 19.08
O4 SGN A . 15.03 4.52 20.78
O5 SGN A . 12.37 5.78 18.60
O6 SGN A . 11.42 5.94 21.00
S1 SGN A . 15.10 8.06 15.60
O1S SGN A . 14.06 7.92 14.62
O2S SGN A . 14.83 9.08 16.57
O3S SGN A . 16.39 8.21 14.98
S2 SGN A . 10.99 6.46 22.42
O4S SGN A . 11.86 5.85 23.37
O5S SGN A . 11.18 7.88 22.34
O6S SGN A . 9.62 6.10 22.58
C1 IDS A . 14.53 4.33 22.08
C2 IDS A . 15.62 3.66 22.92
C3 IDS A . 15.43 3.98 24.40
C4 IDS A . 15.42 5.50 24.64
C5 IDS A . 15.06 6.24 23.34
C6 IDS A . 14.63 7.68 23.55
O2 IDS A . 15.52 2.26 22.75
O3 IDS A . 16.48 3.41 25.15
O4 IDS A . 14.42 5.78 25.61
O5 IDS A . 14.06 5.52 22.65
O6A IDS A . 15.45 8.56 23.69
O6B IDS A . 13.47 8.01 23.57
S IDS A . 16.57 1.30 22.09
O1S IDS A . 15.99 -0.01 22.25
O2S IDS A . 16.70 1.66 20.71
O3S IDS A . 17.78 1.47 22.84
C1 SGN A . 14.85 6.24 26.86
C2 SGN A . 15.23 5.07 27.76
C3 SGN A . 13.97 4.26 28.12
C4 SGN A . 12.91 5.18 28.71
C5 SGN A . 12.66 6.34 27.73
C6 SGN A . 11.65 7.40 28.21
N2 SGN A . 16.23 4.23 27.10
O3 SGN A . 14.30 3.29 29.09
O4 SGN A . 11.73 4.42 28.88
O5 SGN A . 13.87 7.03 27.46
O6 SGN A . 12.29 8.24 29.15
S1 SGN A . 17.74 4.83 26.90
O1S SGN A . 17.78 5.55 25.66
O2S SGN A . 17.99 5.65 28.05
O3S SGN A . 18.58 3.67 26.87
S2 SGN A . 11.66 8.88 30.42
O4S SGN A . 12.00 8.05 31.54
O5S SGN A . 12.28 10.18 30.49
O6S SGN A . 10.26 8.95 30.18
C1 IDS A . 11.54 3.79 30.11
C2 IDS A . 10.09 3.30 30.18
C3 IDS A . 9.97 2.11 31.13
C4 IDS A . 10.89 0.96 30.70
C5 IDS A . 12.03 1.51 29.81
C6 IDS A . 13.21 0.55 29.67
O2 IDS A . 9.29 4.36 30.68
O3 IDS A . 8.63 1.65 31.14
O4 IDS A . 11.46 0.39 31.86
O5 IDS A . 12.45 2.75 30.32
O6A IDS A . 13.03 -0.64 29.59
O6B IDS A . 14.35 0.95 29.62
S IDS A . 8.23 5.22 29.92
O1S IDS A . 8.55 6.57 30.28
O2S IDS A . 8.40 4.97 28.51
O3S IDS A . 6.95 4.80 30.42
C1 SGN A . 11.13 -0.93 32.15
C2 SGN A . 11.51 -1.28 33.61
C3 SGN A . 13.03 -1.26 33.77
C4 SGN A . 13.67 -2.19 32.72
C5 SGN A . 13.17 -1.76 31.32
C6 SGN A . 13.68 -2.63 30.16
N2 SGN A . 10.87 -0.33 34.52
O3 SGN A . 13.37 -1.75 35.04
O4 SGN A . 15.07 -2.02 32.80
O5 SGN A . 11.76 -1.81 31.27
O6 SGN A . 13.09 -3.91 30.27
S1 SGN A . 9.35 -0.64 35.04
O1S SGN A . 8.75 -1.59 34.13
O2S SGN A . 9.47 -1.13 36.38
O3S SGN A . 8.68 0.63 34.97
S2 SGN A . 13.70 -5.28 29.80
O4S SGN A . 14.68 -5.65 30.77
O5S SGN A . 12.57 -6.18 29.79
O6S SGN A . 14.25 -5.06 28.50
C1 IDS A . 15.83 -3.13 33.21
C2 IDS A . 17.12 -2.61 33.84
C3 IDS A . 17.67 -3.63 34.84
C4 IDS A . 16.64 -3.95 35.93
C5 IDS A . 15.22 -3.62 35.43
C6 IDS A . 14.10 -4.26 36.25
O2 IDS A . 18.08 -2.43 32.82
O3 IDS A . 18.84 -3.12 35.46
O4 IDS A . 16.69 -5.34 36.20
O5 IDS A . 15.11 -3.98 34.07
O6A IDS A . 14.35 -4.86 37.27
O6B IDS A . 12.94 -4.18 35.92
S IDS A . 18.24 -1.22 31.85
O1S IDS A . 19.65 -1.15 31.61
O2S IDS A . 17.49 -1.50 30.66
O3S IDS A . 17.74 -0.08 32.57
C1 SGN A . 17.22 -5.73 37.44
C2 SGN A . 18.49 -6.57 37.24
C3 SGN A . 18.14 -7.92 36.58
C4 SGN A . 17.04 -8.61 37.41
C5 SGN A . 15.85 -7.65 37.56
C6 SGN A . 14.69 -8.20 38.41
N2 SGN A . 19.46 -5.83 36.43
O3 SGN A . 19.27 -8.75 36.57
O4 SGN A . 16.65 -9.77 36.68
O5 SGN A . 16.28 -6.45 38.18
O6 SGN A . 14.82 -7.68 39.72
S1 SGN A . 20.81 -5.26 37.15
O1S SGN A . 20.42 -4.31 38.16
O2S SGN A . 21.49 -6.42 37.70
O3S SGN A . 21.56 -4.65 36.09
S2 SGN A . 13.73 -7.64 40.83
O4S SGN A . 12.85 -8.75 40.62
O5S SGN A . 14.46 -7.76 42.06
O6S SGN A . 13.07 -6.37 40.71
C1 IDS A . 16.91 -11.01 37.26
C2 IDS A . 16.83 -12.08 36.15
C3 IDS A . 17.68 -13.30 36.52
C4 IDS A . 19.14 -12.89 36.78
C5 IDS A . 19.23 -11.39 37.13
C6 IDS A . 20.54 -10.98 37.79
O2 IDS A . 15.48 -12.49 36.02
O3 IDS A . 17.64 -14.24 35.47
O4 IDS A . 19.61 -13.63 37.89
O5 IDS A . 18.13 -11.04 37.95
O6A IDS A . 21.40 -11.80 38.01
O6B IDS A . 20.76 -9.83 38.10
S IDS A . 14.42 -12.02 34.98
O1S IDS A . 13.27 -11.69 35.77
O2S IDS A . 14.95 -10.88 34.30
O3S IDS A . 14.21 -13.14 34.12
C1 SGN A . 20.07 -14.93 37.63
C2 SGN A . 19.98 -15.79 38.91
C3 SGN A . 20.98 -15.27 39.96
C4 SGN A . 22.38 -15.20 39.35
C5 SGN A . 22.32 -14.36 38.07
C6 SGN A . 23.65 -14.25 37.30
N2 SGN A . 18.61 -15.77 39.42
O3 SGN A . 21.01 -16.16 41.05
O4 SGN A . 23.23 -14.58 40.31
O5 SGN A . 21.38 -14.91 37.16
O6 SGN A . 24.52 -15.24 37.78
S1 SGN A . 17.75 -17.17 39.41
O1S SGN A . 17.93 -17.79 38.13
O2S SGN A . 18.24 -17.95 40.50
O3S SGN A . 16.38 -16.75 39.59
S2 SGN A . 25.75 -15.86 37.03
O4S SGN A . 26.51 -14.77 36.48
O5S SGN A . 26.47 -16.56 38.05
O6S SGN A . 25.21 -16.73 36.03
C1 IDS A . 24.27 -15.35 40.82
C2 IDS A . 24.43 -14.98 42.31
C3 IDS A . 25.07 -16.14 43.08
C4 IDS A . 24.24 -17.43 42.92
C5 IDS A . 23.36 -17.35 41.65
C6 IDS A . 22.81 -18.69 41.19
O2 IDS A . 25.29 -13.86 42.41
O3 IDS A . 25.16 -15.82 44.45
O4 IDS A . 25.14 -18.52 42.77
O5 IDS A . 24.10 -16.72 40.62
O6A IDS A . 22.48 -19.53 42.00
O6B IDS A . 22.69 -18.96 40.02
S IDS A . 24.93 -12.36 42.19
O1S IDS A . 26.20 -11.69 42.28
O2S IDS A . 24.34 -12.22 40.89
O3S IDS A . 24.04 -12.02 43.26
C1 SGN A . 25.97 -18.81 43.86
C2 SGN A . 27.38 -18.25 43.62
C3 SGN A . 28.05 -19.01 42.46
C4 SGN A . 28.01 -20.52 42.74
C5 SGN A . 26.56 -20.94 43.00
C6 SGN A . 26.36 -22.41 43.36
N2 SGN A . 27.30 -16.81 43.34
O3 SGN A . 29.40 -18.61 42.36
O4 SGN A . 28.50 -21.17 41.58
O5 SGN A . 26.03 -20.19 44.09
O6 SGN A . 27.61 -22.97 43.68
S1 SGN A . 28.07 -15.78 44.36
O1S SGN A . 27.81 -16.20 45.71
O2S SGN A . 29.46 -15.83 43.99
O3S SGN A . 27.47 -14.50 44.08
S2 SGN A . 27.91 -24.16 44.65
O4S SGN A . 27.60 -25.37 43.94
O5S SGN A . 29.30 -24.03 44.95
O6S SGN A . 27.07 -23.96 45.80
C1 IDS A . 29.87 -21.46 41.54
C2 IDS A . 30.05 -22.76 40.74
C3 IDS A . 31.46 -22.82 40.12
C4 IDS A . 31.71 -21.58 39.23
C5 IDS A . 30.76 -20.43 39.63
C6 IDS A . 31.19 -19.07 39.10
O2 IDS A . 29.91 -23.86 41.62
O3 IDS A . 31.58 -23.99 39.34
O5 IDS A . 30.63 -20.40 41.03
O6A IDS A . 31.46 -18.92 37.92
O6B IDS A . 31.28 -18.10 39.82
S IDS A . 28.59 -24.51 42.14
O1S IDS A . 29.01 -25.27 43.28
O2S IDS A . 27.68 -23.46 42.48
O3S IDS A . 28.12 -25.34 41.07
C1 SGN A . -6.49 27.57 -23.24
C2 SGN A . -5.30 26.61 -23.45
C3 SGN A . -5.26 26.14 -24.91
C4 SGN A . -6.62 25.51 -25.28
C5 SGN A . -7.72 26.54 -24.98
C6 SGN A . -9.15 26.05 -25.26
N2 SGN A . -4.06 27.31 -23.09
O1 SGN A . -6.31 28.74 -23.97
O3 SGN A . -4.27 25.14 -25.03
O4 SGN A . -6.57 25.22 -26.66
O5 SGN A . -7.68 26.93 -23.62
O6 SGN A . -9.32 24.78 -24.65
S1 SGN A . -3.96 28.01 -21.61
O1S SGN A . -4.83 29.15 -21.60
O2S SGN A . -4.34 27.00 -20.65
O3S SGN A . -2.58 28.38 -21.48
S2 SGN A . -10.34 23.67 -25.03
O4S SGN A . -10.14 23.36 -26.43
O5S SGN A . -10.00 22.56 -24.18
O6S SGN A . -11.63 24.20 -24.75
C1 IDS A . -7.71 24.64 -27.23
C2 IDS A . -7.24 23.57 -28.24
C3 IDS A . -8.31 22.50 -28.42
C4 IDS A . -8.65 21.83 -27.08
C5 IDS A . -8.27 22.77 -25.91
C6 IDS A . -8.92 22.39 -24.59
O2 IDS A . -7.03 24.22 -29.49
O3 IDS A . -7.84 21.51 -29.31
O4 IDS A . -10.05 21.62 -27.05
O5 IDS A . -8.58 24.10 -26.27
O6A IDS A . -9.68 21.45 -24.52
O6B IDS A . -8.70 23.02 -23.57
S IDS A . -5.71 24.37 -30.29
O1S IDS A . -6.11 24.94 -31.54
O2S IDS A . -4.85 25.24 -29.54
O3S IDS A . -5.18 23.05 -30.43
C1 SGN A . -10.50 20.30 -27.16
C2 SGN A . -11.89 20.27 -27.82
C3 SGN A . -12.93 20.90 -26.88
C4 SGN A . -12.87 20.21 -25.50
C5 SGN A . -11.43 20.30 -24.98
C6 SGN A . -11.19 19.60 -23.64
N2 SGN A . -11.85 20.95 -29.11
O3 SGN A . -14.22 20.70 -27.42
O4 SGN A . -13.74 20.95 -24.65
O5 SGN A . -10.54 19.68 -25.90
O6 SGN A . -11.88 18.37 -23.64
S1 SGN A . -11.62 20.06 -30.46
O1S SGN A . -10.93 18.86 -30.10
O2S SGN A . -12.92 19.84 -31.01
O3S SGN A . -10.81 20.90 -31.31
S2 SGN A . -12.50 17.63 -22.40
O4S SGN A . -13.08 18.63 -21.55
O5S SGN A . -13.50 16.77 -22.98
O6S SGN A . -11.43 16.90 -21.78
C1 IDS A . -15.06 20.48 -24.55
C2 IDS A . -15.97 21.72 -24.43
C3 IDS A . -17.38 21.39 -24.94
C4 IDS A . -17.33 20.88 -26.39
C5 IDS A . -15.93 20.34 -26.72
C6 IDS A . -15.88 19.46 -27.97
O2 IDS A . -16.06 22.08 -23.07
O3 IDS A . -18.18 22.54 -24.88
O4 IDS A . -18.27 19.82 -26.51
O5 IDS A . -15.42 19.65 -25.61
O6A IDS A . -16.90 19.19 -28.56
O6B IDS A . -14.85 19.02 -28.40
S IDS A . -15.86 23.50 -22.43
O1S IDS A . -16.32 23.34 -21.08
O2S IDS A . -14.46 23.81 -22.50
O3S IDS A . -16.68 24.40 -23.20
C1 SGN A . -19.24 19.94 -27.51
C2 SGN A . -20.63 19.61 -26.94
C3 SGN A . -20.69 18.12 -26.57
C4 SGN A . -20.30 17.27 -27.78
C5 SGN A . -18.91 17.73 -28.27
C6 SGN A . -18.39 17.01 -29.52
N2 SGN A . -20.91 20.46 -25.79
O3 SGN A . -22.02 17.79 -26.22
O4 SGN A . -20.23 15.92 -27.34
O5 SGN A . -18.95 19.11 -28.59
O6 SGN A . -19.46 16.29 -30.11
S1 SGN A . -21.13 22.06 -26.03
O1S SGN A . -20.53 22.41 -27.29
O2S SGN A . -22.54 22.28 -25.98
O3S SGN A . -20.44 22.69 -24.93
S2 SGN A . -19.37 15.03 -31.02
O4S SGN A . -18.13 14.39 -30.74
O5S SGN A . -20.50 14.22 -30.63
O6S SGN A . -19.48 15.49 -32.36
C1 IDS A . -20.42 14.92 -28.31
C2 IDS A . -20.89 13.65 -27.58
C3 IDS A . -21.69 12.76 -28.53
C4 IDS A . -22.89 13.53 -29.12
C5 IDS A . -22.64 15.05 -29.03
C6 IDS A . -23.56 15.87 -29.94
O2 IDS A . -19.76 12.93 -27.15
O3 IDS A . -22.17 11.63 -27.84
O4 IDS A . -23.01 13.17 -30.49
O5 IDS A . -21.28 15.32 -29.33
O6A IDS A . -24.73 15.98 -29.68
O6B IDS A . -23.14 16.46 -30.91
S IDS A . -18.90 13.15 -25.86
O1S IDS A . -17.88 12.14 -25.93
O2S IDS A . -18.35 14.47 -25.92
O3S IDS A . -19.81 12.95 -24.77
C1 SGN A . -24.18 12.52 -30.88
C2 SGN A . -24.06 11.01 -30.67
C3 SGN A . -23.01 10.44 -31.65
C4 SGN A . -23.38 10.85 -33.08
C5 SGN A . -23.52 12.37 -33.14
C6 SGN A . -23.94 12.94 -34.50
N2 SGN A . -23.68 10.72 -29.28
O3 SGN A . -23.02 9.03 -31.57
O4 SGN A . -22.31 10.42 -33.92
O5 SGN A . -24.50 12.80 -32.20
O6 SGN A . -25.34 12.82 -34.62
S1 SGN A . -24.84 10.13 -28.28
O1S SGN A . -25.69 11.22 -27.88
O2S SGN A . -25.53 9.12 -29.00
O3S SGN A . -24.10 9.61 -27.16
S2 SGN A . -26.18 12.74 -35.94
O4S SGN A . -26.04 11.42 -36.46
O5S SGN A . -27.52 13.03 -35.52
O6S SGN A . -25.64 13.75 -36.82
C1 IDS A . -22.49 9.25 -34.65
C2 IDS A . -21.29 9.09 -35.60
C3 IDS A . -21.08 7.61 -35.96
C4 IDS A . -20.89 6.77 -34.69
C5 IDS A . -21.48 7.50 -33.47
C6 IDS A . -21.71 6.59 -32.26
O2 IDS A . -21.57 9.81 -36.79
O3 IDS A . -19.95 7.48 -36.78
O4 IDS A . -21.59 5.55 -34.87
O5 IDS A . -22.68 8.13 -33.84
O6A IDS A . -20.92 5.71 -31.99
O6B IDS A . -22.67 6.73 -31.54
S IDS A . -21.59 11.35 -37.01
O1S IDS A . -22.74 11.56 -37.84
O2S IDS A . -21.73 11.97 -35.72
O3S IDS A . -20.36 11.68 -37.67
C1 SGN A . -20.82 4.39 -35.02
C2 SGN A . -21.71 3.20 -35.42
C3 SGN A . -22.65 2.84 -34.27
C4 SGN A . -21.84 2.60 -32.99
C5 SGN A . -20.97 3.84 -32.72
C6 SGN A . -20.04 3.73 -31.51
N2 SGN A . -22.44 3.53 -36.63
O3 SGN A . -23.33 1.65 -34.59
O4 SGN A . -22.76 2.43 -31.93
O5 SGN A . -20.13 4.10 -33.84
O6 SGN A . -18.77 3.32 -31.94
S1 SGN A . -22.04 2.80 -38.04
O1S SGN A . -20.61 2.91 -38.20
O2S SGN A . -22.49 1.44 -37.92
O3S SGN A . -22.74 3.54 -39.05
S2 SGN A . -17.42 3.38 -31.13
O4S SGN A . -17.72 2.96 -29.79
O5S SGN A . -16.57 2.45 -31.81
O6S SGN A . -16.96 4.73 -31.22
C1 IDS A . -22.33 1.68 -30.82
C2 IDS A . -23.40 1.79 -29.74
C3 IDS A . -23.36 0.58 -28.80
C4 IDS A . -23.52 -0.72 -29.59
C5 IDS A . -23.15 -0.51 -31.07
C6 IDS A . -22.90 -1.80 -31.84
O2 IDS A . -23.15 2.96 -28.97
O3 IDS A . -24.39 0.68 -27.84
O4 IDS A . -22.63 -1.68 -29.05
O5 IDS A . -22.04 0.35 -31.15
O6A IDS A . -23.30 -2.86 -31.43
O6B IDS A . -22.29 -1.80 -32.89
S IDS A . -23.74 4.39 -29.17
O1S IDS A . -22.75 5.26 -28.58
O2S IDS A . -23.91 4.61 -30.57
O3S IDS A . -24.98 4.40 -28.45
C1 SGN A . -22.93 -2.17 -27.77
C2 SGN A . -22.14 -1.38 -26.70
C3 SGN A . -20.64 -1.65 -26.83
C4 SGN A . -20.38 -3.17 -26.79
C5 SGN A . -21.25 -3.84 -27.87
C6 SGN A . -21.15 -5.37 -27.93
N2 SGN A . -22.45 0.05 -26.83
O3 SGN A . -19.96 -1.06 -25.75
O4 SGN A . -19.01 -3.38 -27.07
O5 SGN A . -22.62 -3.53 -27.67
O6 SGN A . -21.52 -5.89 -26.66
S1 SGN A . -23.53 0.72 -25.82
O1S SGN A . -24.11 -0.32 -25.03
O2S SGN A . -22.80 1.68 -25.04
O3S SGN A . -24.50 1.33 -26.68
S2 SGN A . -22.00 -7.33 -26.34
O4S SGN A . -21.42 -8.22 -27.31
O5S SGN A . -21.52 -7.58 -25.01
O6S SGN A . -23.44 -7.30 -26.40
C1 IDS A . -18.14 -3.42 -25.98
C2 IDS A . -17.10 -4.52 -26.25
C3 IDS A . -15.81 -4.25 -25.48
C4 IDS A . -15.25 -2.87 -25.86
C5 IDS A . -16.35 -1.97 -26.43
C6 IDS A . -16.00 -0.48 -26.45
O2 IDS A . -17.65 -5.75 -25.81
O3 IDS A . -14.86 -5.24 -25.78
O4 IDS A . -14.75 -2.27 -24.66
O5 IDS A . -17.55 -2.18 -25.70
O6A IDS A . -14.97 -0.10 -26.96
O6B IDS A . -16.73 0.34 -25.96
S IDS A . -18.48 -6.79 -26.61
O1S IDS A . -19.44 -7.29 -25.65
O2S IDS A . -19.12 -6.09 -27.70
O3S IDS A . -17.56 -7.81 -27.04
C1 SGN A . -13.40 -1.89 -24.65
C2 SGN A . -12.52 -3.05 -24.16
C3 SGN A . -12.81 -3.32 -22.67
C4 SGN A . -12.65 -2.02 -21.87
C5 SGN A . -13.55 -0.95 -22.49
C6 SGN A . -13.45 0.44 -21.84
N2 SGN A . -12.76 -4.24 -24.97
O3 SGN A . -11.89 -4.27 -22.18
O4 SGN A . -13.07 -2.30 -20.54
O5 SGN A . -13.20 -0.77 -23.86
O6 SGN A . -12.09 0.77 -21.68
S1 SGN A . -11.48 -5.14 -25.46
O1S SGN A . -10.81 -4.42 -26.49
O2S SGN A . -10.68 -5.34 -24.29
O3S SGN A . -12.06 -6.36 -25.94
S2 SGN A . -11.45 1.62 -20.54
O4S SGN A . -11.64 0.90 -19.31
O5S SGN A . -10.06 1.71 -20.90
O6S SGN A . -12.11 2.89 -20.56
C1 IDS A . -12.08 -2.62 -19.61
C2 IDS A . -12.69 -2.47 -18.20
C3 IDS A . -11.95 -3.36 -17.21
C4 IDS A . -11.98 -4.83 -17.66
C5 IDS A . -12.23 -4.91 -19.18
C6 IDS A . -11.86 -6.27 -19.78
O2 IDS A . -12.56 -1.12 -17.79
O3 IDS A . -12.56 -3.26 -15.93
O4 IDS A . -10.69 -5.39 -17.38
O5 IDS A . -11.52 -3.88 -19.81
O6A IDS A . -11.83 -7.26 -19.09
O6B IDS A . -11.63 -6.39 -20.96
S IDS A . -13.68 -0.14 -17.35
O1S IDS A . -12.98 0.89 -16.64
O2S IDS A . -14.33 0.36 -18.52
O3S IDS A . -14.55 -0.90 -16.49
C1 SGN A . -10.20 -5.22 -16.08
C2 SGN A . -8.77 -4.67 -16.13
C3 SGN A . -7.81 -5.71 -16.73
C4 SGN A . -7.95 -7.04 -15.97
C5 SGN A . -9.42 -7.46 -15.96
C6 SGN A . -9.73 -8.75 -15.18
N2 SGN A . -8.75 -3.42 -16.89
O3 SGN A . -6.48 -5.26 -16.61
O4 SGN A . -7.17 -8.00 -16.66
O5 SGN A . -10.23 -6.44 -15.38
O6 SGN A . -9.39 -8.54 -13.83
S1 SGN A . -9.76 -2.22 -16.45
O1S SGN A . -11.04 -2.46 -17.03
O2S SGN A . -9.78 -2.22 -15.02
O3S SGN A . -9.16 -1.02 -16.98
S2 SGN A . -9.50 -9.57 -12.65
O4S SGN A . -8.55 -10.62 -12.92
O5S SGN A . -9.15 -8.81 -11.49
O6S SGN A . -10.85 -10.01 -12.63
C1 IDS A . -6.96 -9.22 -16.02
C2 IDS A . -6.19 -10.13 -16.99
C3 IDS A . -5.39 -11.19 -16.22
C4 IDS A . -4.42 -10.53 -15.24
C5 IDS A . -4.88 -9.09 -14.90
C6 IDS A . -4.24 -8.50 -13.65
O2 IDS A . -7.14 -10.80 -17.81
O3 IDS A . -4.65 -11.98 -17.13
O4 IDS A . -4.42 -11.29 -14.04
O5 IDS A . -6.30 -9.09 -14.79
O6A IDS A . -3.06 -8.66 -13.45
O6B IDS A . -4.88 -7.86 -12.85
S IDS A . -7.30 -10.72 -19.36
O1S IDS A . -8.64 -11.14 -19.60
O2S IDS A . -7.06 -9.37 -19.76
O3S IDS A . -6.33 -11.64 -19.89
C1 SGN A . -3.21 -11.84 -13.63
C2 SGN A . -3.39 -13.28 -13.16
C3 SGN A . -4.23 -13.31 -11.87
C4 SGN A . -3.58 -12.39 -10.82
C5 SGN A . -3.41 -10.99 -11.43
C6 SGN A . -2.71 -9.96 -10.52
N2 SGN A . -4.02 -14.06 -14.22
O3 SGN A . -4.25 -14.62 -11.36
O4 SGN A . -4.47 -12.33 -9.72
O5 SGN A . -2.63 -11.07 -12.62
O6 SGN A . -1.63 -10.59 -9.88
S1 SGN A . -3.08 -14.74 -15.37
O1S SGN A . -1.97 -13.87 -15.61
O2S SGN A . -2.68 -16.02 -14.87
O3S SGN A . -3.92 -14.84 -16.52
S2 SGN A . -1.18 -10.42 -8.40
O4S SGN A . -2.34 -10.58 -7.57
O5S SGN A . -0.22 -11.47 -8.19
O6S SGN A . -0.59 -9.11 -8.31
C1 IDS A . -3.99 -11.71 -8.55
C2 IDS A . -5.20 -11.13 -7.81
C3 IDS A . -4.90 -11.01 -6.30
C4 IDS A . -4.52 -12.38 -5.72
C5 IDS A . -4.02 -13.32 -6.83
C6 IDS A . -3.24 -14.53 -6.32
O2 IDS A . -5.47 -9.83 -8.31
O3 IDS A . -6.05 -10.53 -5.63
O4 IDS A . -3.45 -12.18 -4.80
O5 IDS A . -3.24 -12.57 -7.75
O6A IDS A . -3.69 -15.22 -5.44
O6B IDS A . -2.17 -14.84 -6.79
S IDS A . -5.90 -9.43 -9.75
O1S IDS A . -6.50 -8.13 -9.59
O2S IDS A . -4.72 -9.38 -10.57
O3S IDS A . -6.84 -10.42 -10.17
C1 SGN A . -3.79 -12.16 -3.44
C2 SGN A . -3.65 -10.74 -2.87
C3 SGN A . -2.18 -10.31 -2.87
C4 SGN A . -1.34 -11.37 -2.13
C5 SGN A . -1.60 -12.74 -2.77
C6 SGN A . -0.88 -13.92 -2.10
N2 SGN A . -4.47 -9.81 -3.65
O3 SGN A . -2.05 -9.08 -2.19
O4 SGN A . 0.02 -11.01 -2.29
O5 SGN A . -2.98 -13.04 -2.73
O6 SGN A . -0.86 -13.70 -0.70
S1 SGN A . -5.43 -8.75 -2.87
O1S SGN A . -5.97 -9.41 -1.72
O2S SGN A . -4.60 -7.63 -2.54
O3S SGN A . -6.45 -8.41 -3.82
S2 SGN A . -0.81 -14.78 0.43
O4S SGN A . 0.57 -14.99 0.76
O5S SGN A . -1.55 -14.19 1.51
O6S SGN A . -1.45 -15.94 -0.10
C1 IDS A . 0.62 -10.30 -1.24
C2 IDS A . 2.04 -9.91 -1.69
C3 IDS A . 2.52 -8.66 -0.94
C4 IDS A . 1.54 -7.49 -1.15
C5 IDS A . 0.15 -8.02 -1.57
C6 IDS A . -0.97 -6.99 -1.40
O2 IDS A . 2.91 -10.97 -1.38
O3 IDS A . 3.80 -8.28 -1.40
O4 IDS A . 1.41 -6.81 0.09
O5 IDS A . -0.13 -9.19 -0.84
O6A IDS A . -0.76 -5.81 -1.57
O6B IDS A . -2.10 -7.34 -1.13
S IDS A . 3.05 -12.35 -2.10
O1S IDS A . 3.65 -13.21 -1.12
O2S IDS A . 1.73 -12.78 -2.48
O3S IDS A . 3.92 -12.12 -3.22
C1 SGN A . 2.29 -5.75 0.33
C2 SGN A . 3.60 -6.26 0.94
C3 SGN A . 3.34 -6.81 2.34
C4 SGN A . 2.64 -5.74 3.19
C5 SGN A . 1.37 -5.28 2.45
C6 SGN A . 0.58 -4.17 3.15
N2 SGN A . 4.18 -7.28 0.07
O3 SGN A . 4.57 -7.12 2.96
O4 SGN A . 2.28 -6.35 4.43
O5 SGN A . 1.71 -4.79 1.17
O6 SGN A . 1.29 -2.96 3.02
S1 SGN A . 5.73 -7.10 -0.43
O1S SGN A . 6.02 -5.71 -0.51
O2S SGN A . 6.54 -7.80 0.53
O3S SGN A . 5.77 -7.73 -1.73
S2 SGN A . 0.78 -1.52 3.34
O4S SGN A . -0.18 -1.63 4.40
O5S SGN A . 1.97 -0.81 3.75
O6S SGN A . 0.23 -1.00 2.12
C1 IDS A . 3.15 -6.16 5.51
C2 IDS A . 2.41 -6.58 6.78
C3 IDS A . 3.41 -6.99 7.87
C4 IDS A . 4.31 -8.13 7.37
C5 IDS A . 4.34 -8.16 5.83
C6 IDS A . 5.49 -8.97 5.24
O2 IDS A . 1.68 -5.46 7.26
O3 IDS A . 2.72 -7.43 9.02
O4 IDS A . 5.63 -7.89 7.83
O5 IDS A . 4.36 -6.83 5.35
O6A IDS A . 5.57 -10.16 5.44
O6B IDS A . 6.34 -8.45 4.55
S IDS A . 0.14 -5.25 7.27
O1S IDS A . -0.03 -3.86 7.57
O2S IDS A . -0.36 -5.60 5.97
O3S IDS A . -0.36 -6.10 8.31
C1 SGN A . 5.81 -7.87 9.22
C2 SGN A . 5.81 -6.42 9.74
C3 SGN A . 7.04 -5.67 9.22
C4 SGN A . 8.31 -6.45 9.57
C5 SGN A . 8.17 -7.89 9.03
C6 SGN A . 9.35 -8.81 9.36
N2 SGN A . 4.56 -5.76 9.34
O3 SGN A . 7.11 -4.40 9.83
O4 SGN A . 9.40 -5.79 8.94
O5 SGN A . 7.01 -8.50 9.57
O6 SGN A . 10.14 -8.21 10.37
S1 SGN A . 3.76 -4.87 10.44
O1S SGN A . 4.01 -5.41 11.74
O2S SGN A . 4.23 -3.52 10.27
O3S SGN A . 2.37 -5.00 10.07
S2 SGN A . 11.23 -8.89 11.25
O4S SGN A . 11.64 -10.09 10.57
O5S SGN A . 12.28 -7.91 11.31
O6S SGN A . 10.63 -9.13 12.53
C1 IDS A . 10.66 -5.98 9.49
C2 IDS A . 11.58 -4.86 8.95
C3 IDS A . 12.73 -4.61 9.93
C4 IDS A . 12.19 -4.25 11.33
C5 IDS A . 10.75 -4.77 11.50
C6 IDS A . 10.29 -4.83 12.94
O2 IDS A . 12.12 -5.28 7.72
O3 IDS A . 13.52 -3.55 9.45
O4 IDS A . 13.02 -4.89 12.28
O5 IDS A . 10.64 -6.04 10.89
O6A IDS A . 10.92 -4.28 13.82
O6B IDS A . 9.28 -5.41 13.26
S IDS A . 11.36 -5.65 6.40
O1S IDS A . 12.31 -6.44 5.66
O2S IDS A . 10.19 -6.39 6.76
O3S IDS A . 11.06 -4.40 5.77
C1 SGN A . 13.57 -4.09 13.29
C2 SGN A . 14.95 -3.56 12.86
C3 SGN A . 15.94 -4.73 12.77
C4 SGN A . 15.95 -5.50 14.10
C5 SGN A . 14.51 -5.93 14.42
C6 SGN A . 14.34 -6.67 15.76
N2 SGN A . 14.84 -2.86 11.59
O3 SGN A . 17.24 -4.22 12.55
O4 SGN A . 16.77 -6.65 13.90
O5 SGN A . 13.67 -4.80 14.49
O6 SGN A . 14.56 -5.76 16.82
S1 SGN A . 15.67 -1.47 11.38
O1S SGN A . 15.09 -0.46 12.21
O2S SGN A . 17.03 -1.77 11.73
O3S SGN A . 15.52 -1.16 9.98
S2 SGN A . 13.91 -5.79 18.24
O4S SGN A . 13.56 -7.15 18.52
O5S SGN A . 14.94 -5.30 19.10
O6S SGN A . 12.78 -4.91 18.17
C1 IDS A . 16.98 -7.47 15.01
C2 IDS A . 18.45 -7.91 15.00
C3 IDS A . 18.92 -8.26 16.42
C4 IDS A . 18.72 -7.07 17.36
C5 IDS A . 17.66 -6.11 16.80
C6 IDS A . 17.10 -5.13 17.82
O2 IDS A . 18.57 -9.08 14.20
O3 IDS A . 20.29 -8.61 16.39
O4 IDS A . 18.27 -7.57 18.61
O5 IDS A . 16.62 -6.87 16.22
O6A IDS A . 17.57 -5.07 18.95
O6B IDS A . 16.19 -4.38 17.56
S IDS A . 18.98 -9.18 12.69
O1S IDS A . 18.50 -10.46 12.29
O2S IDS A . 18.33 -8.10 11.99
O3S IDS A . 20.41 -9.08 12.68
C1 SGN A . 19.15 -8.36 19.35
C2 SGN A . 18.57 -9.76 19.58
C3 SGN A . 17.34 -9.66 20.51
C4 SGN A . 17.74 -8.93 21.80
C5 SGN A . 18.35 -7.57 21.42
C6 SGN A . 18.86 -6.73 22.61
N2 SGN A . 18.21 -10.37 18.30
O3 SGN A . 16.92 -10.96 20.85
O4 SGN A . 16.55 -8.73 22.55
O5 SGN A . 19.47 -7.75 20.56
O6 SGN A . 19.25 -7.61 23.65
S1 SGN A . 18.67 -11.91 18.00
O1S SGN A . 20.03 -12.06 18.40
O2S SGN A . 17.76 -12.74 18.74
O3S SGN A . 18.51 -12.07 16.58
S2 SGN A . 19.97 -7.23 24.98
O4S SGN A . 19.83 -5.82 25.15
O5S SGN A . 19.25 -7.98 25.98
O6S SGN A . 21.32 -7.67 24.83
C1 IDS A . 16.68 -8.10 23.79
C2 IDS A . 15.27 -7.78 24.31
C3 IDS A . 15.26 -7.70 25.83
C4 IDS A . 15.78 -9.01 26.46
C5 IDS A . 16.64 -9.78 25.44
C6 IDS A . 17.52 -10.86 26.07
O2 IDS A . 14.88 -6.53 23.78
O3 IDS A . 13.95 -7.47 26.30
O4 IDS A . 16.60 -8.67 27.56
O5 IDS A . 17.43 -8.86 24.70
O6A IDS A . 17.04 -11.69 26.81
O6B IDS A . 18.71 -10.93 25.83
S IDS A . 13.81 -6.23 22.69
O1S IDS A . 13.32 -4.93 23.03
O2S IDS A . 14.47 -6.26 21.42
O3S IDS A . 12.81 -7.24 22.83
C1 SGN A . 16.00 -7.95 28.60
C2 SGN A . 16.92 -6.82 29.08
C3 SGN A . 18.16 -7.41 29.76
C4 SGN A . 17.74 -8.37 30.87
C5 SGN A . 16.79 -9.44 30.27
C6 SGN A . 16.22 -10.45 31.28
N2 SGN A . 17.27 -5.97 27.96
O3 SGN A . 18.91 -6.37 30.34
O4 SGN A . 18.91 -9.00 31.35
O5 SGN A . 15.67 -8.79 29.67
O6 SGN A . 16.38 -9.92 32.58
S1 SGN A . 16.32 -4.69 27.59
O1S SGN A . 15.07 -4.86 28.27
O2S SGN A . 17.03 -3.52 28.00
O3S SGN A . 16.15 -4.75 26.16
S2 SGN A . 16.11 -10.66 33.92
O4S SGN A . 16.27 -12.06 33.69
O5S SGN A . 17.10 -10.13 34.82
O6S SGN A . 14.78 -10.30 34.32
C1 IDS A . 19.22 -8.83 32.70
C2 IDS A . 20.44 -9.70 33.03
C3 IDS A . 21.21 -9.14 34.23
C4 IDS A . 21.64 -7.69 33.95
C5 IDS A . 20.76 -7.05 32.85
C6 IDS A . 20.83 -5.54 32.80
O2 IDS A . 19.98 -11.00 33.36
O3 IDS A . 22.36 -9.92 34.47
O4 IDS A . 21.46 -6.94 35.14
O5 IDS A . 19.42 -7.49 33.03
O6A IDS A . 21.75 -4.94 33.30
O6B IDS A . 19.98 -4.88 32.24
S IDS A . 19.89 -12.27 32.46
O1S IDS A . 19.55 -13.33 33.37
O2S IDS A . 18.87 -12.03 31.49
O3S IDS A . 21.19 -12.43 31.88
C1 SGN A . 22.63 -6.58 35.84
C2 SGN A . 22.60 -7.16 37.27
C3 SGN A . 21.48 -6.48 38.08
C4 SGN A . 21.66 -4.97 38.02
C5 SGN A . 21.72 -4.52 36.56
C6 SGN A . 21.95 -3.02 36.34
N2 SGN A . 22.41 -8.61 37.21
O3 SGN A . 21.58 -6.90 39.43
O4 SGN A . 20.53 -4.39 38.67
O5 SGN A . 22.77 -5.20 35.88
O6 SGN A . 22.48 -2.47 37.52
S1 SGN A . 23.52 -9.51 36.40
O1S SGN A . 23.04 -9.71 35.07
O2S SGN A . 24.75 -8.78 36.46
O3S SGN A . 23.58 -10.75 37.13
S2 SGN A . 22.23 -1.03 38.08
O4S SGN A . 20.85 -0.95 38.45
O5S SGN A . 23.10 -0.95 39.23
O6S SGN A . 22.61 -0.13 37.05
C1 IDS A . 20.72 -3.81 39.91
C2 IDS A . 19.66 -2.71 40.11
C3 IDS A . 19.39 -2.47 41.59
C4 IDS A . 18.96 -3.77 42.28
C5 IDS A . 19.44 -5.00 41.48
C6 IDS A . 19.42 -6.31 42.26
O2 IDS A . 20.14 -1.52 39.53
O3 IDS A . 18.37 -1.51 41.74
O4 IDS A . 19.59 -3.81 43.56
O5 IDS A . 20.73 -4.74 40.96
O6A IDS A . 18.38 -6.83 42.57
O6B IDS A . 20.46 -6.86 42.58
S IDS A . 20.59 -1.25 38.06
O1S IDS A . 20.59 0.18 37.94
O2S IDS A . 21.90 -1.82 37.90
O3S IDS A . 19.61 -1.88 37.24
C1 SGN A . 19.10 -2.95 44.54
C2 SGN A . 19.75 -1.57 44.43
C3 SGN A . 21.24 -1.67 44.78
C4 SGN A . 21.39 -2.32 46.16
C5 SGN A . 20.66 -3.67 46.16
C6 SGN A . 20.67 -4.42 47.50
N2 SGN A . 19.56 -1.04 43.07
O3 SGN A . 21.80 -0.37 44.84
O4 SGN A . 22.78 -2.53 46.38
O5 SGN A . 19.29 -3.47 45.82
O6 SGN A . 20.19 -3.56 48.50
S1 SGN A . 18.06 -0.61 42.60
O1S SGN A . 17.15 -0.98 43.64
O2S SGN A . 18.11 0.80 42.35
O3S SGN A . 17.83 -1.36 41.39
S2 SGN A . 20.53 -3.60 50.03
O4S SGN A . 21.53 -2.60 50.27
O5S SGN A . 19.29 -3.29 50.67
O6S SGN A . 20.98 -4.94 50.31
C1 IDS A . 23.31 -2.10 47.60
C2 IDS A . 24.84 -2.09 47.47
C3 IDS A . 25.45 -1.09 48.46
C4 IDS A . 24.87 0.32 48.24
C5 IDS A . 23.52 0.24 47.52
C6 IDS A . 22.68 1.51 47.62
O2 IDS A . 25.33 -3.37 47.78
O3 IDS A . 26.85 -1.04 48.30
O4 IDS A . 24.67 0.91 49.52
O5 IDS A . 22.79 -0.87 48.02
O6A IDS A . 23.22 2.58 47.80
O6B IDS A . 21.48 1.49 47.51
S IDS A . 26.02 -4.40 46.83
O1S IDS A . 25.60 -5.68 47.33
O2S IDS A . 25.54 -4.15 45.51
O3S IDS A . 27.43 -4.19 46.97
C1 SGN A . 25.41 2.05 49.83
C2 SGN A . 26.22 1.83 51.11
C3 SGN A . 25.28 1.71 52.32
C4 SGN A . 24.35 2.93 52.37
C5 SGN A . 23.63 3.05 51.01
C6 SGN A . 22.69 4.26 50.90
N2 SGN A . 27.07 0.65 50.96
O3 SGN A . 26.05 1.69 53.51
O4 SGN A . 23.41 2.68 53.40
O5 SGN A . 24.58 3.17 49.97
O6 SGN A . 23.47 5.44 50.98
S1 SGN A . 28.61 0.84 50.47
O1S SGN A . 28.76 2.16 49.95
O2S SGN A . 29.44 0.58 51.61
O3S SGN A . 28.78 -0.16 49.44
S2 SGN A . 23.07 6.78 51.68
O4S SGN A . 23.38 6.65 53.07
O5S SGN A . 23.88 7.76 51.03
O6S SGN A . 21.67 6.97 51.43
C1 IDS A . 22.71 3.79 53.90
C2 IDS A . 21.44 3.27 54.60
C3 IDS A . 20.97 4.27 55.67
C4 IDS A . 22.08 4.52 56.69
C5 IDS A . 23.46 4.18 56.09
C6 IDS A . 24.64 4.77 56.86
O2 IDS A . 20.42 3.15 53.62
O3 IDS A . 19.84 3.75 56.32
O5 IDS A . 23.49 4.59 54.74
O6A IDS A . 24.78 4.53 58.04
O6B IDS A . 25.46 5.48 56.32
S IDS A . 20.30 2.10 52.47
O1S IDS A . 20.19 2.90 51.28
O2S IDS A . 21.50 1.31 52.48
O3S IDS A . 19.12 1.34 52.75
#